data_1WPB
#
_entry.id   1WPB
#
_cell.length_a   230.521
_cell.length_b   230.521
_cell.length_c   230.521
_cell.angle_alpha   90.00
_cell.angle_beta   90.00
_cell.angle_gamma   90.00
#
_symmetry.space_group_name_H-M   'P 2 3'
#
loop_
_entity.id
_entity.type
_entity.pdbx_description
1 polymer 'hypothetical protein yfbU'
2 non-polymer 'CHLORIDE ION'
3 non-polymer GLYCEROL
4 water water
#
_entity_poly.entity_id   1
_entity_poly.type   'polypeptide(L)'
_entity_poly.pdbx_seq_one_letter_code
;GHMIQESTMEMTNAQRLILSNQYKMMTMLDPANAERYRRLQTIIERGYGLQMRELDREFGELKEETCRTIIDIMEMYHAL
HVSWSNLQDQQSIDERRVTFLGFDAATEARYLGYVRFMVNVEGRYTHFDAGTHGFNAQTPMWEKYQRMLNVWHACPRQYH
LSANEINQIINA
;
_entity_poly.pdbx_strand_id   A,B,C,D,E,F,G,H,I,J,K,L,M,N,O,P
#
loop_
_chem_comp.id
_chem_comp.type
_chem_comp.name
_chem_comp.formula
CL non-polymer 'CHLORIDE ION' 'Cl -1'
GOL non-polymer GLYCEROL 'C3 H8 O3'
#
# COMPACT_ATOMS: atom_id res chain seq x y z
N GLN A 5 65.11 -54.55 -28.54
CA GLN A 5 63.79 -55.06 -29.08
C GLN A 5 63.88 -56.57 -29.32
N GLU A 6 63.34 -57.37 -28.42
CA GLU A 6 63.46 -58.83 -28.51
C GLU A 6 63.05 -59.26 -29.92
N SER A 7 63.97 -59.97 -30.56
CA SER A 7 63.82 -60.45 -31.92
C SER A 7 62.68 -61.49 -32.03
N THR A 8 62.11 -61.58 -33.22
CA THR A 8 61.08 -62.53 -33.51
C THR A 8 61.58 -63.95 -33.32
N MET A 9 62.88 -64.17 -33.49
CA MET A 9 63.43 -65.54 -33.36
C MET A 9 63.30 -66.04 -31.92
N GLU A 10 63.23 -65.10 -30.99
CA GLU A 10 63.03 -65.43 -29.60
C GLU A 10 61.58 -65.62 -29.17
N MET A 11 60.61 -65.54 -30.08
CA MET A 11 59.21 -65.60 -29.62
C MET A 11 58.86 -66.97 -29.06
N THR A 12 57.87 -67.03 -28.18
CA THR A 12 57.55 -68.26 -27.54
C THR A 12 56.63 -69.01 -28.50
N ASN A 13 56.45 -70.28 -28.28
CA ASN A 13 55.51 -71.07 -29.08
C ASN A 13 54.10 -70.55 -29.05
N ALA A 14 53.64 -70.09 -27.89
CA ALA A 14 52.31 -69.50 -27.83
C ALA A 14 52.22 -68.36 -28.83
N GLN A 15 53.26 -67.52 -28.88
CA GLN A 15 53.30 -66.36 -29.78
C GLN A 15 53.38 -66.81 -31.26
N ARG A 16 54.07 -67.92 -31.51
CA ARG A 16 54.04 -68.51 -32.84
C ARG A 16 52.68 -68.94 -33.27
N LEU A 17 51.99 -69.58 -32.32
CA LEU A 17 50.58 -70.04 -32.55
C LEU A 17 49.66 -68.84 -32.79
N ILE A 18 49.77 -67.81 -31.96
CA ILE A 18 49.00 -66.58 -32.17
C ILE A 18 49.18 -65.99 -33.55
N LEU A 19 50.44 -65.88 -33.97
CA LEU A 19 50.74 -65.33 -35.27
C LEU A 19 50.22 -66.20 -36.41
N SER A 20 50.45 -67.49 -36.28
CA SER A 20 49.96 -68.48 -37.25
C SER A 20 48.43 -68.35 -37.38
N ASN A 21 47.71 -68.28 -36.27
CA ASN A 21 46.28 -68.05 -36.31
C ASN A 21 45.88 -66.77 -37.00
N GLN A 22 46.62 -65.68 -36.78
CA GLN A 22 46.36 -64.46 -37.48
C GLN A 22 46.49 -64.61 -39.01
N TYR A 23 47.54 -65.28 -39.50
CA TYR A 23 47.73 -65.44 -40.94
C TYR A 23 46.61 -66.27 -41.55
N LYS A 24 46.08 -67.25 -40.80
CA LYS A 24 44.91 -68.02 -41.26
C LYS A 24 43.69 -67.12 -41.32
N MET A 25 43.49 -66.28 -40.31
CA MET A 25 42.35 -65.37 -40.29
C MET A 25 42.45 -64.28 -41.39
N MET A 26 43.64 -63.80 -41.67
CA MET A 26 43.83 -62.76 -42.69
C MET A 26 43.57 -63.34 -44.10
N THR A 27 43.93 -64.61 -44.28
CA THR A 27 43.56 -65.36 -45.50
C THR A 27 42.04 -65.52 -45.65
N MET A 28 41.31 -65.73 -44.55
CA MET A 28 39.87 -65.79 -44.61
C MET A 28 39.27 -64.44 -44.99
N LEU A 29 39.82 -63.37 -44.43
CA LEU A 29 39.28 -62.04 -44.64
C LEU A 29 39.75 -61.41 -45.94
N ASP A 30 40.94 -61.79 -46.40
CA ASP A 30 41.57 -61.14 -47.52
C ASP A 30 42.21 -62.20 -48.44
N PRO A 31 41.38 -63.09 -49.05
CA PRO A 31 41.91 -64.21 -49.88
C PRO A 31 42.77 -63.74 -51.04
N ALA A 32 42.57 -62.51 -51.52
CA ALA A 32 43.43 -62.01 -52.60
C ALA A 32 44.90 -62.07 -52.21
N ASN A 33 45.21 -61.89 -50.91
CA ASN A 33 46.60 -61.91 -50.47
C ASN A 33 47.02 -63.21 -49.80
N ALA A 34 46.29 -64.26 -50.13
CA ALA A 34 46.52 -65.54 -49.47
C ALA A 34 47.99 -65.99 -49.66
N GLU A 35 48.59 -65.61 -50.78
CA GLU A 35 49.98 -65.99 -51.07
C GLU A 35 50.96 -65.37 -50.04
N ARG A 36 50.74 -64.11 -49.71
CA ARG A 36 51.54 -63.40 -48.70
C ARG A 36 51.36 -64.04 -47.36
N TYR A 37 50.10 -64.33 -46.99
CA TYR A 37 49.81 -64.80 -45.64
C TYR A 37 50.29 -66.26 -45.41
N ARG A 38 50.16 -67.11 -46.40
CA ARG A 38 50.60 -68.46 -46.25
C ARG A 38 52.13 -68.55 -46.21
N ARG A 39 52.81 -67.67 -46.91
CA ARG A 39 54.28 -67.60 -46.86
C ARG A 39 54.75 -67.22 -45.48
N LEU A 40 54.10 -66.22 -44.89
CA LEU A 40 54.41 -65.84 -43.50
C LEU A 40 54.07 -66.92 -42.46
N GLN A 41 52.93 -67.57 -42.65
CA GLN A 41 52.53 -68.70 -41.82
C GLN A 41 53.60 -69.80 -41.81
N THR A 42 54.13 -70.15 -42.98
CA THR A 42 55.26 -71.09 -43.11
C THR A 42 56.48 -70.65 -42.37
N ILE A 43 56.84 -69.38 -42.51
CA ILE A 43 58.04 -68.88 -41.89
C ILE A 43 57.91 -69.04 -40.38
N ILE A 44 56.71 -68.74 -39.85
CA ILE A 44 56.49 -68.75 -38.41
C ILE A 44 56.40 -70.20 -37.93
N GLU A 45 55.64 -71.06 -38.59
CA GLU A 45 55.50 -72.48 -38.19
C GLU A 45 56.82 -73.26 -38.24
N ARG A 46 57.60 -73.04 -39.31
CA ARG A 46 58.89 -73.71 -39.46
C ARG A 46 60.05 -73.04 -38.70
N GLY A 47 59.83 -71.84 -38.22
CA GLY A 47 60.81 -71.06 -37.54
C GLY A 47 62.04 -70.84 -38.44
N TYR A 48 61.81 -70.38 -39.66
CA TYR A 48 62.90 -70.04 -40.58
C TYR A 48 63.64 -68.79 -40.11
N GLY A 49 64.81 -68.99 -39.52
CA GLY A 49 65.47 -67.93 -38.78
C GLY A 49 65.88 -66.74 -39.62
N LEU A 50 66.30 -66.98 -40.88
CA LEU A 50 66.68 -65.89 -41.74
C LEU A 50 65.47 -64.92 -42.01
N GLN A 51 64.38 -65.51 -42.44
CA GLN A 51 63.17 -64.74 -42.71
C GLN A 51 62.58 -64.06 -41.46
N MET A 52 62.68 -64.70 -40.31
CA MET A 52 62.31 -64.09 -39.04
C MET A 52 63.13 -62.87 -38.74
N ARG A 53 64.42 -62.93 -39.04
CA ARG A 53 65.31 -61.76 -38.94
C ARG A 53 64.83 -60.62 -39.84
N GLU A 54 64.47 -60.93 -41.07
CA GLU A 54 63.98 -59.97 -41.96
C GLU A 54 62.69 -59.37 -41.40
N LEU A 55 61.89 -60.15 -40.64
CA LEU A 55 60.69 -59.58 -39.97
C LEU A 55 61.07 -58.52 -38.98
N ASP A 56 62.14 -58.75 -38.21
CA ASP A 56 62.67 -57.78 -37.25
C ASP A 56 62.93 -56.45 -37.90
N ARG A 57 63.40 -56.49 -39.13
CA ARG A 57 63.87 -55.31 -39.77
C ARG A 57 62.70 -54.44 -40.20
N GLU A 58 61.48 -54.97 -40.16
CA GLU A 58 60.26 -54.17 -40.41
C GLU A 58 59.85 -53.20 -39.28
N PHE A 59 60.45 -53.36 -38.11
CA PHE A 59 60.04 -52.70 -36.88
C PHE A 59 61.14 -51.75 -36.44
N GLY A 60 60.79 -50.48 -36.33
CA GLY A 60 61.74 -49.44 -35.94
C GLY A 60 61.54 -48.94 -34.55
N GLU A 61 62.32 -47.92 -34.17
CA GLU A 61 62.16 -47.28 -32.87
C GLU A 61 62.53 -45.82 -33.02
N LEU A 62 61.71 -44.93 -32.46
CA LEU A 62 62.06 -43.54 -32.27
C LEU A 62 61.72 -43.25 -30.83
N LYS A 63 62.74 -43.12 -30.00
CA LYS A 63 62.56 -42.99 -28.57
C LYS A 63 61.66 -41.79 -28.21
N GLU A 64 60.95 -41.93 -27.12
CA GLU A 64 60.07 -40.89 -26.68
C GLU A 64 60.77 -39.54 -26.64
N GLU A 65 62.01 -39.52 -26.12
CA GLU A 65 62.68 -38.20 -25.94
C GLU A 65 63.01 -37.55 -27.26
N THR A 66 63.35 -38.39 -28.24
CA THR A 66 63.63 -37.94 -29.57
C THR A 66 62.35 -37.35 -30.26
N CYS A 67 61.22 -38.06 -30.16
CA CYS A 67 59.92 -37.52 -30.56
C CYS A 67 59.66 -36.14 -29.93
N ARG A 68 59.89 -36.04 -28.64
CA ARG A 68 59.60 -34.76 -27.93
C ARG A 68 60.54 -33.66 -28.37
N THR A 69 61.81 -33.97 -28.58
CA THR A 69 62.76 -33.03 -29.10
C THR A 69 62.31 -32.53 -30.47
N ILE A 70 61.89 -33.41 -31.36
CA ILE A 70 61.45 -32.98 -32.69
C ILE A 70 60.26 -32.01 -32.58
N ILE A 71 59.31 -32.34 -31.72
CA ILE A 71 58.17 -31.46 -31.51
C ILE A 71 58.63 -30.11 -30.92
N ASP A 72 59.57 -30.17 -30.00
CA ASP A 72 60.12 -28.97 -29.33
C ASP A 72 60.77 -28.02 -30.34
N ILE A 73 61.50 -28.61 -31.31
CA ILE A 73 62.16 -27.86 -32.37
C ILE A 73 61.09 -27.13 -33.17
N MET A 74 60.03 -27.83 -33.52
CA MET A 74 58.94 -27.18 -34.19
C MET A 74 58.30 -26.08 -33.34
N GLU A 75 58.12 -26.32 -32.04
CA GLU A 75 57.58 -25.31 -31.12
C GLU A 75 58.52 -24.09 -31.02
N MET A 76 59.82 -24.37 -31.02
CA MET A 76 60.84 -23.32 -31.06
C MET A 76 60.68 -22.37 -32.26
N TYR A 77 60.48 -22.95 -33.44
CA TYR A 77 60.29 -22.18 -34.69
C TYR A 77 58.97 -21.44 -34.75
N HIS A 78 57.91 -22.03 -34.17
CA HIS A 78 56.69 -21.28 -33.85
C HIS A 78 57.04 -20.02 -33.03
N ALA A 79 57.67 -20.22 -31.86
CA ALA A 79 57.97 -19.17 -30.94
C ALA A 79 58.79 -18.06 -31.61
N LEU A 80 59.78 -18.47 -32.38
CA LEU A 80 60.64 -17.58 -33.12
C LEU A 80 59.88 -16.86 -34.20
N HIS A 81 59.15 -17.60 -35.02
CA HIS A 81 58.50 -17.00 -36.15
C HIS A 81 57.43 -16.02 -35.71
N VAL A 82 56.71 -16.32 -34.64
CA VAL A 82 55.80 -15.33 -34.04
C VAL A 82 56.59 -14.12 -33.48
N SER A 83 57.65 -14.37 -32.73
CA SER A 83 58.45 -13.27 -32.21
C SER A 83 58.92 -12.38 -33.36
N TRP A 84 59.46 -12.99 -34.43
CA TRP A 84 59.94 -12.24 -35.61
C TRP A 84 58.85 -11.48 -36.31
N SER A 85 57.65 -12.06 -36.36
CA SER A 85 56.50 -11.40 -36.99
C SER A 85 56.10 -10.15 -36.16
N ASN A 86 55.94 -10.26 -34.83
CA ASN A 86 55.49 -9.15 -33.98
C ASN A 86 56.63 -8.17 -33.73
N LEU A 87 57.64 -8.18 -34.61
CA LEU A 87 58.86 -7.39 -34.43
C LEU A 87 58.74 -6.09 -35.26
N GLN A 88 59.08 -4.96 -34.63
CA GLN A 88 58.84 -3.63 -35.20
C GLN A 88 59.83 -3.33 -36.32
N ASP A 89 61.09 -3.10 -35.96
CA ASP A 89 62.10 -2.74 -36.98
C ASP A 89 63.05 -3.91 -37.24
N GLN A 90 62.48 -5.12 -37.34
CA GLN A 90 63.16 -6.34 -37.84
C GLN A 90 64.51 -5.93 -38.34
N GLN A 91 65.49 -6.09 -37.45
CA GLN A 91 66.85 -5.66 -37.66
C GLN A 91 67.43 -6.57 -38.74
N SER A 92 66.81 -6.41 -39.91
CA SER A 92 66.49 -7.47 -40.85
C SER A 92 67.07 -8.86 -40.57
N ILE A 93 66.32 -9.58 -39.75
CA ILE A 93 66.39 -11.02 -39.74
C ILE A 93 65.60 -11.49 -40.95
N ASP A 94 66.25 -12.30 -41.78
CA ASP A 94 65.63 -12.93 -42.95
C ASP A 94 64.62 -14.03 -42.51
N GLU A 95 63.42 -14.02 -43.10
CA GLU A 95 62.36 -14.97 -42.75
C GLU A 95 62.78 -16.43 -42.89
N ARG A 96 63.60 -16.77 -43.90
CA ARG A 96 64.06 -18.16 -44.03
C ARG A 96 64.76 -18.70 -42.74
N ARG A 97 65.47 -17.81 -42.04
CA ARG A 97 66.24 -18.12 -40.80
C ARG A 97 65.40 -18.49 -39.59
N VAL A 98 64.16 -18.01 -39.64
CA VAL A 98 63.15 -18.21 -38.64
C VAL A 98 62.03 -19.14 -39.19
N THR A 99 62.40 -20.00 -40.17
CA THR A 99 61.50 -20.97 -40.80
C THR A 99 62.04 -22.38 -40.64
N PHE A 100 61.21 -23.25 -40.04
CA PHE A 100 61.59 -24.64 -39.85
C PHE A 100 61.76 -25.27 -41.24
N LEU A 101 62.97 -25.72 -41.55
CA LEU A 101 63.29 -26.31 -42.85
C LEU A 101 63.29 -27.86 -42.85
N GLY A 102 63.18 -28.47 -41.66
CA GLY A 102 63.01 -29.92 -41.57
C GLY A 102 64.29 -30.68 -41.33
N PHE A 103 64.36 -31.87 -41.90
CA PHE A 103 65.43 -32.81 -41.67
C PHE A 103 65.93 -33.40 -42.98
N ASP A 104 67.06 -34.08 -42.91
CA ASP A 104 67.67 -34.62 -44.12
C ASP A 104 67.07 -35.96 -44.48
N ALA A 105 66.54 -36.11 -45.70
CA ALA A 105 65.99 -37.42 -46.13
C ALA A 105 66.99 -38.60 -46.02
N ALA A 106 68.26 -38.41 -46.41
CA ALA A 106 69.20 -39.51 -46.53
C ALA A 106 69.80 -39.96 -45.21
N THR A 107 70.06 -39.01 -44.30
CA THR A 107 70.75 -39.32 -43.04
C THR A 107 69.87 -39.15 -41.81
N GLU A 108 68.68 -38.58 -41.98
CA GLU A 108 67.77 -38.30 -40.86
C GLU A 108 66.35 -38.74 -41.24
N ALA A 109 66.24 -39.96 -41.78
CA ALA A 109 64.99 -40.37 -42.38
C ALA A 109 63.96 -40.52 -41.28
N ARG A 110 64.34 -41.08 -40.13
CA ARG A 110 63.39 -41.22 -39.03
C ARG A 110 62.79 -39.89 -38.57
N TYR A 111 63.60 -38.83 -38.58
CA TYR A 111 63.22 -37.52 -38.03
C TYR A 111 62.27 -36.79 -38.97
N LEU A 112 62.61 -36.85 -40.27
CA LEU A 112 61.76 -36.31 -41.29
C LEU A 112 60.39 -37.00 -41.30
N GLY A 113 60.43 -38.32 -41.23
CA GLY A 113 59.21 -39.15 -41.13
C GLY A 113 58.28 -38.70 -40.01
N TYR A 114 58.84 -38.41 -38.85
CA TYR A 114 58.05 -38.04 -37.67
C TYR A 114 57.45 -36.67 -37.85
N VAL A 115 58.21 -35.74 -38.42
CA VAL A 115 57.66 -34.44 -38.71
C VAL A 115 56.43 -34.54 -39.62
N ARG A 116 56.58 -35.35 -40.65
CA ARG A 116 55.51 -35.56 -41.59
C ARG A 116 54.30 -36.23 -40.89
N PHE A 117 54.57 -37.16 -40.00
CA PHE A 117 53.50 -37.82 -39.25
C PHE A 117 52.74 -36.79 -38.40
N MET A 118 53.50 -35.97 -37.70
CA MET A 118 52.90 -34.97 -36.79
C MET A 118 52.06 -33.93 -37.54
N VAL A 119 52.54 -33.51 -38.71
CA VAL A 119 51.80 -32.56 -39.55
C VAL A 119 50.63 -33.21 -40.30
N ASN A 120 50.93 -34.23 -41.08
CA ASN A 120 49.93 -34.85 -41.97
C ASN A 120 48.97 -35.83 -41.28
N VAL A 121 49.39 -36.52 -40.22
CA VAL A 121 48.48 -37.41 -39.49
C VAL A 121 47.85 -36.74 -38.25
N GLU A 122 48.66 -36.25 -37.34
CA GLU A 122 48.14 -35.65 -36.10
C GLU A 122 47.52 -34.26 -36.33
N GLY A 123 47.96 -33.56 -37.36
CA GLY A 123 47.35 -32.27 -37.72
C GLY A 123 47.97 -31.08 -36.99
N ARG A 124 49.21 -31.24 -36.52
CA ARG A 124 49.86 -30.19 -35.76
C ARG A 124 50.71 -29.37 -36.71
N TYR A 125 50.87 -28.07 -36.43
CA TYR A 125 51.81 -27.22 -37.19
C TYR A 125 51.46 -27.17 -38.71
N THR A 126 50.16 -27.21 -38.96
CA THR A 126 49.53 -27.15 -40.31
C THR A 126 49.88 -25.89 -41.11
N HIS A 127 50.13 -24.79 -40.43
CA HIS A 127 50.51 -23.52 -41.10
C HIS A 127 52.01 -23.36 -41.42
N PHE A 128 52.87 -24.19 -40.84
CA PHE A 128 54.28 -24.18 -41.24
C PHE A 128 54.44 -24.36 -42.80
N ASP A 129 55.38 -23.62 -43.38
CA ASP A 129 55.81 -23.78 -44.78
C ASP A 129 56.68 -25.00 -44.90
N ALA A 130 56.22 -25.92 -45.75
CA ALA A 130 56.84 -27.23 -45.90
C ALA A 130 57.95 -27.28 -46.94
N GLY A 131 58.27 -26.16 -47.56
CA GLY A 131 59.31 -26.12 -48.61
C GLY A 131 58.89 -26.83 -49.88
N THR A 132 59.86 -27.10 -50.76
CA THR A 132 59.59 -27.74 -52.04
C THR A 132 59.74 -29.25 -51.99
N HIS A 133 60.16 -29.76 -50.82
CA HIS A 133 60.24 -31.19 -50.64
C HIS A 133 59.68 -31.62 -49.27
N GLY A 134 58.66 -30.94 -48.77
CA GLY A 134 57.88 -31.46 -47.63
C GLY A 134 58.77 -31.69 -46.41
N PHE A 135 59.51 -30.67 -46.04
CA PHE A 135 60.41 -30.64 -44.89
C PHE A 135 61.65 -31.52 -45.05
N ASN A 136 61.96 -31.92 -46.28
CA ASN A 136 63.24 -32.55 -46.58
C ASN A 136 64.25 -31.43 -46.78
N ALA A 137 65.09 -31.17 -45.77
CA ALA A 137 66.12 -30.09 -45.81
C ALA A 137 67.35 -30.39 -46.67
N GLN A 138 67.52 -31.67 -47.04
CA GLN A 138 68.59 -32.12 -47.94
C GLN A 138 70.02 -31.98 -47.31
N THR A 139 70.07 -31.70 -46.01
CA THR A 139 71.32 -31.48 -45.30
C THR A 139 71.06 -31.68 -43.81
N PRO A 140 72.03 -32.25 -43.10
CA PRO A 140 71.64 -32.64 -41.74
C PRO A 140 71.43 -31.46 -40.77
N MET A 141 70.36 -31.52 -39.96
CA MET A 141 69.96 -30.39 -39.09
C MET A 141 69.89 -30.69 -37.62
N TRP A 142 69.83 -31.95 -37.24
CA TRP A 142 69.67 -32.28 -35.86
C TRP A 142 70.67 -31.56 -34.94
N GLU A 143 71.96 -31.70 -35.25
CA GLU A 143 72.98 -31.11 -34.39
C GLU A 143 72.74 -29.61 -34.32
N LYS A 144 72.43 -28.98 -35.45
CA LYS A 144 72.09 -27.56 -35.44
C LYS A 144 70.93 -27.20 -34.51
N TYR A 145 69.82 -27.93 -34.64
CA TYR A 145 68.66 -27.67 -33.82
C TYR A 145 68.94 -27.76 -32.36
N GLN A 146 69.84 -28.66 -31.96
CA GLN A 146 70.17 -28.83 -30.56
C GLN A 146 70.84 -27.60 -29.99
N ARG A 147 71.71 -27.00 -30.81
CA ARG A 147 72.41 -25.79 -30.39
C ARG A 147 71.38 -24.66 -30.23
N MET A 148 70.43 -24.60 -31.17
CA MET A 148 69.37 -23.57 -31.10
C MET A 148 68.46 -23.76 -29.85
N LEU A 149 68.07 -25.00 -29.57
CA LEU A 149 67.22 -25.27 -28.41
C LEU A 149 67.89 -24.85 -27.12
N ASN A 150 69.20 -25.07 -27.03
CA ASN A 150 69.96 -24.74 -25.85
C ASN A 150 69.89 -23.24 -25.52
N VAL A 151 70.00 -22.41 -26.54
CA VAL A 151 69.90 -20.96 -26.37
C VAL A 151 68.45 -20.57 -26.00
N TRP A 152 67.48 -21.09 -26.75
CA TRP A 152 66.09 -20.74 -26.57
C TRP A 152 65.63 -21.05 -25.16
N HIS A 153 65.93 -22.26 -24.69
CA HIS A 153 65.51 -22.60 -23.36
C HIS A 153 66.27 -21.82 -22.26
N ALA A 154 67.32 -21.10 -22.62
CA ALA A 154 68.07 -20.25 -21.65
C ALA A 154 67.47 -18.85 -21.58
N CYS A 155 66.57 -18.56 -22.50
CA CYS A 155 65.85 -17.30 -22.50
C CYS A 155 64.81 -17.36 -21.41
N PRO A 156 64.83 -16.35 -20.53
CA PRO A 156 64.01 -16.30 -19.33
C PRO A 156 62.56 -16.06 -19.66
N ARG A 157 62.28 -15.87 -20.95
CA ARG A 157 60.94 -15.96 -21.51
C ARG A 157 61.18 -16.69 -22.83
N GLN A 158 60.27 -17.56 -23.29
CA GLN A 158 60.48 -18.23 -24.58
C GLN A 158 59.57 -17.76 -25.72
N TYR A 159 58.57 -16.96 -25.38
CA TYR A 159 57.65 -16.44 -26.40
C TYR A 159 57.74 -14.92 -26.37
N HIS A 160 57.43 -14.31 -27.52
CA HIS A 160 57.57 -12.87 -27.68
C HIS A 160 59.02 -12.51 -27.40
N LEU A 161 59.94 -13.06 -28.18
CA LEU A 161 61.36 -12.88 -28.00
C LEU A 161 61.82 -11.55 -28.62
N SER A 162 62.86 -10.95 -28.05
CA SER A 162 63.51 -9.76 -28.63
C SER A 162 64.30 -10.14 -29.87
N ALA A 163 64.62 -9.16 -30.73
CA ALA A 163 65.37 -9.42 -31.95
C ALA A 163 66.72 -10.00 -31.59
N ASN A 164 67.24 -9.55 -30.46
CA ASN A 164 68.53 -9.98 -30.01
C ASN A 164 68.48 -11.45 -29.60
N GLU A 165 67.44 -11.79 -28.86
CA GLU A 165 67.19 -13.18 -28.48
C GLU A 165 67.04 -14.03 -29.72
N ILE A 166 66.23 -13.61 -30.67
CA ILE A 166 66.10 -14.33 -31.95
C ILE A 166 67.48 -14.57 -32.62
N ASN A 167 68.29 -13.52 -32.71
CA ASN A 167 69.59 -13.61 -33.34
C ASN A 167 70.56 -14.56 -32.62
N GLN A 168 70.58 -14.50 -31.30
CA GLN A 168 71.39 -15.48 -30.56
C GLN A 168 70.91 -16.90 -30.89
N ILE A 169 69.60 -17.09 -30.94
CA ILE A 169 69.05 -18.44 -31.23
C ILE A 169 69.41 -18.97 -32.65
N ILE A 170 69.16 -18.21 -33.70
CA ILE A 170 69.51 -18.66 -35.09
C ILE A 170 71.02 -18.79 -35.39
N ASN A 171 71.85 -18.04 -34.64
CA ASN A 171 73.31 -18.07 -34.77
C ASN A 171 74.03 -19.01 -33.79
N ALA A 172 73.29 -19.94 -33.18
CA ALA A 172 73.89 -20.84 -32.24
C ALA A 172 74.72 -21.93 -32.95
N GLN B 5 87.58 -74.15 -28.77
CA GLN B 5 87.30 -73.46 -30.10
C GLN B 5 86.59 -72.11 -29.89
N GLU B 6 87.36 -71.03 -29.69
CA GLU B 6 86.80 -69.67 -29.72
C GLU B 6 86.95 -69.14 -31.17
N SER B 7 85.99 -68.34 -31.62
CA SER B 7 85.93 -67.83 -32.99
C SER B 7 87.03 -66.84 -33.33
N THR B 8 87.45 -66.85 -34.61
CA THR B 8 88.37 -65.85 -35.08
C THR B 8 87.86 -64.43 -34.84
N MET B 9 86.55 -64.25 -34.79
CA MET B 9 86.02 -62.89 -34.62
C MET B 9 86.36 -62.29 -33.24
N GLU B 10 86.62 -63.17 -32.29
CA GLU B 10 87.00 -62.77 -30.95
C GLU B 10 88.53 -62.56 -30.73
N MET B 11 89.32 -62.65 -31.83
CA MET B 11 90.74 -62.61 -31.66
C MET B 11 91.16 -61.23 -31.22
N THR B 12 92.26 -61.15 -30.51
CA THR B 12 92.71 -59.86 -30.02
C THR B 12 93.48 -59.10 -31.09
N ASN B 13 93.68 -57.81 -30.86
CA ASN B 13 94.46 -57.02 -31.79
C ASN B 13 95.88 -57.55 -31.98
N ALA B 14 96.49 -58.06 -30.91
CA ALA B 14 97.81 -58.66 -31.03
C ALA B 14 97.78 -59.82 -32.00
N GLN B 15 96.73 -60.66 -31.91
CA GLN B 15 96.57 -61.84 -32.77
C GLN B 15 96.31 -61.43 -34.20
N ARG B 16 95.56 -60.34 -34.40
CA ARG B 16 95.40 -59.77 -35.73
C ARG B 16 96.72 -59.30 -36.36
N LEU B 17 97.57 -58.68 -35.55
CA LEU B 17 98.87 -58.21 -36.02
C LEU B 17 99.77 -59.38 -36.33
N ILE B 18 99.72 -60.40 -35.48
CA ILE B 18 100.49 -61.64 -35.72
C ILE B 18 100.10 -62.27 -37.06
N LEU B 19 98.82 -62.38 -37.30
CA LEU B 19 98.28 -62.97 -38.55
C LEU B 19 98.62 -62.12 -39.75
N SER B 20 98.45 -60.80 -39.60
CA SER B 20 98.75 -59.89 -40.66
C SER B 20 100.22 -60.05 -41.05
N ASN B 21 101.11 -60.07 -40.06
CA ASN B 21 102.52 -60.24 -40.39
C ASN B 21 102.79 -61.56 -41.09
N GLN B 22 102.08 -62.65 -40.70
CA GLN B 22 102.27 -63.95 -41.34
C GLN B 22 101.84 -63.88 -42.81
N TYR B 23 100.73 -63.23 -43.10
CA TYR B 23 100.32 -63.12 -44.49
C TYR B 23 101.32 -62.33 -45.35
N LYS B 24 101.93 -61.30 -44.76
CA LYS B 24 102.96 -60.55 -45.46
C LYS B 24 104.18 -61.44 -45.71
N MET B 25 104.59 -62.20 -44.71
CA MET B 25 105.69 -63.15 -44.89
C MET B 25 105.38 -64.26 -45.95
N MET B 26 104.15 -64.77 -45.91
CA MET B 26 103.76 -65.84 -46.80
C MET B 26 103.80 -65.36 -48.29
N THR B 27 103.47 -64.10 -48.52
CA THR B 27 103.60 -63.49 -49.87
C THR B 27 105.03 -63.43 -50.33
N MET B 28 105.95 -63.19 -49.40
CA MET B 28 107.38 -63.24 -49.71
C MET B 28 107.87 -64.67 -49.99
N LEU B 29 107.34 -65.63 -49.25
CA LEU B 29 107.81 -67.00 -49.27
C LEU B 29 107.14 -67.79 -50.39
N ASP B 30 105.92 -67.37 -50.77
CA ASP B 30 105.12 -68.10 -51.77
C ASP B 30 104.38 -67.10 -52.67
N PRO B 31 105.13 -66.41 -53.50
CA PRO B 31 104.53 -65.40 -54.32
C PRO B 31 103.38 -65.86 -55.25
N ALA B 32 103.44 -67.12 -55.71
CA ALA B 32 102.38 -67.68 -56.57
C ALA B 32 101.00 -67.58 -55.89
N ASN B 33 100.97 -67.52 -54.56
CA ASN B 33 99.70 -67.48 -53.84
C ASN B 33 99.44 -66.15 -53.12
N ALA B 34 100.14 -65.11 -53.54
CA ALA B 34 100.06 -63.75 -53.00
C ALA B 34 98.64 -63.21 -53.02
N GLU B 35 97.90 -63.58 -54.06
CA GLU B 35 96.51 -63.23 -54.17
C GLU B 35 95.67 -63.69 -52.95
N ARG B 36 95.88 -64.94 -52.57
CA ARG B 36 95.27 -65.50 -51.37
C ARG B 36 95.72 -64.83 -50.12
N TYR B 37 97.02 -64.69 -49.94
CA TYR B 37 97.58 -64.07 -48.71
C TYR B 37 97.17 -62.59 -48.55
N ARG B 38 97.14 -61.83 -49.66
CA ARG B 38 96.75 -60.45 -49.61
C ARG B 38 95.26 -60.28 -49.26
N ARG B 39 94.45 -61.17 -49.79
CA ARG B 39 93.04 -61.22 -49.43
C ARG B 39 92.81 -61.47 -47.94
N LEU B 40 93.51 -62.46 -47.39
CA LEU B 40 93.39 -62.79 -45.98
C LEU B 40 93.92 -61.68 -45.11
N GLN B 41 94.99 -61.06 -45.54
CA GLN B 41 95.50 -59.92 -44.86
C GLN B 41 94.44 -58.82 -44.75
N THR B 42 93.74 -58.53 -45.84
CA THR B 42 92.65 -57.54 -45.85
C THR B 42 91.51 -57.91 -44.89
N ILE B 43 91.05 -59.15 -44.95
CA ILE B 43 90.02 -59.65 -44.06
C ILE B 43 90.38 -59.43 -42.60
N ILE B 44 91.61 -59.81 -42.23
CA ILE B 44 92.10 -59.70 -40.86
C ILE B 44 92.27 -58.22 -40.43
N GLU B 45 92.91 -57.40 -41.28
CA GLU B 45 93.11 -56.00 -40.97
C GLU B 45 91.80 -55.24 -40.83
N ARG B 46 90.90 -55.40 -41.80
CA ARG B 46 89.65 -54.71 -41.77
C ARG B 46 88.62 -55.36 -40.87
N GLY B 47 88.88 -56.56 -40.36
CA GLY B 47 87.96 -57.23 -39.52
C GLY B 47 86.62 -57.51 -40.18
N TYR B 48 86.67 -57.99 -41.42
CA TYR B 48 85.47 -58.27 -42.17
C TYR B 48 84.82 -59.46 -41.55
N GLY B 49 83.72 -59.26 -40.83
CA GLY B 49 83.13 -60.34 -40.09
C GLY B 49 82.60 -61.58 -40.78
N LEU B 50 81.98 -61.42 -41.94
CA LEU B 50 81.48 -62.57 -42.66
C LEU B 50 82.67 -63.48 -43.04
N GLN B 51 83.68 -62.89 -43.62
CA GLN B 51 84.86 -63.64 -44.05
C GLN B 51 85.61 -64.27 -42.86
N MET B 52 85.66 -63.57 -41.73
CA MET B 52 86.21 -64.16 -40.50
C MET B 52 85.47 -65.38 -39.98
N ARG B 53 84.15 -65.36 -40.08
CA ARG B 53 83.42 -66.53 -39.68
C ARG B 53 83.66 -67.68 -40.63
N GLU B 54 83.86 -67.39 -41.92
CA GLU B 54 84.10 -68.39 -42.93
C GLU B 54 85.46 -69.07 -42.63
N LEU B 55 86.39 -68.32 -41.99
CA LEU B 55 87.64 -68.90 -41.52
C LEU B 55 87.41 -69.93 -40.44
N ASP B 56 86.44 -69.72 -39.55
CA ASP B 56 86.14 -70.70 -38.50
C ASP B 56 85.81 -72.05 -39.07
N ARG B 57 85.17 -72.04 -40.21
CA ARG B 57 84.73 -73.27 -40.76
C ARG B 57 85.85 -74.12 -41.33
N GLU B 58 87.07 -73.59 -41.43
CA GLU B 58 88.22 -74.40 -41.79
C GLU B 58 88.80 -75.26 -40.64
N PHE B 59 88.42 -75.00 -39.39
CA PHE B 59 88.91 -75.74 -38.23
C PHE B 59 87.87 -76.71 -37.65
N GLY B 60 88.27 -77.97 -37.55
CA GLY B 60 87.32 -79.01 -37.09
C GLY B 60 87.69 -79.42 -35.70
N GLU B 61 87.00 -80.42 -35.21
CA GLU B 61 87.31 -81.00 -33.93
C GLU B 61 86.91 -82.49 -34.00
N LEU B 62 87.80 -83.34 -33.54
CA LEU B 62 87.49 -84.74 -33.30
C LEU B 62 88.03 -85.06 -31.91
N LYS B 63 87.12 -85.18 -30.95
CA LYS B 63 87.49 -85.32 -29.54
C LYS B 63 88.45 -86.47 -29.33
N GLU B 64 89.28 -86.35 -28.32
CA GLU B 64 90.24 -87.37 -28.01
C GLU B 64 89.58 -88.77 -27.82
N GLU B 65 88.44 -88.84 -27.14
CA GLU B 65 87.78 -90.15 -26.91
C GLU B 65 87.25 -90.75 -28.19
N THR B 66 86.83 -89.89 -29.12
CA THR B 66 86.36 -90.40 -30.42
C THR B 66 87.53 -90.97 -31.21
N CYS B 67 88.66 -90.27 -31.21
CA CYS B 67 89.89 -90.80 -31.82
C CYS B 67 90.24 -92.20 -31.26
N ARG B 68 90.23 -92.25 -29.94
CA ARG B 68 90.59 -93.47 -29.22
C ARG B 68 89.62 -94.58 -29.51
N THR B 69 88.34 -94.25 -29.62
CA THR B 69 87.32 -95.23 -29.96
C THR B 69 87.55 -95.83 -31.36
N ILE B 70 87.85 -94.96 -32.34
CA ILE B 70 88.12 -95.44 -33.69
C ILE B 70 89.34 -96.37 -33.71
N ILE B 71 90.38 -96.04 -32.98
CA ILE B 71 91.54 -96.90 -32.91
C ILE B 71 91.18 -98.24 -32.25
N ASP B 72 90.39 -98.19 -31.20
CA ASP B 72 90.00 -99.40 -30.47
C ASP B 72 89.19 -100.32 -31.39
N ILE B 73 88.39 -99.74 -32.26
CA ILE B 73 87.66 -100.56 -33.25
C ILE B 73 88.62 -101.32 -34.16
N MET B 74 89.63 -100.62 -34.67
CA MET B 74 90.66 -101.25 -35.50
C MET B 74 91.40 -102.33 -34.70
N GLU B 75 91.75 -102.04 -33.43
CA GLU B 75 92.40 -103.04 -32.59
C GLU B 75 91.50 -104.28 -32.38
N MET B 76 90.20 -104.07 -32.25
CA MET B 76 89.26 -105.14 -32.04
C MET B 76 89.29 -106.08 -33.23
N TYR B 77 89.29 -105.50 -34.42
CA TYR B 77 89.33 -106.30 -35.63
C TYR B 77 90.68 -107.00 -35.84
N HIS B 78 91.76 -106.40 -35.38
CA HIS B 78 93.05 -107.11 -35.27
C HIS B 78 92.90 -108.31 -34.33
N ALA B 79 92.25 -108.07 -33.18
CA ALA B 79 91.99 -109.14 -32.22
C ALA B 79 91.14 -110.24 -32.82
N LEU B 80 90.06 -109.84 -33.50
CA LEU B 80 89.15 -110.80 -34.14
C LEU B 80 89.85 -111.59 -35.23
N HIS B 81 90.58 -110.89 -36.09
CA HIS B 81 91.21 -111.57 -37.21
C HIS B 81 92.32 -112.53 -36.77
N VAL B 82 93.15 -112.11 -35.81
CA VAL B 82 94.19 -113.01 -35.29
C VAL B 82 93.55 -114.28 -34.68
N SER B 83 92.59 -114.07 -33.78
CA SER B 83 91.82 -115.15 -33.19
C SER B 83 91.23 -116.08 -34.26
N TRP B 84 90.65 -115.50 -35.31
CA TRP B 84 90.01 -116.25 -36.39
C TRP B 84 91.06 -117.05 -37.13
N SER B 85 92.07 -116.36 -37.63
CA SER B 85 93.14 -117.01 -38.36
C SER B 85 93.70 -118.22 -37.59
N ASN B 86 93.72 -118.14 -36.25
CA ASN B 86 94.23 -119.24 -35.44
C ASN B 86 93.18 -120.28 -34.97
N LEU B 87 91.99 -120.28 -35.58
CA LEU B 87 91.01 -121.34 -35.35
C LEU B 87 91.29 -122.52 -36.29
N GLN B 88 90.71 -123.68 -35.95
CA GLN B 88 90.99 -124.97 -36.62
C GLN B 88 89.84 -125.27 -37.56
N ASP B 89 88.68 -125.54 -36.98
CA ASP B 89 87.42 -125.32 -37.66
C ASP B 89 87.07 -123.86 -37.38
N GLN B 90 87.08 -123.07 -38.44
CA GLN B 90 86.42 -121.78 -38.43
C GLN B 90 84.98 -122.16 -38.80
N GLN B 91 84.11 -122.11 -37.78
CA GLN B 91 82.72 -122.57 -37.87
C GLN B 91 81.88 -121.79 -38.88
N SER B 92 82.21 -121.92 -40.17
CA SER B 92 81.56 -121.15 -41.23
C SER B 92 81.65 -119.64 -40.96
N ILE B 93 82.60 -119.22 -40.12
CA ILE B 93 82.78 -117.79 -39.84
C ILE B 93 83.49 -117.23 -41.05
N ASP B 94 82.73 -116.45 -41.82
CA ASP B 94 83.21 -115.80 -43.03
C ASP B 94 84.29 -114.74 -42.72
N GLU B 95 85.44 -114.80 -43.41
CA GLU B 95 86.55 -113.87 -43.16
C GLU B 95 86.18 -112.40 -43.36
N ARG B 96 85.30 -112.15 -44.31
CA ARG B 96 84.76 -110.82 -44.50
C ARG B 96 84.17 -110.21 -43.19
N ARG B 97 83.78 -111.08 -42.25
CA ARG B 97 83.10 -110.68 -41.01
C ARG B 97 84.04 -110.28 -39.87
N VAL B 98 85.27 -110.78 -39.95
CA VAL B 98 86.38 -110.39 -39.08
C VAL B 98 87.38 -109.48 -39.84
N THR B 99 86.87 -108.70 -40.80
CA THR B 99 87.67 -107.73 -41.54
C THR B 99 87.05 -106.35 -41.33
N PHE B 100 87.88 -105.39 -40.91
CA PHE B 100 87.43 -104.02 -40.71
C PHE B 100 87.10 -103.36 -42.02
N LEU B 101 85.86 -102.92 -42.18
CA LEU B 101 85.41 -102.38 -43.45
C LEU B 101 85.38 -100.87 -43.49
N GLY B 102 85.55 -100.26 -42.30
CA GLY B 102 85.59 -98.83 -42.13
C GLY B 102 84.28 -98.13 -41.88
N PHE B 103 84.15 -96.98 -42.52
CA PHE B 103 83.13 -96.03 -42.16
C PHE B 103 82.47 -95.48 -43.41
N ASP B 104 81.41 -94.70 -43.22
CA ASP B 104 80.63 -94.13 -44.33
C ASP B 104 81.08 -92.76 -44.79
N ALA B 105 81.43 -92.58 -46.07
CA ALA B 105 81.86 -91.24 -46.55
C ALA B 105 80.81 -90.11 -46.38
N ALA B 106 79.51 -90.41 -46.55
CA ALA B 106 78.47 -89.36 -46.48
C ALA B 106 78.22 -88.88 -45.08
N THR B 107 78.06 -89.86 -44.19
CA THR B 107 77.62 -89.66 -42.83
C THR B 107 78.70 -89.66 -41.78
N GLU B 108 79.80 -90.36 -42.06
CA GLU B 108 80.90 -90.57 -41.11
C GLU B 108 82.25 -90.17 -41.72
N ALA B 109 82.29 -89.03 -42.40
CA ALA B 109 83.52 -88.65 -43.12
C ALA B 109 84.64 -88.28 -42.16
N ARG B 110 84.32 -87.65 -41.05
CA ARG B 110 85.31 -87.37 -40.02
C ARG B 110 85.98 -88.66 -39.54
N TYR B 111 85.20 -89.71 -39.34
CA TYR B 111 85.71 -91.00 -38.85
C TYR B 111 86.56 -91.68 -39.87
N LEU B 112 86.08 -91.70 -41.12
CA LEU B 112 86.80 -92.28 -42.20
C LEU B 112 88.13 -91.55 -42.44
N GLY B 113 88.08 -90.23 -42.38
CA GLY B 113 89.29 -89.40 -42.48
C GLY B 113 90.28 -89.75 -41.42
N TYR B 114 89.81 -90.06 -40.22
CA TYR B 114 90.70 -90.40 -39.12
C TYR B 114 91.36 -91.76 -39.35
N VAL B 115 90.59 -92.72 -39.83
CA VAL B 115 91.12 -94.06 -40.20
C VAL B 115 92.25 -93.91 -41.23
N ARG B 116 91.98 -93.11 -42.27
CA ARG B 116 92.97 -92.89 -43.33
C ARG B 116 94.21 -92.20 -42.81
N PHE B 117 94.05 -91.34 -41.83
CA PHE B 117 95.16 -90.62 -41.26
C PHE B 117 96.03 -91.60 -40.42
N MET B 118 95.36 -92.45 -39.64
CA MET B 118 96.05 -93.44 -38.79
C MET B 118 96.82 -94.44 -39.66
N VAL B 119 96.28 -94.79 -40.81
CA VAL B 119 96.95 -95.79 -41.69
C VAL B 119 97.94 -95.10 -42.60
N ASN B 120 97.53 -94.05 -43.30
CA ASN B 120 98.38 -93.47 -44.36
C ASN B 120 99.45 -92.56 -43.78
N VAL B 121 99.12 -91.82 -42.75
CA VAL B 121 100.09 -90.92 -42.17
C VAL B 121 100.84 -91.56 -41.02
N GLU B 122 100.10 -92.08 -40.04
CA GLU B 122 100.75 -92.64 -38.84
C GLU B 122 101.30 -94.04 -39.14
N GLY B 123 100.78 -94.69 -40.16
CA GLY B 123 101.35 -95.96 -40.59
C GLY B 123 100.88 -97.16 -39.76
N ARG B 124 99.76 -97.02 -39.05
CA ARG B 124 99.27 -98.09 -38.19
C ARG B 124 98.30 -98.95 -38.95
N TYR B 125 98.27 -100.25 -38.61
CA TYR B 125 97.37 -101.17 -39.24
C TYR B 125 97.57 -101.24 -40.76
N THR B 126 98.82 -101.17 -41.23
CA THR B 126 99.10 -101.15 -42.69
C THR B 126 98.84 -102.50 -43.34
N HIS B 127 98.69 -103.54 -42.54
CA HIS B 127 98.39 -104.87 -43.04
C HIS B 127 96.89 -105.11 -43.23
N PHE B 128 96.03 -104.21 -42.72
CA PHE B 128 94.57 -104.29 -42.97
C PHE B 128 94.20 -104.12 -44.47
N ASP B 129 93.22 -104.93 -44.94
CA ASP B 129 92.65 -104.82 -46.30
C ASP B 129 91.72 -103.65 -46.35
N ALA B 130 92.07 -102.62 -47.13
CA ALA B 130 91.27 -101.39 -47.23
C ALA B 130 90.07 -101.50 -48.15
N GLY B 131 90.08 -102.61 -48.88
CA GLY B 131 89.15 -102.83 -49.97
C GLY B 131 89.68 -102.03 -51.13
N THR B 132 88.78 -101.75 -52.08
CA THR B 132 89.13 -100.99 -53.29
C THR B 132 88.69 -99.56 -53.10
N HIS B 133 88.13 -99.24 -51.93
CA HIS B 133 87.62 -97.89 -51.66
C HIS B 133 88.21 -97.23 -50.41
N GLY B 134 89.35 -97.73 -49.96
CA GLY B 134 90.12 -97.10 -48.89
C GLY B 134 89.34 -96.92 -47.62
N PHE B 135 88.67 -97.99 -47.19
CA PHE B 135 87.89 -98.02 -45.93
C PHE B 135 86.58 -97.23 -45.92
N ASN B 136 86.05 -96.85 -47.10
CA ASN B 136 84.67 -96.32 -47.20
C ASN B 136 83.75 -97.52 -47.22
N ALA B 137 82.97 -97.67 -46.14
CA ALA B 137 82.03 -98.78 -46.04
C ALA B 137 80.79 -98.49 -46.88
N GLN B 138 80.55 -97.20 -47.12
CA GLN B 138 79.37 -96.67 -47.84
C GLN B 138 78.02 -96.96 -47.14
N THR B 139 78.08 -97.34 -45.87
CA THR B 139 76.90 -97.39 -44.99
C THR B 139 77.33 -97.09 -43.54
N PRO B 140 76.43 -96.48 -42.73
CA PRO B 140 76.93 -96.08 -41.44
C PRO B 140 77.35 -97.30 -40.61
N MET B 141 78.49 -97.17 -39.92
CA MET B 141 79.03 -98.29 -39.16
C MET B 141 79.30 -97.96 -37.71
N TRP B 142 79.18 -96.70 -37.30
CA TRP B 142 79.47 -96.28 -35.94
C TRP B 142 78.68 -97.00 -34.83
N GLU B 143 77.35 -96.91 -34.85
CA GLU B 143 76.57 -97.53 -33.76
C GLU B 143 76.82 -99.03 -33.69
N LYS B 144 76.97 -99.67 -34.82
CA LYS B 144 77.29 -101.11 -34.83
C LYS B 144 78.66 -101.48 -34.17
N TYR B 145 79.66 -100.66 -34.44
CA TYR B 145 80.95 -100.92 -33.88
C TYR B 145 80.83 -100.78 -32.37
N GLN B 146 79.94 -99.91 -31.91
CA GLN B 146 79.78 -99.67 -30.47
C GLN B 146 79.23 -100.93 -29.81
N ARG B 147 78.35 -101.63 -30.50
CA ARG B 147 77.83 -102.92 -29.99
C ARG B 147 78.90 -103.98 -29.93
N MET B 148 79.72 -104.03 -30.97
CA MET B 148 80.81 -104.98 -31.05
C MET B 148 81.76 -104.74 -29.91
N LEU B 149 82.19 -103.47 -29.74
CA LEU B 149 83.07 -103.14 -28.63
C LEU B 149 82.53 -103.51 -27.28
N ASN B 150 81.25 -103.28 -27.04
CA ASN B 150 80.68 -103.60 -25.74
C ASN B 150 80.82 -105.08 -25.41
N VAL B 151 80.61 -105.92 -26.40
CA VAL B 151 80.76 -107.38 -26.26
C VAL B 151 82.23 -107.80 -26.08
N TRP B 152 83.09 -107.24 -26.94
CA TRP B 152 84.52 -107.52 -26.93
C TRP B 152 85.15 -107.21 -25.59
N HIS B 153 84.88 -106.03 -25.06
CA HIS B 153 85.43 -105.63 -23.77
C HIS B 153 84.81 -106.39 -22.57
N ALA B 154 83.67 -107.05 -22.75
CA ALA B 154 83.07 -107.94 -21.75
C ALA B 154 83.65 -109.39 -21.73
N CYS B 155 84.36 -109.80 -22.78
CA CYS B 155 85.13 -111.02 -22.75
C CYS B 155 86.24 -110.96 -21.71
N PRO B 156 86.32 -112.00 -20.85
CA PRO B 156 87.32 -111.95 -19.79
C PRO B 156 88.75 -112.00 -20.35
N ARG B 157 88.92 -112.30 -21.63
CA ARG B 157 90.17 -112.14 -22.33
C ARG B 157 89.82 -111.65 -23.73
N GLN B 158 90.50 -110.61 -24.21
CA GLN B 158 90.17 -109.98 -25.48
C GLN B 158 90.94 -110.49 -26.69
N TYR B 159 91.96 -111.28 -26.46
CA TYR B 159 92.76 -111.77 -27.56
C TYR B 159 92.74 -113.29 -27.45
N HIS B 160 93.02 -113.97 -28.56
CA HIS B 160 92.98 -115.45 -28.60
C HIS B 160 91.57 -115.89 -28.24
N LEU B 161 90.61 -115.37 -28.98
CA LEU B 161 89.21 -115.59 -28.68
C LEU B 161 88.72 -116.89 -29.28
N SER B 162 87.82 -117.56 -28.56
CA SER B 162 87.14 -118.74 -29.05
C SER B 162 86.26 -118.37 -30.24
N ALA B 163 85.73 -119.38 -30.92
CA ALA B 163 84.83 -119.16 -32.05
C ALA B 163 83.54 -118.59 -31.55
N ASN B 164 83.15 -118.98 -30.34
CA ASN B 164 81.89 -118.48 -29.80
C ASN B 164 81.98 -117.01 -29.45
N GLU B 165 83.09 -116.66 -28.84
CA GLU B 165 83.36 -115.27 -28.53
C GLU B 165 83.36 -114.45 -29.80
N ILE B 166 84.05 -114.93 -30.84
CA ILE B 166 84.08 -114.21 -32.12
C ILE B 166 82.66 -114.00 -32.65
N ASN B 167 81.83 -115.02 -32.53
CA ASN B 167 80.46 -114.96 -33.06
C ASN B 167 79.59 -114.00 -32.30
N GLN B 168 79.72 -114.01 -30.98
CA GLN B 168 78.98 -113.08 -30.14
C GLN B 168 79.34 -111.63 -30.52
N ILE B 169 80.63 -111.35 -30.72
CA ILE B 169 81.09 -109.98 -31.06
C ILE B 169 80.58 -109.58 -32.47
N ILE B 170 80.85 -110.39 -33.48
CA ILE B 170 80.40 -110.03 -34.84
C ILE B 170 78.90 -109.93 -34.97
N ASN B 171 78.18 -110.71 -34.17
CA ASN B 171 76.72 -110.70 -34.11
C ASN B 171 76.06 -109.52 -33.42
N ALA B 172 76.81 -108.75 -32.63
CA ALA B 172 76.20 -107.72 -31.77
C ALA B 172 75.50 -106.62 -32.57
N GLN C 5 90.31 -55.51 19.51
CA GLN C 5 91.49 -56.31 19.99
C GLN C 5 91.04 -57.78 20.26
N GLU C 6 91.23 -58.71 19.32
CA GLU C 6 90.80 -60.11 19.53
C GLU C 6 91.12 -60.55 20.99
N SER C 7 90.12 -61.08 21.69
CA SER C 7 90.26 -61.56 23.08
C SER C 7 91.28 -62.69 23.22
N THR C 8 91.90 -62.74 24.41
CA THR C 8 92.78 -63.86 24.72
C THR C 8 92.00 -65.19 24.55
N MET C 9 90.69 -65.18 24.81
CA MET C 9 89.91 -66.43 24.75
C MET C 9 89.90 -67.04 23.34
N GLU C 10 90.19 -66.20 22.34
CA GLU C 10 90.24 -66.64 20.95
C GLU C 10 91.64 -67.00 20.46
N MET C 11 92.62 -66.97 21.36
CA MET C 11 93.98 -67.35 20.97
C MET C 11 94.06 -68.79 20.50
N THR C 12 94.99 -69.03 19.59
CA THR C 12 95.26 -70.38 19.10
C THR C 12 96.08 -71.20 20.11
N ASN C 13 96.04 -72.51 19.97
CA ASN C 13 96.84 -73.40 20.77
C ASN C 13 98.37 -73.17 20.67
N ALA C 14 98.85 -72.79 19.50
CA ALA C 14 100.24 -72.34 19.42
C ALA C 14 100.50 -71.14 20.32
N GLN C 15 99.61 -70.16 20.34
CA GLN C 15 99.75 -69.01 21.22
C GLN C 15 99.63 -69.39 22.74
N ARG C 16 98.74 -70.31 23.06
CA ARG C 16 98.67 -70.88 24.42
C ARG C 16 99.98 -71.52 24.81
N LEU C 17 100.60 -72.26 23.88
CA LEU C 17 101.83 -72.91 24.14
C LEU C 17 102.97 -71.89 24.31
N ILE C 18 102.98 -70.90 23.46
CA ILE C 18 103.97 -69.83 23.58
C ILE C 18 103.86 -69.16 24.96
N LEU C 19 102.65 -68.79 25.37
CA LEU C 19 102.42 -68.15 26.68
C LEU C 19 102.82 -69.08 27.82
N SER C 20 102.41 -70.35 27.75
CA SER C 20 102.81 -71.33 28.73
C SER C 20 104.31 -71.43 28.94
N ASN C 21 105.04 -71.49 27.84
CA ASN C 21 106.47 -71.52 27.83
C ASN C 21 107.03 -70.23 28.43
N GLN C 22 106.44 -69.08 28.10
CA GLN C 22 106.93 -67.84 28.75
C GLN C 22 106.81 -67.90 30.27
N TYR C 23 105.68 -68.40 30.75
CA TYR C 23 105.53 -68.45 32.23
C TYR C 23 106.52 -69.39 32.91
N LYS C 24 106.92 -70.43 32.22
CA LYS C 24 107.97 -71.33 32.70
C LYS C 24 109.30 -70.63 32.75
N MET C 25 109.61 -69.88 31.70
CA MET C 25 110.90 -69.16 31.61
C MET C 25 110.94 -68.04 32.62
N MET C 26 109.81 -67.36 32.80
CA MET C 26 109.68 -66.34 33.82
C MET C 26 109.94 -66.86 35.24
N THR C 27 109.44 -68.06 35.54
CA THR C 27 109.76 -68.74 36.76
C THR C 27 111.27 -68.99 36.90
N MET C 28 111.94 -69.43 35.83
CA MET C 28 113.36 -69.67 35.86
C MET C 28 114.13 -68.39 36.18
N LEU C 29 113.70 -67.28 35.58
CA LEU C 29 114.41 -65.99 35.62
C LEU C 29 114.07 -65.24 36.91
N ASP C 30 112.84 -65.42 37.43
CA ASP C 30 112.33 -64.69 38.60
C ASP C 30 111.60 -65.63 39.54
N PRO C 31 112.33 -66.59 40.16
CA PRO C 31 111.74 -67.61 41.00
C PRO C 31 110.94 -67.08 42.17
N ALA C 32 111.23 -65.87 42.62
CA ALA C 32 110.50 -65.26 43.72
C ALA C 32 109.03 -65.09 43.36
N ASN C 33 108.73 -64.87 42.09
CA ASN C 33 107.33 -64.72 41.69
C ASN C 33 106.72 -66.00 41.06
N ALA C 34 107.28 -67.16 41.39
CA ALA C 34 106.82 -68.45 40.83
C ALA C 34 105.29 -68.68 40.95
N GLU C 35 104.71 -68.25 42.06
CA GLU C 35 103.26 -68.42 42.35
C GLU C 35 102.41 -67.67 41.36
N ARG C 36 102.80 -66.43 41.09
CA ARG C 36 102.10 -65.59 40.13
C ARG C 36 102.15 -66.20 38.69
N TYR C 37 103.32 -66.66 38.28
CA TYR C 37 103.49 -67.20 36.93
C TYR C 37 102.79 -68.55 36.78
N ARG C 38 102.81 -69.37 37.84
CA ARG C 38 102.20 -70.69 37.82
C ARG C 38 100.70 -70.56 37.74
N ARG C 39 100.15 -69.57 38.42
CA ARG C 39 98.74 -69.26 38.32
C ARG C 39 98.34 -68.90 36.89
N LEU C 40 99.09 -68.02 36.25
CA LEU C 40 98.81 -67.61 34.87
C LEU C 40 98.96 -68.77 33.90
N GLN C 41 100.00 -69.55 34.11
CA GLN C 41 100.22 -70.78 33.34
C GLN C 41 98.99 -71.73 33.39
N THR C 42 98.40 -71.87 34.56
CA THR C 42 97.22 -72.71 34.75
C THR C 42 96.01 -72.15 34.03
N ILE C 43 95.82 -70.85 34.15
CA ILE C 43 94.71 -70.18 33.48
C ILE C 43 94.78 -70.41 31.97
N ILE C 44 95.98 -70.24 31.42
CA ILE C 44 96.19 -70.36 29.98
C ILE C 44 96.10 -71.81 29.55
N GLU C 45 96.69 -72.74 30.29
CA GLU C 45 96.64 -74.17 29.92
C GLU C 45 95.23 -74.75 29.98
N ARG C 46 94.53 -74.42 31.06
CA ARG C 46 93.16 -74.88 31.23
C ARG C 46 92.11 -74.09 30.49
N GLY C 47 92.48 -72.94 29.92
CA GLY C 47 91.55 -72.07 29.20
C GLY C 47 90.40 -71.62 30.10
N TYR C 48 90.72 -71.21 31.32
CA TYR C 48 89.68 -70.70 32.25
C TYR C 48 89.16 -69.38 31.74
N GLY C 49 87.98 -69.40 31.15
CA GLY C 49 87.45 -68.25 30.41
C GLY C 49 87.25 -66.97 31.19
N LEU C 50 86.80 -67.10 32.41
CA LEU C 50 86.60 -65.95 33.25
C LEU C 50 87.93 -65.28 33.53
N GLN C 51 88.91 -66.01 34.00
CA GLN C 51 90.24 -65.40 34.18
C GLN C 51 90.85 -64.90 32.91
N MET C 52 90.56 -65.53 31.76
CA MET C 52 91.07 -64.99 30.48
C MET C 52 90.47 -63.68 30.08
N ARG C 53 89.19 -63.48 30.39
CA ARG C 53 88.57 -62.17 30.19
C ARG C 53 89.22 -61.11 31.05
N GLU C 54 89.54 -61.46 32.29
CA GLU C 54 90.23 -60.54 33.17
C GLU C 54 91.56 -60.11 32.60
N LEU C 55 92.27 -61.00 31.92
CA LEU C 55 93.52 -60.68 31.23
C LEU C 55 93.28 -59.66 30.15
N ASP C 56 92.17 -59.80 29.40
CA ASP C 56 91.83 -58.90 28.34
C ASP C 56 91.71 -57.50 28.91
N ARG C 57 91.10 -57.40 30.09
CA ARG C 57 90.86 -56.09 30.68
C ARG C 57 92.16 -55.38 31.04
N GLU C 58 93.28 -56.08 31.12
CA GLU C 58 94.60 -55.43 31.32
C GLU C 58 95.13 -54.65 30.10
N PHE C 59 94.53 -54.82 28.94
CA PHE C 59 95.05 -54.23 27.72
C PHE C 59 94.11 -53.15 27.27
N GLY C 60 94.65 -51.96 27.10
CA GLY C 60 93.85 -50.81 26.70
C GLY C 60 94.07 -50.42 25.27
N GLU C 61 93.46 -49.31 24.89
CA GLU C 61 93.63 -48.78 23.57
C GLU C 61 93.48 -47.27 23.66
N LEU C 62 94.42 -46.54 23.07
CA LEU C 62 94.31 -45.09 22.82
C LEU C 62 94.64 -44.89 21.35
N LYS C 63 93.61 -44.57 20.56
CA LYS C 63 93.77 -44.47 19.13
C LYS C 63 94.82 -43.47 18.73
N GLU C 64 95.45 -43.73 17.60
CA GLU C 64 96.51 -42.91 17.13
C GLU C 64 96.06 -41.45 17.03
N GLU C 65 94.85 -41.24 16.51
CA GLU C 65 94.38 -39.87 16.32
C GLU C 65 94.16 -39.13 17.61
N THR C 66 93.73 -39.86 18.64
CA THR C 66 93.55 -39.31 19.97
C THR C 66 94.88 -38.92 20.64
N CYS C 67 95.90 -39.78 20.54
CA CYS C 67 97.29 -39.44 20.95
C CYS C 67 97.76 -38.18 20.25
N ARG C 68 97.57 -38.11 18.92
CA ARG C 68 97.97 -36.92 18.16
C ARG C 68 97.26 -35.63 18.58
N THR C 69 95.98 -35.74 18.86
CA THR C 69 95.20 -34.60 19.36
C THR C 69 95.69 -34.15 20.74
N ILE C 70 96.02 -35.08 21.63
CA ILE C 70 96.57 -34.68 22.94
C ILE C 70 97.87 -33.88 22.77
N ILE C 71 98.75 -34.39 21.91
CA ILE C 71 100.02 -33.75 21.60
C ILE C 71 99.76 -32.40 20.96
N ASP C 72 98.82 -32.32 20.02
CA ASP C 72 98.50 -31.05 19.40
C ASP C 72 98.02 -29.99 20.40
N ILE C 73 97.21 -30.39 21.37
CA ILE C 73 96.73 -29.48 22.40
C ILE C 73 97.88 -28.93 23.21
N MET C 74 98.82 -29.78 23.58
CA MET C 74 100.02 -29.34 24.27
C MET C 74 100.84 -28.40 23.35
N GLU C 75 101.03 -28.77 22.10
CA GLU C 75 101.69 -27.86 21.13
C GLU C 75 101.00 -26.50 20.98
N MET C 76 99.66 -26.51 20.95
CA MET C 76 98.87 -25.30 20.98
C MET C 76 99.21 -24.38 22.17
N TYR C 77 99.28 -24.94 23.37
CA TYR C 77 99.68 -24.14 24.56
C TYR C 77 101.14 -23.61 24.50
N HIS C 78 102.07 -24.40 23.94
CA HIS C 78 103.42 -23.91 23.62
C HIS C 78 103.35 -22.69 22.73
N ALA C 79 102.50 -22.72 21.70
CA ALA C 79 102.37 -21.60 20.78
C ALA C 79 101.79 -20.41 21.50
N LEU C 80 100.74 -20.65 22.26
CA LEU C 80 100.04 -19.61 23.00
C LEU C 80 100.96 -18.94 24.01
N HIS C 81 101.74 -19.74 24.74
CA HIS C 81 102.65 -19.22 25.75
C HIS C 81 103.83 -18.45 25.18
N VAL C 82 104.44 -18.97 24.13
CA VAL C 82 105.52 -18.28 23.46
C VAL C 82 105.03 -16.95 22.86
N SER C 83 103.81 -16.97 22.29
CA SER C 83 103.18 -15.76 21.77
C SER C 83 102.89 -14.74 22.89
N TRP C 84 102.36 -15.23 24.00
CA TRP C 84 101.97 -14.37 25.09
C TRP C 84 103.16 -13.62 25.69
N SER C 85 104.20 -14.37 26.00
CA SER C 85 105.41 -13.82 26.58
C SER C 85 106.19 -12.90 25.62
N ASN C 86 105.93 -13.00 24.32
CA ASN C 86 106.50 -12.12 23.30
C ASN C 86 105.67 -10.89 23.00
N LEU C 87 104.55 -10.70 23.70
CA LEU C 87 103.68 -9.54 23.46
C LEU C 87 104.32 -8.27 24.06
N GLN C 88 104.70 -7.32 23.19
CA GLN C 88 105.32 -6.07 23.63
C GLN C 88 104.33 -5.30 24.54
N ASP C 89 103.18 -4.96 23.95
CA ASP C 89 101.94 -4.67 24.67
C ASP C 89 101.57 -5.84 25.58
N GLN C 90 100.77 -5.57 26.61
CA GLN C 90 100.33 -6.61 27.56
C GLN C 90 98.99 -7.23 27.15
N GLN C 91 98.02 -6.33 27.02
CA GLN C 91 96.57 -6.58 27.00
C GLN C 91 96.01 -7.33 28.24
N SER C 92 96.81 -7.38 29.30
CA SER C 92 96.42 -8.02 30.56
C SER C 92 95.81 -9.41 30.38
N ILE C 93 96.45 -10.23 29.55
CA ILE C 93 96.08 -11.65 29.47
C ILE C 93 96.75 -12.40 30.63
N ASP C 94 95.95 -13.06 31.45
CA ASP C 94 96.49 -13.89 32.54
C ASP C 94 97.34 -15.08 32.01
N GLU C 95 98.44 -15.39 32.68
CA GLU C 95 99.28 -16.53 32.29
C GLU C 95 98.57 -17.89 32.52
N ARG C 96 97.74 -18.01 33.54
CA ARG C 96 96.99 -19.26 33.75
C ARG C 96 96.19 -19.68 32.51
N ARG C 97 95.71 -18.71 31.74
CA ARG C 97 94.85 -18.98 30.60
C ARG C 97 95.63 -19.43 29.37
N VAL C 98 96.91 -19.08 29.36
CA VAL C 98 97.85 -19.43 28.32
C VAL C 98 98.77 -20.59 28.82
N THR C 99 98.30 -21.34 29.82
CA THR C 99 99.06 -22.44 30.44
C THR C 99 98.28 -23.73 30.36
N PHE C 100 98.92 -24.80 29.87
CA PHE C 100 98.19 -26.07 29.71
C PHE C 100 97.88 -26.63 31.08
N LEU C 101 96.59 -26.91 31.32
CA LEU C 101 96.12 -27.41 32.62
C LEU C 101 95.91 -28.90 32.74
N GLY C 102 95.81 -29.63 31.64
CA GLY C 102 95.66 -31.07 31.74
C GLY C 102 94.27 -31.58 31.55
N PHE C 103 94.02 -32.73 32.15
CA PHE C 103 92.81 -33.51 31.92
C PHE C 103 92.22 -33.99 33.23
N ASP C 104 90.99 -34.49 33.14
CA ASP C 104 90.20 -34.91 34.32
C ASP C 104 90.48 -36.37 34.62
N ALA C 105 91.12 -36.59 35.77
CA ALA C 105 91.34 -37.96 36.36
C ALA C 105 90.13 -38.92 36.34
N ALA C 106 88.95 -38.42 36.75
CA ALA C 106 87.76 -39.25 36.91
C ALA C 106 87.19 -39.69 35.57
N THR C 107 87.01 -38.76 34.63
CA THR C 107 86.41 -39.11 33.34
C THR C 107 87.33 -39.04 32.14
N GLU C 108 88.54 -38.52 32.31
CA GLU C 108 89.53 -38.42 31.19
C GLU C 108 90.85 -39.17 31.45
N ALA C 109 90.75 -40.35 32.06
CA ALA C 109 91.93 -40.97 32.63
C ALA C 109 92.92 -41.38 31.58
N ARG C 110 92.47 -41.98 30.48
CA ARG C 110 93.33 -42.33 29.40
C ARG C 110 94.11 -41.09 28.92
N TYR C 111 93.50 -39.89 28.94
CA TYR C 111 94.11 -38.66 28.37
C TYR C 111 95.17 -38.12 29.32
N LEU C 112 94.85 -37.99 30.60
CA LEU C 112 95.85 -37.57 31.57
C LEU C 112 97.07 -38.52 31.65
N GLY C 113 96.83 -39.82 31.61
CA GLY C 113 97.90 -40.80 31.50
C GLY C 113 98.81 -40.55 30.31
N TYR C 114 98.24 -40.15 29.18
CA TYR C 114 99.06 -39.99 28.02
C TYR C 114 99.91 -38.74 28.11
N VAL C 115 99.38 -37.70 28.71
CA VAL C 115 100.14 -36.48 28.96
C VAL C 115 101.32 -36.83 29.83
N ARG C 116 101.06 -37.57 30.91
CA ARG C 116 102.10 -37.93 31.84
C ARG C 116 103.18 -38.82 31.20
N PHE C 117 102.77 -39.72 30.33
CA PHE C 117 103.67 -40.49 29.49
C PHE C 117 104.52 -39.62 28.60
N MET C 118 103.89 -38.69 27.87
CA MET C 118 104.62 -37.83 26.97
C MET C 118 105.68 -36.98 27.71
N VAL C 119 105.32 -36.51 28.91
CA VAL C 119 106.22 -35.66 29.70
C VAL C 119 107.34 -36.48 30.42
N ASN C 120 106.92 -37.46 31.19
CA ASN C 120 107.83 -38.14 32.11
C ASN C 120 108.61 -39.26 31.44
N VAL C 121 108.04 -39.88 30.41
CA VAL C 121 108.71 -40.99 29.76
C VAL C 121 109.36 -40.49 28.46
N GLU C 122 108.61 -39.84 27.57
CA GLU C 122 109.20 -39.38 26.30
C GLU C 122 110.03 -38.14 26.45
N GLY C 123 109.77 -37.36 27.48
CA GLY C 123 110.56 -36.19 27.76
C GLY C 123 110.15 -34.97 26.97
N ARG C 124 108.92 -34.99 26.49
CA ARG C 124 108.46 -33.88 25.70
C ARG C 124 107.78 -32.88 26.62
N TYR C 125 107.93 -31.57 26.33
CA TYR C 125 107.17 -30.52 27.04
C TYR C 125 107.54 -30.39 28.54
N THR C 126 108.78 -30.74 28.85
CA THR C 126 109.26 -30.78 30.25
C THR C 126 109.35 -29.41 30.88
N HIS C 127 109.22 -28.33 30.11
CA HIS C 127 109.22 -26.99 30.70
C HIS C 127 107.81 -26.52 31.08
N PHE C 128 106.78 -27.26 30.67
CA PHE C 128 105.41 -26.88 31.02
C PHE C 128 105.24 -26.94 32.52
N ASP C 129 104.52 -25.95 33.05
CA ASP C 129 104.08 -25.95 34.43
C ASP C 129 103.11 -27.10 34.69
N ALA C 130 103.59 -28.15 35.36
CA ALA C 130 102.70 -29.23 35.75
C ALA C 130 101.76 -28.69 36.81
N GLY C 131 100.77 -29.48 37.16
CA GLY C 131 99.80 -29.04 38.20
C GLY C 131 100.35 -28.75 39.62
N THR C 132 99.41 -28.71 40.56
CA THR C 132 99.68 -29.12 41.93
C THR C 132 99.41 -30.61 41.95
N HIS C 133 98.70 -31.08 40.93
CA HIS C 133 98.39 -32.47 40.76
C HIS C 133 98.79 -33.02 39.37
N GLY C 134 99.98 -32.64 38.91
CA GLY C 134 100.60 -33.26 37.73
C GLY C 134 99.68 -33.36 36.53
N PHE C 135 99.08 -32.22 36.16
CA PHE C 135 98.22 -32.10 34.98
C PHE C 135 96.85 -32.70 35.20
N ASN C 136 96.43 -32.97 36.43
CA ASN C 136 95.01 -33.38 36.66
C ASN C 136 94.03 -32.20 36.73
N ALA C 137 93.42 -31.79 35.62
CA ALA C 137 92.56 -30.58 35.60
C ALA C 137 91.39 -30.60 36.60
N GLN C 138 90.74 -31.76 36.78
CA GLN C 138 89.59 -31.91 37.69
C GLN C 138 88.24 -31.49 37.11
N THR C 139 88.26 -30.69 36.04
CA THR C 139 87.11 -30.46 35.18
C THR C 139 87.42 -31.21 33.90
N PRO C 140 86.40 -31.81 33.25
CA PRO C 140 86.54 -32.37 31.95
C PRO C 140 86.95 -31.30 30.93
N MET C 141 87.97 -31.59 30.11
CA MET C 141 88.54 -30.57 29.22
C MET C 141 88.57 -30.91 27.76
N TRP C 142 88.34 -32.15 27.40
CA TRP C 142 88.45 -32.54 26.02
C TRP C 142 87.67 -31.62 25.09
N GLU C 143 86.38 -31.42 25.40
CA GLU C 143 85.47 -30.67 24.52
C GLU C 143 85.96 -29.25 24.39
N LYS C 144 86.40 -28.67 25.49
CA LYS C 144 86.96 -27.33 25.48
C LYS C 144 88.15 -27.24 24.56
N TYR C 145 89.11 -28.13 24.79
CA TYR C 145 90.33 -28.13 24.02
C TYR C 145 90.07 -28.21 22.58
N GLN C 146 89.05 -29.00 22.21
CA GLN C 146 88.63 -29.12 20.84
C GLN C 146 88.19 -27.77 20.22
N ARG C 147 87.53 -26.96 21.03
CA ARG C 147 87.05 -25.66 20.58
C ARG C 147 88.23 -24.73 20.33
N MET C 148 89.20 -24.77 21.24
CA MET C 148 90.42 -23.98 21.14
C MET C 148 91.25 -24.38 19.92
N LEU C 149 91.43 -25.69 19.71
CA LEU C 149 92.12 -26.16 18.50
C LEU C 149 91.49 -25.65 17.20
N ASN C 150 90.17 -25.70 17.11
CA ASN C 150 89.48 -25.32 15.92
C ASN C 150 89.79 -23.88 15.55
N VAL C 151 89.87 -23.03 16.56
CA VAL C 151 90.22 -21.61 16.41
C VAL C 151 91.70 -21.40 16.06
N TRP C 152 92.58 -22.10 16.78
CA TRP C 152 94.02 -22.04 16.57
C TRP C 152 94.40 -22.41 15.16
N HIS C 153 93.90 -23.54 14.69
CA HIS C 153 94.24 -23.96 13.37
C HIS C 153 93.61 -23.12 12.27
N ALA C 154 92.66 -22.26 12.61
CA ALA C 154 92.03 -21.34 11.63
C ALA C 154 92.85 -20.04 11.52
N CYS C 155 93.79 -19.83 12.41
CA CYS C 155 94.67 -18.64 12.33
C CYS C 155 95.67 -18.92 11.23
N PRO C 156 95.86 -17.96 10.32
CA PRO C 156 96.74 -18.24 9.22
C PRO C 156 98.22 -18.38 9.63
N ARG C 157 98.59 -17.91 10.81
CA ARG C 157 99.93 -18.09 11.31
C ARG C 157 99.64 -18.70 12.67
N GLN C 158 100.18 -19.87 13.02
CA GLN C 158 99.85 -20.54 14.32
C GLN C 158 100.79 -20.18 15.49
N TYR C 159 101.91 -19.56 15.14
CA TYR C 159 102.92 -19.16 16.10
C TYR C 159 103.11 -17.63 16.01
N HIS C 160 103.70 -17.04 17.05
CA HIS C 160 103.81 -15.55 17.08
C HIS C 160 102.45 -14.95 16.81
N LEU C 161 101.51 -15.41 17.62
CA LEU C 161 100.16 -14.94 17.61
C LEU C 161 100.09 -13.51 18.20
N SER C 162 99.09 -12.76 17.74
CA SER C 162 98.71 -11.46 18.33
C SER C 162 97.83 -11.72 19.52
N ALA C 163 97.58 -10.64 20.28
CA ALA C 163 96.78 -10.70 21.48
C ALA C 163 95.35 -10.92 21.08
N ASN C 164 94.97 -10.38 19.92
CA ASN C 164 93.64 -10.61 19.39
C ASN C 164 93.45 -12.12 19.16
N GLU C 165 94.45 -12.73 18.57
CA GLU C 165 94.35 -14.16 18.22
C GLU C 165 94.36 -15.02 19.50
N ILE C 166 95.29 -14.72 20.39
CA ILE C 166 95.40 -15.41 21.68
C ILE C 166 94.06 -15.44 22.39
N ASN C 167 93.44 -14.28 22.48
CA ASN C 167 92.12 -14.12 23.09
C ASN C 167 91.00 -14.86 22.37
N GLN C 168 91.06 -14.87 21.03
CA GLN C 168 90.07 -15.62 20.26
C GLN C 168 90.18 -17.12 20.67
N ILE C 169 91.42 -17.59 20.83
CA ILE C 169 91.68 -19.01 21.07
C ILE C 169 91.20 -19.40 22.47
N ILE C 170 91.71 -18.71 23.48
CA ILE C 170 91.38 -19.05 24.90
C ILE C 170 89.90 -18.89 25.26
N ASN C 171 89.21 -17.97 24.56
CA ASN C 171 87.77 -17.74 24.75
C ASN C 171 86.83 -18.79 24.17
N ALA C 172 87.27 -19.54 23.15
CA ALA C 172 86.43 -20.56 22.52
C ALA C 172 85.90 -21.60 23.52
N GLN D 5 66.84 -71.62 20.47
CA GLN D 5 65.89 -71.04 21.49
C GLN D 5 66.30 -69.59 21.80
N GLU D 6 65.44 -68.61 21.46
CA GLU D 6 65.92 -67.22 21.42
C GLU D 6 65.82 -66.56 22.80
N SER D 7 66.87 -65.81 23.17
CA SER D 7 67.04 -65.32 24.53
C SER D 7 66.13 -64.10 24.82
N THR D 8 65.70 -63.99 26.07
CA THR D 8 64.90 -62.85 26.50
C THR D 8 65.61 -61.51 26.22
N MET D 9 66.94 -61.51 26.22
CA MET D 9 67.71 -60.26 25.98
C MET D 9 67.48 -59.67 24.57
N GLU D 10 67.04 -60.53 23.66
CA GLU D 10 66.78 -60.16 22.28
C GLU D 10 65.30 -59.82 21.93
N MET D 11 64.45 -59.77 22.94
CA MET D 11 63.05 -59.47 22.71
C MET D 11 62.90 -58.05 22.21
N THR D 12 61.83 -57.83 21.46
CA THR D 12 61.54 -56.53 20.92
C THR D 12 60.91 -55.67 22.00
N ASN D 13 60.90 -54.37 21.78
CA ASN D 13 60.29 -53.47 22.67
C ASN D 13 58.78 -53.77 22.85
N ALA D 14 58.09 -54.19 21.78
CA ALA D 14 56.67 -54.59 21.92
C ALA D 14 56.57 -55.72 22.93
N GLN D 15 57.48 -56.69 22.84
CA GLN D 15 57.46 -57.80 23.78
C GLN D 15 57.74 -57.38 25.23
N ARG D 16 58.68 -56.45 25.41
CA ARG D 16 58.92 -55.86 26.70
C ARG D 16 57.68 -55.20 27.27
N LEU D 17 57.00 -54.42 26.45
CA LEU D 17 55.76 -53.77 26.87
C LEU D 17 54.66 -54.79 27.21
N ILE D 18 54.50 -55.81 26.37
CA ILE D 18 53.56 -56.89 26.66
C ILE D 18 53.86 -57.52 28.02
N LEU D 19 55.13 -57.82 28.28
CA LEU D 19 55.51 -58.42 29.57
C LEU D 19 55.30 -57.47 30.74
N SER D 20 55.74 -56.22 30.59
CA SER D 20 55.51 -55.17 31.62
C SER D 20 54.03 -55.07 31.97
N ASN D 21 53.17 -55.06 30.95
CA ASN D 21 51.73 -55.05 31.16
C ASN D 21 51.24 -56.24 31.96
N GLN D 22 51.75 -57.44 31.65
CA GLN D 22 51.36 -58.61 32.39
C GLN D 22 51.75 -58.50 33.83
N TYR D 23 52.94 -58.00 34.13
CA TYR D 23 53.33 -57.86 35.52
C TYR D 23 52.46 -56.86 36.29
N LYS D 24 52.07 -55.81 35.61
CA LYS D 24 51.08 -54.88 36.19
C LYS D 24 49.74 -55.62 36.47
N MET D 25 49.26 -56.40 35.51
CA MET D 25 47.99 -57.11 35.69
C MET D 25 48.02 -58.13 36.81
N MET D 26 49.13 -58.85 36.88
CA MET D 26 49.33 -59.88 37.89
C MET D 26 49.36 -59.29 39.28
N THR D 27 49.93 -58.10 39.43
CA THR D 27 49.86 -57.34 40.67
C THR D 27 48.42 -57.00 41.02
N MET D 28 47.60 -56.58 40.05
CA MET D 28 46.20 -56.28 40.32
C MET D 28 45.46 -57.56 40.70
N LEU D 29 45.74 -58.67 40.01
CA LEU D 29 45.08 -59.94 40.32
C LEU D 29 45.58 -60.67 41.60
N ASP D 30 46.87 -60.51 41.94
CA ASP D 30 47.53 -61.27 43.01
C ASP D 30 48.44 -60.36 43.83
N PRO D 31 47.86 -59.39 44.52
CA PRO D 31 48.61 -58.40 45.22
C PRO D 31 49.57 -58.94 46.28
N ALA D 32 49.31 -60.13 46.80
CA ALA D 32 50.19 -60.69 47.79
C ALA D 32 51.57 -60.90 47.20
N ASN D 33 51.66 -61.12 45.89
CA ASN D 33 52.96 -61.37 45.27
C ASN D 33 53.50 -60.19 44.46
N ALA D 34 53.09 -58.98 44.84
CA ALA D 34 53.42 -57.77 44.16
C ALA D 34 54.95 -57.50 44.11
N GLU D 35 55.68 -57.91 45.15
CA GLU D 35 57.11 -57.68 45.14
C GLU D 35 57.79 -58.51 44.06
N ARG D 36 57.30 -59.73 43.90
CA ARG D 36 57.75 -60.62 42.88
C ARG D 36 57.52 -59.99 41.47
N TYR D 37 56.31 -59.49 41.21
CA TYR D 37 55.97 -59.00 39.90
C TYR D 37 56.62 -57.68 39.63
N ARG D 38 56.76 -56.87 40.67
CA ARG D 38 57.42 -55.59 40.52
C ARG D 38 58.90 -55.72 40.17
N ARG D 39 59.57 -56.69 40.81
CA ARG D 39 60.96 -57.02 40.51
C ARG D 39 61.20 -57.43 39.05
N LEU D 40 60.41 -58.37 38.57
CA LEU D 40 60.40 -58.75 37.16
C LEU D 40 60.07 -57.63 36.20
N GLN D 41 59.07 -56.81 36.51
CA GLN D 41 58.77 -55.63 35.71
C GLN D 41 59.98 -54.68 35.57
N THR D 42 60.70 -54.44 36.68
CA THR D 42 61.91 -53.63 36.69
C THR D 42 62.96 -54.26 35.77
N ILE D 43 63.18 -55.57 35.92
CA ILE D 43 64.15 -56.29 35.12
C ILE D 43 63.85 -56.11 33.63
N ILE D 44 62.60 -56.29 33.29
CA ILE D 44 62.20 -56.19 31.88
C ILE D 44 62.31 -54.76 31.40
N GLU D 45 61.78 -53.80 32.13
CA GLU D 45 61.78 -52.40 31.71
C GLU D 45 63.20 -51.81 31.58
N ARG D 46 64.08 -52.11 32.53
CA ARG D 46 65.48 -51.64 32.48
C ARG D 46 66.40 -52.49 31.68
N GLY D 47 65.94 -53.66 31.25
CA GLY D 47 66.74 -54.57 30.45
C GLY D 47 68.02 -55.00 31.15
N TYR D 48 67.88 -55.38 32.42
CA TYR D 48 68.99 -55.88 33.23
C TYR D 48 69.45 -57.22 32.73
N GLY D 49 70.57 -57.20 32.03
CA GLY D 49 70.94 -58.35 31.23
C GLY D 49 71.24 -59.56 32.04
N LEU D 50 71.84 -59.38 33.20
CA LEU D 50 72.16 -60.51 34.02
C LEU D 50 70.89 -61.26 34.45
N GLN D 51 69.93 -60.54 35.00
CA GLN D 51 68.67 -61.16 35.40
C GLN D 51 67.84 -61.66 34.21
N MET D 52 67.94 -61.04 33.03
CA MET D 52 67.33 -61.66 31.84
C MET D 52 67.95 -62.97 31.45
N ARG D 53 69.27 -63.12 31.61
CA ARG D 53 69.91 -64.43 31.40
C ARG D 53 69.32 -65.46 32.33
N GLU D 54 69.18 -65.10 33.61
CA GLU D 54 68.60 -65.99 34.61
C GLU D 54 67.18 -66.38 34.27
N LEU D 55 66.40 -65.44 33.75
CA LEU D 55 65.08 -65.79 33.19
C LEU D 55 65.20 -66.84 32.08
N ASP D 56 66.17 -66.70 31.19
CA ASP D 56 66.38 -67.69 30.11
C ASP D 56 66.49 -69.07 30.67
N ARG D 57 67.22 -69.15 31.76
CA ARG D 57 67.49 -70.43 32.38
C ARG D 57 66.28 -71.11 32.99
N GLU D 58 65.18 -70.40 33.18
CA GLU D 58 63.92 -71.02 33.57
C GLU D 58 63.20 -71.82 32.47
N PHE D 59 63.62 -71.63 31.24
CA PHE D 59 62.97 -72.29 30.11
C PHE D 59 63.82 -73.40 29.53
N GLY D 60 63.27 -74.60 29.49
CA GLY D 60 63.97 -75.79 28.98
C GLY D 60 63.54 -76.22 27.61
N GLU D 61 64.11 -77.33 27.16
CA GLU D 61 63.76 -77.89 25.91
C GLU D 61 63.93 -79.40 26.03
N LEU D 62 62.90 -80.10 25.62
CA LEU D 62 62.95 -81.57 25.37
C LEU D 62 62.39 -81.79 23.98
N LYS D 63 63.27 -82.07 23.00
CA LYS D 63 62.88 -82.20 21.61
C LYS D 63 61.75 -83.23 21.47
N GLU D 64 60.88 -83.00 20.49
CA GLU D 64 59.78 -83.86 20.18
C GLU D 64 60.29 -85.32 20.03
N GLU D 65 61.43 -85.50 19.35
CA GLU D 65 61.95 -86.88 19.14
C GLU D 65 62.39 -87.54 20.42
N THR D 66 62.95 -86.75 21.33
CA THR D 66 63.30 -87.28 22.63
C THR D 66 62.08 -87.65 23.49
N CYS D 67 61.05 -86.77 23.50
CA CYS D 67 59.77 -87.12 24.13
C CYS D 67 59.21 -88.44 23.57
N ARG D 68 59.17 -88.56 22.24
CA ARG D 68 58.64 -89.79 21.60
C ARG D 68 59.44 -91.04 21.95
N THR D 69 60.76 -90.88 22.05
CA THR D 69 61.62 -91.98 22.44
C THR D 69 61.32 -92.44 23.84
N ILE D 70 61.12 -91.49 24.78
CA ILE D 70 60.77 -91.86 26.14
C ILE D 70 59.48 -92.68 26.21
N ILE D 71 58.47 -92.25 25.51
CA ILE D 71 57.21 -92.98 25.43
C ILE D 71 57.37 -94.35 24.77
N ASP D 72 58.18 -94.42 23.72
CA ASP D 72 58.47 -95.69 22.99
C ASP D 72 59.15 -96.70 23.92
N ILE D 73 60.05 -96.22 24.77
CA ILE D 73 60.69 -97.08 25.77
C ILE D 73 59.66 -97.63 26.73
N MET D 74 58.75 -96.78 27.19
CA MET D 74 57.69 -97.29 28.09
C MET D 74 56.79 -98.27 27.36
N GLU D 75 56.48 -98.01 26.10
CA GLU D 75 55.68 -98.94 25.29
C GLU D 75 56.42 -100.28 25.07
N MET D 76 57.72 -100.24 24.81
CA MET D 76 58.57 -101.42 24.78
C MET D 76 58.45 -102.26 26.03
N TYR D 77 58.58 -101.63 27.21
CA TYR D 77 58.38 -102.38 28.46
C TYR D 77 56.94 -102.94 28.65
N HIS D 78 55.95 -102.21 28.16
CA HIS D 78 54.60 -102.78 28.09
C HIS D 78 54.57 -104.08 27.25
N ALA D 79 55.12 -104.00 26.04
CA ALA D 79 55.25 -105.16 25.14
C ALA D 79 56.06 -106.32 25.74
N LEU D 80 57.15 -106.00 26.40
CA LEU D 80 58.02 -106.99 26.99
C LEU D 80 57.29 -107.76 28.09
N HIS D 81 56.61 -107.01 28.94
CA HIS D 81 55.97 -107.55 30.10
C HIS D 81 54.73 -108.38 29.73
N VAL D 82 53.93 -107.93 28.76
CA VAL D 82 52.82 -108.77 28.29
C VAL D 82 53.34 -110.07 27.64
N SER D 83 54.30 -109.91 26.73
CA SER D 83 54.91 -111.03 26.07
C SER D 83 55.40 -112.05 27.09
N TRP D 84 56.21 -111.59 28.03
CA TRP D 84 56.71 -112.43 29.12
C TRP D 84 55.60 -113.13 29.93
N SER D 85 54.56 -112.37 30.27
CA SER D 85 53.55 -112.87 31.17
C SER D 85 52.67 -113.88 30.47
N ASN D 86 52.74 -113.96 29.15
CA ASN D 86 52.05 -115.02 28.42
C ASN D 86 53.01 -116.12 27.94
N LEU D 87 54.21 -116.16 28.51
CA LEU D 87 55.14 -117.23 28.23
C LEU D 87 54.74 -118.55 28.98
N GLN D 88 54.54 -119.62 28.22
CA GLN D 88 54.33 -120.96 28.80
C GLN D 88 55.58 -121.21 29.64
N ASP D 89 55.39 -121.42 30.96
CA ASP D 89 56.34 -120.88 31.97
C ASP D 89 57.85 -120.97 31.72
N GLN D 90 58.48 -119.91 32.21
CA GLN D 90 59.21 -118.99 31.38
C GLN D 90 59.70 -119.18 29.94
N GLN D 91 61.02 -119.02 29.74
CA GLN D 91 62.09 -119.84 30.38
C GLN D 91 63.00 -119.23 31.49
N SER D 92 62.53 -119.11 32.72
CA SER D 92 63.33 -118.49 33.82
C SER D 92 63.75 -117.03 33.55
N ILE D 93 62.87 -116.26 32.91
CA ILE D 93 63.12 -114.82 32.79
C ILE D 93 62.58 -114.12 34.04
N ASP D 94 63.49 -113.51 34.78
CA ASP D 94 63.18 -112.65 35.92
C ASP D 94 62.28 -111.49 35.49
N GLU D 95 61.13 -111.35 36.15
CA GLU D 95 60.19 -110.25 35.86
C GLU D 95 60.84 -108.85 36.02
N ARG D 96 61.80 -108.75 36.92
CA ARG D 96 62.44 -107.46 37.12
C ARG D 96 63.14 -106.97 35.86
N ARG D 97 63.48 -107.90 34.98
CA ARG D 97 64.18 -107.58 33.74
C ARG D 97 63.23 -107.10 32.64
N VAL D 98 61.95 -107.15 32.94
CA VAL D 98 60.91 -106.89 32.00
C VAL D 98 60.02 -105.81 32.65
N THR D 99 60.65 -105.05 33.56
CA THR D 99 60.00 -103.99 34.32
C THR D 99 60.74 -102.69 34.07
N PHE D 100 60.00 -101.65 33.73
CA PHE D 100 60.59 -100.35 33.39
C PHE D 100 61.13 -99.67 34.64
N LEU D 101 62.42 -99.43 34.68
CA LEU D 101 63.00 -98.91 35.91
C LEU D 101 63.19 -97.40 35.90
N GLY D 102 63.06 -96.76 34.74
CA GLY D 102 63.12 -95.32 34.69
C GLY D 102 64.46 -94.79 34.21
N PHE D 103 64.81 -93.64 34.77
CA PHE D 103 65.96 -92.93 34.39
C PHE D 103 66.69 -92.39 35.63
N ASP D 104 67.91 -91.92 35.40
CA ASP D 104 68.83 -91.44 36.48
C ASP D 104 68.52 -89.98 36.80
N ALA D 105 68.03 -89.75 38.00
CA ALA D 105 67.87 -88.36 38.50
C ALA D 105 69.08 -87.43 38.31
N ALA D 106 70.31 -87.92 38.54
CA ALA D 106 71.54 -87.10 38.54
C ALA D 106 71.95 -86.62 37.14
N THR D 107 71.87 -87.52 36.14
CA THR D 107 72.30 -87.17 34.76
C THR D 107 71.21 -87.21 33.71
N GLU D 108 70.04 -87.73 34.08
CA GLU D 108 68.92 -87.90 33.15
C GLU D 108 67.62 -87.19 33.58
N ALA D 109 67.79 -86.01 34.20
CA ALA D 109 66.70 -85.37 34.92
C ALA D 109 65.58 -84.99 34.03
N ARG D 110 65.87 -84.48 32.85
CA ARG D 110 64.83 -84.09 31.92
C ARG D 110 63.99 -85.33 31.59
N TYR D 111 64.64 -86.50 31.50
CA TYR D 111 63.97 -87.72 30.99
C TYR D 111 63.08 -88.28 32.08
N LEU D 112 63.61 -88.36 33.27
CA LEU D 112 62.85 -88.73 34.45
C LEU D 112 61.61 -87.82 34.70
N GLY D 113 61.75 -86.51 34.56
CA GLY D 113 60.59 -85.61 34.75
C GLY D 113 59.51 -85.85 33.71
N TYR D 114 59.90 -86.19 32.49
CA TYR D 114 58.95 -86.46 31.44
C TYR D 114 58.19 -87.77 31.70
N VAL D 115 58.89 -88.79 32.19
CA VAL D 115 58.19 -90.04 32.60
C VAL D 115 57.12 -89.65 33.64
N ARG D 116 57.55 -88.86 34.64
CA ARG D 116 56.64 -88.49 35.70
C ARG D 116 55.48 -87.65 35.19
N PHE D 117 55.73 -86.75 34.25
CA PHE D 117 54.65 -85.98 33.58
C PHE D 117 53.67 -86.92 32.87
N MET D 118 54.19 -87.86 32.11
CA MET D 118 53.33 -88.72 31.30
C MET D 118 52.46 -89.63 32.16
N VAL D 119 52.99 -90.06 33.31
CA VAL D 119 52.24 -90.91 34.24
C VAL D 119 51.36 -90.02 35.12
N ASN D 120 51.95 -89.06 35.83
CA ASN D 120 51.19 -88.35 36.80
C ASN D 120 50.28 -87.30 36.24
N VAL D 121 50.60 -86.69 35.09
CA VAL D 121 49.75 -85.64 34.57
C VAL D 121 48.89 -86.19 33.44
N GLU D 122 49.51 -86.81 32.45
CA GLU D 122 48.74 -87.31 31.34
C GLU D 122 47.96 -88.55 31.67
N GLY D 123 48.43 -89.31 32.66
CA GLY D 123 47.74 -90.50 33.12
C GLY D 123 48.06 -91.73 32.32
N ARG D 124 49.21 -91.74 31.63
CA ARG D 124 49.58 -92.90 30.84
C ARG D 124 50.43 -93.87 31.66
N TYR D 125 50.33 -95.16 31.36
CA TYR D 125 51.16 -96.18 31.99
C TYR D 125 51.03 -96.18 33.53
N THR D 126 49.85 -95.82 34.01
CA THR D 126 49.63 -95.84 35.47
C THR D 126 49.68 -97.24 36.15
N HIS D 127 49.65 -98.32 35.39
CA HIS D 127 49.77 -99.65 36.02
C HIS D 127 51.23 -100.08 36.11
N PHE D 128 52.14 -99.29 35.52
CA PHE D 128 53.57 -99.55 35.69
C PHE D 128 53.95 -99.43 37.16
N ASP D 129 54.84 -100.32 37.60
CA ASP D 129 55.43 -100.28 38.92
C ASP D 129 56.51 -99.21 38.95
N ALA D 130 56.25 -98.18 39.75
CA ALA D 130 57.14 -97.01 39.88
C ALA D 130 58.35 -97.32 40.72
N GLY D 131 58.37 -98.51 41.32
CA GLY D 131 59.47 -98.92 42.18
C GLY D 131 59.39 -98.16 43.49
N THR D 132 60.56 -97.84 44.06
CA THR D 132 60.68 -97.16 45.35
C THR D 132 61.19 -95.71 45.28
N HIS D 133 61.50 -95.21 44.08
CA HIS D 133 61.95 -93.82 43.91
C HIS D 133 61.30 -93.11 42.73
N GLY D 134 60.04 -93.45 42.45
CA GLY D 134 59.24 -92.82 41.38
C GLY D 134 59.94 -92.81 40.03
N PHE D 135 60.33 -94.00 39.58
CA PHE D 135 61.06 -94.21 38.34
C PHE D 135 62.48 -93.63 38.32
N ASN D 136 63.06 -93.31 39.48
CA ASN D 136 64.48 -92.96 39.53
C ASN D 136 65.35 -94.21 39.49
N ALA D 137 66.00 -94.46 38.35
CA ALA D 137 66.84 -95.65 38.19
C ALA D 137 68.16 -95.58 39.01
N GLN D 138 68.61 -94.36 39.30
CA GLN D 138 69.87 -94.14 40.02
C GLN D 138 71.14 -94.58 39.25
N THR D 139 70.98 -94.98 37.99
CA THR D 139 72.09 -95.15 37.10
C THR D 139 71.58 -94.86 35.69
N PRO D 140 72.44 -94.33 34.82
CA PRO D 140 72.05 -93.86 33.52
C PRO D 140 71.51 -94.99 32.64
N MET D 141 70.38 -94.74 31.97
CA MET D 141 69.71 -95.78 31.17
C MET D 141 69.53 -95.45 29.71
N TRP D 142 69.68 -94.20 29.37
CA TRP D 142 69.35 -93.82 28.03
C TRP D 142 70.00 -94.75 27.01
N GLU D 143 71.32 -94.95 27.08
CA GLU D 143 71.95 -95.75 26.02
C GLU D 143 71.56 -97.23 26.09
N LYS D 144 71.35 -97.75 27.29
CA LYS D 144 70.82 -99.09 27.41
C LYS D 144 69.48 -99.28 26.66
N TYR D 145 68.58 -98.35 26.93
CA TYR D 145 67.28 -98.31 26.27
C TYR D 145 67.43 -98.22 24.77
N GLN D 146 68.39 -97.44 24.28
CA GLN D 146 68.58 -97.33 22.85
C GLN D 146 68.94 -98.69 22.26
N ARG D 147 69.84 -99.41 22.93
CA ARG D 147 70.23 -100.74 22.45
C ARG D 147 69.00 -101.70 22.45
N MET D 148 68.17 -101.63 23.47
CA MET D 148 66.94 -102.48 23.57
C MET D 148 65.89 -102.16 22.51
N LEU D 149 65.67 -100.88 22.29
CA LEU D 149 64.77 -100.46 21.22
C LEU D 149 65.24 -100.96 19.85
N ASN D 150 66.55 -100.89 19.61
CA ASN D 150 67.13 -101.37 18.35
C ASN D 150 66.74 -102.86 18.12
N VAL D 151 66.78 -103.67 19.16
CA VAL D 151 66.40 -105.09 19.02
C VAL D 151 64.87 -105.28 18.86
N TRP D 152 64.11 -104.59 19.71
CA TRP D 152 62.65 -104.67 19.71
C TRP D 152 62.04 -104.26 18.36
N HIS D 153 62.46 -103.11 17.82
CA HIS D 153 61.91 -102.67 16.56
C HIS D 153 62.38 -103.52 15.35
N ALA D 154 63.31 -104.46 15.58
CA ALA D 154 63.75 -105.37 14.52
C ALA D 154 62.98 -106.68 14.54
N CYS D 155 62.13 -106.86 15.56
CA CYS D 155 61.25 -108.00 15.68
C CYS D 155 59.98 -107.74 14.88
N PRO D 156 59.37 -108.80 14.31
CA PRO D 156 57.95 -108.64 13.87
C PRO D 156 57.07 -109.09 15.03
N ARG D 157 55.75 -108.86 14.99
CA ARG D 157 54.87 -109.30 16.06
C ARG D 157 55.40 -108.85 17.44
N GLN D 158 55.74 -107.54 17.50
CA GLN D 158 56.34 -106.88 18.67
C GLN D 158 55.64 -106.95 20.02
N TYR D 159 54.38 -107.39 20.03
CA TYR D 159 53.65 -107.64 21.28
C TYR D 159 53.39 -109.10 21.68
N HIS D 160 53.86 -110.04 20.90
CA HIS D 160 53.84 -111.44 21.41
C HIS D 160 55.20 -112.00 21.13
N LEU D 161 56.13 -111.54 21.95
CA LEU D 161 57.52 -111.86 21.78
C LEU D 161 57.81 -113.30 22.32
N SER D 162 58.54 -114.09 21.55
CA SER D 162 59.15 -115.33 22.00
C SER D 162 60.18 -115.07 23.12
N ALA D 163 60.47 -116.12 23.93
CA ALA D 163 61.50 -116.04 24.96
C ALA D 163 62.83 -115.69 24.35
N ASN D 164 63.09 -116.19 23.15
CA ASN D 164 64.35 -115.86 22.48
C ASN D 164 64.40 -114.32 22.26
N GLU D 165 63.27 -113.77 21.82
CA GLU D 165 63.14 -112.34 21.46
C GLU D 165 63.28 -111.47 22.68
N ILE D 166 62.48 -111.76 23.69
CA ILE D 166 62.60 -111.11 25.01
C ILE D 166 64.04 -111.03 25.54
N ASN D 167 64.75 -112.15 25.48
CA ASN D 167 66.10 -112.22 26.01
C ASN D 167 67.11 -111.49 25.17
N GLN D 168 66.92 -111.49 23.85
CA GLN D 168 67.79 -110.72 22.98
C GLN D 168 67.56 -109.24 23.30
N ILE D 169 66.33 -108.88 23.62
CA ILE D 169 66.01 -107.47 23.88
C ILE D 169 66.63 -106.97 25.19
N ILE D 170 66.34 -107.67 26.28
CA ILE D 170 66.87 -107.31 27.60
C ILE D 170 68.40 -107.45 27.73
N ASN D 171 69.00 -108.39 27.01
CA ASN D 171 70.45 -108.51 27.02
C ASN D 171 71.15 -107.45 26.19
N ALA D 172 70.42 -106.78 25.29
CA ALA D 172 71.00 -105.80 24.36
C ALA D 172 72.02 -104.83 24.98
N GLN E 5 49.79 -70.66 -14.47
CA GLN E 5 50.98 -69.81 -14.81
C GLN E 5 50.55 -68.34 -14.68
N GLU E 6 51.25 -67.38 -15.24
CA GLU E 6 51.03 -65.99 -14.86
C GLU E 6 49.56 -65.61 -14.94
N SER E 7 49.15 -64.82 -13.96
CA SER E 7 47.79 -64.34 -13.88
C SER E 7 47.63 -63.21 -14.86
N THR E 8 46.40 -63.04 -15.30
CA THR E 8 46.01 -61.95 -16.19
C THR E 8 46.39 -60.60 -15.59
N MET E 9 46.38 -60.49 -14.27
CA MET E 9 46.71 -59.22 -13.60
C MET E 9 48.14 -58.70 -13.92
N GLU E 10 49.04 -59.64 -14.22
CA GLU E 10 50.44 -59.32 -14.59
C GLU E 10 50.76 -59.17 -16.09
N MET E 11 49.73 -59.19 -16.94
CA MET E 11 50.00 -59.07 -18.36
C MET E 11 50.59 -57.72 -18.66
N THR E 12 51.32 -57.62 -19.77
CA THR E 12 51.91 -56.41 -20.14
C THR E 12 50.86 -55.51 -20.83
N ASN E 13 51.19 -54.24 -20.97
CA ASN E 13 50.30 -53.35 -21.72
C ASN E 13 50.10 -53.77 -23.16
N ALA E 14 51.15 -54.31 -23.78
CA ALA E 14 51.04 -54.83 -25.15
C ALA E 14 49.94 -55.90 -25.20
N GLN E 15 49.94 -56.79 -24.22
CA GLN E 15 48.94 -57.88 -24.10
C GLN E 15 47.55 -57.34 -23.79
N ARG E 16 47.46 -56.33 -22.93
CA ARG E 16 46.19 -55.64 -22.76
C ARG E 16 45.63 -55.05 -24.04
N LEU E 17 46.50 -54.41 -24.84
CA LEU E 17 46.10 -53.83 -26.11
C LEU E 17 45.67 -54.90 -27.11
N ILE E 18 46.42 -55.99 -27.19
CA ILE E 18 46.09 -57.15 -28.05
C ILE E 18 44.72 -57.67 -27.66
N LEU E 19 44.45 -57.82 -26.38
CA LEU E 19 43.12 -58.27 -25.92
C LEU E 19 41.99 -57.30 -26.21
N SER E 20 42.22 -56.05 -25.88
CA SER E 20 41.29 -55.01 -26.24
C SER E 20 40.90 -54.97 -27.72
N ASN E 21 41.88 -55.00 -28.57
CA ASN E 21 41.68 -55.13 -30.00
C ASN E 21 40.86 -56.36 -30.37
N GLN E 22 41.14 -57.49 -29.74
CA GLN E 22 40.31 -58.68 -29.98
C GLN E 22 38.82 -58.47 -29.64
N TYR E 23 38.57 -57.85 -28.50
CA TYR E 23 37.20 -57.60 -28.09
C TYR E 23 36.51 -56.67 -29.04
N LYS E 24 37.26 -55.70 -29.60
CA LYS E 24 36.72 -54.86 -30.63
C LYS E 24 36.36 -55.61 -31.89
N MET E 25 37.29 -56.46 -32.37
CA MET E 25 37.01 -57.33 -33.48
C MET E 25 35.87 -58.32 -33.25
N MET E 26 35.80 -58.87 -32.03
CA MET E 26 34.72 -59.80 -31.71
C MET E 26 33.32 -59.16 -31.81
N THR E 27 33.23 -57.89 -31.47
CA THR E 27 32.03 -57.13 -31.60
C THR E 27 31.64 -56.91 -33.06
N MET E 28 32.61 -56.67 -33.93
CA MET E 28 32.37 -56.55 -35.37
C MET E 28 31.92 -57.88 -35.98
N LEU E 29 32.52 -58.98 -35.51
CA LEU E 29 32.19 -60.33 -36.02
C LEU E 29 30.93 -60.92 -35.44
N ASP E 30 30.60 -60.49 -34.22
CA ASP E 30 29.48 -61.08 -33.44
C ASP E 30 28.78 -60.00 -32.66
N PRO E 31 28.13 -59.08 -33.38
CA PRO E 31 27.37 -57.99 -32.78
C PRO E 31 26.40 -58.41 -31.67
N ALA E 32 25.77 -59.56 -31.83
CA ALA E 32 24.78 -60.02 -30.87
C ALA E 32 25.38 -60.18 -29.48
N ASN E 33 26.69 -60.41 -29.38
CA ASN E 33 27.33 -60.54 -28.04
C ASN E 33 28.20 -59.36 -27.63
N ALA E 34 27.97 -58.22 -28.27
CA ALA E 34 28.68 -56.97 -28.02
C ALA E 34 28.69 -56.64 -26.52
N GLU E 35 27.61 -56.91 -25.80
CA GLU E 35 27.57 -56.69 -24.35
C GLU E 35 28.70 -57.43 -23.59
N ARG E 36 28.92 -58.69 -23.97
CA ARG E 36 29.93 -59.52 -23.32
C ARG E 36 31.29 -58.99 -23.67
N TYR E 37 31.49 -58.67 -24.95
CA TYR E 37 32.80 -58.21 -25.41
C TYR E 37 33.15 -56.84 -24.83
N ARG E 38 32.19 -55.94 -24.74
CA ARG E 38 32.44 -54.64 -24.25
C ARG E 38 32.82 -54.65 -22.74
N ARG E 39 32.14 -55.50 -22.01
CA ARG E 39 32.36 -55.74 -20.58
C ARG E 39 33.78 -56.23 -20.36
N LEU E 40 34.22 -57.25 -21.11
CA LEU E 40 35.60 -57.71 -21.05
C LEU E 40 36.61 -56.64 -21.43
N GLN E 41 36.31 -55.90 -22.49
CA GLN E 41 37.18 -54.79 -22.91
C GLN E 41 37.38 -53.76 -21.79
N THR E 42 36.30 -53.42 -21.10
CA THR E 42 36.36 -52.52 -19.93
C THR E 42 37.23 -53.07 -18.82
N ILE E 43 37.03 -54.33 -18.49
CA ILE E 43 37.81 -55.02 -17.45
C ILE E 43 39.30 -54.99 -17.76
N ILE E 44 39.63 -55.32 -19.00
CA ILE E 44 40.99 -55.25 -19.46
C ILE E 44 41.57 -53.83 -19.56
N GLU E 45 40.84 -52.90 -20.15
CA GLU E 45 41.36 -51.56 -20.27
C GLU E 45 41.51 -50.86 -18.90
N ARG E 46 40.51 -51.05 -18.05
CA ARG E 46 40.60 -50.47 -16.66
C ARG E 46 41.42 -51.24 -15.62
N GLY E 47 41.81 -52.45 -15.96
CA GLY E 47 42.55 -53.29 -15.10
C GLY E 47 41.84 -53.62 -13.79
N TYR E 48 40.58 -54.02 -13.92
CA TYR E 48 39.75 -54.35 -12.77
C TYR E 48 40.20 -55.65 -12.21
N GLY E 49 40.88 -55.59 -11.07
CA GLY E 49 41.66 -56.74 -10.60
C GLY E 49 40.76 -57.87 -10.15
N LEU E 50 39.62 -57.56 -9.54
CA LEU E 50 38.69 -58.66 -9.12
C LEU E 50 38.24 -59.49 -10.36
N GLN E 51 37.74 -58.79 -11.38
CA GLN E 51 37.31 -59.45 -12.58
C GLN E 51 38.46 -60.13 -13.33
N MET E 52 39.66 -59.57 -13.27
CA MET E 52 40.84 -60.22 -13.83
C MET E 52 41.17 -61.52 -13.14
N ARG E 53 41.07 -61.61 -11.81
CA ARG E 53 41.20 -62.87 -11.11
C ARG E 53 40.17 -63.89 -11.57
N GLU E 54 38.94 -63.44 -11.80
CA GLU E 54 37.89 -64.33 -12.25
C GLU E 54 38.21 -64.90 -13.61
N LEU E 55 38.84 -64.11 -14.47
CA LEU E 55 39.33 -64.58 -15.74
C LEU E 55 40.31 -65.73 -15.59
N ASP E 56 41.27 -65.58 -14.66
CA ASP E 56 42.28 -66.59 -14.31
C ASP E 56 41.60 -67.89 -14.02
N ARG E 57 40.47 -67.82 -13.37
CA ARG E 57 39.76 -69.02 -12.95
C ARG E 57 39.11 -69.79 -14.10
N GLU E 58 38.95 -69.19 -15.26
CA GLU E 58 38.51 -69.94 -16.46
C GLU E 58 39.57 -70.88 -17.09
N PHE E 59 40.81 -70.81 -16.62
CA PHE E 59 41.91 -71.52 -17.27
C PHE E 59 42.40 -72.59 -16.31
N GLY E 60 42.46 -73.85 -16.74
CA GLY E 60 42.91 -74.92 -15.82
C GLY E 60 44.24 -75.50 -16.29
N GLU E 61 44.66 -76.57 -15.65
CA GLU E 61 45.91 -77.31 -15.93
C GLU E 61 45.59 -78.76 -15.70
N LEU E 62 45.93 -79.61 -16.65
CA LEU E 62 46.01 -81.04 -16.43
C LEU E 62 47.37 -81.43 -16.96
N LYS E 63 48.32 -81.66 -16.08
CA LYS E 63 49.71 -81.92 -16.46
C LYS E 63 49.87 -83.06 -17.43
N GLU E 64 50.89 -83.00 -18.29
CA GLU E 64 51.07 -84.01 -19.29
C GLU E 64 51.10 -85.43 -18.68
N GLU E 65 51.80 -85.60 -17.55
CA GLU E 65 51.93 -86.96 -16.97
C GLU E 65 50.61 -87.51 -16.51
N THR E 66 49.77 -86.62 -15.95
CA THR E 66 48.43 -87.00 -15.56
C THR E 66 47.59 -87.38 -16.77
N CYS E 67 47.58 -86.59 -17.86
CA CYS E 67 46.93 -87.05 -19.12
C CYS E 67 47.35 -88.47 -19.51
N ARG E 68 48.64 -88.67 -19.60
CA ARG E 68 49.21 -89.99 -19.93
C ARG E 68 48.79 -91.10 -18.98
N THR E 69 48.74 -90.84 -17.70
CA THR E 69 48.27 -91.88 -16.75
C THR E 69 46.82 -92.24 -17.03
N ILE E 70 45.95 -91.24 -17.28
CA ILE E 70 44.55 -91.55 -17.60
C ILE E 70 44.48 -92.43 -18.80
N ILE E 71 45.22 -92.10 -19.84
CA ILE E 71 45.23 -92.93 -21.08
C ILE E 71 45.78 -94.37 -20.77
N ASP E 72 46.83 -94.45 -19.95
CA ASP E 72 47.44 -95.72 -19.56
C ASP E 72 46.43 -96.59 -18.81
N ILE E 73 45.64 -95.98 -17.95
CA ILE E 73 44.58 -96.67 -17.27
C ILE E 73 43.56 -97.26 -18.25
N MET E 74 43.16 -96.49 -19.26
CA MET E 74 42.21 -97.02 -20.21
C MET E 74 42.90 -98.09 -21.06
N GLU E 75 44.18 -97.91 -21.38
CA GLU E 75 44.92 -98.92 -22.14
C GLU E 75 45.04 -100.21 -21.30
N MET E 76 45.19 -100.04 -19.99
CA MET E 76 45.23 -101.19 -19.05
C MET E 76 43.92 -101.98 -19.09
N TYR E 77 42.77 -101.28 -19.14
CA TYR E 77 41.46 -101.96 -19.23
C TYR E 77 41.19 -102.59 -20.60
N HIS E 78 41.61 -101.97 -21.67
CA HIS E 78 41.77 -102.67 -22.97
C HIS E 78 42.52 -104.02 -22.82
N ALA E 79 43.76 -103.97 -22.36
CA ALA E 79 44.56 -105.16 -22.11
C ALA E 79 43.82 -106.19 -21.26
N LEU E 80 43.16 -105.73 -20.19
CA LEU E 80 42.47 -106.63 -19.26
C LEU E 80 41.25 -107.29 -19.91
N HIS E 81 40.42 -106.47 -20.54
CA HIS E 81 39.24 -106.95 -21.22
C HIS E 81 39.54 -107.87 -22.42
N VAL E 82 40.55 -107.55 -23.23
CA VAL E 82 40.98 -108.44 -24.30
C VAL E 82 41.48 -109.78 -23.72
N SER E 83 42.36 -109.70 -22.74
CA SER E 83 42.90 -110.88 -22.05
C SER E 83 41.75 -111.73 -21.53
N TRP E 84 40.89 -111.11 -20.73
CA TRP E 84 39.70 -111.76 -20.17
C TRP E 84 38.80 -112.34 -21.24
N SER E 85 38.55 -111.59 -22.32
CA SER E 85 37.62 -112.07 -23.35
C SER E 85 38.19 -113.30 -24.04
N ASN E 86 39.52 -113.43 -24.09
CA ASN E 86 40.17 -114.56 -24.75
C ASN E 86 40.52 -115.72 -23.83
N LEU E 87 40.03 -115.70 -22.59
CA LEU E 87 40.27 -116.78 -21.64
C LEU E 87 39.38 -117.98 -21.95
N GLN E 88 40.02 -119.09 -22.31
CA GLN E 88 39.35 -120.39 -22.50
C GLN E 88 39.16 -121.07 -21.13
N ASP E 89 39.22 -120.28 -20.05
CA ASP E 89 39.64 -120.78 -18.74
C ASP E 89 38.54 -120.91 -17.70
N GLN E 90 38.96 -121.48 -16.56
CA GLN E 90 38.13 -121.59 -15.36
C GLN E 90 37.18 -120.41 -15.23
N GLN E 91 37.72 -119.21 -15.07
CA GLN E 91 36.87 -118.05 -15.22
C GLN E 91 35.80 -117.65 -14.19
N SER E 92 34.55 -117.66 -14.65
CA SER E 92 33.60 -116.61 -14.29
C SER E 92 34.27 -115.52 -13.44
N ILE E 93 35.28 -114.87 -14.05
CA ILE E 93 35.74 -113.56 -13.60
C ILE E 93 34.66 -112.61 -14.08
N ASP E 94 34.10 -111.85 -13.17
CA ASP E 94 33.02 -110.96 -13.51
C ASP E 94 33.54 -109.86 -14.47
N GLU E 95 32.85 -109.70 -15.60
CA GLU E 95 33.19 -108.69 -16.60
C GLU E 95 33.23 -107.26 -16.03
N ARG E 96 32.33 -106.95 -15.10
CA ARG E 96 32.34 -105.65 -14.47
C ARG E 96 33.73 -105.27 -13.90
N ARG E 97 34.49 -106.25 -13.45
CA ARG E 97 35.82 -106.03 -12.87
C ARG E 97 36.96 -105.79 -13.89
N VAL E 98 36.70 -106.04 -15.17
CA VAL E 98 37.64 -105.72 -16.24
C VAL E 98 37.00 -104.68 -17.18
N THR E 99 36.12 -103.85 -16.60
CA THR E 99 35.49 -102.75 -17.30
C THR E 99 35.90 -101.45 -16.62
N PHE E 100 36.44 -100.55 -17.42
CA PHE E 100 36.86 -99.23 -16.96
C PHE E 100 35.57 -98.52 -16.53
N LEU E 101 35.50 -98.12 -15.27
CA LEU E 101 34.32 -97.43 -14.74
C LEU E 101 34.41 -95.90 -14.77
N GLY E 102 35.61 -95.38 -14.92
CA GLY E 102 35.79 -93.96 -15.01
C GLY E 102 36.27 -93.34 -13.73
N PHE E 103 35.80 -92.14 -13.50
CA PHE E 103 36.27 -91.26 -12.45
C PHE E 103 35.08 -90.58 -11.74
N ASP E 104 35.33 -90.06 -10.53
CA ASP E 104 34.30 -89.45 -9.69
C ASP E 104 34.06 -88.04 -10.21
N ALA E 105 32.84 -87.79 -10.66
CA ALA E 105 32.39 -86.43 -10.96
C ALA E 105 32.58 -85.39 -9.83
N ALA E 106 32.33 -85.78 -8.58
CA ALA E 106 32.46 -84.88 -7.42
C ALA E 106 33.90 -84.44 -7.07
N THR E 107 34.84 -85.38 -7.09
CA THR E 107 36.19 -85.07 -6.63
C THR E 107 37.27 -85.31 -7.68
N GLU E 108 36.92 -85.82 -8.85
CA GLU E 108 37.91 -86.09 -9.93
C GLU E 108 37.46 -85.51 -11.27
N ALA E 109 36.74 -84.40 -11.20
CA ALA E 109 36.16 -83.86 -12.40
C ALA E 109 37.17 -83.59 -13.51
N ARG E 110 38.41 -83.22 -13.20
CA ARG E 110 39.35 -82.97 -14.29
C ARG E 110 39.67 -84.28 -15.04
N TYR E 111 39.71 -85.40 -14.29
CA TYR E 111 40.03 -86.75 -14.85
C TYR E 111 38.88 -87.28 -15.72
N LEU E 112 37.67 -87.13 -15.23
CA LEU E 112 36.49 -87.49 -15.97
C LEU E 112 36.34 -86.68 -17.23
N GLY E 113 36.61 -85.38 -17.16
CA GLY E 113 36.55 -84.52 -18.35
C GLY E 113 37.54 -84.97 -19.42
N TYR E 114 38.75 -85.37 -19.01
CA TYR E 114 39.74 -85.83 -19.94
C TYR E 114 39.34 -87.15 -20.64
N VAL E 115 38.82 -88.09 -19.88
CA VAL E 115 38.26 -89.33 -20.41
C VAL E 115 37.27 -89.01 -21.52
N ARG E 116 36.28 -88.20 -21.17
CA ARG E 116 35.27 -87.78 -22.11
C ARG E 116 35.87 -87.09 -23.35
N PHE E 117 36.87 -86.23 -23.17
CA PHE E 117 37.56 -85.61 -24.26
C PHE E 117 38.20 -86.68 -25.18
N MET E 118 38.86 -87.65 -24.55
CA MET E 118 39.63 -88.61 -25.33
C MET E 118 38.69 -89.48 -26.18
N VAL E 119 37.55 -89.84 -25.63
CA VAL E 119 36.58 -90.68 -26.30
C VAL E 119 35.72 -89.85 -27.21
N ASN E 120 35.13 -88.77 -26.72
CA ASN E 120 34.17 -88.01 -27.57
C ASN E 120 34.79 -87.12 -28.59
N VAL E 121 35.96 -86.60 -28.30
CA VAL E 121 36.62 -85.69 -29.20
C VAL E 121 37.72 -86.41 -29.97
N GLU E 122 38.68 -87.08 -29.33
CA GLU E 122 39.80 -87.64 -30.08
C GLU E 122 39.45 -88.95 -30.78
N GLY E 123 38.39 -89.56 -30.31
CA GLY E 123 37.80 -90.76 -30.90
C GLY E 123 38.46 -92.04 -30.46
N ARG E 124 39.09 -92.01 -29.28
CA ARG E 124 39.84 -93.14 -28.79
C ARG E 124 38.97 -93.96 -27.84
N TYR E 125 39.18 -95.27 -27.85
CA TYR E 125 38.49 -96.21 -26.96
C TYR E 125 36.97 -96.12 -27.08
N THR E 126 36.46 -95.93 -28.30
CA THR E 126 35.04 -95.73 -28.54
C THR E 126 34.20 -97.00 -28.39
N HIS E 127 34.84 -98.16 -28.28
CA HIS E 127 34.12 -99.38 -27.94
C HIS E 127 34.05 -99.66 -26.42
N PHE E 128 34.55 -98.75 -25.57
CA PHE E 128 34.40 -98.91 -24.12
C PHE E 128 32.95 -98.61 -23.76
N ASP E 129 32.37 -99.36 -22.82
CA ASP E 129 31.05 -99.03 -22.27
C ASP E 129 31.15 -97.91 -21.24
N ALA E 130 30.43 -96.81 -21.51
CA ALA E 130 30.44 -95.57 -20.72
C ALA E 130 29.60 -95.59 -19.43
N GLY E 131 29.08 -96.76 -19.09
CA GLY E 131 28.03 -96.85 -18.07
C GLY E 131 26.83 -96.15 -18.65
N THR E 132 26.19 -95.32 -17.84
CA THR E 132 25.37 -94.23 -18.37
C THR E 132 25.28 -93.05 -17.40
N HIS E 133 26.37 -92.79 -16.70
CA HIS E 133 26.68 -91.40 -16.38
C HIS E 133 27.97 -91.01 -17.13
N GLY E 134 28.19 -91.63 -18.28
CA GLY E 134 29.30 -91.25 -19.17
C GLY E 134 30.65 -91.25 -18.50
N PHE E 135 31.00 -92.43 -17.96
CA PHE E 135 32.26 -92.71 -17.27
C PHE E 135 32.35 -92.01 -15.92
N ASN E 136 31.23 -91.49 -15.40
CA ASN E 136 31.21 -90.96 -14.04
C ASN E 136 31.00 -92.10 -13.07
N ALA E 137 32.07 -92.56 -12.43
CA ALA E 137 32.01 -93.68 -11.48
C ALA E 137 31.31 -93.38 -10.16
N GLN E 138 31.10 -92.10 -9.84
CA GLN E 138 30.45 -91.68 -8.58
C GLN E 138 31.18 -92.09 -7.27
N THR E 139 32.42 -92.58 -7.38
CA THR E 139 33.28 -92.83 -6.22
C THR E 139 34.74 -92.69 -6.69
N PRO E 140 35.63 -92.20 -5.82
CA PRO E 140 36.99 -91.91 -6.27
C PRO E 140 37.79 -93.14 -6.74
N MET E 141 38.44 -93.04 -7.93
CA MET E 141 39.20 -94.20 -8.49
C MET E 141 40.70 -93.99 -8.70
N TRP E 142 41.14 -92.75 -8.66
CA TRP E 142 42.56 -92.50 -8.91
C TRP E 142 43.54 -93.40 -8.13
N GLU E 143 43.53 -93.40 -6.79
CA GLU E 143 44.54 -94.17 -6.07
C GLU E 143 44.45 -95.68 -6.36
N LYS E 144 43.23 -96.14 -6.54
CA LYS E 144 42.98 -97.52 -6.97
C LYS E 144 43.58 -97.92 -8.31
N TYR E 145 43.39 -97.06 -9.29
CA TYR E 145 43.94 -97.31 -10.60
C TYR E 145 45.43 -97.31 -10.49
N GLN E 146 45.95 -96.53 -9.55
CA GLN E 146 47.38 -96.47 -9.38
C GLN E 146 47.93 -97.81 -8.91
N ARG E 147 47.19 -98.46 -8.00
CA ARG E 147 47.51 -99.78 -7.49
C ARG E 147 47.49 -100.80 -8.61
N MET E 148 46.44 -100.73 -9.43
CA MET E 148 46.27 -101.66 -10.53
C MET E 148 47.40 -101.52 -11.56
N LEU E 149 47.68 -100.27 -11.95
CA LEU E 149 48.81 -99.98 -12.88
C LEU E 149 50.14 -100.57 -12.35
N ASN E 150 50.41 -100.45 -11.05
CA ASN E 150 51.65 -100.97 -10.50
C ASN E 150 51.85 -102.48 -10.74
N VAL E 151 50.77 -103.23 -10.60
CA VAL E 151 50.78 -104.68 -10.78
C VAL E 151 50.90 -104.98 -12.26
N TRP E 152 50.11 -104.30 -13.10
CA TRP E 152 50.10 -104.55 -14.55
C TRP E 152 51.47 -104.34 -15.16
N HIS E 153 52.12 -103.23 -14.83
CA HIS E 153 53.41 -102.95 -15.45
C HIS E 153 54.55 -103.86 -14.90
N ALA E 154 54.27 -104.54 -13.78
CA ALA E 154 55.20 -105.54 -13.21
C ALA E 154 55.03 -106.94 -13.79
N CYS E 155 53.93 -107.17 -14.52
CA CYS E 155 53.83 -108.38 -15.35
C CYS E 155 54.88 -108.32 -16.46
N PRO E 156 55.76 -109.34 -16.53
CA PRO E 156 56.73 -109.45 -17.65
C PRO E 156 56.14 -109.46 -19.06
N ARG E 157 54.84 -109.67 -19.21
CA ARG E 157 54.20 -109.29 -20.44
C ARG E 157 52.85 -108.61 -20.11
N GLN E 158 52.53 -107.50 -20.81
CA GLN E 158 51.34 -106.70 -20.44
C GLN E 158 50.01 -107.04 -21.14
N TYR E 159 50.08 -107.80 -22.22
CA TYR E 159 48.91 -108.09 -23.04
C TYR E 159 48.80 -109.62 -23.09
N HIS E 160 47.61 -110.13 -23.43
CA HIS E 160 47.38 -111.58 -23.48
C HIS E 160 47.77 -112.17 -22.14
N LEU E 161 47.17 -111.61 -21.11
CA LEU E 161 47.46 -111.94 -19.72
C LEU E 161 46.79 -113.25 -19.31
N SER E 162 47.41 -113.94 -18.35
CA SER E 162 46.85 -115.14 -17.75
C SER E 162 45.68 -114.75 -16.88
N ALA E 163 44.92 -115.75 -16.43
CA ALA E 163 43.80 -115.51 -15.53
C ALA E 163 44.33 -115.02 -14.19
N ASN E 164 45.48 -115.55 -13.80
CA ASN E 164 46.10 -115.19 -12.52
C ASN E 164 46.58 -113.74 -12.52
N GLU E 165 47.23 -113.36 -13.61
CA GLU E 165 47.65 -111.97 -13.80
C GLU E 165 46.47 -111.01 -13.74
N ILE E 166 45.43 -111.32 -14.51
CA ILE E 166 44.19 -110.56 -14.49
C ILE E 166 43.73 -110.40 -13.06
N ASN E 167 43.80 -111.47 -12.29
CA ASN E 167 43.26 -111.46 -10.93
C ASN E 167 44.12 -110.64 -9.98
N GLN E 168 45.44 -110.75 -10.11
CA GLN E 168 46.36 -109.94 -9.29
C GLN E 168 46.11 -108.44 -9.54
N ILE E 169 45.91 -108.08 -10.80
CA ILE E 169 45.76 -106.66 -11.18
C ILE E 169 44.45 -106.07 -10.64
N ILE E 170 43.31 -106.60 -11.06
CA ILE E 170 42.01 -106.12 -10.52
C ILE E 170 41.92 -106.20 -9.00
N ASN E 171 42.63 -107.17 -8.41
CA ASN E 171 42.60 -107.29 -6.97
C ASN E 171 43.44 -106.28 -6.21
N ALA E 172 44.20 -105.45 -6.93
CA ALA E 172 45.23 -104.65 -6.30
C ALA E 172 44.64 -103.57 -5.40
N GLN F 5 101.79 -57.35 -17.24
CA GLN F 5 100.94 -58.27 -18.06
C GLN F 5 101.51 -59.67 -18.09
N GLU F 6 100.68 -60.60 -18.52
CA GLU F 6 100.93 -61.97 -18.31
C GLU F 6 102.43 -62.27 -18.62
N SER F 7 103.12 -62.73 -17.58
CA SER F 7 104.46 -63.26 -17.73
C SER F 7 104.50 -64.38 -18.76
N THR F 8 105.68 -64.57 -19.35
CA THR F 8 105.87 -65.68 -20.27
C THR F 8 105.55 -67.06 -19.63
N MET F 9 105.77 -67.19 -18.32
CA MET F 9 105.52 -68.48 -17.58
C MET F 9 104.02 -68.93 -17.63
N GLU F 10 103.15 -67.95 -17.86
CA GLU F 10 101.71 -68.17 -17.97
C GLU F 10 101.23 -68.53 -19.40
N MET F 11 102.13 -68.53 -20.38
CA MET F 11 101.71 -68.72 -21.76
C MET F 11 101.12 -70.11 -21.95
N THR F 12 100.18 -70.23 -22.88
CA THR F 12 99.52 -71.47 -23.13
C THR F 12 100.44 -72.39 -23.96
N ASN F 13 100.11 -73.67 -24.01
CA ASN F 13 100.87 -74.60 -24.83
C ASN F 13 100.83 -74.22 -26.31
N ALA F 14 99.72 -73.68 -26.79
CA ALA F 14 99.63 -73.17 -28.15
C ALA F 14 100.69 -72.09 -28.39
N GLN F 15 100.85 -71.18 -27.44
CA GLN F 15 101.86 -70.09 -27.52
C GLN F 15 103.28 -70.61 -27.43
N ARG F 16 103.50 -71.61 -26.61
CA ARG F 16 104.80 -72.27 -26.60
C ARG F 16 105.15 -72.90 -27.95
N LEU F 17 104.19 -73.57 -28.54
CA LEU F 17 104.42 -74.24 -29.84
C LEU F 17 104.68 -73.17 -30.91
N ILE F 18 103.90 -72.10 -30.91
CA ILE F 18 104.13 -71.00 -31.83
C ILE F 18 105.55 -70.45 -31.71
N LEU F 19 106.00 -70.22 -30.47
CA LEU F 19 107.36 -69.72 -30.21
C LEU F 19 108.45 -70.72 -30.63
N SER F 20 108.21 -71.99 -30.34
CA SER F 20 109.14 -73.04 -30.77
C SER F 20 109.29 -73.10 -32.29
N ASN F 21 108.19 -73.02 -33.03
CA ASN F 21 108.21 -72.97 -34.47
C ASN F 21 108.97 -71.74 -34.98
N GLN F 22 108.80 -70.59 -34.33
CA GLN F 22 109.55 -69.41 -34.77
C GLN F 22 111.05 -69.60 -34.63
N TYR F 23 111.48 -70.20 -33.53
CA TYR F 23 112.93 -70.47 -33.36
C TYR F 23 113.52 -71.41 -34.40
N LYS F 24 112.72 -72.42 -34.79
CA LYS F 24 113.03 -73.36 -35.87
C LYS F 24 113.12 -72.60 -37.17
N MET F 25 112.14 -71.76 -37.44
CA MET F 25 112.22 -70.92 -38.66
C MET F 25 113.37 -69.93 -38.72
N MET F 26 113.65 -69.26 -37.62
CA MET F 26 114.74 -68.32 -37.51
C MET F 26 116.09 -69.01 -37.72
N THR F 27 116.18 -70.26 -37.26
CA THR F 27 117.37 -71.06 -37.54
C THR F 27 117.50 -71.41 -39.04
N MET F 28 116.38 -71.71 -39.70
CA MET F 28 116.44 -71.92 -41.13
C MET F 28 116.90 -70.65 -41.84
N LEU F 29 116.42 -69.50 -41.41
CA LEU F 29 116.72 -68.24 -42.06
C LEU F 29 118.08 -67.62 -41.69
N ASP F 30 118.54 -67.87 -40.48
CA ASP F 30 119.72 -67.24 -39.92
C ASP F 30 120.58 -68.29 -39.16
N PRO F 31 121.17 -69.25 -39.89
CA PRO F 31 121.92 -70.34 -39.27
C PRO F 31 123.13 -69.87 -38.50
N ALA F 32 123.65 -68.68 -38.79
CA ALA F 32 124.79 -68.15 -38.00
C ALA F 32 124.45 -68.02 -36.52
N ASN F 33 123.17 -67.81 -36.21
CA ASN F 33 122.75 -67.65 -34.80
C ASN F 33 121.98 -68.86 -34.25
N ALA F 34 122.16 -70.01 -34.87
CA ALA F 34 121.43 -71.21 -34.47
C ALA F 34 121.53 -71.52 -32.95
N GLU F 35 122.70 -71.22 -32.38
CA GLU F 35 122.95 -71.43 -30.96
C GLU F 35 121.97 -70.65 -30.09
N ARG F 36 121.83 -69.36 -30.36
CA ARG F 36 120.87 -68.49 -29.68
C ARG F 36 119.43 -69.00 -29.77
N TYR F 37 119.03 -69.41 -30.98
CA TYR F 37 117.69 -69.83 -31.25
C TYR F 37 117.40 -71.17 -30.60
N ARG F 38 118.35 -72.09 -30.67
CA ARG F 38 118.16 -73.40 -30.09
C ARG F 38 118.09 -73.31 -28.58
N ARG F 39 118.91 -72.46 -27.97
CA ARG F 39 118.82 -72.19 -26.55
C ARG F 39 117.45 -71.71 -26.13
N LEU F 40 116.91 -70.74 -26.84
CA LEU F 40 115.57 -70.26 -26.54
C LEU F 40 114.52 -71.33 -26.75
N GLN F 41 114.66 -72.12 -27.81
CA GLN F 41 113.73 -73.20 -28.09
C GLN F 41 113.70 -74.15 -26.91
N THR F 42 114.87 -74.51 -26.39
CA THR F 42 114.96 -75.37 -25.17
C THR F 42 114.24 -74.79 -23.94
N ILE F 43 114.50 -73.51 -23.65
CA ILE F 43 113.86 -72.83 -22.54
C ILE F 43 112.31 -72.90 -22.64
N ILE F 44 111.82 -72.63 -23.83
CA ILE F 44 110.39 -72.59 -24.08
C ILE F 44 109.84 -74.01 -24.04
N GLU F 45 110.52 -74.97 -24.69
CA GLU F 45 110.03 -76.35 -24.70
C GLU F 45 110.02 -76.98 -23.34
N ARG F 46 111.10 -76.81 -22.60
CA ARG F 46 111.17 -77.38 -21.25
C ARG F 46 110.52 -76.59 -20.16
N GLY F 47 110.12 -75.37 -20.44
CA GLY F 47 109.43 -74.54 -19.48
C GLY F 47 110.37 -74.16 -18.33
N TYR F 48 111.59 -73.75 -18.66
CA TYR F 48 112.57 -73.42 -17.61
C TYR F 48 112.18 -72.07 -17.02
N GLY F 49 111.53 -72.11 -15.85
CA GLY F 49 110.91 -70.95 -15.25
C GLY F 49 111.85 -69.77 -15.06
N LEU F 50 113.07 -70.05 -14.63
CA LEU F 50 114.00 -68.93 -14.32
C LEU F 50 114.36 -68.19 -15.61
N GLN F 51 114.72 -68.93 -16.66
CA GLN F 51 115.00 -68.31 -17.96
C GLN F 51 113.77 -67.65 -18.57
N MET F 52 112.59 -68.21 -18.33
CA MET F 52 111.36 -67.53 -18.81
C MET F 52 111.11 -66.18 -18.11
N ARG F 53 111.33 -66.13 -16.81
CA ARG F 53 111.35 -64.85 -16.11
C ARG F 53 112.33 -63.88 -16.73
N GLU F 54 113.55 -64.34 -17.00
CA GLU F 54 114.52 -63.45 -17.62
C GLU F 54 113.99 -62.90 -18.96
N LEU F 55 113.24 -63.71 -19.72
CA LEU F 55 112.61 -63.21 -20.96
C LEU F 55 111.68 -62.06 -20.65
N ASP F 56 110.94 -62.15 -19.54
CA ASP F 56 109.97 -61.13 -19.13
C ASP F 56 110.66 -59.78 -19.04
N ARG F 57 111.88 -59.77 -18.54
CA ARG F 57 112.57 -58.52 -18.26
C ARG F 57 113.02 -57.82 -19.53
N GLU F 58 113.00 -58.52 -20.66
CA GLU F 58 113.24 -57.88 -21.97
C GLU F 58 112.10 -56.96 -22.41
N PHE F 59 110.93 -57.05 -21.80
CA PHE F 59 109.74 -56.28 -22.24
C PHE F 59 109.40 -55.20 -21.24
N GLY F 60 109.27 -53.97 -21.70
CA GLY F 60 108.96 -52.84 -20.85
C GLY F 60 107.58 -52.30 -21.10
N GLU F 61 107.28 -51.21 -20.42
CA GLU F 61 106.02 -50.52 -20.65
C GLU F 61 106.27 -49.05 -20.42
N LEU F 62 105.67 -48.24 -21.28
CA LEU F 62 105.59 -46.79 -21.07
C LEU F 62 104.19 -46.40 -21.46
N LYS F 63 103.34 -46.15 -20.46
CA LYS F 63 101.90 -45.92 -20.61
C LYS F 63 101.64 -44.84 -21.63
N GLU F 64 100.56 -44.97 -22.38
CA GLU F 64 100.19 -43.99 -23.33
C GLU F 64 100.24 -42.57 -22.73
N GLU F 65 99.68 -42.36 -21.53
CA GLU F 65 99.68 -40.99 -20.94
C GLU F 65 101.04 -40.44 -20.67
N THR F 66 101.95 -41.29 -20.24
CA THR F 66 103.33 -40.89 -20.01
C THR F 66 104.02 -40.52 -21.33
N CYS F 67 103.84 -41.31 -22.40
CA CYS F 67 104.29 -40.89 -23.75
C CYS F 67 103.81 -39.45 -24.13
N ARG F 68 102.51 -39.24 -23.95
CA ARG F 68 101.90 -37.97 -24.33
C ARG F 68 102.44 -36.83 -23.51
N THR F 69 102.63 -37.07 -22.21
CA THR F 69 103.21 -36.10 -21.33
C THR F 69 104.62 -35.70 -21.78
N ILE F 70 105.47 -36.67 -22.15
CA ILE F 70 106.82 -36.36 -22.65
C ILE F 70 106.73 -35.49 -23.88
N ILE F 71 105.84 -35.84 -24.80
CA ILE F 71 105.71 -35.06 -26.01
C ILE F 71 105.23 -33.61 -25.67
N ASP F 72 104.29 -33.51 -24.73
CA ASP F 72 103.71 -32.22 -24.28
C ASP F 72 104.74 -31.30 -23.70
N ILE F 73 105.70 -31.87 -22.98
CA ILE F 73 106.79 -31.13 -22.40
C ILE F 73 107.66 -30.56 -23.51
N MET F 74 107.95 -31.37 -24.50
CA MET F 74 108.67 -30.86 -25.65
C MET F 74 107.92 -29.75 -26.38
N GLU F 75 106.61 -29.92 -26.55
CA GLU F 75 105.76 -28.92 -27.22
C GLU F 75 105.74 -27.60 -26.41
N MET F 76 105.67 -27.73 -25.08
CA MET F 76 105.75 -26.60 -24.16
C MET F 76 107.02 -25.82 -24.38
N TYR F 77 108.14 -26.52 -24.49
CA TYR F 77 109.42 -25.84 -24.77
C TYR F 77 109.43 -25.19 -26.15
N HIS F 78 108.76 -25.81 -27.10
CA HIS F 78 108.59 -25.21 -28.40
C HIS F 78 107.81 -23.91 -28.28
N ALA F 79 106.71 -23.94 -27.54
CA ALA F 79 105.89 -22.76 -27.31
C ALA F 79 106.71 -21.66 -26.62
N LEU F 80 107.44 -22.04 -25.58
CA LEU F 80 108.28 -21.12 -24.81
C LEU F 80 109.36 -20.47 -25.63
N HIS F 81 110.04 -21.28 -26.44
CA HIS F 81 111.19 -20.81 -27.14
C HIS F 81 110.77 -19.91 -28.31
N VAL F 82 109.79 -20.33 -29.10
CA VAL F 82 109.17 -19.45 -30.12
C VAL F 82 108.71 -18.13 -29.48
N SER F 83 107.99 -18.22 -28.36
CA SER F 83 107.51 -17.03 -27.65
C SER F 83 108.67 -16.10 -27.27
N TRP F 84 109.71 -16.67 -26.68
CA TRP F 84 110.94 -15.95 -26.31
C TRP F 84 111.63 -15.21 -27.49
N SER F 85 111.57 -15.83 -28.67
CA SER F 85 112.23 -15.34 -29.86
C SER F 85 111.44 -14.26 -30.60
N ASN F 86 110.32 -13.83 -30.04
CA ASN F 86 109.58 -12.69 -30.56
C ASN F 86 109.44 -11.62 -29.49
N LEU F 87 110.15 -11.78 -28.37
CA LEU F 87 110.16 -10.78 -27.31
C LEU F 87 111.10 -9.68 -27.72
N GLN F 88 110.77 -8.45 -27.37
CA GLN F 88 111.62 -7.31 -27.74
C GLN F 88 112.67 -7.15 -26.64
N ASP F 89 112.23 -6.81 -25.44
CA ASP F 89 113.06 -7.00 -24.26
C ASP F 89 112.86 -8.46 -23.91
N GLN F 90 113.86 -9.29 -24.22
CA GLN F 90 113.85 -10.69 -23.82
C GLN F 90 114.13 -10.75 -22.32
N GLN F 91 113.90 -9.63 -21.63
CA GLN F 91 114.36 -9.44 -20.28
C GLN F 91 115.78 -9.97 -20.23
N SER F 92 116.22 -10.34 -19.04
CA SER F 92 117.47 -11.06 -18.92
C SER F 92 117.16 -12.56 -18.85
N ILE F 93 116.02 -12.94 -19.45
CA ILE F 93 115.64 -14.35 -19.63
C ILE F 93 116.67 -15.02 -20.55
N ASP F 94 117.49 -15.86 -19.93
CA ASP F 94 118.46 -16.67 -20.62
C ASP F 94 117.76 -17.73 -21.52
N GLU F 95 118.30 -17.95 -22.73
CA GLU F 95 117.73 -18.91 -23.69
C GLU F 95 117.79 -20.35 -23.18
N ARG F 96 118.81 -20.65 -22.38
CA ARG F 96 118.95 -21.97 -21.82
C ARG F 96 117.72 -22.37 -20.98
N ARG F 97 117.07 -21.37 -20.38
CA ARG F 97 115.91 -21.62 -19.52
C ARG F 97 114.63 -21.85 -20.31
N VAL F 98 114.62 -21.49 -21.59
CA VAL F 98 113.56 -21.91 -22.53
C VAL F 98 114.10 -22.94 -23.56
N THR F 99 115.07 -23.75 -23.12
CA THR F 99 115.61 -24.85 -23.89
C THR F 99 115.30 -26.17 -23.20
N PHE F 100 114.64 -27.08 -23.92
CA PHE F 100 114.38 -28.42 -23.41
C PHE F 100 115.73 -29.14 -23.17
N LEU F 101 115.92 -29.57 -21.92
CA LEU F 101 117.17 -30.18 -21.49
C LEU F 101 117.11 -31.71 -21.42
N GLY F 102 115.91 -32.29 -21.47
CA GLY F 102 115.77 -33.72 -21.40
C GLY F 102 115.52 -34.29 -20.02
N PHE F 103 116.03 -35.51 -19.84
CA PHE F 103 115.74 -36.35 -18.70
C PHE F 103 117.00 -37.03 -18.20
N ASP F 104 116.93 -37.53 -16.94
CA ASP F 104 118.04 -38.16 -16.25
C ASP F 104 118.24 -39.58 -16.75
N ALA F 105 119.40 -39.82 -17.35
CA ALA F 105 119.80 -41.17 -17.79
C ALA F 105 119.76 -42.25 -16.71
N ALA F 106 120.17 -41.88 -15.49
CA ALA F 106 120.23 -42.81 -14.36
C ALA F 106 118.87 -43.15 -13.73
N THR F 107 117.99 -42.17 -13.56
CA THR F 107 116.72 -42.39 -12.87
C THR F 107 115.49 -42.24 -13.72
N GLU F 108 115.64 -41.76 -14.97
CA GLU F 108 114.51 -41.47 -15.87
C GLU F 108 114.78 -42.02 -17.28
N ALA F 109 115.37 -43.21 -17.29
CA ALA F 109 115.87 -43.85 -18.49
C ALA F 109 114.78 -44.12 -19.49
N ARG F 110 113.63 -44.60 -19.03
CA ARG F 110 112.55 -44.86 -19.95
C ARG F 110 112.12 -43.54 -20.65
N TYR F 111 112.12 -42.42 -19.91
CA TYR F 111 111.71 -41.08 -20.42
C TYR F 111 112.73 -40.54 -21.39
N LEU F 112 113.99 -40.69 -21.05
CA LEU F 112 115.05 -40.29 -21.96
C LEU F 112 115.07 -41.14 -23.26
N GLY F 113 114.81 -42.44 -23.10
CA GLY F 113 114.68 -43.32 -24.24
C GLY F 113 113.59 -42.90 -25.20
N TYR F 114 112.51 -42.38 -24.67
CA TYR F 114 111.37 -42.04 -25.52
C TYR F 114 111.61 -40.73 -26.30
N VAL F 115 112.28 -39.76 -25.65
CA VAL F 115 112.66 -38.50 -26.30
C VAL F 115 113.54 -38.82 -27.53
N ARG F 116 114.55 -39.63 -27.27
CA ARG F 116 115.44 -40.08 -28.31
C ARG F 116 114.71 -40.80 -29.43
N PHE F 117 113.76 -41.65 -29.08
CA PHE F 117 112.93 -42.29 -30.08
C PHE F 117 112.14 -41.29 -30.92
N MET F 118 111.49 -40.35 -30.25
CA MET F 118 110.67 -39.37 -30.91
C MET F 118 111.47 -38.49 -31.86
N VAL F 119 112.67 -38.12 -31.44
CA VAL F 119 113.50 -37.24 -32.27
C VAL F 119 114.19 -38.03 -33.40
N ASN F 120 114.86 -39.12 -33.00
CA ASN F 120 115.72 -39.88 -33.92
C ASN F 120 115.02 -40.86 -34.82
N VAL F 121 113.94 -41.47 -34.34
CA VAL F 121 113.20 -42.42 -35.13
C VAL F 121 111.99 -41.71 -35.76
N GLU F 122 111.13 -41.08 -34.98
CA GLU F 122 109.95 -40.44 -35.60
C GLU F 122 110.24 -39.11 -36.33
N GLY F 123 111.38 -38.51 -36.07
CA GLY F 123 111.76 -37.22 -36.68
C GLY F 123 111.04 -35.97 -36.21
N ARG F 124 110.50 -36.01 -35.00
CA ARG F 124 109.87 -34.84 -34.41
C ARG F 124 110.86 -33.96 -33.61
N TYR F 125 110.61 -32.67 -33.56
CA TYR F 125 111.48 -31.74 -32.83
C TYR F 125 112.99 -31.88 -33.17
N THR F 126 113.29 -32.18 -34.44
CA THR F 126 114.68 -32.30 -34.87
C THR F 126 115.47 -31.00 -34.75
N HIS F 127 114.79 -29.87 -34.74
CA HIS F 127 115.47 -28.57 -34.57
C HIS F 127 115.76 -28.22 -33.10
N PHE F 128 115.27 -29.02 -32.17
CA PHE F 128 115.68 -28.87 -30.78
C PHE F 128 117.18 -29.06 -30.59
N ASP F 129 117.76 -28.21 -29.75
CA ASP F 129 119.16 -28.36 -29.31
C ASP F 129 119.30 -29.50 -28.29
N ALA F 130 119.99 -30.57 -28.68
CA ALA F 130 120.14 -31.75 -27.82
C ALA F 130 121.23 -31.62 -26.77
N GLY F 131 121.97 -30.52 -26.79
CA GLY F 131 123.13 -30.34 -25.92
C GLY F 131 124.26 -31.32 -26.19
N THR F 132 125.01 -31.65 -25.14
CA THR F 132 126.27 -32.40 -25.28
C THR F 132 126.12 -33.86 -24.86
N HIS F 133 124.91 -34.24 -24.44
CA HIS F 133 124.66 -35.64 -24.08
C HIS F 133 123.33 -36.18 -24.64
N GLY F 134 122.88 -35.66 -25.78
CA GLY F 134 121.69 -36.22 -26.47
C GLY F 134 120.44 -36.25 -25.57
N PHE F 135 120.19 -35.12 -24.91
CA PHE F 135 119.02 -34.92 -24.05
C PHE F 135 119.14 -35.63 -22.71
N ASN F 136 120.31 -36.16 -22.34
CA ASN F 136 120.50 -36.63 -20.95
C ASN F 136 120.78 -35.43 -20.07
N ALA F 137 119.79 -35.02 -19.27
CA ALA F 137 119.91 -33.83 -18.40
C ALA F 137 120.79 -34.07 -17.17
N GLN F 138 121.03 -35.35 -16.86
CA GLN F 138 121.90 -35.76 -15.73
C GLN F 138 121.34 -35.37 -14.34
N THR F 139 120.07 -34.96 -14.30
CA THR F 139 119.38 -34.71 -13.06
C THR F 139 117.88 -34.92 -13.28
N PRO F 140 117.16 -35.43 -12.26
CA PRO F 140 115.76 -35.75 -12.48
C PRO F 140 114.94 -34.52 -12.87
N MET F 141 114.19 -34.60 -13.99
CA MET F 141 113.37 -33.47 -14.44
C MET F 141 111.85 -33.67 -14.41
N TRP F 142 111.39 -34.90 -14.27
CA TRP F 142 109.99 -35.16 -14.38
C TRP F 142 109.12 -34.27 -13.49
N GLU F 143 109.43 -34.19 -12.20
CA GLU F 143 108.60 -33.39 -11.28
C GLU F 143 108.58 -31.92 -11.68
N LYS F 144 109.76 -31.37 -12.01
CA LYS F 144 109.85 -29.98 -12.48
C LYS F 144 108.97 -29.73 -13.70
N TYR F 145 109.14 -30.58 -14.71
CA TYR F 145 108.34 -30.38 -15.91
C TYR F 145 106.88 -30.42 -15.59
N GLN F 146 106.46 -31.22 -14.60
CA GLN F 146 105.05 -31.27 -14.25
C GLN F 146 104.54 -29.92 -13.73
N ARG F 147 105.37 -29.26 -12.92
CA ARG F 147 105.04 -27.94 -12.38
C ARG F 147 104.94 -26.90 -13.49
N MET F 148 105.85 -26.97 -14.45
CA MET F 148 105.85 -26.08 -15.60
C MET F 148 104.61 -26.25 -16.45
N LEU F 149 104.27 -27.51 -16.76
CA LEU F 149 103.09 -27.86 -17.54
C LEU F 149 101.84 -27.29 -16.87
N ASN F 150 101.74 -27.41 -15.55
CA ASN F 150 100.63 -26.86 -14.80
C ASN F 150 100.42 -25.36 -15.02
N VAL F 151 101.51 -24.61 -15.03
CA VAL F 151 101.40 -23.17 -15.28
C VAL F 151 101.09 -22.86 -16.75
N TRP F 152 101.73 -23.59 -17.64
CA TRP F 152 101.58 -23.36 -19.07
C TRP F 152 100.14 -23.59 -19.54
N HIS F 153 99.58 -24.69 -19.11
CA HIS F 153 98.21 -25.01 -19.50
C HIS F 153 97.18 -24.10 -18.79
N ALA F 154 97.60 -23.40 -17.73
CA ALA F 154 96.73 -22.40 -17.03
C ALA F 154 96.77 -21.07 -17.71
N CYS F 155 97.71 -20.88 -18.64
CA CYS F 155 97.65 -19.69 -19.52
C CYS F 155 96.45 -19.80 -20.48
N PRO F 156 95.58 -18.74 -20.53
CA PRO F 156 94.43 -18.72 -21.44
C PRO F 156 94.82 -18.88 -22.93
N ARG F 157 96.02 -18.46 -23.26
CA ARG F 157 96.59 -18.76 -24.56
C ARG F 157 97.94 -19.43 -24.25
N GLN F 158 98.26 -20.51 -24.96
CA GLN F 158 99.53 -21.22 -24.68
C GLN F 158 100.69 -20.88 -25.61
N TYR F 159 100.42 -20.15 -26.68
CA TYR F 159 101.44 -19.74 -27.64
C TYR F 159 101.47 -18.19 -27.75
N HIS F 160 102.61 -17.66 -28.17
CA HIS F 160 102.80 -16.21 -28.25
C HIS F 160 102.60 -15.69 -26.83
N LEU F 161 103.39 -16.27 -25.94
CA LEU F 161 103.34 -15.98 -24.51
C LEU F 161 104.04 -14.68 -24.22
N SER F 162 103.55 -13.96 -23.20
CA SER F 162 104.22 -12.76 -22.68
C SER F 162 105.45 -13.16 -21.88
N ALA F 163 106.35 -12.19 -21.65
CA ALA F 163 107.53 -12.44 -20.84
C ALA F 163 107.12 -12.79 -19.43
N ASN F 164 106.01 -12.21 -18.97
CA ASN F 164 105.54 -12.50 -17.61
C ASN F 164 105.13 -13.98 -17.57
N GLU F 165 104.39 -14.39 -18.59
CA GLU F 165 103.91 -15.79 -18.71
C GLU F 165 105.09 -16.77 -18.79
N ILE F 166 106.05 -16.47 -19.64
CA ILE F 166 107.29 -17.24 -19.71
C ILE F 166 107.95 -17.43 -18.35
N ASN F 167 108.21 -16.35 -17.63
CA ASN F 167 108.89 -16.44 -16.32
C ASN F 167 108.10 -17.20 -15.30
N GLN F 168 106.79 -16.99 -15.32
CA GLN F 168 105.89 -17.79 -14.48
C GLN F 168 106.09 -19.28 -14.77
N ILE F 169 106.23 -19.64 -16.04
CA ILE F 169 106.30 -21.08 -16.42
C ILE F 169 107.63 -21.66 -15.97
N ILE F 170 108.73 -21.10 -16.48
CA ILE F 170 110.08 -21.55 -16.16
C ILE F 170 110.43 -21.49 -14.65
N ASN F 171 109.83 -20.57 -13.92
CA ASN F 171 110.07 -20.54 -12.50
C ASN F 171 109.24 -21.55 -11.70
N ALA F 172 108.19 -22.08 -12.32
CA ALA F 172 107.40 -23.13 -11.69
C ALA F 172 108.34 -24.23 -11.14
N GLN G 5 101.34 -74.68 5.45
CA GLN G 5 102.03 -73.83 6.48
C GLN G 5 102.18 -72.39 5.93
N GLU G 6 101.86 -71.39 6.73
CA GLU G 6 102.02 -70.01 6.26
C GLU G 6 103.51 -69.65 6.35
N SER G 7 103.99 -68.98 5.30
CA SER G 7 105.36 -68.57 5.18
C SER G 7 105.76 -67.47 6.18
N THR G 8 107.00 -67.52 6.64
CA THR G 8 107.55 -66.47 7.46
C THR G 8 107.40 -65.09 6.78
N MET G 9 107.35 -65.04 5.45
CA MET G 9 107.25 -63.76 4.73
C MET G 9 105.89 -63.08 4.99
N GLU G 10 104.88 -63.89 5.26
CA GLU G 10 103.56 -63.38 5.59
C GLU G 10 103.37 -63.00 7.07
N MET G 11 104.40 -63.13 7.91
CA MET G 11 104.20 -62.89 9.31
C MET G 11 103.80 -61.46 9.60
N THR G 12 103.05 -61.26 10.66
CA THR G 12 102.64 -59.92 11.00
C THR G 12 103.77 -59.16 11.70
N ASN G 13 103.63 -57.83 11.77
CA ASN G 13 104.59 -57.02 12.44
C ASN G 13 104.72 -57.35 13.97
N ALA G 14 103.65 -57.73 14.62
CA ALA G 14 103.73 -58.19 15.99
C ALA G 14 104.63 -59.43 16.06
N GLN G 15 104.46 -60.37 15.13
CA GLN G 15 105.30 -61.57 15.05
C GLN G 15 106.76 -61.23 14.73
N ARG G 16 106.98 -60.24 13.88
CA ARG G 16 108.38 -59.81 13.64
C ARG G 16 109.01 -59.26 14.94
N LEU G 17 108.25 -58.50 15.72
CA LEU G 17 108.74 -57.92 16.97
C LEU G 17 109.00 -59.02 18.03
N ILE G 18 108.08 -59.98 18.14
CA ILE G 18 108.28 -61.11 19.04
C ILE G 18 109.60 -61.82 18.70
N LEU G 19 109.79 -62.10 17.41
CA LEU G 19 110.98 -62.80 16.92
C LEU G 19 112.27 -61.98 17.16
N SER G 20 112.21 -60.69 16.81
CA SER G 20 113.32 -59.79 17.02
C SER G 20 113.72 -59.77 18.51
N ASN G 21 112.73 -59.68 19.38
CA ASN G 21 112.97 -59.71 20.80
C ASN G 21 113.65 -61.00 21.24
N GLN G 22 113.19 -62.13 20.71
CA GLN G 22 113.81 -63.41 21.00
C GLN G 22 115.28 -63.44 20.62
N TYR G 23 115.63 -62.93 19.45
CA TYR G 23 117.01 -62.95 19.04
C TYR G 23 117.87 -62.06 19.93
N LYS G 24 117.29 -60.98 20.43
CA LYS G 24 117.94 -60.11 21.38
C LYS G 24 118.16 -60.84 22.70
N MET G 25 117.17 -61.60 23.15
CA MET G 25 117.27 -62.35 24.40
C MET G 25 118.26 -63.48 24.29
N MET G 26 118.30 -64.12 23.14
CA MET G 26 119.24 -65.22 22.90
C MET G 26 120.70 -64.75 22.93
N THR G 27 120.96 -63.59 22.35
CA THR G 27 122.23 -62.88 22.53
C THR G 27 122.63 -62.59 23.98
N MET G 28 121.70 -62.12 24.81
CA MET G 28 121.95 -61.93 26.21
C MET G 28 122.25 -63.26 26.93
N LEU G 29 121.51 -64.31 26.58
CA LEU G 29 121.66 -65.58 27.21
C LEU G 29 122.85 -66.37 26.69
N ASP G 30 123.27 -66.13 25.45
CA ASP G 30 124.27 -66.96 24.80
C ASP G 30 125.13 -66.11 23.86
N PRO G 31 125.87 -65.15 24.43
CA PRO G 31 126.72 -64.24 23.65
C PRO G 31 127.76 -64.95 22.76
N ALA G 32 128.10 -66.18 23.08
CA ALA G 32 128.98 -67.00 22.23
C ALA G 32 128.44 -67.06 20.79
N ASN G 33 127.12 -67.05 20.65
CA ASN G 33 126.52 -67.21 19.34
C ASN G 33 125.82 -65.95 18.83
N ALA G 34 126.25 -64.81 19.33
CA ALA G 34 125.68 -63.53 19.00
C ALA G 34 125.67 -63.27 17.49
N GLU G 35 126.70 -63.73 16.78
CA GLU G 35 126.76 -63.57 15.32
C GLU G 35 125.56 -64.19 14.63
N ARG G 36 125.19 -65.41 15.04
CA ARG G 36 124.03 -66.12 14.52
C ARG G 36 122.74 -65.35 14.82
N TYR G 37 122.57 -64.99 16.09
CA TYR G 37 121.36 -64.30 16.53
C TYR G 37 121.19 -62.93 15.87
N ARG G 38 122.28 -62.19 15.76
CA ARG G 38 122.20 -60.86 15.18
C ARG G 38 121.83 -60.90 13.70
N ARG G 39 122.37 -61.87 13.01
CA ARG G 39 122.06 -62.10 11.59
C ARG G 39 120.57 -62.36 11.38
N LEU G 40 120.01 -63.27 12.18
CA LEU G 40 118.60 -63.55 12.12
C LEU G 40 117.76 -62.33 12.49
N GLN G 41 118.17 -61.62 13.53
CA GLN G 41 117.54 -60.36 13.91
C GLN G 41 117.47 -59.37 12.74
N THR G 42 118.57 -59.23 12.03
CA THR G 42 118.60 -58.37 10.83
C THR G 42 117.64 -58.82 9.71
N ILE G 43 117.64 -60.12 9.43
CA ILE G 43 116.76 -60.70 8.40
C ILE G 43 115.29 -60.42 8.73
N ILE G 44 114.94 -60.63 9.98
CA ILE G 44 113.58 -60.36 10.44
C ILE G 44 113.25 -58.89 10.45
N GLU G 45 114.10 -58.06 11.00
CA GLU G 45 113.82 -56.64 11.03
C GLU G 45 113.73 -55.96 9.65
N ARG G 46 114.63 -56.32 8.73
CA ARG G 46 114.68 -55.67 7.41
C ARG G 46 113.82 -56.35 6.40
N GLY G 47 113.35 -57.54 6.79
CA GLY G 47 112.42 -58.33 6.02
C GLY G 47 113.02 -58.79 4.74
N TYR G 48 114.21 -59.34 4.86
CA TYR G 48 114.94 -59.79 3.68
C TYR G 48 114.31 -61.04 3.13
N GLY G 49 113.63 -60.91 1.98
CA GLY G 49 112.73 -61.96 1.51
C GLY G 49 113.38 -63.28 1.15
N LEU G 50 114.61 -63.22 0.63
CA LEU G 50 115.24 -64.44 0.18
C LEU G 50 115.58 -65.23 1.45
N GLN G 51 116.27 -64.60 2.40
CA GLN G 51 116.60 -65.28 3.62
C GLN G 51 115.37 -65.74 4.43
N MET G 52 114.29 -64.97 4.39
CA MET G 52 113.04 -65.42 5.02
C MET G 52 112.52 -66.69 4.41
N ARG G 53 112.63 -66.85 3.09
CA ARG G 53 112.18 -68.10 2.47
C ARG G 53 113.06 -69.24 2.89
N GLU G 54 114.34 -68.96 3.00
CA GLU G 54 115.26 -69.96 3.50
C GLU G 54 114.90 -70.44 4.87
N LEU G 55 114.41 -69.55 5.71
CA LEU G 55 113.90 -69.93 7.05
C LEU G 55 112.73 -70.90 6.97
N ASP G 56 111.83 -70.66 6.01
CA ASP G 56 110.68 -71.54 5.72
C ASP G 56 111.15 -72.96 5.55
N ARG G 57 112.23 -73.11 4.79
CA ARG G 57 112.75 -74.40 4.49
C ARG G 57 113.24 -75.15 5.70
N GLU G 58 113.41 -74.52 6.87
CA GLU G 58 113.80 -75.25 8.07
C GLU G 58 112.64 -76.05 8.69
N PHE G 59 111.41 -75.80 8.25
CA PHE G 59 110.20 -76.33 8.90
C PHE G 59 109.57 -77.37 7.98
N GLY G 60 109.49 -78.61 8.47
CA GLY G 60 108.92 -79.72 7.74
C GLY G 60 107.46 -79.96 8.12
N GLU G 61 106.83 -80.91 7.43
CA GLU G 61 105.57 -81.44 7.87
C GLU G 61 105.58 -82.93 7.61
N LEU G 62 105.03 -83.66 8.56
CA LEU G 62 104.70 -85.09 8.43
C LEU G 62 103.30 -85.22 9.01
N LYS G 63 102.33 -85.36 8.13
CA LYS G 63 100.92 -85.38 8.53
C LYS G 63 100.66 -86.45 9.58
N GLU G 64 99.71 -86.20 10.45
CA GLU G 64 99.32 -87.13 11.48
C GLU G 64 99.00 -88.52 10.89
N GLU G 65 98.25 -88.59 9.79
CA GLU G 65 97.91 -89.92 9.24
C GLU G 65 99.12 -90.63 8.76
N THR G 66 100.09 -89.88 8.21
CA THR G 66 101.36 -90.49 7.82
C THR G 66 102.15 -91.03 9.05
N CYS G 67 102.22 -90.24 10.11
CA CYS G 67 102.84 -90.68 11.39
C CYS G 67 102.24 -92.03 11.84
N ARG G 68 100.90 -92.07 11.82
CA ARG G 68 100.17 -93.23 12.30
C ARG G 68 100.39 -94.46 11.43
N THR G 69 100.48 -94.26 10.12
CA THR G 69 100.80 -95.34 9.19
C THR G 69 102.19 -95.92 9.47
N ILE G 70 103.20 -95.11 9.73
CA ILE G 70 104.51 -95.62 10.05
C ILE G 70 104.48 -96.49 11.32
N ILE G 71 103.81 -95.99 12.36
CA ILE G 71 103.64 -96.77 13.58
C ILE G 71 102.88 -98.08 13.34
N ASP G 72 101.83 -98.00 12.53
CA ASP G 72 101.03 -99.17 12.14
C ASP G 72 101.87 -100.22 11.42
N ILE G 73 102.77 -99.75 10.57
CA ILE G 73 103.65 -100.69 9.90
C ILE G 73 104.56 -101.41 10.89
N MET G 74 105.15 -100.66 11.81
CA MET G 74 105.92 -101.27 12.86
C MET G 74 105.09 -102.26 13.70
N GLU G 75 103.87 -101.87 14.08
CA GLU G 75 102.97 -102.78 14.80
C GLU G 75 102.64 -104.05 13.98
N MET G 76 102.50 -103.90 12.68
CA MET G 76 102.22 -105.03 11.81
C MET G 76 103.34 -106.04 11.90
N TYR G 77 104.58 -105.53 11.93
CA TYR G 77 105.77 -106.37 11.96
C TYR G 77 105.92 -107.02 13.30
N HIS G 78 105.56 -106.31 14.34
CA HIS G 78 105.43 -106.92 15.68
C HIS G 78 104.48 -108.13 15.66
N ALA G 79 103.26 -107.91 15.16
CA ALA G 79 102.28 -108.98 15.00
C ALA G 79 102.81 -110.13 14.16
N LEU G 80 103.50 -109.80 13.06
CA LEU G 80 104.04 -110.82 12.16
C LEU G 80 105.13 -111.64 12.87
N HIS G 81 106.03 -110.94 13.55
CA HIS G 81 107.14 -111.62 14.19
C HIS G 81 106.70 -112.47 15.39
N VAL G 82 105.77 -112.00 16.20
CA VAL G 82 105.24 -112.82 17.28
C VAL G 82 104.52 -114.04 16.70
N SER G 83 103.70 -113.82 15.69
CA SER G 83 102.96 -114.90 15.07
C SER G 83 103.93 -115.97 14.57
N TRP G 84 104.95 -115.52 13.85
CA TRP G 84 105.99 -116.38 13.26
C TRP G 84 106.84 -117.13 14.28
N SER G 85 107.05 -116.53 15.45
CA SER G 85 107.82 -117.20 16.49
C SER G 85 106.95 -118.22 17.22
N ASN G 86 105.68 -117.89 17.43
CA ASN G 86 104.71 -118.79 18.08
C ASN G 86 104.22 -119.94 17.19
N LEU G 87 104.81 -120.11 16.00
CA LEU G 87 104.32 -121.13 15.10
C LEU G 87 104.81 -122.52 15.57
N GLN G 88 103.83 -123.41 15.80
CA GLN G 88 104.07 -124.82 16.19
C GLN G 88 105.15 -125.41 15.28
N ASP G 89 105.09 -125.06 14.00
CA ASP G 89 106.30 -124.64 13.31
C ASP G 89 106.08 -123.95 11.97
N GLN G 90 107.20 -123.41 11.51
CA GLN G 90 107.27 -122.35 10.57
C GLN G 90 107.67 -122.97 9.26
N GLN G 91 106.93 -122.61 8.23
CA GLN G 91 106.94 -123.34 6.98
C GLN G 91 107.99 -122.69 6.06
N SER G 92 109.27 -122.85 6.45
CA SER G 92 110.41 -122.23 5.77
C SER G 92 110.23 -120.71 5.52
N ILE G 93 109.43 -120.04 6.34
CA ILE G 93 109.34 -118.57 6.29
C ILE G 93 110.64 -118.05 6.90
N ASP G 94 111.45 -117.37 6.10
CA ASP G 94 112.69 -116.74 6.60
C ASP G 94 112.33 -115.58 7.56
N GLU G 95 113.05 -115.45 8.68
CA GLU G 95 112.78 -114.40 9.67
C GLU G 95 113.02 -112.99 9.12
N ARG G 96 113.93 -112.86 8.16
CA ARG G 96 114.16 -111.57 7.51
C ARG G 96 112.87 -111.04 6.83
N ARG G 97 112.01 -111.96 6.38
CA ARG G 97 110.74 -111.62 5.74
C ARG G 97 109.80 -110.92 6.74
N VAL G 98 109.80 -111.40 7.99
CA VAL G 98 108.96 -110.90 9.08
C VAL G 98 109.72 -109.99 10.04
N THR G 99 110.71 -109.26 9.52
CA THR G 99 111.49 -108.30 10.27
C THR G 99 111.33 -106.92 9.63
N PHE G 100 110.98 -105.91 10.42
CA PHE G 100 110.81 -104.58 9.87
C PHE G 100 112.19 -104.09 9.43
N LEU G 101 112.29 -103.69 8.16
CA LEU G 101 113.57 -103.29 7.57
C LEU G 101 113.75 -101.80 7.46
N GLY G 102 112.66 -101.05 7.57
CA GLY G 102 112.76 -99.61 7.61
C GLY G 102 112.45 -98.97 6.30
N PHE G 103 113.07 -97.81 6.11
CA PHE G 103 112.83 -96.95 4.97
C PHE G 103 114.14 -96.50 4.26
N ASP G 104 113.97 -96.07 3.01
CA ASP G 104 115.07 -95.59 2.14
C ASP G 104 115.52 -94.17 2.51
N ALA G 105 116.76 -94.06 2.96
CA ALA G 105 117.37 -92.77 3.26
C ALA G 105 117.21 -91.73 2.14
N ALA G 106 117.31 -92.15 0.87
CA ALA G 106 117.40 -91.19 -0.24
C ALA G 106 116.06 -90.57 -0.56
N THR G 107 115.04 -91.41 -0.77
CA THR G 107 113.74 -90.97 -1.21
C THR G 107 112.67 -91.05 -0.12
N GLU G 108 113.01 -91.62 1.04
CA GLU G 108 112.05 -91.73 2.14
C GLU G 108 112.56 -91.15 3.47
N ALA G 109 113.31 -90.07 3.40
CA ALA G 109 114.01 -89.53 4.56
C ALA G 109 113.10 -89.09 5.72
N ARG G 110 111.96 -88.49 5.42
CA ARG G 110 111.08 -88.10 6.49
C ARG G 110 110.61 -89.37 7.25
N TYR G 111 110.36 -90.48 6.55
CA TYR G 111 109.78 -91.68 7.14
C TYR G 111 110.81 -92.38 8.04
N LEU G 112 112.00 -92.52 7.48
CA LEU G 112 113.12 -93.02 8.21
C LEU G 112 113.38 -92.21 9.48
N GLY G 113 113.32 -90.88 9.36
CA GLY G 113 113.55 -90.01 10.51
C GLY G 113 112.54 -90.22 11.64
N TYR G 114 111.29 -90.47 11.26
CA TYR G 114 110.25 -90.72 12.25
C TYR G 114 110.41 -92.07 12.95
N VAL G 115 110.80 -93.08 12.19
CA VAL G 115 111.13 -94.38 12.74
C VAL G 115 112.17 -94.21 13.84
N ARG G 116 113.25 -93.50 13.50
CA ARG G 116 114.31 -93.26 14.47
C ARG G 116 113.87 -92.44 15.68
N PHE G 117 113.02 -91.44 15.47
CA PHE G 117 112.47 -90.67 16.59
C PHE G 117 111.60 -91.56 17.50
N MET G 118 110.73 -92.37 16.93
CA MET G 118 109.88 -93.26 17.70
C MET G 118 110.66 -94.29 18.54
N VAL G 119 111.74 -94.84 17.97
CA VAL G 119 112.59 -95.81 18.70
C VAL G 119 113.56 -95.12 19.67
N ASN G 120 114.29 -94.14 19.17
CA ASN G 120 115.38 -93.52 19.91
C ASN G 120 114.93 -92.45 20.91
N VAL G 121 113.85 -91.73 20.62
CA VAL G 121 113.41 -90.68 21.51
C VAL G 121 112.20 -91.16 22.32
N GLU G 122 111.18 -91.69 21.66
CA GLU G 122 109.99 -92.16 22.40
C GLU G 122 110.21 -93.53 23.10
N GLY G 123 111.15 -94.33 22.62
CA GLY G 123 111.47 -95.58 23.29
C GLY G 123 110.58 -96.73 22.85
N ARG G 124 109.88 -96.60 21.72
CA ARG G 124 108.96 -97.62 21.26
C ARG G 124 109.68 -98.63 20.39
N TYR G 125 109.28 -99.90 20.42
CA TYR G 125 109.87 -100.91 19.53
C TYR G 125 111.37 -101.01 19.67
N THR G 126 111.89 -100.92 20.89
CA THR G 126 113.38 -100.93 21.10
C THR G 126 113.97 -102.34 20.87
N HIS G 127 113.11 -103.35 20.93
CA HIS G 127 113.54 -104.72 20.69
C HIS G 127 113.59 -105.10 19.21
N PHE G 128 113.12 -104.23 18.31
CA PHE G 128 113.27 -104.45 16.86
C PHE G 128 114.76 -104.48 16.47
N ASP G 129 115.12 -105.42 15.61
CA ASP G 129 116.45 -105.46 15.04
C ASP G 129 116.53 -104.29 14.08
N ALA G 130 117.32 -103.28 14.45
CA ALA G 130 117.56 -102.14 13.59
C ALA G 130 118.44 -102.67 12.50
N GLY G 131 118.75 -101.88 11.50
CA GLY G 131 119.56 -102.45 10.40
C GLY G 131 121.00 -102.81 10.81
N THR G 132 121.84 -103.03 9.80
CA THR G 132 123.23 -102.65 9.90
C THR G 132 123.32 -101.15 9.61
N HIS G 133 122.17 -100.51 9.36
CA HIS G 133 122.12 -99.06 9.10
C HIS G 133 120.95 -98.35 9.80
N GLY G 134 120.51 -98.88 10.95
CA GLY G 134 119.53 -98.19 11.79
C GLY G 134 118.22 -97.86 11.07
N PHE G 135 117.68 -98.89 10.40
CA PHE G 135 116.42 -98.86 9.67
C PHE G 135 116.48 -98.15 8.33
N ASN G 136 117.69 -97.92 7.81
CA ASN G 136 117.80 -97.48 6.41
C ASN G 136 117.77 -98.70 5.48
N ALA G 137 116.58 -99.03 4.95
CA ALA G 137 116.41 -100.15 3.99
C ALA G 137 117.21 -100.02 2.67
N GLN G 138 117.59 -98.78 2.33
CA GLN G 138 118.29 -98.47 1.07
C GLN G 138 117.50 -98.84 -0.22
N THR G 139 116.19 -98.98 -0.09
CA THR G 139 115.27 -99.09 -1.22
C THR G 139 113.89 -98.67 -0.77
N PRO G 140 113.09 -98.07 -1.67
CA PRO G 140 111.76 -97.59 -1.28
C PRO G 140 110.86 -98.71 -0.76
N MET G 141 110.17 -98.44 0.36
CA MET G 141 109.31 -99.43 1.02
C MET G 141 107.90 -98.94 1.22
N TRP G 142 107.67 -97.64 1.16
CA TRP G 142 106.35 -97.15 1.46
C TRP G 142 105.26 -97.93 0.73
N GLU G 143 105.35 -98.05 -0.61
CA GLU G 143 104.33 -98.76 -1.41
C GLU G 143 104.15 -100.24 -1.02
N LYS G 144 105.28 -100.91 -0.76
CA LYS G 144 105.24 -102.32 -0.32
C LYS G 144 104.47 -102.45 1.02
N TYR G 145 104.79 -101.57 1.96
CA TYR G 145 104.16 -101.68 3.28
C TYR G 145 102.66 -101.44 3.16
N GLN G 146 102.24 -100.56 2.26
CA GLN G 146 100.85 -100.29 2.11
C GLN G 146 100.11 -101.54 1.63
N ARG G 147 100.72 -102.26 0.71
CA ARG G 147 100.17 -103.51 0.19
C ARG G 147 100.10 -104.57 1.31
N MET G 148 101.10 -104.61 2.18
CA MET G 148 101.08 -105.50 3.32
C MET G 148 100.00 -105.12 4.33
N LEU G 149 99.93 -103.86 4.69
CA LEU G 149 98.89 -103.40 5.60
C LEU G 149 97.48 -103.75 5.11
N ASN G 150 97.21 -103.61 3.82
CA ASN G 150 95.91 -103.92 3.25
C ASN G 150 95.49 -105.38 3.51
N VAL G 151 96.45 -106.28 3.41
CA VAL G 151 96.23 -107.72 3.67
C VAL G 151 96.08 -107.97 5.18
N TRP G 152 96.99 -107.38 5.96
CA TRP G 152 96.95 -107.52 7.41
C TRP G 152 95.63 -107.06 7.99
N HIS G 153 95.18 -105.86 7.63
CA HIS G 153 93.92 -105.42 8.19
C HIS G 153 92.66 -106.18 7.70
N ALA G 154 92.78 -106.95 6.63
CA ALA G 154 91.69 -107.79 6.10
C ALA G 154 91.60 -109.16 6.83
N CYS G 155 92.61 -109.45 7.65
CA CYS G 155 92.63 -110.64 8.49
C CYS G 155 91.70 -110.38 9.68
N PRO G 156 90.67 -111.24 9.84
CA PRO G 156 89.70 -111.01 10.90
C PRO G 156 90.36 -110.88 12.27
N ARG G 157 91.38 -111.68 12.53
CA ARG G 157 92.20 -111.49 13.72
C ARG G 157 93.58 -111.08 13.21
N GLN G 158 94.24 -110.11 13.86
CA GLN G 158 95.50 -109.55 13.33
C GLN G 158 96.74 -109.99 14.13
N TYR G 159 96.53 -110.57 15.29
CA TYR G 159 97.62 -111.13 16.07
C TYR G 159 97.42 -112.65 16.09
N HIS G 160 98.49 -113.39 16.33
CA HIS G 160 98.40 -114.86 16.34
C HIS G 160 97.94 -115.32 14.96
N LEU G 161 98.72 -114.94 13.97
CA LEU G 161 98.41 -115.25 12.58
C LEU G 161 98.86 -116.68 12.17
N SER G 162 98.07 -117.30 11.29
CA SER G 162 98.45 -118.58 10.66
C SER G 162 99.59 -118.35 9.65
N ALA G 163 100.32 -119.39 9.27
CA ALA G 163 101.41 -119.18 8.33
C ALA G 163 100.86 -118.86 6.93
N ASN G 164 99.64 -119.29 6.64
CA ASN G 164 99.00 -118.87 5.39
C ASN G 164 98.87 -117.36 5.42
N GLU G 165 98.26 -116.87 6.50
CA GLU G 165 98.05 -115.41 6.65
C GLU G 165 99.37 -114.63 6.57
N ILE G 166 100.35 -115.08 7.35
CA ILE G 166 101.69 -114.51 7.33
C ILE G 166 102.23 -114.43 5.91
N ASN G 167 102.01 -115.47 5.09
CA ASN G 167 102.55 -115.50 3.75
C ASN G 167 101.83 -114.57 2.81
N GLN G 168 100.51 -114.50 2.96
CA GLN G 168 99.70 -113.59 2.16
C GLN G 168 100.15 -112.16 2.40
N ILE G 169 100.50 -111.87 3.65
CA ILE G 169 100.92 -110.52 4.06
C ILE G 169 102.27 -110.18 3.44
N ILE G 170 103.28 -110.96 3.77
CA ILE G 170 104.63 -110.75 3.20
C ILE G 170 104.77 -110.79 1.66
N ASN G 171 103.93 -111.59 0.98
CA ASN G 171 103.93 -111.66 -0.48
C ASN G 171 103.07 -110.60 -1.20
N ALA G 172 102.53 -109.65 -0.43
CA ALA G 172 101.62 -108.63 -0.97
C ALA G 172 102.31 -107.51 -1.77
N GLN H 5 52.47 -53.08 9.53
CA GLN H 5 53.58 -54.08 9.34
C GLN H 5 52.98 -55.48 9.08
N GLU H 6 53.56 -56.55 9.63
CA GLU H 6 53.20 -57.90 9.28
C GLU H 6 51.71 -58.14 9.58
N SER H 7 50.98 -58.66 8.58
CA SER H 7 49.58 -59.05 8.71
C SER H 7 49.36 -60.10 9.79
N THR H 8 48.19 -60.04 10.43
CA THR H 8 47.80 -61.04 11.40
C THR H 8 47.83 -62.42 10.80
N MET H 9 47.60 -62.52 9.49
CA MET H 9 47.63 -63.81 8.79
C MET H 9 49.01 -64.53 8.88
N GLU H 10 50.06 -63.73 9.09
CA GLU H 10 51.44 -64.24 9.16
C GLU H 10 51.89 -64.47 10.61
N MET H 11 50.99 -64.31 11.59
CA MET H 11 51.39 -64.46 12.95
C MET H 11 51.81 -65.89 13.23
N THR H 12 52.68 -66.07 14.21
CA THR H 12 53.16 -67.39 14.57
C THR H 12 52.09 -68.07 15.42
N ASN H 13 52.27 -69.39 15.59
CA ASN H 13 51.35 -70.13 16.40
C ASN H 13 51.42 -69.70 17.86
N ALA H 14 52.61 -69.34 18.35
CA ALA H 14 52.70 -68.82 19.67
C ALA H 14 51.80 -67.57 19.80
N GLN H 15 51.80 -66.70 18.79
CA GLN H 15 50.99 -65.48 18.81
C GLN H 15 49.51 -65.78 18.73
N ARG H 16 49.15 -66.79 17.96
CA ARG H 16 47.78 -67.25 17.95
C ARG H 16 47.32 -67.73 19.31
N LEU H 17 48.17 -68.48 19.98
CA LEU H 17 47.83 -69.00 21.28
C LEU H 17 47.71 -67.88 22.32
N ILE H 18 48.64 -66.93 22.32
CA ILE H 18 48.59 -65.76 23.15
C ILE H 18 47.25 -65.01 22.97
N LEU H 19 46.86 -64.83 21.73
CA LEU H 19 45.61 -64.16 21.42
C LEU H 19 44.39 -64.94 21.90
N SER H 20 44.34 -66.23 21.60
CA SER H 20 43.26 -67.12 22.03
C SER H 20 43.11 -67.10 23.57
N ASN H 21 44.23 -67.14 24.28
CA ASN H 21 44.24 -67.02 25.74
C ASN H 21 43.64 -65.67 26.18
N GLN H 22 44.00 -64.58 25.51
CA GLN H 22 43.46 -63.27 25.87
C GLN H 22 41.93 -63.27 25.71
N TYR H 23 41.45 -63.86 24.63
CA TYR H 23 39.97 -63.87 24.44
C TYR H 23 39.26 -64.68 25.50
N LYS H 24 39.92 -65.72 25.98
CA LYS H 24 39.42 -66.51 27.06
C LYS H 24 39.37 -65.68 28.34
N MET H 25 40.46 -64.96 28.64
CA MET H 25 40.52 -64.13 29.84
C MET H 25 39.57 -62.99 29.77
N MET H 26 39.40 -62.42 28.59
CA MET H 26 38.45 -61.31 28.43
C MET H 26 37.02 -61.78 28.72
N THR H 27 36.70 -63.01 28.32
CA THR H 27 35.39 -63.60 28.63
C THR H 27 35.20 -63.80 30.15
N MET H 28 36.25 -64.18 30.86
CA MET H 28 36.24 -64.35 32.31
C MET H 28 35.98 -62.99 32.98
N LEU H 29 36.66 -61.93 32.49
CA LEU H 29 36.55 -60.60 33.05
C LEU H 29 35.28 -59.88 32.64
N ASP H 30 34.78 -60.14 31.46
CA ASP H 30 33.71 -59.37 30.89
C ASP H 30 32.70 -60.30 30.18
N PRO H 31 32.04 -61.18 30.98
CA PRO H 31 31.19 -62.18 30.36
C PRO H 31 29.97 -61.61 29.60
N ALA H 32 29.54 -60.39 29.88
CA ALA H 32 28.52 -59.74 29.07
C ALA H 32 28.91 -59.74 27.56
N ASN H 33 30.22 -59.68 27.25
CA ASN H 33 30.65 -59.61 25.85
C ASN H 33 31.26 -60.91 25.36
N ALA H 34 30.89 -62.01 25.99
CA ALA H 34 31.39 -63.29 25.61
C ALA H 34 31.21 -63.57 24.12
N GLU H 35 30.13 -63.09 23.49
CA GLU H 35 29.84 -63.40 22.04
C GLU H 35 30.91 -62.79 21.14
N ARG H 36 31.27 -61.56 21.46
CA ARG H 36 32.30 -60.86 20.80
C ARG H 36 33.68 -61.54 20.92
N TYR H 37 34.02 -61.98 22.13
CA TYR H 37 35.35 -62.57 22.36
C TYR H 37 35.43 -63.97 21.77
N ARG H 38 34.33 -64.72 21.91
CA ARG H 38 34.26 -66.06 21.35
C ARG H 38 34.41 -66.08 19.81
N ARG H 39 33.76 -65.12 19.15
CA ARG H 39 33.87 -64.94 17.73
C ARG H 39 35.34 -64.67 17.31
N LEU H 40 36.02 -63.78 18.04
CA LEU H 40 37.41 -63.49 17.73
C LEU H 40 38.29 -64.70 18.01
N GLN H 41 38.04 -65.37 19.13
CA GLN H 41 38.76 -66.60 19.45
C GLN H 41 38.65 -67.61 18.31
N THR H 42 37.45 -67.75 17.73
CA THR H 42 37.26 -68.71 16.62
C THR H 42 38.06 -68.30 15.36
N ILE H 43 38.04 -67.00 15.06
CA ILE H 43 38.74 -66.45 13.93
C ILE H 43 40.22 -66.73 14.04
N ILE H 44 40.75 -66.55 15.22
CA ILE H 44 42.16 -66.80 15.46
C ILE H 44 42.51 -68.28 15.45
N GLU H 45 41.74 -69.09 16.15
CA GLU H 45 42.03 -70.53 16.23
C GLU H 45 41.90 -71.20 14.85
N ARG H 46 40.84 -70.87 14.12
CA ARG H 46 40.61 -71.46 12.79
C ARG H 46 41.38 -70.77 11.66
N GLY H 47 41.96 -69.62 11.94
CA GLY H 47 42.75 -68.91 10.94
C GLY H 47 41.91 -68.48 9.77
N TYR H 48 40.76 -67.87 10.07
CA TYR H 48 39.86 -67.42 9.03
C TYR H 48 40.46 -66.19 8.33
N GLY H 49 41.03 -66.41 7.16
CA GLY H 49 41.86 -65.40 6.53
C GLY H 49 41.14 -64.08 6.23
N LEU H 50 39.88 -64.17 5.79
CA LEU H 50 39.15 -62.96 5.46
C LEU H 50 38.97 -62.09 6.71
N GLN H 51 38.47 -62.71 7.78
CA GLN H 51 38.33 -62.02 9.06
C GLN H 51 39.66 -61.49 9.64
N MET H 52 40.76 -62.20 9.44
CA MET H 52 42.07 -61.73 9.89
C MET H 52 42.50 -60.49 9.11
N ARG H 53 42.23 -60.48 7.80
CA ARG H 53 42.42 -59.24 7.03
C ARG H 53 41.60 -58.09 7.61
N GLU H 54 40.35 -58.34 8.00
CA GLU H 54 39.54 -57.30 8.63
C GLU H 54 40.17 -56.79 9.91
N LEU H 55 40.78 -57.68 10.68
CA LEU H 55 41.54 -57.24 11.87
C LEU H 55 42.66 -56.26 11.51
N ASP H 56 43.45 -56.57 10.47
CA ASP H 56 44.57 -55.75 10.00
C ASP H 56 44.09 -54.33 9.80
N ARG H 57 42.90 -54.22 9.24
CA ARG H 57 42.37 -52.93 8.84
C ARG H 57 41.99 -52.08 10.05
N GLU H 58 41.93 -52.67 11.26
CA GLU H 58 41.74 -51.90 12.47
C GLU H 58 43.01 -51.11 12.93
N PHE H 59 44.17 -51.41 12.35
CA PHE H 59 45.44 -50.83 12.78
C PHE H 59 45.94 -49.88 11.72
N GLY H 60 46.17 -48.64 12.14
CA GLY H 60 46.64 -47.58 11.26
C GLY H 60 48.11 -47.23 11.50
N GLU H 61 48.60 -46.23 10.77
CA GLU H 61 49.98 -45.74 10.97
C GLU H 61 49.90 -44.26 10.78
N LEU H 62 50.61 -43.52 11.61
CA LEU H 62 50.84 -42.11 11.30
C LEU H 62 52.30 -41.91 11.66
N LYS H 63 53.15 -41.72 10.64
CA LYS H 63 54.59 -41.69 10.83
C LYS H 63 55.03 -40.65 11.81
N GLU H 64 56.10 -40.92 12.53
CA GLU H 64 56.62 -39.98 13.48
C GLU H 64 56.79 -38.57 12.92
N GLU H 65 57.38 -38.47 11.73
CA GLU H 65 57.63 -37.15 11.13
C GLU H 65 56.35 -36.43 10.77
N THR H 66 55.32 -37.16 10.34
CA THR H 66 54.01 -36.53 10.14
C THR H 66 53.42 -36.01 11.44
N CYS H 67 53.48 -36.79 12.53
CA CYS H 67 53.03 -36.31 13.84
C CYS H 67 53.75 -35.01 14.19
N ARG H 68 55.06 -35.01 14.00
CA ARG H 68 55.84 -33.84 14.35
C ARG H 68 55.49 -32.64 13.52
N THR H 69 55.26 -32.83 12.24
CA THR H 69 54.78 -31.75 11.38
C THR H 69 53.48 -31.15 11.83
N ILE H 70 52.55 -31.98 12.27
CA ILE H 70 51.26 -31.49 12.73
C ILE H 70 51.45 -30.60 13.96
N ILE H 71 52.25 -31.07 14.91
CA ILE H 71 52.55 -30.27 16.10
C ILE H 71 53.24 -28.97 15.69
N ASP H 72 54.17 -29.06 14.76
CA ASP H 72 54.90 -27.89 14.30
C ASP H 72 53.99 -26.84 13.70
N ILE H 73 52.98 -27.27 12.95
CA ILE H 73 52.01 -26.34 12.34
C ILE H 73 51.24 -25.60 13.46
N MET H 74 50.82 -26.35 14.47
CA MET H 74 50.20 -25.78 15.65
C MET H 74 51.13 -24.82 16.37
N GLU H 75 52.39 -25.21 16.55
CA GLU H 75 53.39 -24.29 17.09
C GLU H 75 53.57 -23.02 16.21
N MET H 76 53.60 -23.20 14.90
CA MET H 76 53.65 -22.05 13.99
C MET H 76 52.47 -21.07 14.26
N TYR H 77 51.27 -21.60 14.38
CA TYR H 77 50.11 -20.73 14.60
C TYR H 77 50.16 -20.09 15.94
N HIS H 78 50.80 -20.74 16.91
CA HIS H 78 51.07 -20.18 18.24
C HIS H 78 52.00 -18.96 18.14
N ALA H 79 53.10 -19.11 17.41
CA ALA H 79 54.03 -18.03 17.18
C ALA H 79 53.41 -16.87 16.41
N LEU H 80 52.62 -17.18 15.37
CA LEU H 80 51.91 -16.22 14.56
C LEU H 80 50.87 -15.45 15.35
N HIS H 81 50.07 -16.18 16.11
CA HIS H 81 49.01 -15.52 16.85
C HIS H 81 49.63 -14.64 17.95
N VAL H 82 50.60 -15.17 18.69
CA VAL H 82 51.27 -14.41 19.75
C VAL H 82 51.98 -13.17 19.20
N SER H 83 52.62 -13.31 18.03
CA SER H 83 53.30 -12.18 17.37
C SER H 83 52.29 -11.11 16.99
N TRP H 84 51.23 -11.56 16.33
CA TRP H 84 50.16 -10.69 15.84
C TRP H 84 49.51 -9.91 16.95
N SER H 85 49.32 -10.57 18.08
CA SER H 85 48.60 -9.96 19.16
C SER H 85 49.45 -8.80 19.68
N ASN H 86 50.77 -8.94 19.62
CA ASN H 86 51.73 -7.94 20.14
C ASN H 86 52.13 -6.82 19.16
N LEU H 87 51.42 -6.74 18.05
CA LEU H 87 51.62 -5.68 17.09
C LEU H 87 50.82 -4.46 17.48
N GLN H 88 51.50 -3.31 17.63
CA GLN H 88 50.83 -1.98 17.66
C GLN H 88 50.30 -1.75 16.25
N ASP H 89 51.28 -1.75 15.34
CA ASP H 89 51.12 -2.05 13.91
C ASP H 89 49.69 -2.44 13.51
N GLN H 90 49.32 -3.63 14.02
CA GLN H 90 48.47 -4.67 13.39
C GLN H 90 48.26 -4.70 11.87
N GLN H 91 48.48 -3.57 11.19
CA GLN H 91 48.02 -3.41 9.82
C GLN H 91 46.59 -3.90 9.88
N SER H 92 46.06 -4.44 8.79
CA SER H 92 44.74 -5.04 8.92
C SER H 92 44.85 -6.51 8.64
N ILE H 93 45.78 -7.11 9.39
CA ILE H 93 45.76 -8.54 9.65
C ILE H 93 44.54 -9.15 10.35
N ASP H 94 43.71 -9.84 9.58
CA ASP H 94 42.54 -10.47 10.13
C ASP H 94 43.00 -11.64 11.05
N GLU H 95 42.50 -11.64 12.28
CA GLU H 95 42.86 -12.65 13.29
C GLU H 95 42.61 -14.06 12.80
N ARG H 96 41.57 -14.24 12.02
CA ARG H 96 41.25 -15.57 11.56
C ARG H 96 42.39 -16.13 10.69
N ARG H 97 43.19 -15.25 10.09
CA ARG H 97 44.31 -15.69 9.25
C ARG H 97 45.52 -16.12 10.06
N VAL H 98 45.55 -15.72 11.32
CA VAL H 98 46.53 -16.24 12.25
C VAL H 98 45.87 -17.21 13.25
N THR H 99 44.84 -17.91 12.79
CA THR H 99 44.15 -18.95 13.55
C THR H 99 44.23 -20.32 12.84
N PHE H 100 44.72 -21.30 13.59
CA PHE H 100 44.76 -22.68 13.13
C PHE H 100 43.37 -23.23 12.88
N LEU H 101 43.06 -23.51 11.62
CA LEU H 101 41.74 -23.99 11.28
C LEU H 101 41.64 -25.51 11.27
N GLY H 102 42.79 -26.21 11.29
CA GLY H 102 42.77 -27.66 11.34
C GLY H 102 42.88 -28.32 9.99
N PHE H 103 42.27 -29.50 9.89
CA PHE H 103 42.39 -30.34 8.71
C PHE H 103 41.03 -30.80 8.17
N ASP H 104 41.05 -31.32 6.95
CA ASP H 104 39.84 -31.74 6.25
C ASP H 104 39.46 -33.13 6.72
N ALA H 105 38.35 -33.19 7.40
CA ALA H 105 37.73 -34.47 7.79
C ALA H 105 37.57 -35.51 6.66
N ALA H 106 37.27 -35.08 5.43
CA ALA H 106 37.02 -36.02 4.36
C ALA H 106 38.29 -36.66 3.79
N THR H 107 39.36 -35.88 3.60
CA THR H 107 40.58 -36.41 2.96
C THR H 107 41.83 -36.37 3.84
N GLU H 108 41.70 -35.76 5.02
CA GLU H 108 42.83 -35.64 5.98
C GLU H 108 42.48 -36.19 7.38
N ALA H 109 41.75 -37.30 7.39
CA ALA H 109 41.15 -37.77 8.62
C ALA H 109 42.23 -38.15 9.63
N ARG H 110 43.35 -38.75 9.20
CA ARG H 110 44.39 -39.07 10.13
C ARG H 110 44.93 -37.79 10.76
N TYR H 111 45.06 -36.69 10.02
CA TYR H 111 45.67 -35.44 10.56
C TYR H 111 44.72 -34.75 11.54
N LEU H 112 43.46 -34.67 11.17
CA LEU H 112 42.43 -34.18 12.08
C LEU H 112 42.32 -34.97 13.40
N GLY H 113 42.38 -36.28 13.33
CA GLY H 113 42.34 -37.08 14.53
C GLY H 113 43.53 -36.82 15.44
N TYR H 114 44.71 -36.59 14.84
CA TYR H 114 45.89 -36.35 15.67
C TYR H 114 45.83 -35.01 16.37
N VAL H 115 45.34 -34.00 15.69
CA VAL H 115 45.12 -32.69 16.33
C VAL H 115 44.20 -32.81 17.58
N ARG H 116 43.08 -33.49 17.37
CA ARG H 116 42.13 -33.75 18.42
C ARG H 116 42.70 -34.56 19.60
N PHE H 117 43.54 -35.55 19.26
CA PHE H 117 44.28 -36.29 20.24
C PHE H 117 45.22 -35.40 21.04
N MET H 118 45.95 -34.55 20.33
CA MET H 118 46.93 -33.70 20.97
C MET H 118 46.29 -32.67 21.92
N VAL H 119 45.15 -32.17 21.53
CA VAL H 119 44.42 -31.16 22.33
C VAL H 119 43.61 -31.85 23.44
N ASN H 120 42.82 -32.83 23.05
CA ASN H 120 41.82 -33.42 23.94
C ASN H 120 42.40 -34.45 24.87
N VAL H 121 43.39 -35.19 24.41
CA VAL H 121 44.00 -36.22 25.25
C VAL H 121 45.28 -35.69 25.90
N GLU H 122 46.22 -35.19 25.11
CA GLU H 122 47.49 -34.73 25.66
C GLU H 122 47.37 -33.40 26.40
N GLY H 123 46.40 -32.59 26.01
CA GLY H 123 46.12 -31.31 26.66
C GLY H 123 46.98 -30.21 26.17
N ARG H 124 47.49 -30.30 24.95
CA ARG H 124 48.39 -29.31 24.43
C ARG H 124 47.55 -28.32 23.59
N TYR H 125 47.96 -27.07 23.53
CA TYR H 125 47.26 -26.05 22.71
C TYR H 125 45.76 -25.90 23.10
N THR H 126 45.44 -26.09 24.37
CA THR H 126 44.04 -25.98 24.83
C THR H 126 43.44 -24.57 24.71
N HIS H 127 44.27 -23.53 24.62
CA HIS H 127 43.77 -22.16 24.40
C HIS H 127 43.50 -21.79 22.93
N PHE H 128 43.83 -22.69 22.00
CA PHE H 128 43.44 -22.56 20.58
C PHE H 128 41.92 -22.62 20.38
N ASP H 129 41.40 -21.74 19.51
CA ASP H 129 39.99 -21.77 19.09
C ASP H 129 39.75 -22.88 18.09
N ALA H 130 38.90 -23.84 18.49
CA ALA H 130 38.65 -25.07 17.70
C ALA H 130 37.66 -24.93 16.56
N GLY H 131 37.16 -23.73 16.37
CA GLY H 131 36.03 -23.50 15.44
C GLY H 131 34.70 -24.17 15.82
N THR H 132 33.86 -24.36 14.81
CA THR H 132 32.50 -24.89 15.01
C THR H 132 32.47 -26.38 14.79
N HIS H 133 33.54 -26.91 14.22
CA HIS H 133 33.57 -28.35 13.93
C HIS H 133 34.85 -28.99 14.48
N GLY H 134 35.34 -28.47 15.60
CA GLY H 134 36.46 -29.07 16.33
C GLY H 134 37.69 -29.30 15.45
N PHE H 135 38.11 -28.26 14.74
CA PHE H 135 39.30 -28.25 13.87
C PHE H 135 39.08 -29.00 12.55
N ASN H 136 37.83 -29.28 12.17
CA ASN H 136 37.58 -29.88 10.84
C ASN H 136 37.46 -28.72 9.90
N ALA H 137 38.55 -28.38 9.21
CA ALA H 137 38.56 -27.23 8.29
C ALA H 137 37.65 -27.40 7.05
N GLN H 138 37.20 -28.63 6.78
CA GLN H 138 36.30 -28.91 5.65
C GLN H 138 36.89 -28.55 4.28
N THR H 139 38.18 -28.24 4.26
CA THR H 139 38.93 -28.14 3.02
C THR H 139 40.38 -28.55 3.31
N PRO H 140 41.04 -29.22 2.36
CA PRO H 140 42.37 -29.76 2.65
C PRO H 140 43.39 -28.66 2.94
N MET H 141 44.23 -28.86 3.97
CA MET H 141 45.22 -27.84 4.37
C MET H 141 46.67 -28.28 4.41
N TRP H 142 46.92 -29.57 4.38
CA TRP H 142 48.27 -30.07 4.46
C TRP H 142 49.28 -29.32 3.57
N GLU H 143 49.00 -29.29 2.25
CA GLU H 143 49.88 -28.66 1.24
C GLU H 143 50.13 -27.19 1.56
N LYS H 144 49.10 -26.46 1.87
CA LYS H 144 49.24 -25.10 2.31
C LYS H 144 50.09 -24.92 3.51
N TYR H 145 49.81 -25.71 4.56
CA TYR H 145 50.62 -25.60 5.78
C TYR H 145 52.08 -25.85 5.49
N GLN H 146 52.39 -26.73 4.53
CA GLN H 146 53.77 -27.02 4.19
C GLN H 146 54.41 -25.75 3.66
N ARG H 147 53.64 -25.00 2.87
CA ARG H 147 54.14 -23.78 2.23
C ARG H 147 54.43 -22.74 3.32
N MET H 148 53.50 -22.63 4.29
CA MET H 148 53.67 -21.73 5.43
C MET H 148 54.89 -22.03 6.34
N LEU H 149 55.04 -23.30 6.66
CA LEU H 149 56.17 -23.78 7.45
C LEU H 149 57.51 -23.43 6.80
N ASN H 150 57.57 -23.57 5.48
CA ASN H 150 58.75 -23.25 4.76
C ASN H 150 59.19 -21.81 4.96
N VAL H 151 58.24 -20.90 4.87
CA VAL H 151 58.50 -19.46 5.12
C VAL H 151 58.85 -19.16 6.61
N TRP H 152 58.07 -19.71 7.53
CA TRP H 152 58.31 -19.46 8.96
C TRP H 152 59.73 -19.87 9.42
N HIS H 153 60.10 -21.11 9.07
CA HIS H 153 61.41 -21.62 9.39
C HIS H 153 62.57 -20.89 8.67
N ALA H 154 62.29 -20.13 7.61
CA ALA H 154 63.29 -19.29 6.94
C ALA H 154 63.43 -17.94 7.61
N CYS H 155 62.54 -17.59 8.52
CA CYS H 155 62.71 -16.35 9.26
C CYS H 155 63.84 -16.52 10.26
N PRO H 156 64.77 -15.56 10.32
CA PRO H 156 65.95 -15.85 11.15
C PRO H 156 65.68 -15.67 12.65
N ARG H 157 64.45 -15.38 13.01
CA ARG H 157 63.97 -15.51 14.36
C ARG H 157 62.52 -15.91 14.10
N GLN H 158 62.04 -16.98 14.77
CA GLN H 158 60.68 -17.51 14.53
C GLN H 158 59.53 -17.02 15.46
N TYR H 159 59.89 -16.27 16.48
CA TYR H 159 58.91 -15.78 17.43
C TYR H 159 59.04 -14.27 17.51
N HIS H 160 57.96 -13.63 17.95
CA HIS H 160 57.88 -12.15 18.00
C HIS H 160 58.21 -11.67 16.60
N LEU H 161 57.40 -12.08 15.66
CA LEU H 161 57.55 -11.77 14.26
C LEU H 161 56.98 -10.36 13.90
N SER H 162 57.56 -9.73 12.88
CA SER H 162 57.01 -8.48 12.29
C SER H 162 55.78 -8.79 11.45
N ALA H 163 54.98 -7.76 11.13
CA ALA H 163 53.80 -7.94 10.29
C ALA H 163 54.22 -8.28 8.87
N ASN H 164 55.39 -7.79 8.47
CA ASN H 164 55.98 -8.20 7.21
C ASN H 164 56.16 -9.74 7.23
N GLU H 165 56.86 -10.25 8.23
CA GLU H 165 57.09 -11.71 8.38
C GLU H 165 55.77 -12.49 8.48
N ILE H 166 54.88 -12.05 9.37
CA ILE H 166 53.51 -12.59 9.45
C ILE H 166 52.82 -12.68 8.09
N ASN H 167 52.87 -11.61 7.30
CA ASN H 167 52.19 -11.63 6.00
C ASN H 167 52.82 -12.58 5.00
N GLN H 168 54.15 -12.66 5.02
CA GLN H 168 54.84 -13.61 4.15
C GLN H 168 54.43 -15.04 4.50
N ILE H 169 54.34 -15.34 5.79
CA ILE H 169 53.92 -16.69 6.21
C ILE H 169 52.50 -17.03 5.74
N ILE H 170 51.51 -16.26 6.15
CA ILE H 170 50.10 -16.56 5.79
C ILE H 170 49.75 -16.56 4.26
N ASN H 171 50.51 -15.80 3.47
CA ASN H 171 50.34 -15.81 2.00
C ASN H 171 51.03 -16.95 1.21
N ALA H 172 51.79 -17.80 1.91
CA ALA H 172 52.61 -18.78 1.21
C ALA H 172 51.78 -19.71 0.31
N GLN I 5 -90.03 71.73 -19.56
CA GLN I 5 -91.37 71.03 -19.80
C GLN I 5 -91.12 69.53 -20.12
N GLU I 6 -91.79 68.63 -19.38
CA GLU I 6 -91.42 67.21 -19.39
C GLU I 6 -91.87 66.61 -20.74
N SER I 7 -91.06 65.71 -21.28
CA SER I 7 -91.23 65.22 -22.61
C SER I 7 -92.38 64.24 -22.65
N THR I 8 -93.08 64.16 -23.78
CA THR I 8 -94.12 63.15 -23.91
C THR I 8 -93.54 61.77 -23.64
N MET I 9 -92.27 61.59 -23.94
CA MET I 9 -91.64 60.27 -23.68
C MET I 9 -91.71 59.85 -22.20
N GLU I 10 -91.78 60.82 -21.31
CA GLU I 10 -91.83 60.51 -19.88
C GLU I 10 -93.24 60.32 -19.32
N MET I 11 -94.25 60.29 -20.21
CA MET I 11 -95.62 60.22 -19.74
C MET I 11 -95.92 58.86 -19.10
N THR I 12 -96.82 58.89 -18.15
CA THR I 12 -97.17 57.66 -17.47
C THR I 12 -98.12 56.84 -18.34
N ASN I 13 -98.30 55.57 -18.00
CA ASN I 13 -99.28 54.73 -18.69
C ASN I 13 -100.74 55.24 -18.60
N ALA I 14 -101.11 55.86 -17.47
CA ALA I 14 -102.42 56.48 -17.37
C ALA I 14 -102.56 57.55 -18.45
N GLN I 15 -101.49 58.33 -18.62
CA GLN I 15 -101.48 59.43 -19.64
C GLN I 15 -101.50 58.89 -21.05
N ARG I 16 -100.78 57.81 -21.28
CA ARG I 16 -100.88 57.13 -22.58
C ARG I 16 -102.29 56.66 -22.83
N LEU I 17 -102.99 56.11 -21.83
CA LEU I 17 -104.35 55.62 -22.04
C LEU I 17 -105.33 56.74 -22.26
N ILE I 18 -105.19 57.79 -21.48
CA ILE I 18 -105.97 59.05 -21.72
C ILE I 18 -105.82 59.54 -23.16
N LEU I 19 -104.60 59.59 -23.64
CA LEU I 19 -104.35 60.08 -25.02
C LEU I 19 -104.96 59.13 -26.05
N SER I 20 -104.70 57.85 -25.88
CA SER I 20 -105.30 56.84 -26.77
C SER I 20 -106.82 56.95 -26.87
N ASN I 21 -107.47 57.05 -25.72
CA ASN I 21 -108.88 57.26 -25.64
C ASN I 21 -109.32 58.54 -26.40
N GLN I 22 -108.57 59.63 -26.26
CA GLN I 22 -108.89 60.86 -27.02
C GLN I 22 -108.88 60.64 -28.53
N TYR I 23 -107.85 59.96 -29.01
CA TYR I 23 -107.74 59.61 -30.43
C TYR I 23 -108.92 58.79 -30.92
N LYS I 24 -109.38 57.84 -30.12
CA LYS I 24 -110.57 57.08 -30.44
C LYS I 24 -111.83 57.98 -30.46
N MET I 25 -111.97 58.88 -29.48
CA MET I 25 -113.11 59.81 -29.48
C MET I 25 -113.08 60.79 -30.64
N MET I 26 -111.90 61.28 -30.98
CA MET I 26 -111.72 62.20 -32.10
C MET I 26 -112.12 61.51 -33.46
N THR I 27 -111.78 60.23 -33.64
CA THR I 27 -112.23 59.44 -34.77
C THR I 27 -113.77 59.28 -34.83
N MET I 28 -114.41 59.04 -33.69
CA MET I 28 -115.85 59.03 -33.60
C MET I 28 -116.47 60.33 -34.01
N LEU I 29 -115.86 61.45 -33.58
CA LEU I 29 -116.41 62.77 -33.81
C LEU I 29 -116.02 63.29 -35.19
N ASP I 30 -114.85 62.91 -35.70
CA ASP I 30 -114.28 63.48 -36.91
C ASP I 30 -113.74 62.36 -37.82
N PRO I 31 -114.63 61.46 -38.33
CA PRO I 31 -114.22 60.29 -39.10
C PRO I 31 -113.39 60.64 -40.34
N ALA I 32 -113.57 61.84 -40.89
CA ALA I 32 -112.83 62.27 -42.06
C ALA I 32 -111.33 62.20 -41.82
N ASN I 33 -110.90 62.47 -40.57
CA ASN I 33 -109.49 62.46 -40.22
C ASN I 33 -109.02 61.25 -39.43
N ALA I 34 -109.74 60.15 -39.55
CA ALA I 34 -109.40 58.93 -38.85
C ALA I 34 -107.92 58.50 -39.07
N GLU I 35 -107.39 58.70 -40.28
CA GLU I 35 -105.98 58.36 -40.58
C GLU I 35 -105.01 59.04 -39.61
N ARG I 36 -105.25 60.33 -39.41
CA ARG I 36 -104.45 61.20 -38.58
C ARG I 36 -104.48 60.69 -37.12
N TYR I 37 -105.68 60.39 -36.64
CA TYR I 37 -105.91 60.06 -35.24
C TYR I 37 -105.42 58.66 -35.01
N ARG I 38 -105.65 57.78 -35.98
CA ARG I 38 -105.17 56.42 -35.86
C ARG I 38 -103.63 56.33 -35.81
N ARG I 39 -102.98 57.14 -36.63
CA ARG I 39 -101.54 57.21 -36.59
C ARG I 39 -101.01 57.64 -35.21
N LEU I 40 -101.59 58.68 -34.66
CA LEU I 40 -101.17 59.13 -33.32
C LEU I 40 -101.45 58.10 -32.25
N GLN I 41 -102.61 57.46 -32.33
CA GLN I 41 -102.93 56.37 -31.40
C GLN I 41 -101.87 55.28 -31.39
N THR I 42 -101.45 54.88 -32.58
CA THR I 42 -100.34 53.91 -32.73
C THR I 42 -99.03 54.37 -32.10
N ILE I 43 -98.60 55.63 -32.35
CA ILE I 43 -97.38 56.18 -31.79
C ILE I 43 -97.47 56.11 -30.23
N ILE I 44 -98.64 56.48 -29.68
CA ILE I 44 -98.83 56.52 -28.24
C ILE I 44 -98.84 55.11 -27.65
N GLU I 45 -99.57 54.17 -28.24
CA GLU I 45 -99.73 52.82 -27.72
C GLU I 45 -98.44 52.01 -27.76
N ARG I 46 -97.73 52.12 -28.89
CA ARG I 46 -96.51 51.43 -29.13
C ARG I 46 -95.34 52.17 -28.57
N GLY I 47 -95.52 53.42 -28.14
CA GLY I 47 -94.43 54.18 -27.56
C GLY I 47 -93.22 54.38 -28.52
N TYR I 48 -93.53 54.72 -29.75
CA TYR I 48 -92.51 55.04 -30.75
C TYR I 48 -91.77 56.29 -30.40
N GLY I 49 -90.58 56.12 -29.83
CA GLY I 49 -89.93 57.29 -29.21
C GLY I 49 -89.55 58.41 -30.15
N LEU I 50 -89.20 58.09 -31.40
CA LEU I 50 -88.81 59.20 -32.32
C LEU I 50 -90.03 60.09 -32.60
N GLN I 51 -91.16 59.47 -32.92
CA GLN I 51 -92.40 60.26 -33.16
C GLN I 51 -92.94 60.96 -31.88
N MET I 52 -92.73 60.35 -30.72
CA MET I 52 -93.01 61.06 -29.41
C MET I 52 -92.21 62.29 -29.26
N ARG I 53 -90.91 62.19 -29.60
CA ARG I 53 -90.09 63.35 -29.64
C ARG I 53 -90.65 64.44 -30.54
N GLU I 54 -91.09 64.07 -31.74
CA GLU I 54 -91.60 65.05 -32.66
C GLU I 54 -92.82 65.74 -32.09
N LEU I 55 -93.62 65.03 -31.30
CA LEU I 55 -94.77 65.65 -30.60
C LEU I 55 -94.28 66.79 -29.69
N ASP I 56 -93.16 66.56 -28.98
CA ASP I 56 -92.58 67.56 -28.06
C ASP I 56 -92.41 68.86 -28.77
N ARG I 57 -92.00 68.76 -30.02
CA ARG I 57 -91.68 69.96 -30.76
C ARG I 57 -92.87 70.75 -31.14
N GLU I 58 -94.08 70.23 -30.95
CA GLU I 58 -95.28 71.01 -31.22
C GLU I 58 -95.62 72.03 -30.11
N PHE I 59 -94.93 71.92 -28.97
CA PHE I 59 -95.23 72.69 -27.76
C PHE I 59 -94.07 73.64 -27.47
N GLY I 60 -94.38 74.91 -27.33
CA GLY I 60 -93.35 75.97 -27.09
C GLY I 60 -93.55 76.59 -25.75
N GLU I 61 -92.77 77.62 -25.46
CA GLU I 61 -92.91 78.34 -24.18
C GLU I 61 -92.57 79.79 -24.47
N LEU I 62 -93.33 80.71 -23.92
CA LEU I 62 -92.93 82.12 -23.87
C LEU I 62 -93.21 82.53 -22.44
N LYS I 63 -92.17 82.73 -21.65
CA LYS I 63 -92.32 82.92 -20.22
C LYS I 63 -93.15 84.14 -19.92
N GLU I 64 -93.84 84.11 -18.77
CA GLU I 64 -94.68 85.17 -18.35
C GLU I 64 -93.98 86.53 -18.44
N GLU I 65 -92.76 86.64 -17.94
CA GLU I 65 -92.13 87.99 -17.91
C GLU I 65 -91.84 88.48 -19.30
N THR I 66 -91.56 87.55 -20.19
CA THR I 66 -91.33 87.91 -21.57
C THR I 66 -92.62 88.40 -22.21
N CYS I 67 -93.74 87.69 -21.99
CA CYS I 67 -95.02 88.23 -22.43
C CYS I 67 -95.25 89.68 -21.95
N ARG I 68 -94.98 89.87 -20.69
CA ARG I 68 -95.18 91.17 -20.06
C ARG I 68 -94.28 92.23 -20.63
N THR I 69 -93.05 91.89 -20.92
CA THR I 69 -92.16 92.85 -21.59
C THR I 69 -92.69 93.32 -22.96
N ILE I 70 -93.18 92.36 -23.77
CA ILE I 70 -93.72 92.69 -25.09
C ILE I 70 -94.89 93.66 -24.92
N ILE I 71 -95.79 93.39 -23.99
CA ILE I 71 -96.94 94.25 -23.78
C ILE I 71 -96.46 95.64 -23.30
N ASP I 72 -95.50 95.66 -22.40
CA ASP I 72 -94.89 96.90 -21.88
C ASP I 72 -94.29 97.75 -22.98
N ILE I 73 -93.66 97.08 -23.94
CA ILE I 73 -93.11 97.77 -25.11
C ILE I 73 -94.19 98.44 -25.92
N MET I 74 -95.27 97.72 -26.16
CA MET I 74 -96.36 98.29 -26.87
C MET I 74 -96.97 99.47 -26.09
N GLU I 75 -97.15 99.28 -24.77
CA GLU I 75 -97.63 100.36 -23.89
C GLU I 75 -96.69 101.60 -23.93
N MET I 76 -95.39 101.37 -23.95
CA MET I 76 -94.41 102.46 -24.14
C MET I 76 -94.63 103.29 -25.41
N TYR I 77 -94.89 102.58 -26.51
CA TYR I 77 -95.17 103.23 -27.79
C TYR I 77 -96.50 103.96 -27.80
N HIS I 78 -97.49 103.43 -27.07
CA HIS I 78 -98.74 104.18 -26.83
C HIS I 78 -98.44 105.50 -26.11
N ALA I 79 -97.68 105.43 -25.02
CA ALA I 79 -97.26 106.61 -24.27
C ALA I 79 -96.49 107.58 -25.11
N LEU I 80 -95.53 107.08 -25.87
CA LEU I 80 -94.76 107.94 -26.75
C LEU I 80 -95.65 108.58 -27.82
N HIS I 81 -96.50 107.79 -28.47
CA HIS I 81 -97.32 108.34 -29.52
C HIS I 81 -98.33 109.36 -28.98
N VAL I 82 -99.08 109.04 -27.93
CA VAL I 82 -100.00 110.02 -27.33
C VAL I 82 -99.26 111.32 -26.89
N SER I 83 -98.09 111.16 -26.29
CA SER I 83 -97.27 112.28 -25.86
C SER I 83 -96.92 113.18 -27.03
N TRP I 84 -96.42 112.54 -28.09
CA TRP I 84 -96.04 113.23 -29.30
C TRP I 84 -97.21 114.00 -29.90
N SER I 85 -98.36 113.34 -30.01
CA SER I 85 -99.51 113.99 -30.65
C SER I 85 -100.01 115.18 -29.82
N ASN I 86 -99.77 115.15 -28.51
CA ASN I 86 -100.17 116.25 -27.65
C ASN I 86 -99.18 117.37 -27.53
N LEU I 87 -98.02 117.24 -28.14
CA LEU I 87 -97.02 118.28 -28.05
C LEU I 87 -97.52 119.47 -28.88
N GLN I 88 -97.36 120.67 -28.30
CA GLN I 88 -97.68 121.92 -28.96
C GLN I 88 -96.71 122.15 -30.10
N ASP I 89 -95.42 122.02 -29.78
CA ASP I 89 -94.31 122.02 -30.74
C ASP I 89 -93.70 120.60 -30.81
N GLN I 90 -93.92 119.89 -31.92
CA GLN I 90 -93.45 118.52 -32.07
C GLN I 90 -91.96 118.44 -32.29
N GLN I 91 -91.31 119.59 -32.41
CA GLN I 91 -89.87 119.71 -32.60
C GLN I 91 -89.29 118.81 -33.70
N SER I 92 -90.07 118.64 -34.76
CA SER I 92 -89.69 117.86 -35.92
C SER I 92 -89.46 116.37 -35.60
N ILE I 93 -89.98 115.89 -34.47
CA ILE I 93 -89.81 114.50 -34.12
C ILE I 93 -90.64 113.75 -35.14
N ASP I 94 -89.97 112.89 -35.89
CA ASP I 94 -90.64 112.08 -36.87
C ASP I 94 -91.62 111.04 -36.24
N GLU I 95 -92.88 111.04 -36.69
CA GLU I 95 -93.91 110.17 -36.16
C GLU I 95 -93.54 108.69 -36.25
N ARG I 96 -92.83 108.31 -37.32
CA ARG I 96 -92.34 106.96 -37.50
C ARG I 96 -91.46 106.51 -36.34
N ARG I 97 -90.85 107.45 -35.63
CA ARG I 97 -89.99 107.08 -34.51
C ARG I 97 -90.73 106.84 -33.20
N VAL I 98 -91.99 107.26 -33.14
CA VAL I 98 -92.88 106.95 -32.01
C VAL I 98 -94.00 106.05 -32.47
N THR I 99 -93.69 105.24 -33.48
CA THR I 99 -94.54 104.16 -33.97
C THR I 99 -93.88 102.79 -33.74
N PHE I 100 -94.62 101.92 -33.05
CA PHE I 100 -94.14 100.57 -32.77
C PHE I 100 -94.01 99.80 -34.06
N LEU I 101 -92.81 99.38 -34.37
CA LEU I 101 -92.53 98.64 -35.62
C LEU I 101 -92.56 97.12 -35.51
N GLY I 102 -92.63 96.60 -34.32
CA GLY I 102 -92.71 95.18 -34.16
C GLY I 102 -91.39 94.51 -33.98
N PHE I 103 -91.32 93.28 -34.47
CA PHE I 103 -90.22 92.38 -34.19
C PHE I 103 -89.78 91.68 -35.48
N ASP I 104 -88.61 91.07 -35.42
CA ASP I 104 -88.01 90.34 -36.60
C ASP I 104 -88.62 88.96 -36.74
N ALA I 105 -89.40 88.79 -37.79
CA ALA I 105 -89.85 87.45 -38.24
C ALA I 105 -88.79 86.32 -38.17
N ALA I 106 -87.55 86.57 -38.63
CA ALA I 106 -86.50 85.52 -38.76
C ALA I 106 -85.87 85.10 -37.45
N THR I 107 -85.60 86.08 -36.58
CA THR I 107 -84.92 85.77 -35.34
C THR I 107 -85.73 86.06 -34.12
N GLU I 108 -86.90 86.68 -34.29
CA GLU I 108 -87.76 87.06 -33.15
C GLU I 108 -89.22 86.53 -33.28
N ALA I 109 -89.36 85.36 -33.91
CA ALA I 109 -90.69 84.85 -34.26
C ALA I 109 -91.62 84.64 -33.08
N ARG I 110 -91.12 84.20 -31.94
CA ARG I 110 -92.01 84.02 -30.82
C ARG I 110 -92.63 85.42 -30.46
N TYR I 111 -91.80 86.47 -30.54
CA TYR I 111 -92.17 87.83 -30.10
C TYR I 111 -93.19 88.42 -31.03
N LEU I 112 -92.91 88.33 -32.31
CA LEU I 112 -93.82 88.71 -33.35
C LEU I 112 -95.17 87.99 -33.27
N GLY I 113 -95.09 86.70 -33.00
CA GLY I 113 -96.30 85.89 -32.85
C GLY I 113 -97.17 86.42 -31.73
N TYR I 114 -96.56 86.79 -30.61
CA TYR I 114 -97.27 87.29 -29.46
C TYR I 114 -97.92 88.64 -29.70
N VAL I 115 -97.24 89.50 -30.42
CA VAL I 115 -97.81 90.78 -30.79
C VAL I 115 -99.07 90.55 -31.62
N ARG I 116 -98.95 89.69 -32.62
CA ARG I 116 -100.12 89.38 -33.46
C ARG I 116 -101.28 88.76 -32.67
N PHE I 117 -100.95 87.87 -31.74
CA PHE I 117 -101.94 87.33 -30.82
C PHE I 117 -102.64 88.39 -29.98
N MET I 118 -101.85 89.29 -29.40
CA MET I 118 -102.41 90.32 -28.52
C MET I 118 -103.32 91.31 -29.29
N VAL I 119 -102.94 91.63 -30.53
CA VAL I 119 -103.74 92.52 -31.39
C VAL I 119 -104.91 91.80 -32.04
N ASN I 120 -104.64 90.70 -32.74
CA ASN I 120 -105.69 90.00 -33.53
C ASN I 120 -106.60 89.09 -32.78
N VAL I 121 -106.13 88.53 -31.66
CA VAL I 121 -106.96 87.64 -30.84
C VAL I 121 -107.50 88.39 -29.61
N GLU I 122 -106.61 88.94 -28.79
CA GLU I 122 -107.06 89.62 -27.57
C GLU I 122 -107.71 91.03 -27.86
N GLY I 123 -107.42 91.59 -29.02
CA GLY I 123 -108.02 92.90 -29.41
C GLY I 123 -107.40 94.09 -28.71
N ARG I 124 -106.17 93.95 -28.22
CA ARG I 124 -105.43 95.10 -27.67
C ARG I 124 -104.63 95.89 -28.73
N TYR I 125 -104.48 97.20 -28.53
CA TYR I 125 -103.66 98.05 -29.39
C TYR I 125 -104.12 98.01 -30.84
N THR I 126 -105.45 97.89 -31.05
CA THR I 126 -105.99 97.73 -32.39
C THR I 126 -105.89 99.02 -33.23
N HIS I 127 -105.64 100.15 -32.57
CA HIS I 127 -105.33 101.38 -33.32
C HIS I 127 -103.89 101.56 -33.71
N PHE I 128 -102.98 100.69 -33.26
CA PHE I 128 -101.60 100.82 -33.67
C PHE I 128 -101.52 100.57 -35.17
N ASP I 129 -100.59 101.25 -35.83
CA ASP I 129 -100.28 101.02 -37.22
C ASP I 129 -99.40 99.79 -37.43
N ALA I 130 -99.93 98.79 -38.13
CA ALA I 130 -99.22 97.52 -38.33
C ALA I 130 -98.14 97.57 -39.38
N GLY I 131 -97.95 98.75 -40.00
CA GLY I 131 -97.07 98.85 -41.17
C GLY I 131 -97.52 97.95 -42.31
N THR I 132 -96.56 97.49 -43.11
CA THR I 132 -96.90 96.71 -44.32
C THR I 132 -96.59 95.22 -44.24
N HIS I 133 -96.12 94.76 -43.08
CA HIS I 133 -95.92 93.34 -42.88
C HIS I 133 -96.48 92.88 -41.52
N GLY I 134 -97.56 93.50 -41.05
CA GLY I 134 -98.22 93.11 -39.80
C GLY I 134 -97.23 93.03 -38.64
N PHE I 135 -96.54 94.15 -38.39
CA PHE I 135 -95.59 94.24 -37.30
C PHE I 135 -94.30 93.43 -37.47
N ASN I 136 -93.98 92.95 -38.67
CA ASN I 136 -92.67 92.33 -38.92
C ASN I 136 -91.70 93.46 -39.17
N ALA I 137 -90.82 93.72 -38.20
CA ALA I 137 -89.84 94.81 -38.31
C ALA I 137 -88.66 94.47 -39.29
N GLN I 138 -88.51 93.21 -39.67
CA GLN I 138 -87.46 92.83 -40.60
C GLN I 138 -86.00 93.09 -40.13
N THR I 139 -85.84 93.41 -38.85
CA THR I 139 -84.53 93.54 -38.19
C THR I 139 -84.76 93.34 -36.70
N PRO I 140 -83.76 92.83 -35.95
CA PRO I 140 -84.00 92.55 -34.56
C PRO I 140 -84.18 93.81 -33.69
N MET I 141 -85.25 93.82 -32.89
CA MET I 141 -85.64 94.98 -32.07
C MET I 141 -85.59 94.75 -30.61
N TRP I 142 -85.48 93.50 -30.17
CA TRP I 142 -85.55 93.24 -28.76
C TRP I 142 -84.56 94.08 -27.91
N GLU I 143 -83.26 94.05 -28.22
CA GLU I 143 -82.27 94.88 -27.45
C GLU I 143 -82.56 96.38 -27.48
N LYS I 144 -82.96 96.93 -28.62
CA LYS I 144 -83.32 98.35 -28.71
C LYS I 144 -84.47 98.70 -27.79
N TYR I 145 -85.52 97.87 -27.85
CA TYR I 145 -86.65 98.07 -26.96
C TYR I 145 -86.24 98.00 -25.53
N GLN I 146 -85.33 97.11 -25.15
CA GLN I 146 -84.89 97.07 -23.74
C GLN I 146 -84.27 98.38 -23.28
N ARG I 147 -83.43 98.89 -24.14
CA ARG I 147 -82.78 100.20 -23.90
C ARG I 147 -83.80 101.33 -23.71
N MET I 148 -84.76 101.36 -24.60
CA MET I 148 -85.84 102.33 -24.57
C MET I 148 -86.68 102.20 -23.29
N LEU I 149 -87.05 100.97 -22.93
CA LEU I 149 -87.80 100.73 -21.67
C LEU I 149 -87.02 101.27 -20.47
N ASN I 150 -85.71 101.07 -20.47
CA ASN I 150 -84.90 101.51 -19.35
C ASN I 150 -85.01 103.02 -19.14
N VAL I 151 -85.01 103.76 -20.24
CA VAL I 151 -85.08 105.24 -20.20
C VAL I 151 -86.50 105.67 -19.80
N TRP I 152 -87.48 105.07 -20.47
CA TRP I 152 -88.90 105.33 -20.20
C TRP I 152 -89.27 105.14 -18.74
N HIS I 153 -88.89 103.99 -18.16
CA HIS I 153 -89.25 103.75 -16.75
C HIS I 153 -88.44 104.63 -15.74
N ALA I 154 -87.39 105.27 -16.21
CA ALA I 154 -86.61 106.23 -15.36
C ALA I 154 -87.16 107.64 -15.41
N CYS I 155 -88.10 107.88 -16.34
CA CYS I 155 -88.83 109.16 -16.36
C CYS I 155 -89.77 109.13 -15.17
N PRO I 156 -89.68 110.16 -14.31
CA PRO I 156 -90.50 110.10 -13.09
C PRO I 156 -91.97 110.36 -13.36
N ARG I 157 -92.31 110.70 -14.61
CA ARG I 157 -93.66 110.48 -15.08
C ARG I 157 -93.58 109.72 -16.40
N GLN I 158 -94.39 108.68 -16.60
CA GLN I 158 -94.30 107.85 -17.83
C GLN I 158 -95.23 108.30 -19.00
N TYR I 159 -96.21 109.13 -18.71
CA TYR I 159 -97.18 109.56 -19.72
C TYR I 159 -97.19 111.08 -19.74
N HIS I 160 -97.69 111.66 -20.85
CA HIS I 160 -97.56 113.12 -21.07
C HIS I 160 -96.12 113.53 -21.06
N LEU I 161 -95.32 112.83 -21.86
CA LEU I 161 -93.90 113.06 -21.92
C LEU I 161 -93.61 114.34 -22.70
N SER I 162 -92.56 115.01 -22.27
CA SER I 162 -92.05 116.20 -22.94
C SER I 162 -91.33 115.74 -24.20
N ALA I 163 -91.02 116.68 -25.08
CA ALA I 163 -90.32 116.37 -26.31
C ALA I 163 -88.92 115.91 -25.99
N ASN I 164 -88.38 116.49 -24.93
CA ASN I 164 -87.08 116.08 -24.45
C ASN I 164 -87.05 114.59 -24.02
N GLU I 165 -88.05 114.22 -23.26
CA GLU I 165 -88.19 112.88 -22.78
C GLU I 165 -88.39 111.90 -23.95
N ILE I 166 -89.26 112.25 -24.88
CA ILE I 166 -89.45 111.44 -26.08
C ILE I 166 -88.14 111.15 -26.79
N ASN I 167 -87.34 112.19 -27.05
CA ASN I 167 -86.05 112.02 -27.70
C ASN I 167 -85.06 111.16 -26.91
N GLN I 168 -84.94 111.32 -25.59
CA GLN I 168 -84.05 110.41 -24.85
C GLN I 168 -84.49 108.95 -25.04
N ILE I 169 -85.80 108.72 -25.01
CA ILE I 169 -86.33 107.34 -25.12
C ILE I 169 -86.02 106.78 -26.50
N ILE I 170 -86.45 107.48 -27.55
CA ILE I 170 -86.26 106.94 -28.90
C ILE I 170 -84.77 106.82 -29.31
N ASN I 171 -83.91 107.69 -28.78
CA ASN I 171 -82.50 107.60 -29.05
C ASN I 171 -81.76 106.54 -28.19
N ALA I 172 -82.44 105.90 -27.23
CA ALA I 172 -81.74 104.99 -26.32
C ALA I 172 -80.99 103.81 -27.00
N GLN J 5 -69.57 52.19 -20.58
CA GLN J 5 -68.34 52.80 -21.20
C GLN J 5 -68.66 54.27 -21.51
N GLU J 6 -67.83 55.20 -21.04
CA GLU J 6 -68.11 56.63 -21.24
C GLU J 6 -68.05 56.89 -22.78
N SER J 7 -69.08 57.57 -23.30
CA SER J 7 -69.19 57.89 -24.73
C SER J 7 -68.12 58.90 -25.14
N THR J 8 -67.77 58.88 -26.43
CA THR J 8 -66.84 59.84 -26.96
C THR J 8 -67.31 61.30 -26.77
N MET J 9 -68.63 61.53 -26.78
CA MET J 9 -69.19 62.87 -26.64
C MET J 9 -68.83 63.58 -25.32
N GLU J 10 -68.54 62.76 -24.28
CA GLU J 10 -68.15 63.23 -22.96
C GLU J 10 -66.63 63.43 -22.78
N MET J 11 -65.83 63.24 -23.84
CA MET J 11 -64.38 63.33 -23.67
C MET J 11 -63.97 64.74 -23.31
N THR J 12 -62.85 64.86 -22.63
CA THR J 12 -62.37 66.16 -22.22
C THR J 12 -61.65 66.83 -23.38
N ASN J 13 -61.39 68.13 -23.24
CA ASN J 13 -60.71 68.85 -24.28
C ASN J 13 -59.30 68.34 -24.48
N ALA J 14 -58.64 67.89 -23.41
CA ALA J 14 -57.36 67.26 -23.57
C ALA J 14 -57.48 66.04 -24.50
N GLN J 15 -58.49 65.22 -24.25
CA GLN J 15 -58.74 64.05 -25.11
C GLN J 15 -59.04 64.39 -26.56
N ARG J 16 -59.81 65.47 -26.77
CA ARG J 16 -60.05 65.93 -28.12
C ARG J 16 -58.73 66.29 -28.80
N LEU J 17 -57.87 66.97 -28.10
CA LEU J 17 -56.60 67.44 -28.70
C LEU J 17 -55.68 66.23 -28.99
N ILE J 18 -55.61 65.30 -28.05
CA ILE J 18 -54.88 64.06 -28.22
C ILE J 18 -55.38 63.32 -29.47
N LEU J 19 -56.69 63.26 -29.66
CA LEU J 19 -57.24 62.55 -30.82
C LEU J 19 -56.96 63.32 -32.12
N SER J 20 -57.19 64.63 -32.08
CA SER J 20 -56.91 65.51 -33.22
C SER J 20 -55.46 65.34 -33.69
N ASN J 21 -54.53 65.33 -32.72
CA ASN J 21 -53.12 65.12 -33.04
C ASN J 21 -52.85 63.75 -33.70
N GLN J 22 -53.51 62.69 -33.21
CA GLN J 22 -53.37 61.39 -33.84
C GLN J 22 -53.83 61.42 -35.29
N TYR J 23 -54.95 62.03 -35.58
CA TYR J 23 -55.41 62.13 -36.93
C TYR J 23 -54.45 62.91 -37.84
N LYS J 24 -53.80 63.93 -37.30
CA LYS J 24 -52.78 64.63 -38.01
C LYS J 24 -51.58 63.72 -38.28
N MET J 25 -51.12 63.00 -37.27
CA MET J 25 -50.00 62.09 -37.41
C MET J 25 -50.32 60.93 -38.36
N MET J 26 -51.55 60.40 -38.29
CA MET J 26 -51.99 59.34 -39.20
C MET J 26 -51.98 59.76 -40.67
N THR J 27 -52.34 61.03 -40.93
CA THR J 27 -52.18 61.63 -42.25
C THR J 27 -50.73 61.77 -42.68
N MET J 28 -49.85 62.17 -41.77
CA MET J 28 -48.43 62.21 -42.07
C MET J 28 -47.87 60.83 -42.41
N LEU J 29 -48.27 59.82 -41.64
CA LEU J 29 -47.80 58.43 -41.82
C LEU J 29 -48.42 57.73 -43.01
N ASP J 30 -49.69 57.99 -43.32
CA ASP J 30 -50.44 57.21 -44.26
C ASP J 30 -51.28 58.18 -45.14
N PRO J 31 -50.61 58.96 -46.01
CA PRO J 31 -51.28 59.89 -46.85
C PRO J 31 -52.42 59.31 -47.71
N ALA J 32 -52.34 58.02 -48.06
CA ALA J 32 -53.35 57.43 -48.92
C ALA J 32 -54.73 57.48 -48.23
N ASN J 33 -54.76 57.44 -46.89
CA ASN J 33 -56.02 57.51 -46.15
C ASN J 33 -56.36 58.83 -45.47
N ALA J 34 -55.75 59.90 -45.95
CA ALA J 34 -55.93 61.21 -45.37
C ALA J 34 -57.37 61.66 -45.41
N GLU J 35 -58.12 61.19 -46.39
CA GLU J 35 -59.55 61.55 -46.46
C GLU J 35 -60.31 61.04 -45.22
N ARG J 36 -60.04 59.79 -44.84
CA ARG J 36 -60.57 59.24 -43.62
C ARG J 36 -60.07 59.98 -42.42
N TYR J 37 -58.77 60.27 -42.34
CA TYR J 37 -58.23 60.87 -41.13
C TYR J 37 -58.69 62.35 -40.94
N ARG J 38 -58.78 63.08 -42.04
CA ARG J 38 -59.21 64.47 -42.01
C ARG J 38 -60.67 64.60 -41.61
N ARG J 39 -61.48 63.64 -42.06
CA ARG J 39 -62.89 63.57 -41.72
C ARG J 39 -63.09 63.38 -40.24
N LEU J 40 -62.37 62.41 -39.69
CA LEU J 40 -62.40 62.17 -38.26
C LEU J 40 -61.86 63.35 -37.43
N GLN J 41 -60.81 63.96 -37.92
CA GLN J 41 -60.22 65.12 -37.24
C GLN J 41 -61.27 66.22 -37.10
N THR J 42 -61.95 66.52 -38.20
CA THR J 42 -63.12 67.47 -38.21
C THR J 42 -64.20 67.13 -37.20
N ILE J 43 -64.60 65.87 -37.15
CA ILE J 43 -65.65 65.42 -36.25
C ILE J 43 -65.24 65.69 -34.80
N ILE J 44 -63.97 65.43 -34.53
CA ILE J 44 -63.46 65.54 -33.16
C ILE J 44 -63.28 67.04 -32.82
N GLU J 45 -62.66 67.80 -33.70
CA GLU J 45 -62.50 69.26 -33.55
C GLU J 45 -63.81 70.05 -33.35
N ARG J 46 -64.79 69.79 -34.22
CA ARG J 46 -66.06 70.48 -34.20
C ARG J 46 -67.04 69.83 -33.23
N GLY J 47 -66.71 68.67 -32.67
CA GLY J 47 -67.60 68.03 -31.73
C GLY J 47 -68.97 67.64 -32.32
N TYR J 48 -68.92 67.03 -33.49
CA TYR J 48 -70.16 66.65 -34.19
C TYR J 48 -70.77 65.46 -33.51
N GLY J 49 -71.84 65.71 -32.76
CA GLY J 49 -72.33 64.70 -31.88
C GLY J 49 -72.91 63.47 -32.53
N LEU J 50 -73.56 63.62 -33.67
CA LEU J 50 -74.09 62.42 -34.34
C LEU J 50 -72.94 61.50 -34.76
N GLN J 51 -71.92 62.06 -35.39
CA GLN J 51 -70.78 61.24 -35.79
C GLN J 51 -69.98 60.67 -34.61
N MET J 52 -69.94 61.36 -33.49
CA MET J 52 -69.34 60.82 -32.24
C MET J 52 -70.09 59.65 -31.70
N ARG J 53 -71.43 59.64 -31.84
CA ARG J 53 -72.23 58.46 -31.47
C ARG J 53 -71.90 57.29 -32.36
N GLU J 54 -71.68 57.58 -33.65
CA GLU J 54 -71.30 56.53 -34.55
C GLU J 54 -69.97 55.93 -34.14
N LEU J 55 -69.06 56.76 -33.63
CA LEU J 55 -67.75 56.25 -33.15
C LEU J 55 -67.97 55.28 -31.98
N ASP J 56 -68.85 55.62 -31.05
CA ASP J 56 -69.21 54.79 -29.90
C ASP J 56 -69.58 53.40 -30.33
N ARG J 57 -70.32 53.32 -31.43
CA ARG J 57 -70.87 52.09 -31.90
C ARG J 57 -69.81 51.16 -32.46
N GLU J 58 -68.59 51.64 -32.71
CA GLU J 58 -67.46 50.80 -33.13
C GLU J 58 -66.78 50.03 -31.98
N PHE J 59 -67.13 50.33 -30.73
CA PHE J 59 -66.54 49.73 -29.54
C PHE J 59 -67.56 48.84 -28.83
N GLY J 60 -67.16 47.60 -28.57
CA GLY J 60 -68.03 46.64 -27.90
C GLY J 60 -67.45 46.27 -26.56
N GLU J 61 -68.07 45.25 -25.94
CA GLU J 61 -67.67 44.77 -24.62
C GLU J 61 -68.10 43.30 -24.60
N LEU J 62 -67.20 42.45 -24.13
CA LEU J 62 -67.54 41.09 -23.78
C LEU J 62 -66.96 40.93 -22.42
N LYS J 63 -67.81 40.90 -21.40
CA LYS J 63 -67.36 40.78 -20.01
C LYS J 63 -66.40 39.63 -19.76
N GLU J 64 -65.42 39.85 -18.89
CA GLU J 64 -64.48 38.85 -18.45
C GLU J 64 -65.20 37.51 -18.17
N GLU J 65 -66.28 37.54 -17.39
CA GLU J 65 -66.89 36.26 -17.01
C GLU J 65 -67.46 35.55 -18.19
N THR J 66 -68.00 36.32 -19.14
CA THR J 66 -68.45 35.76 -20.38
C THR J 66 -67.34 35.14 -21.18
N CYS J 67 -66.23 35.82 -21.34
CA CYS J 67 -65.05 35.23 -21.95
C CYS J 67 -64.65 33.90 -21.32
N ARG J 68 -64.57 33.92 -20.02
CA ARG J 68 -64.21 32.72 -19.27
C ARG J 68 -65.19 31.56 -19.46
N THR J 69 -66.48 31.86 -19.50
CA THR J 69 -67.50 30.80 -19.74
C THR J 69 -67.35 30.17 -21.11
N ILE J 70 -67.14 30.99 -22.13
CA ILE J 70 -66.89 30.49 -23.46
C ILE J 70 -65.66 29.51 -23.47
N ILE J 71 -64.58 29.90 -22.81
CA ILE J 71 -63.42 29.03 -22.75
C ILE J 71 -63.74 27.76 -21.95
N ASP J 72 -64.55 27.90 -20.92
CA ASP J 72 -64.94 26.79 -20.08
C ASP J 72 -65.78 25.81 -20.86
N ILE J 73 -66.64 26.33 -21.73
CA ILE J 73 -67.46 25.45 -22.54
C ILE J 73 -66.58 24.64 -23.49
N MET J 74 -65.57 25.29 -24.06
CA MET J 74 -64.63 24.54 -24.86
C MET J 74 -63.84 23.49 -24.04
N GLU J 75 -63.38 23.86 -22.86
CA GLU J 75 -62.68 22.93 -21.97
C GLU J 75 -63.58 21.75 -21.63
N MET J 76 -64.88 22.01 -21.46
CA MET J 76 -65.86 20.91 -21.17
C MET J 76 -65.95 19.91 -22.32
N TYR J 77 -66.01 20.45 -23.55
CA TYR J 77 -66.05 19.61 -24.73
C TYR J 77 -64.75 18.86 -24.92
N HIS J 78 -63.63 19.44 -24.51
CA HIS J 78 -62.33 18.75 -24.53
C HIS J 78 -62.38 17.58 -23.56
N ALA J 79 -62.90 17.86 -22.36
CA ALA J 79 -63.11 16.82 -21.34
C ALA J 79 -64.05 15.72 -21.80
N LEU J 80 -65.12 16.10 -22.49
CA LEU J 80 -66.14 15.17 -22.89
C LEU J 80 -65.59 14.28 -23.98
N HIS J 81 -64.86 14.88 -24.93
CA HIS J 81 -64.38 14.14 -26.08
C HIS J 81 -63.23 13.19 -25.74
N VAL J 82 -62.32 13.63 -24.89
CA VAL J 82 -61.27 12.73 -24.42
C VAL J 82 -61.92 11.56 -23.68
N SER J 83 -62.79 11.86 -22.71
CA SER J 83 -63.52 10.81 -21.97
C SER J 83 -64.26 9.81 -22.87
N TRP J 84 -64.94 10.30 -23.90
CA TRP J 84 -65.64 9.46 -24.86
C TRP J 84 -64.70 8.59 -25.69
N SER J 85 -63.51 9.11 -25.97
CA SER J 85 -62.53 8.40 -26.75
C SER J 85 -61.80 7.33 -25.92
N ASN J 86 -61.90 7.42 -24.59
CA ASN J 86 -61.32 6.41 -23.68
C ASN J 86 -62.31 5.35 -23.24
N LEU J 87 -63.55 5.41 -23.74
CA LEU J 87 -64.56 4.42 -23.39
C LEU J 87 -64.29 3.12 -24.15
N GLN J 88 -64.16 2.01 -23.42
CA GLN J 88 -64.09 0.66 -24.04
C GLN J 88 -65.40 0.45 -24.82
N ASP J 89 -66.50 0.44 -24.06
CA ASP J 89 -67.84 0.42 -24.63
C ASP J 89 -68.35 1.86 -24.60
N GLN J 90 -68.10 2.57 -25.71
CA GLN J 90 -68.82 3.81 -25.95
C GLN J 90 -70.20 3.35 -26.35
N GLN J 91 -71.10 3.38 -25.36
CA GLN J 91 -72.47 2.88 -25.51
C GLN J 91 -73.30 3.70 -26.51
N SER J 92 -72.97 3.49 -27.79
CA SER J 92 -73.47 4.23 -28.96
C SER J 92 -73.64 5.75 -28.76
N ILE J 93 -72.84 6.33 -27.86
CA ILE J 93 -72.74 7.80 -27.74
C ILE J 93 -72.16 8.33 -29.05
N ASP J 94 -72.98 9.11 -29.76
CA ASP J 94 -72.61 9.63 -31.08
C ASP J 94 -71.63 10.80 -30.87
N GLU J 95 -70.49 10.72 -31.56
CA GLU J 95 -69.38 11.66 -31.42
C GLU J 95 -69.76 13.13 -31.72
N ARG J 96 -70.70 13.32 -32.65
CA ARG J 96 -71.38 14.60 -32.90
C ARG J 96 -71.76 15.35 -31.60
N ARG J 97 -72.28 14.57 -30.63
CA ARG J 97 -72.81 15.10 -29.37
C ARG J 97 -71.72 15.41 -28.34
N VAL J 98 -70.50 14.99 -28.66
CA VAL J 98 -69.33 15.20 -27.83
C VAL J 98 -68.32 16.12 -28.57
N THR J 99 -68.86 16.90 -29.52
CA THR J 99 -68.10 17.78 -30.36
C THR J 99 -68.68 19.18 -30.19
N PHE J 100 -67.80 20.11 -29.87
CA PHE J 100 -68.21 21.49 -29.74
C PHE J 100 -68.67 22.00 -31.09
N LEU J 101 -69.92 22.44 -31.14
CA LEU J 101 -70.55 22.97 -32.35
C LEU J 101 -70.47 24.51 -32.48
N GLY J 102 -70.27 25.24 -31.39
CA GLY J 102 -70.07 26.68 -31.49
C GLY J 102 -71.31 27.44 -31.15
N PHE J 103 -71.45 28.61 -31.75
CA PHE J 103 -72.54 29.51 -31.43
C PHE J 103 -73.24 29.99 -32.69
N ASP J 104 -74.35 30.69 -32.48
CA ASP J 104 -75.19 31.17 -33.57
C ASP J 104 -74.66 32.48 -34.13
N ALA J 105 -74.27 32.47 -35.40
CA ALA J 105 -73.87 33.73 -36.06
C ALA J 105 -74.88 34.87 -35.89
N ALA J 106 -76.18 34.61 -36.10
CA ALA J 106 -77.17 35.69 -36.13
C ALA J 106 -77.45 36.28 -34.75
N THR J 107 -77.56 35.43 -33.73
CA THR J 107 -77.95 35.94 -32.40
C THR J 107 -76.89 35.85 -31.33
N GLU J 108 -75.79 35.19 -31.64
CA GLU J 108 -74.68 35.00 -30.68
C GLU J 108 -73.31 35.37 -31.29
N ALA J 109 -73.30 36.47 -32.05
CA ALA J 109 -72.15 36.86 -32.81
C ALA J 109 -71.00 37.22 -31.92
N ARG J 110 -71.23 37.87 -30.80
CA ARG J 110 -70.12 38.15 -29.91
C ARG J 110 -69.38 36.87 -29.47
N TYR J 111 -70.16 35.81 -29.27
CA TYR J 111 -69.69 34.58 -28.64
C TYR J 111 -68.93 33.81 -29.71
N LEU J 112 -69.52 33.70 -30.89
CA LEU J 112 -68.82 33.09 -32.04
C LEU J 112 -67.48 33.77 -32.34
N GLY J 113 -67.51 35.09 -32.36
CA GLY J 113 -66.34 35.86 -32.59
C GLY J 113 -65.24 35.53 -31.62
N TYR J 114 -65.58 35.38 -30.34
CA TYR J 114 -64.57 35.10 -29.32
C TYR J 114 -63.99 33.71 -29.51
N VAL J 115 -64.85 32.76 -29.87
CA VAL J 115 -64.38 31.40 -30.16
C VAL J 115 -63.33 31.45 -31.28
N ARG J 116 -63.63 32.19 -32.34
CA ARG J 116 -62.70 32.32 -33.46
C ARG J 116 -61.41 33.06 -33.09
N PHE J 117 -61.51 34.09 -32.28
CA PHE J 117 -60.33 34.75 -31.72
C PHE J 117 -59.46 33.77 -30.89
N MET J 118 -60.07 32.99 -30.02
CA MET J 118 -59.29 32.05 -29.19
C MET J 118 -58.60 30.98 -30.01
N VAL J 119 -59.27 30.49 -31.05
CA VAL J 119 -58.74 29.42 -31.86
C VAL J 119 -57.74 29.99 -32.86
N ASN J 120 -58.20 30.98 -33.65
CA ASN J 120 -57.44 31.51 -34.83
C ASN J 120 -56.34 32.49 -34.44
N VAL J 121 -56.56 33.28 -33.39
CA VAL J 121 -55.54 34.24 -32.93
C VAL J 121 -54.69 33.71 -31.79
N GLU J 122 -55.34 33.30 -30.70
CA GLU J 122 -54.56 32.79 -29.55
C GLU J 122 -54.00 31.39 -29.79
N GLY J 123 -54.60 30.65 -30.73
CA GLY J 123 -54.15 29.29 -31.04
C GLY J 123 -54.56 28.23 -30.04
N ARG J 124 -55.64 28.47 -29.30
CA ARG J 124 -56.13 27.47 -28.39
C ARG J 124 -57.13 26.51 -29.07
N TYR J 125 -57.20 25.28 -28.57
CA TYR J 125 -58.17 24.30 -29.09
C TYR J 125 -58.12 24.11 -30.61
N THR J 126 -56.93 24.23 -31.17
CA THR J 126 -56.76 24.08 -32.63
C THR J 126 -57.09 22.69 -33.16
N HIS J 127 -57.18 21.67 -32.30
CA HIS J 127 -57.55 20.32 -32.79
C HIS J 127 -59.06 20.10 -32.86
N PHE J 128 -59.83 21.05 -32.34
CA PHE J 128 -61.28 20.97 -32.40
C PHE J 128 -61.74 21.02 -33.86
N ASP J 129 -62.76 20.22 -34.17
CA ASP J 129 -63.36 20.22 -35.50
C ASP J 129 -64.25 21.43 -35.65
N ALA J 130 -63.88 22.29 -36.57
CA ALA J 130 -64.58 23.56 -36.77
C ALA J 130 -65.92 23.37 -37.49
N GLY J 131 -66.17 22.16 -38.01
CA GLY J 131 -67.37 21.93 -38.83
C GLY J 131 -67.30 22.58 -40.22
N THR J 132 -68.48 22.84 -40.80
CA THR J 132 -68.56 23.41 -42.16
C THR J 132 -68.60 24.93 -42.18
N HIS J 133 -68.84 25.57 -41.03
CA HIS J 133 -68.91 27.05 -40.99
C HIS J 133 -68.16 27.68 -39.80
N GLY J 134 -66.99 27.11 -39.45
CA GLY J 134 -66.04 27.79 -38.56
C GLY J 134 -66.66 28.10 -37.20
N PHE J 135 -67.32 27.07 -36.65
CA PHE J 135 -67.97 27.09 -35.34
C PHE J 135 -69.29 27.87 -35.34
N ASN J 136 -69.85 28.17 -36.52
CA ASN J 136 -71.17 28.81 -36.57
C ASN J 136 -72.19 27.70 -36.44
N ALA J 137 -72.73 27.51 -35.22
CA ALA J 137 -73.77 26.50 -34.97
C ALA J 137 -75.11 26.70 -35.74
N GLN J 138 -75.38 27.94 -36.15
CA GLN J 138 -76.61 28.33 -36.88
C GLN J 138 -77.90 28.21 -36.05
N THR J 139 -77.74 27.97 -34.75
CA THR J 139 -78.86 27.90 -33.83
C THR J 139 -78.34 28.27 -32.44
N PRO J 140 -79.16 28.96 -31.64
CA PRO J 140 -78.60 29.53 -30.40
C PRO J 140 -78.21 28.42 -29.44
N MET J 141 -77.04 28.53 -28.81
CA MET J 141 -76.52 27.43 -27.96
C MET J 141 -76.14 27.81 -26.55
N TRP J 142 -76.13 29.09 -26.23
CA TRP J 142 -75.66 29.55 -24.93
C TRP J 142 -76.39 28.93 -23.75
N GLU J 143 -77.73 28.99 -23.74
CA GLU J 143 -78.52 28.41 -22.63
C GLU J 143 -78.29 26.92 -22.51
N LYS J 144 -78.19 26.25 -23.63
CA LYS J 144 -77.88 24.82 -23.63
C LYS J 144 -76.57 24.53 -22.91
N TYR J 145 -75.53 25.29 -23.31
CA TYR J 145 -74.19 25.09 -22.74
C TYR J 145 -74.19 25.36 -21.27
N GLN J 146 -75.01 26.29 -20.83
CA GLN J 146 -75.10 26.59 -19.41
C GLN J 146 -75.60 25.40 -18.64
N ARG J 147 -76.58 24.72 -19.22
CA ARG J 147 -77.16 23.53 -18.60
C ARG J 147 -76.11 22.44 -18.51
N MET J 148 -75.36 22.29 -19.57
CA MET J 148 -74.29 21.31 -19.61
C MET J 148 -73.19 21.58 -18.55
N LEU J 149 -72.74 22.83 -18.49
CA LEU J 149 -71.66 23.21 -17.58
C LEU J 149 -72.05 22.87 -16.15
N ASN J 150 -73.32 23.06 -15.92
CA ASN J 150 -73.88 22.81 -14.63
C ASN J 150 -73.78 21.35 -14.16
N VAL J 151 -74.09 20.42 -15.05
CA VAL J 151 -73.93 18.99 -14.75
C VAL J 151 -72.44 18.63 -14.71
N TRP J 152 -71.65 19.13 -15.68
CA TRP J 152 -70.23 18.86 -15.69
C TRP J 152 -69.52 19.23 -14.39
N HIS J 153 -69.73 20.45 -13.91
CA HIS J 153 -69.05 20.93 -12.71
C HIS J 153 -69.53 20.25 -11.42
N ALA J 154 -70.67 19.56 -11.52
CA ALA J 154 -71.24 18.79 -10.38
C ALA J 154 -70.65 17.38 -10.31
N CYS J 155 -69.98 16.91 -11.37
CA CYS J 155 -69.25 15.67 -11.32
C CYS J 155 -68.05 15.81 -10.41
N PRO J 156 -67.88 14.90 -9.42
CA PRO J 156 -66.68 15.10 -8.57
C PRO J 156 -65.35 15.08 -9.32
N ARG J 157 -65.25 14.25 -10.34
CA ARG J 157 -64.14 14.38 -11.24
C ARG J 157 -64.66 14.97 -12.56
N GLN J 158 -63.95 15.95 -13.13
CA GLN J 158 -64.38 16.55 -14.39
C GLN J 158 -63.77 15.92 -15.64
N TYR J 159 -62.72 15.14 -15.46
CA TYR J 159 -62.00 14.57 -16.57
C TYR J 159 -62.00 13.03 -16.42
N HIS J 160 -61.86 12.31 -17.54
CA HIS J 160 -61.98 10.83 -17.54
C HIS J 160 -63.35 10.43 -17.02
N LEU J 161 -64.39 10.95 -17.65
CA LEU J 161 -65.77 10.74 -17.24
C LEU J 161 -66.33 9.38 -17.75
N SER J 162 -67.20 8.79 -16.95
CA SER J 162 -67.95 7.58 -17.35
C SER J 162 -69.04 7.95 -18.35
N ALA J 163 -69.62 6.93 -18.97
CA ALA J 163 -70.61 7.13 -20.00
C ALA J 163 -71.88 7.62 -19.36
N ASN J 164 -72.18 7.14 -18.16
CA ASN J 164 -73.31 7.68 -17.46
C ASN J 164 -73.13 9.20 -17.34
N GLU J 165 -71.94 9.63 -16.92
CA GLU J 165 -71.64 11.08 -16.66
C GLU J 165 -71.64 11.88 -17.95
N ILE J 166 -71.00 11.32 -18.97
CA ILE J 166 -71.08 11.89 -20.31
C ILE J 166 -72.53 12.10 -20.75
N ASN J 167 -73.37 11.09 -20.57
CA ASN J 167 -74.78 11.18 -20.94
C ASN J 167 -75.58 12.17 -20.11
N GLN J 168 -75.31 12.24 -18.81
CA GLN J 168 -75.99 13.21 -18.00
C GLN J 168 -75.71 14.61 -18.56
N ILE J 169 -74.46 14.84 -18.93
CA ILE J 169 -73.99 16.18 -19.41
C ILE J 169 -74.61 16.55 -20.76
N ILE J 170 -74.42 15.71 -21.75
CA ILE J 170 -75.00 16.01 -23.07
C ILE J 170 -76.54 16.13 -23.11
N ASN J 171 -77.23 15.40 -22.22
CA ASN J 171 -78.68 15.45 -22.18
C ASN J 171 -79.20 16.54 -21.24
N ALA J 172 -78.33 17.36 -20.67
CA ALA J 172 -78.82 18.47 -19.90
C ALA J 172 -79.32 19.50 -20.88
N GLN K 5 -60.43 73.28 26.79
CA GLN K 5 -61.77 72.98 27.41
C GLN K 5 -61.84 71.51 27.85
N GLU K 6 -61.31 70.59 27.04
CA GLU K 6 -61.61 69.17 27.27
C GLU K 6 -61.19 68.75 28.69
N SER K 7 -62.16 68.21 29.44
CA SER K 7 -62.00 67.82 30.83
C SER K 7 -60.99 66.69 31.01
N THR K 8 -60.25 66.73 32.12
CA THR K 8 -59.39 65.59 32.48
C THR K 8 -60.11 64.22 32.40
N MET K 9 -61.42 64.21 32.67
CA MET K 9 -62.23 62.95 32.70
C MET K 9 -62.29 62.24 31.34
N GLU K 10 -62.13 63.06 30.30
CA GLU K 10 -62.09 62.63 28.89
C GLU K 10 -60.72 62.13 28.39
N MET K 11 -59.70 62.14 29.23
CA MET K 11 -58.34 61.86 28.77
C MET K 11 -58.22 60.42 28.38
N THR K 12 -57.29 60.14 27.47
CA THR K 12 -57.10 58.80 27.00
C THR K 12 -56.26 58.04 28.01
N ASN K 13 -56.26 56.72 27.89
CA ASN K 13 -55.43 55.89 28.74
C ASN K 13 -53.93 56.15 28.58
N ALA K 14 -53.47 56.48 27.38
CA ALA K 14 -52.09 56.90 27.21
C ALA K 14 -51.80 58.15 28.07
N GLN K 15 -52.75 59.09 28.11
CA GLN K 15 -52.57 60.30 28.91
C GLN K 15 -52.59 60.05 30.42
N ARG K 16 -53.47 59.15 30.88
CA ARG K 16 -53.43 58.66 32.26
C ARG K 16 -52.09 58.05 32.66
N LEU K 17 -51.54 57.26 31.75
CA LEU K 17 -50.26 56.57 32.00
C LEU K 17 -49.15 57.61 32.02
N ILE K 18 -49.18 58.57 31.10
CA ILE K 18 -48.20 59.68 31.10
C ILE K 18 -48.21 60.42 32.45
N LEU K 19 -49.43 60.73 32.88
CA LEU K 19 -49.63 61.46 34.15
C LEU K 19 -49.16 60.64 35.33
N SER K 20 -49.52 59.34 35.33
CA SER K 20 -49.11 58.44 36.39
C SER K 20 -47.62 58.34 36.53
N ASN K 21 -46.94 58.25 35.38
CA ASN K 21 -45.50 58.24 35.33
C ASN K 21 -44.93 59.55 35.85
N GLN K 22 -45.57 60.68 35.54
CA GLN K 22 -45.10 61.96 36.05
C GLN K 22 -45.13 62.00 37.58
N TYR K 23 -46.21 61.55 38.19
CA TYR K 23 -46.30 61.59 39.65
C TYR K 23 -45.26 60.66 40.31
N LYS K 24 -44.96 59.53 39.68
CA LYS K 24 -43.90 58.65 40.11
C LYS K 24 -42.54 59.36 40.07
N MET K 25 -42.27 60.10 38.98
CA MET K 25 -41.05 60.84 38.83
C MET K 25 -40.95 61.96 39.80
N MET K 26 -42.06 62.65 40.04
CA MET K 26 -42.12 63.77 40.96
C MET K 26 -41.79 63.30 42.36
N THR K 27 -42.23 62.10 42.71
CA THR K 27 -41.85 61.51 43.99
C THR K 27 -40.35 61.21 44.06
N MET K 28 -39.77 60.75 42.98
CA MET K 28 -38.35 60.45 43.01
C MET K 28 -37.57 61.75 43.15
N LEU K 29 -38.04 62.83 42.50
CA LEU K 29 -37.31 64.11 42.50
C LEU K 29 -37.58 64.96 43.73
N ASP K 30 -38.77 64.80 44.34
CA ASP K 30 -39.18 65.65 45.43
C ASP K 30 -39.81 64.73 46.49
N PRO K 31 -39.05 63.77 47.04
CA PRO K 31 -39.60 62.76 47.97
C PRO K 31 -40.34 63.34 49.17
N ALA K 32 -39.98 64.55 49.58
CA ALA K 32 -40.71 65.17 50.67
C ALA K 32 -42.21 65.36 50.39
N ASN K 33 -42.62 65.49 49.12
CA ASN K 33 -44.02 65.65 48.78
C ASN K 33 -44.67 64.37 48.23
N ALA K 34 -44.11 63.22 48.58
CA ALA K 34 -44.59 61.92 48.13
C ALA K 34 -46.08 61.74 48.35
N GLU K 35 -46.60 62.22 49.47
CA GLU K 35 -48.04 61.98 49.74
C GLU K 35 -48.94 62.75 48.79
N ARG K 36 -48.56 63.96 48.47
CA ARG K 36 -49.28 64.74 47.50
C ARG K 36 -49.23 64.05 46.13
N TYR K 37 -48.06 63.58 45.71
CA TYR K 37 -47.99 62.96 44.40
C TYR K 37 -48.71 61.59 44.35
N ARG K 38 -48.59 60.80 45.40
CA ARG K 38 -49.24 59.53 45.45
C ARG K 38 -50.80 59.65 45.43
N ARG K 39 -51.33 60.67 46.10
CA ARG K 39 -52.77 60.98 46.06
C ARG K 39 -53.25 61.28 44.64
N LEU K 40 -52.51 62.13 43.91
CA LEU K 40 -52.85 62.42 42.51
C LEU K 40 -52.74 61.17 41.61
N GLN K 41 -51.68 60.39 41.80
CA GLN K 41 -51.48 59.16 41.05
C GLN K 41 -52.70 58.26 41.28
N THR K 42 -53.20 58.17 42.52
CA THR K 42 -54.38 57.37 42.79
C THR K 42 -55.62 57.88 42.02
N ILE K 43 -55.82 59.20 42.04
CA ILE K 43 -56.96 59.83 41.40
C ILE K 43 -56.94 59.55 39.88
N ILE K 44 -55.76 59.68 39.29
CA ILE K 44 -55.59 59.39 37.89
C ILE K 44 -55.75 57.91 37.58
N GLU K 45 -55.10 57.04 38.32
CA GLU K 45 -55.19 55.60 38.01
C GLU K 45 -56.61 55.06 38.15
N ARG K 46 -57.29 55.45 39.23
CA ARG K 46 -58.64 54.96 39.51
C ARG K 46 -59.73 55.76 38.84
N GLY K 47 -59.37 56.83 38.19
CA GLY K 47 -60.30 57.65 37.43
C GLY K 47 -61.40 58.22 38.31
N TYR K 48 -60.98 58.75 39.47
CA TYR K 48 -61.95 59.27 40.45
C TYR K 48 -62.52 60.57 39.92
N GLY K 49 -63.74 60.50 39.42
CA GLY K 49 -64.30 61.59 38.64
C GLY K 49 -64.54 62.92 39.35
N LEU K 50 -64.93 62.86 40.62
CA LEU K 50 -65.06 64.11 41.42
C LEU K 50 -63.74 64.85 41.54
N GLN K 51 -62.71 64.14 41.99
CA GLN K 51 -61.38 64.74 42.08
C GLN K 51 -60.82 65.16 40.69
N MET K 52 -61.12 64.43 39.61
CA MET K 52 -60.74 64.88 38.25
C MET K 52 -61.35 66.22 37.85
N ARG K 53 -62.63 66.41 38.21
CA ARG K 53 -63.29 67.70 38.09
C ARG K 53 -62.59 68.78 38.86
N GLU K 54 -62.18 68.50 40.10
CA GLU K 54 -61.43 69.48 40.89
C GLU K 54 -60.13 69.85 40.21
N LEU K 55 -59.49 68.88 39.55
CA LEU K 55 -58.34 69.19 38.67
C LEU K 55 -58.65 70.17 37.54
N ASP K 56 -59.78 69.97 36.88
CA ASP K 56 -60.22 70.87 35.81
C ASP K 56 -60.22 72.29 36.31
N ARG K 57 -60.60 72.45 37.55
CA ARG K 57 -60.82 73.79 38.09
C ARG K 57 -59.55 74.53 38.36
N GLU K 58 -58.43 73.83 38.35
CA GLU K 58 -57.15 74.47 38.41
C GLU K 58 -56.69 75.19 37.12
N PHE K 59 -57.35 74.94 35.99
CA PHE K 59 -56.94 75.47 34.74
C PHE K 59 -57.90 76.53 34.26
N GLY K 60 -57.39 77.74 33.99
CA GLY K 60 -58.23 78.83 33.46
C GLY K 60 -57.98 79.12 31.99
N GLU K 61 -58.61 80.19 31.52
CA GLU K 61 -58.45 80.63 30.19
C GLU K 61 -58.62 82.15 30.23
N LEU K 62 -57.80 82.82 29.44
CA LEU K 62 -57.89 84.25 29.18
C LEU K 62 -57.56 84.34 27.73
N LYS K 63 -58.56 84.57 26.92
CA LYS K 63 -58.45 84.53 25.48
C LYS K 63 -57.46 85.56 25.03
N GLU K 64 -56.75 85.25 23.95
CA GLU K 64 -55.74 86.11 23.37
C GLU K 64 -56.26 87.54 23.17
N GLU K 65 -57.50 87.66 22.67
CA GLU K 65 -57.99 89.00 22.41
C GLU K 65 -58.15 89.81 23.69
N THR K 66 -58.58 89.14 24.76
CA THR K 66 -58.74 89.77 26.04
C THR K 66 -57.36 90.19 26.61
N CYS K 67 -56.34 89.32 26.51
CA CYS K 67 -54.97 89.70 26.85
C CYS K 67 -54.51 90.99 26.13
N ARG K 68 -54.74 91.02 24.84
CA ARG K 68 -54.36 92.17 24.00
C ARG K 68 -55.11 93.41 24.40
N THR K 69 -56.37 93.27 24.80
CA THR K 69 -57.16 94.40 25.18
C THR K 69 -56.63 95.02 26.47
N ILE K 70 -56.26 94.18 27.42
CA ILE K 70 -55.68 94.65 28.66
C ILE K 70 -54.38 95.42 28.40
N ILE K 71 -53.51 94.84 27.58
CA ILE K 71 -52.26 95.51 27.17
C ILE K 71 -52.56 96.85 26.48
N ASP K 72 -53.53 96.84 25.56
CA ASP K 72 -53.98 98.08 24.87
C ASP K 72 -54.48 99.20 25.83
N ILE K 73 -55.18 98.80 26.89
CA ILE K 73 -55.64 99.75 27.90
C ILE K 73 -54.45 100.36 28.60
N MET K 74 -53.48 99.55 28.93
CA MET K 74 -52.25 100.11 29.52
C MET K 74 -51.51 101.01 28.53
N GLU K 75 -51.38 100.58 27.27
CA GLU K 75 -50.79 101.43 26.24
C GLU K 75 -51.57 102.74 26.07
N MET K 76 -52.89 102.67 26.17
CA MET K 76 -53.71 103.89 26.11
C MET K 76 -53.31 104.87 27.21
N TYR K 77 -53.14 104.36 28.44
CA TYR K 77 -52.81 105.20 29.56
C TYR K 77 -51.41 105.74 29.47
N HIS K 78 -50.48 104.98 28.88
CA HIS K 78 -49.17 105.50 28.49
C HIS K 78 -49.29 106.72 27.52
N ALA K 79 -50.05 106.53 26.44
CA ALA K 79 -50.39 107.61 25.49
C ALA K 79 -50.98 108.78 26.23
N LEU K 80 -52.00 108.54 27.05
CA LEU K 80 -52.68 109.62 27.75
C LEU K 80 -51.74 110.39 28.64
N HIS K 81 -51.08 109.65 29.53
CA HIS K 81 -50.13 110.28 30.48
C HIS K 81 -49.00 111.08 29.83
N VAL K 82 -48.34 110.53 28.83
CA VAL K 82 -47.26 111.23 28.12
C VAL K 82 -47.78 112.49 27.40
N SER K 83 -48.96 112.37 26.77
CA SER K 83 -49.61 113.51 26.15
C SER K 83 -49.89 114.61 27.19
N TRP K 84 -50.43 114.21 28.34
CA TRP K 84 -50.75 115.13 29.41
C TRP K 84 -49.49 115.79 30.00
N SER K 85 -48.45 114.99 30.18
CA SER K 85 -47.18 115.49 30.69
C SER K 85 -46.56 116.49 29.72
N ASN K 86 -46.93 116.43 28.45
CA ASN K 86 -46.42 117.39 27.46
C ASN K 86 -47.33 118.59 27.22
N LEU K 87 -48.46 118.65 27.93
CA LEU K 87 -49.34 119.84 27.86
C LEU K 87 -48.81 120.98 28.77
N GLN K 88 -48.73 122.18 28.20
CA GLN K 88 -48.33 123.37 29.00
C GLN K 88 -49.59 123.92 29.66
N ASP K 89 -50.65 124.09 28.87
CA ASP K 89 -51.97 124.22 29.47
C ASP K 89 -52.57 122.83 29.57
N GLN K 90 -52.58 122.30 30.79
CA GLN K 90 -53.16 121.00 31.07
C GLN K 90 -54.64 121.15 31.35
N GLN K 91 -55.21 122.34 31.07
CA GLN K 91 -56.65 122.64 31.31
C GLN K 91 -56.93 122.12 32.70
N SER K 92 -55.91 122.26 33.52
CA SER K 92 -55.58 121.30 34.57
C SER K 92 -56.54 120.11 34.71
N ILE K 93 -56.32 119.21 33.75
CA ILE K 93 -56.73 117.82 33.80
C ILE K 93 -56.05 117.21 35.00
N ASP K 94 -56.86 116.61 35.86
CA ASP K 94 -56.39 115.84 37.02
C ASP K 94 -55.50 114.67 36.55
N GLU K 95 -54.26 114.56 37.07
CA GLU K 95 -53.37 113.44 36.75
C GLU K 95 -54.01 112.06 37.06
N ARG K 96 -54.71 111.95 38.18
CA ARG K 96 -55.43 110.73 38.51
C ARG K 96 -56.36 110.20 37.36
N ARG K 97 -56.94 111.11 36.56
CA ARG K 97 -57.81 110.76 35.43
C ARG K 97 -57.04 110.16 34.24
N VAL K 98 -55.73 110.40 34.24
CA VAL K 98 -54.81 109.99 33.23
C VAL K 98 -53.77 108.99 33.80
N THR K 99 -54.20 108.32 34.86
CA THR K 99 -53.42 107.27 35.50
C THR K 99 -54.20 105.95 35.47
N PHE K 100 -53.55 104.88 35.04
CA PHE K 100 -54.21 103.58 34.92
C PHE K 100 -54.38 103.06 36.33
N LEU K 101 -55.62 102.74 36.70
CA LEU K 101 -55.98 102.40 38.07
C LEU K 101 -56.16 100.91 38.26
N GLY K 102 -56.27 100.17 37.16
CA GLY K 102 -56.30 98.76 37.22
C GLY K 102 -57.70 98.20 37.14
N PHE K 103 -57.88 97.08 37.82
CA PHE K 103 -59.07 96.26 37.72
C PHE K 103 -59.61 95.85 39.09
N ASP K 104 -60.84 95.37 39.09
CA ASP K 104 -61.60 95.01 40.31
C ASP K 104 -61.16 93.61 40.74
N ALA K 105 -60.53 93.54 41.89
CA ALA K 105 -60.12 92.25 42.51
C ALA K 105 -61.26 91.25 42.60
N ALA K 106 -62.44 91.71 43.04
CA ALA K 106 -63.62 90.85 43.29
C ALA K 106 -64.28 90.30 42.04
N THR K 107 -64.45 91.13 41.01
CA THR K 107 -65.16 90.68 39.80
C THR K 107 -64.34 90.67 38.53
N GLU K 108 -63.10 91.16 38.59
CA GLU K 108 -62.23 91.17 37.41
C GLU K 108 -60.86 90.55 37.72
N ALA K 109 -60.88 89.46 38.49
CA ALA K 109 -59.64 88.91 39.04
C ALA K 109 -58.75 88.43 37.92
N ARG K 110 -59.31 87.86 36.86
CA ARG K 110 -58.47 87.43 35.78
C ARG K 110 -57.74 88.64 35.14
N TYR K 111 -58.39 89.80 35.10
CA TYR K 111 -57.87 90.96 34.39
C TYR K 111 -56.76 91.55 35.26
N LEU K 112 -57.04 91.64 36.54
CA LEU K 112 -56.06 92.14 37.46
C LEU K 112 -54.80 91.24 37.52
N GLY K 113 -54.99 89.94 37.51
CA GLY K 113 -53.85 89.01 37.45
C GLY K 113 -52.98 89.19 36.23
N TYR K 114 -53.57 89.50 35.10
CA TYR K 114 -52.79 89.64 33.88
C TYR K 114 -51.99 90.93 33.93
N VAL K 115 -52.59 92.01 34.42
CA VAL K 115 -51.83 93.23 34.67
C VAL K 115 -50.58 92.96 35.49
N ARG K 116 -50.76 92.31 36.64
CA ARG K 116 -49.68 91.96 37.52
C ARG K 116 -48.64 91.09 36.82
N PHE K 117 -49.11 90.14 36.01
CA PHE K 117 -48.22 89.27 35.30
C PHE K 117 -47.40 90.11 34.33
N MET K 118 -48.05 91.00 33.59
CA MET K 118 -47.35 91.76 32.56
C MET K 118 -46.31 92.70 33.20
N VAL K 119 -46.61 93.27 34.36
CA VAL K 119 -45.70 94.20 34.99
C VAL K 119 -44.61 93.45 35.76
N ASN K 120 -45.00 92.53 36.64
CA ASN K 120 -44.06 91.87 37.58
C ASN K 120 -43.30 90.72 36.97
N VAL K 121 -43.87 90.06 35.95
CA VAL K 121 -43.18 88.95 35.34
C VAL K 121 -42.51 89.41 34.02
N GLU K 122 -43.30 89.90 33.06
CA GLU K 122 -42.72 90.38 31.79
C GLU K 122 -41.92 91.66 31.89
N GLY K 123 -42.17 92.45 32.92
CA GLY K 123 -41.41 93.70 33.13
C GLY K 123 -41.92 94.89 32.31
N ARG K 124 -43.14 94.81 31.79
CA ARG K 124 -43.71 95.92 30.99
C ARG K 124 -44.39 96.96 31.87
N TYR K 125 -44.34 98.22 31.46
CA TYR K 125 -45.02 99.29 32.18
C TYR K 125 -44.59 99.41 33.66
N THR K 126 -43.34 99.12 33.92
CA THR K 126 -42.83 99.17 35.28
C THR K 126 -42.80 100.60 35.86
N HIS K 127 -42.86 101.64 35.01
CA HIS K 127 -42.88 103.03 35.49
C HIS K 127 -44.30 103.53 35.83
N PHE K 128 -45.33 102.73 35.52
CA PHE K 128 -46.69 102.98 35.99
C PHE K 128 -46.88 102.97 37.52
N ASP K 129 -47.69 103.90 38.00
CA ASP K 129 -48.09 103.99 39.40
C ASP K 129 -49.10 102.88 39.72
N ALA K 130 -48.65 101.92 40.56
CA ALA K 130 -49.48 100.81 40.99
C ALA K 130 -50.47 101.16 42.10
N GLY K 131 -50.32 102.38 42.67
CA GLY K 131 -51.21 102.96 43.68
C GLY K 131 -51.76 102.21 44.90
N THR K 132 -50.93 101.59 45.73
CA THR K 132 -51.36 101.11 47.10
C THR K 132 -52.12 99.77 47.20
N HIS K 133 -52.77 99.31 46.13
CA HIS K 133 -53.23 97.92 46.10
C HIS K 133 -52.86 97.20 44.80
N GLY K 134 -51.72 97.58 44.22
CA GLY K 134 -51.13 96.86 43.09
C GLY K 134 -52.14 96.72 41.95
N PHE K 135 -52.69 97.87 41.52
CA PHE K 135 -53.60 97.92 40.39
C PHE K 135 -54.98 97.28 40.70
N ASN K 136 -55.32 97.04 41.98
CA ASN K 136 -56.69 96.66 42.33
C ASN K 136 -57.47 97.97 42.35
N ALA K 137 -58.37 98.14 41.37
CA ALA K 137 -59.23 99.33 41.31
C ALA K 137 -60.39 99.31 42.34
N GLN K 138 -60.78 98.12 42.80
CA GLN K 138 -61.85 97.99 43.80
C GLN K 138 -63.28 98.34 43.26
N THR K 139 -63.37 98.62 41.97
CA THR K 139 -64.62 98.78 41.27
C THR K 139 -64.40 98.34 39.83
N PRO K 140 -65.45 97.82 39.18
CA PRO K 140 -65.27 97.29 37.83
C PRO K 140 -64.91 98.36 36.82
N MET K 141 -63.90 98.06 35.96
CA MET K 141 -63.39 99.03 34.96
C MET K 141 -63.44 98.53 33.53
N TRP K 142 -63.70 97.25 33.31
CA TRP K 142 -63.69 96.76 31.97
C TRP K 142 -64.54 97.58 30.99
N GLU K 143 -65.83 97.75 31.28
CA GLU K 143 -66.77 98.51 30.41
C GLU K 143 -66.29 99.94 30.19
N LYS K 144 -65.89 100.61 31.25
CA LYS K 144 -65.33 101.93 31.09
C LYS K 144 -64.16 102.02 30.13
N TYR K 145 -63.22 101.08 30.28
CA TYR K 145 -62.05 101.09 29.45
C TYR K 145 -62.41 100.84 28.01
N GLN K 146 -63.44 100.03 27.77
CA GLN K 146 -63.90 99.81 26.45
C GLN K 146 -64.36 101.12 25.80
N ARG K 147 -65.10 101.93 26.56
CA ARG K 147 -65.58 103.24 26.06
C ARG K 147 -64.41 104.19 25.74
N MET K 148 -63.44 104.24 26.63
CA MET K 148 -62.23 105.05 26.42
C MET K 148 -61.41 104.61 25.21
N LEU K 149 -61.22 103.30 25.07
CA LEU K 149 -60.50 102.76 23.93
C LEU K 149 -61.18 103.16 22.63
N ASN K 150 -62.51 103.15 22.64
CA ASN K 150 -63.26 103.47 21.46
C ASN K 150 -62.93 104.89 20.98
N VAL K 151 -62.84 105.81 21.91
CA VAL K 151 -62.57 107.21 21.58
C VAL K 151 -61.10 107.34 21.18
N TRP K 152 -60.20 106.72 21.93
CA TRP K 152 -58.76 106.84 21.67
C TRP K 152 -58.42 106.39 20.27
N HIS K 153 -58.91 105.21 19.90
CA HIS K 153 -58.61 104.64 18.56
C HIS K 153 -59.30 105.39 17.41
N ALA K 154 -60.26 106.24 17.71
CA ALA K 154 -60.92 107.11 16.73
C ALA K 154 -60.15 108.42 16.53
N CYS K 155 -59.16 108.65 17.37
CA CYS K 155 -58.28 109.82 17.20
C CYS K 155 -57.32 109.55 16.05
N PRO K 156 -57.23 110.54 15.13
CA PRO K 156 -56.52 110.26 13.87
C PRO K 156 -55.09 109.95 14.25
N ARG K 157 -54.59 110.57 15.30
CA ARG K 157 -53.30 110.20 15.83
C ARG K 157 -53.53 109.84 17.29
N GLN K 158 -52.82 108.82 17.78
CA GLN K 158 -53.05 108.27 19.10
C GLN K 158 -52.09 108.79 20.19
N TYR K 159 -50.96 109.34 19.75
CA TYR K 159 -49.97 109.85 20.67
C TYR K 159 -49.85 111.37 20.43
N HIS K 160 -49.29 112.07 21.42
CA HIS K 160 -49.23 113.55 21.35
C HIS K 160 -50.64 114.09 21.18
N LEU K 161 -51.51 113.65 22.09
CA LEU K 161 -52.92 114.01 22.08
C LEU K 161 -53.10 115.46 22.55
N SER K 162 -54.09 116.14 21.99
CA SER K 162 -54.41 117.51 22.43
C SER K 162 -55.18 117.40 23.74
N ALA K 163 -55.34 118.53 24.42
CA ALA K 163 -56.07 118.55 25.67
C ALA K 163 -57.50 118.14 25.42
N ASN K 164 -58.06 118.59 24.31
CA ASN K 164 -59.44 118.25 23.97
C ASN K 164 -59.61 116.72 23.76
N GLU K 165 -58.65 116.13 23.07
CA GLU K 165 -58.67 114.67 22.83
C GLU K 165 -58.63 113.89 24.14
N ILE K 166 -57.71 114.25 25.01
CA ILE K 166 -57.61 113.62 26.34
C ILE K 166 -58.93 113.62 27.05
N ASN K 167 -59.63 114.76 26.99
CA ASN K 167 -60.88 114.96 27.70
C ASN K 167 -61.98 114.09 27.14
N GLN K 168 -62.05 114.00 25.82
CA GLN K 168 -63.03 113.11 25.20
C GLN K 168 -62.76 111.68 25.68
N ILE K 169 -61.48 111.32 25.74
CA ILE K 169 -61.15 109.91 26.05
C ILE K 169 -61.53 109.60 27.49
N ILE K 170 -60.97 110.33 28.42
CA ILE K 170 -61.32 110.11 29.83
C ILE K 170 -62.81 110.25 30.21
N ASN K 171 -63.56 111.09 29.49
CA ASN K 171 -64.96 111.29 29.80
C ASN K 171 -65.84 110.23 29.21
N ALA K 172 -65.33 109.41 28.27
CA ALA K 172 -66.17 108.47 27.53
C ALA K 172 -67.09 107.64 28.44
N GLN L 5 -88.52 57.84 30.14
CA GLN L 5 -87.79 59.04 29.62
C GLN L 5 -86.88 59.77 30.67
N GLU L 6 -87.10 61.08 30.81
CA GLU L 6 -86.04 62.07 30.90
C GLU L 6 -86.11 62.82 32.25
N SER L 7 -85.02 63.52 32.57
CA SER L 7 -84.86 64.18 33.87
C SER L 7 -85.84 65.33 34.10
N THR L 8 -86.16 65.53 35.36
CA THR L 8 -86.98 66.65 35.73
C THR L 8 -86.31 67.96 35.30
N MET L 9 -84.97 68.02 35.26
CA MET L 9 -84.24 69.27 34.87
C MET L 9 -84.57 69.79 33.43
N GLU L 10 -84.92 68.79 32.60
CA GLU L 10 -85.35 68.99 31.22
C GLU L 10 -86.84 69.35 31.01
N MET L 11 -87.62 69.47 32.08
CA MET L 11 -89.04 69.75 31.92
C MET L 11 -89.29 71.13 31.34
N THR L 12 -90.41 71.26 30.66
CA THR L 12 -90.68 72.51 30.00
C THR L 12 -91.22 73.49 31.04
N ASN L 13 -91.29 74.75 30.67
CA ASN L 13 -91.88 75.70 31.59
C ASN L 13 -93.34 75.42 31.87
N ALA L 14 -94.06 74.94 30.89
CA ALA L 14 -95.43 74.58 31.09
C ALA L 14 -95.53 73.53 32.24
N GLN L 15 -94.66 72.53 32.15
CA GLN L 15 -94.56 71.45 33.15
C GLN L 15 -94.15 71.94 34.55
N ARG L 16 -93.29 72.91 34.59
CA ARG L 16 -92.97 73.61 35.85
C ARG L 16 -94.16 74.29 36.47
N LEU L 17 -94.93 74.98 35.63
CA LEU L 17 -96.19 75.64 36.06
C LEU L 17 -97.24 74.65 36.55
N ILE L 18 -97.44 73.57 35.79
CA ILE L 18 -98.34 72.49 36.19
C ILE L 18 -97.97 71.95 37.59
N LEU L 19 -96.70 71.68 37.79
CA LEU L 19 -96.21 71.17 39.08
C LEU L 19 -96.42 72.17 40.20
N SER L 20 -96.03 73.41 39.95
CA SER L 20 -96.18 74.49 40.89
C SER L 20 -97.62 74.67 41.33
N ASN L 21 -98.56 74.58 40.38
CA ASN L 21 -99.95 74.63 40.67
C ASN L 21 -100.39 73.46 41.52
N GLN L 22 -99.87 72.27 41.24
CA GLN L 22 -100.23 71.12 42.08
C GLN L 22 -99.77 71.31 43.53
N TYR L 23 -98.59 71.87 43.71
CA TYR L 23 -98.09 72.13 45.07
C TYR L 23 -98.92 73.15 45.83
N LYS L 24 -99.45 74.12 45.11
CA LYS L 24 -100.42 75.02 45.65
C LYS L 24 -101.72 74.37 46.02
N MET L 25 -102.24 73.50 45.14
CA MET L 25 -103.48 72.76 45.40
C MET L 25 -103.34 71.74 46.55
N MET L 26 -102.20 71.10 46.64
CA MET L 26 -101.94 70.15 47.74
C MET L 26 -101.88 70.87 49.10
N THR L 27 -101.28 72.05 49.15
CA THR L 27 -101.40 72.91 50.33
C THR L 27 -102.85 73.27 50.71
N MET L 28 -103.67 73.64 49.73
CA MET L 28 -105.08 73.89 49.94
C MET L 28 -105.75 72.70 50.57
N LEU L 29 -105.48 71.51 50.08
CA LEU L 29 -106.14 70.30 50.54
C LEU L 29 -105.54 69.63 51.79
N ASP L 30 -104.26 69.88 52.05
CA ASP L 30 -103.49 69.24 53.10
C ASP L 30 -102.59 70.27 53.79
N PRO L 31 -103.23 71.27 54.39
CA PRO L 31 -102.51 72.41 54.89
C PRO L 31 -101.54 72.10 55.99
N ALA L 32 -101.69 70.96 56.64
CA ALA L 32 -100.76 70.58 57.69
C ALA L 32 -99.36 70.24 57.10
N ASN L 33 -99.30 69.81 55.82
CA ASN L 33 -98.04 69.60 55.13
C ASN L 33 -97.61 70.77 54.23
N ALA L 34 -98.04 71.98 54.51
CA ALA L 34 -97.66 73.14 53.71
C ALA L 34 -96.13 73.29 53.52
N GLU L 35 -95.35 73.02 54.56
CA GLU L 35 -93.87 73.12 54.50
C GLU L 35 -93.27 72.25 53.40
N ARG L 36 -93.72 70.99 53.36
CA ARG L 36 -93.27 70.02 52.41
C ARG L 36 -93.58 70.47 50.96
N TYR L 37 -94.79 70.96 50.75
CA TYR L 37 -95.23 71.38 49.41
C TYR L 37 -94.59 72.68 49.02
N ARG L 38 -94.41 73.60 49.98
CA ARG L 38 -93.79 74.89 49.67
C ARG L 38 -92.33 74.66 49.25
N ARG L 39 -91.64 73.78 49.95
CA ARG L 39 -90.27 73.40 49.62
C ARG L 39 -90.15 72.88 48.17
N LEU L 40 -91.02 71.96 47.79
CA LEU L 40 -90.99 71.46 46.40
C LEU L 40 -91.36 72.54 45.39
N GLN L 41 -92.33 73.37 45.73
CA GLN L 41 -92.71 74.47 44.87
C GLN L 41 -91.50 75.36 44.63
N THR L 42 -90.71 75.61 45.68
CA THR L 42 -89.46 76.40 45.56
C THR L 42 -88.43 75.81 44.60
N ILE L 43 -88.19 74.51 44.77
CA ILE L 43 -87.25 73.78 43.98
C ILE L 43 -87.65 73.87 42.48
N ILE L 44 -88.94 73.72 42.22
CA ILE L 44 -89.43 73.70 40.85
C ILE L 44 -89.37 75.09 40.25
N GLU L 45 -89.92 76.08 40.95
CA GLU L 45 -89.91 77.46 40.49
C GLU L 45 -88.52 78.05 40.28
N ARG L 46 -87.63 77.83 41.25
CA ARG L 46 -86.26 78.29 41.12
C ARG L 46 -85.36 77.42 40.25
N GLY L 47 -85.79 76.20 39.92
CA GLY L 47 -85.00 75.33 39.09
C GLY L 47 -83.68 74.92 39.77
N TYR L 48 -83.81 74.54 41.03
CA TYR L 48 -82.62 74.14 41.83
C TYR L 48 -82.17 72.79 41.33
N GLY L 49 -81.12 72.79 40.52
CA GLY L 49 -80.78 71.59 39.77
C GLY L 49 -80.40 70.38 40.64
N LEU L 50 -79.78 70.62 41.80
CA LEU L 50 -79.34 69.51 42.68
C LEU L 50 -80.61 68.84 43.20
N GLN L 51 -81.53 69.60 43.74
CA GLN L 51 -82.75 69.02 44.31
C GLN L 51 -83.65 68.39 43.24
N MET L 52 -83.66 68.95 42.04
CA MET L 52 -84.34 68.29 40.86
C MET L 52 -83.79 66.93 40.53
N ARG L 53 -82.47 66.77 40.57
CA ARG L 53 -81.86 65.47 40.32
C ARG L 53 -82.32 64.54 41.40
N GLU L 54 -82.39 65.04 42.62
CA GLU L 54 -82.84 64.20 43.74
C GLU L 54 -84.26 63.75 43.56
N LEU L 55 -85.09 64.59 42.96
CA LEU L 55 -86.44 64.13 42.53
C LEU L 55 -86.43 62.96 41.55
N ASP L 56 -85.54 63.03 40.57
CA ASP L 56 -85.34 62.01 39.52
C ASP L 56 -85.19 60.67 40.18
N ARG L 57 -84.50 60.67 41.32
CA ARG L 57 -84.16 59.45 42.00
C ARG L 57 -85.34 58.79 42.72
N GLU L 58 -86.47 59.46 42.86
CA GLU L 58 -87.68 58.84 43.40
C GLU L 58 -88.43 57.99 42.38
N PHE L 59 -88.03 58.06 41.12
CA PHE L 59 -88.71 57.34 40.06
C PHE L 59 -87.88 56.20 39.59
N GLY L 60 -88.42 55.01 39.67
CA GLY L 60 -87.72 53.80 39.24
C GLY L 60 -88.25 53.28 37.94
N GLU L 61 -87.73 52.16 37.54
CA GLU L 61 -88.18 51.49 36.33
C GLU L 61 -88.02 49.97 36.54
N LEU L 62 -89.01 49.20 36.11
CA LEU L 62 -88.91 47.75 36.05
C LEU L 62 -89.56 47.37 34.73
N LYS L 63 -88.72 46.99 33.79
CA LYS L 63 -89.13 46.82 32.43
C LYS L 63 -90.26 45.80 32.32
N GLU L 64 -91.14 45.98 31.36
CA GLU L 64 -92.25 45.09 31.15
C GLU L 64 -91.79 43.63 31.11
N GLU L 65 -90.70 43.35 30.40
CA GLU L 65 -90.26 41.91 30.24
C GLU L 65 -89.82 41.36 31.54
N THR L 66 -89.15 42.21 32.33
CA THR L 66 -88.72 41.82 33.65
C THR L 66 -89.92 41.52 34.59
N CYS L 67 -90.94 42.39 34.65
CA CYS L 67 -92.25 42.08 35.27
C CYS L 67 -92.81 40.69 34.84
N ARG L 68 -92.86 40.46 33.54
CA ARG L 68 -93.40 39.21 32.98
C ARG L 68 -92.56 38.01 33.38
N THR L 69 -91.25 38.17 33.48
CA THR L 69 -90.37 37.08 33.83
C THR L 69 -90.60 36.68 35.30
N ILE L 70 -90.76 37.66 36.18
CA ILE L 70 -91.05 37.37 37.57
C ILE L 70 -92.38 36.63 37.73
N ILE L 71 -93.40 37.10 37.03
CA ILE L 71 -94.70 36.41 37.04
C ILE L 71 -94.54 34.97 36.49
N ASP L 72 -93.72 34.78 35.48
CA ASP L 72 -93.56 33.47 34.84
C ASP L 72 -92.88 32.47 35.78
N ILE L 73 -91.92 32.98 36.57
CA ILE L 73 -91.26 32.19 37.57
C ILE L 73 -92.29 31.73 38.58
N MET L 74 -93.18 32.62 39.03
CA MET L 74 -94.24 32.21 39.96
C MET L 74 -95.17 31.16 39.35
N GLU L 75 -95.54 31.37 38.08
CA GLU L 75 -96.35 30.46 37.34
C GLU L 75 -95.64 29.09 37.20
N MET L 76 -94.34 29.12 36.93
CA MET L 76 -93.54 27.90 36.89
C MET L 76 -93.68 27.10 38.20
N TYR L 77 -93.57 27.76 39.34
CA TYR L 77 -93.75 27.07 40.64
C TYR L 77 -95.15 26.58 40.90
N HIS L 78 -96.14 27.30 40.40
CA HIS L 78 -97.51 26.80 40.37
C HIS L 78 -97.63 25.48 39.56
N ALA L 79 -97.06 25.45 38.35
CA ALA L 79 -97.04 24.22 37.53
C ALA L 79 -96.36 23.07 38.27
N LEU L 80 -95.22 23.37 38.87
CA LEU L 80 -94.37 22.40 39.56
C LEU L 80 -95.06 21.80 40.77
N HIS L 81 -95.66 22.68 41.58
CA HIS L 81 -96.38 22.24 42.76
C HIS L 81 -97.66 21.48 42.48
N VAL L 82 -98.47 21.95 41.53
CA VAL L 82 -99.68 21.20 41.18
C VAL L 82 -99.27 19.83 40.65
N SER L 83 -98.25 19.80 39.80
CA SER L 83 -97.74 18.55 39.24
C SER L 83 -97.39 17.60 40.38
N TRP L 84 -96.60 18.12 41.31
CA TRP L 84 -96.13 17.34 42.48
C TRP L 84 -97.31 16.79 43.31
N SER L 85 -98.22 17.66 43.70
CA SER L 85 -99.40 17.24 44.42
C SER L 85 -100.25 16.17 43.67
N ASN L 86 -100.20 16.14 42.33
CA ASN L 86 -101.02 15.20 41.58
C ASN L 86 -100.31 13.88 41.27
N LEU L 87 -99.09 13.75 41.77
CA LEU L 87 -98.36 12.52 41.64
C LEU L 87 -98.94 11.42 42.58
N GLN L 88 -99.56 10.39 41.99
CA GLN L 88 -100.00 9.20 42.75
C GLN L 88 -98.85 8.70 43.65
N ASP L 89 -97.70 8.55 43.00
CA ASP L 89 -96.42 8.31 43.64
C ASP L 89 -95.58 9.58 43.51
N GLN L 90 -95.40 10.28 44.64
CA GLN L 90 -94.61 11.53 44.72
C GLN L 90 -93.07 11.33 44.74
N GLN L 91 -92.61 10.08 44.67
CA GLN L 91 -91.18 9.79 44.55
C GLN L 91 -90.28 10.53 45.57
N SER L 92 -90.82 10.72 46.77
CA SER L 92 -90.28 11.60 47.79
C SER L 92 -89.52 12.85 47.27
N ILE L 93 -90.07 13.53 46.25
CA ILE L 93 -89.60 14.86 45.89
C ILE L 93 -89.98 15.78 47.04
N ASP L 94 -88.99 16.46 47.59
CA ASP L 94 -89.20 17.41 48.68
C ASP L 94 -90.27 18.48 48.26
N GLU L 95 -91.39 18.60 48.99
CA GLU L 95 -92.35 19.69 48.73
C GLU L 95 -91.66 21.07 48.70
N ARG L 96 -90.63 21.24 49.52
CA ARG L 96 -89.95 22.53 49.59
C ARG L 96 -89.16 22.87 48.29
N ARG L 97 -88.82 21.87 47.48
CA ARG L 97 -88.07 22.13 46.24
C ARG L 97 -89.01 22.57 45.08
N VAL L 98 -90.29 22.45 45.35
CA VAL L 98 -91.35 22.70 44.41
C VAL L 98 -92.15 23.92 44.95
N THR L 99 -91.46 24.73 45.77
CA THR L 99 -92.04 25.86 46.50
C THR L 99 -91.23 27.12 46.12
N PHE L 100 -91.92 28.14 45.60
CA PHE L 100 -91.28 29.41 45.25
C PHE L 100 -90.79 30.08 46.49
N LEU L 101 -89.47 30.30 46.57
CA LEU L 101 -88.84 30.84 47.76
C LEU L 101 -88.66 32.35 47.70
N GLY L 102 -88.77 32.98 46.51
CA GLY L 102 -88.72 34.41 46.39
C GLY L 102 -87.39 34.90 45.89
N PHE L 103 -87.01 36.12 46.31
CA PHE L 103 -85.84 36.82 45.82
C PHE L 103 -84.93 37.39 46.96
N ASP L 104 -83.74 37.89 46.56
CA ASP L 104 -82.70 38.55 47.44
C ASP L 104 -83.01 40.02 47.72
N ALA L 105 -83.48 40.27 48.92
CA ALA L 105 -83.48 41.63 49.51
C ALA L 105 -82.30 42.57 49.14
N ALA L 106 -81.03 42.12 49.25
CA ALA L 106 -79.87 43.03 49.08
C ALA L 106 -79.50 43.37 47.60
N THR L 107 -79.45 42.39 46.69
CA THR L 107 -79.18 42.72 45.26
C THR L 107 -80.37 42.59 44.34
N GLU L 108 -81.47 41.97 44.82
CA GLU L 108 -82.70 41.73 44.01
C GLU L 108 -83.94 42.38 44.64
N ALA L 109 -83.83 43.70 44.87
CA ALA L 109 -84.81 44.40 45.68
C ALA L 109 -85.97 44.78 44.84
N ARG L 110 -85.71 45.23 43.61
CA ARG L 110 -86.79 45.53 42.72
C ARG L 110 -87.66 44.24 42.49
N TYR L 111 -87.02 43.07 42.47
CA TYR L 111 -87.71 41.82 42.13
C TYR L 111 -88.57 41.39 43.28
N LEU L 112 -88.02 41.36 44.50
CA LEU L 112 -88.81 41.01 45.69
C LEU L 112 -89.99 41.94 45.88
N GLY L 113 -89.77 43.23 45.60
CA GLY L 113 -90.82 44.24 45.72
C GLY L 113 -91.98 43.96 44.75
N TYR L 114 -91.64 43.54 43.55
CA TYR L 114 -92.65 43.20 42.58
C TYR L 114 -93.43 41.95 42.98
N VAL L 115 -92.74 40.96 43.53
CA VAL L 115 -93.40 39.76 44.03
C VAL L 115 -94.44 40.18 45.05
N ARG L 116 -94.01 40.98 46.01
CA ARG L 116 -94.91 41.43 47.04
C ARG L 116 -96.06 42.31 46.55
N PHE L 117 -95.80 43.18 45.57
CA PHE L 117 -96.87 43.90 44.85
C PHE L 117 -97.90 42.95 44.20
N MET L 118 -97.41 41.93 43.49
CA MET L 118 -98.27 41.00 42.76
C MET L 118 -99.15 40.19 43.68
N VAL L 119 -98.59 39.80 44.84
CA VAL L 119 -99.33 39.02 45.82
C VAL L 119 -100.21 39.90 46.71
N ASN L 120 -99.64 40.93 47.33
CA ASN L 120 -100.35 41.72 48.32
C ASN L 120 -101.27 42.78 47.75
N VAL L 121 -100.89 43.41 46.64
CA VAL L 121 -101.77 44.38 45.99
C VAL L 121 -102.65 43.69 44.93
N GLU L 122 -102.07 43.04 43.93
CA GLU L 122 -102.88 42.47 42.87
C GLU L 122 -103.67 41.23 43.32
N GLY L 123 -103.18 40.52 44.33
CA GLY L 123 -103.86 39.38 44.93
C GLY L 123 -103.61 38.10 44.16
N ARG L 124 -102.54 38.04 43.37
CA ARG L 124 -102.17 36.84 42.65
C ARG L 124 -101.28 35.90 43.50
N TYR L 125 -101.44 34.59 43.31
CA TYR L 125 -100.59 33.64 44.00
C TYR L 125 -100.70 33.75 45.53
N THR L 126 -101.89 34.05 46.02
CA THR L 126 -102.02 34.25 47.48
C THR L 126 -101.91 32.92 48.23
N HIS L 127 -102.16 31.81 47.55
CA HIS L 127 -102.07 30.49 48.21
C HIS L 127 -100.66 29.97 48.26
N PHE L 128 -99.71 30.71 47.66
CA PHE L 128 -98.30 30.37 47.78
C PHE L 128 -97.88 30.53 49.23
N ASP L 129 -97.12 29.56 49.74
CA ASP L 129 -96.44 29.71 51.03
C ASP L 129 -95.34 30.78 50.98
N ALA L 130 -95.54 31.88 51.72
CA ALA L 130 -94.60 33.02 51.70
C ALA L 130 -93.33 32.78 52.49
N GLY L 131 -93.25 31.63 53.15
CA GLY L 131 -92.15 31.33 54.05
C GLY L 131 -92.35 32.14 55.31
N THR L 132 -91.25 32.39 56.03
CA THR L 132 -91.34 33.07 57.31
C THR L 132 -90.92 34.53 57.17
N HIS L 133 -90.55 34.90 55.94
CA HIS L 133 -90.01 36.24 55.65
C HIS L 133 -90.54 36.89 54.35
N GLY L 134 -91.79 36.59 54.03
CA GLY L 134 -92.50 37.27 52.91
C GLY L 134 -91.76 37.22 51.58
N PHE L 135 -91.34 36.02 51.19
CA PHE L 135 -90.63 35.82 49.91
C PHE L 135 -89.22 36.41 49.83
N ASN L 136 -88.61 36.82 50.95
CA ASN L 136 -87.16 37.07 50.97
C ASN L 136 -86.59 35.67 51.05
N ALA L 137 -85.98 35.24 49.96
CA ALA L 137 -85.33 33.94 49.90
C ALA L 137 -84.06 34.00 50.73
N GLN L 138 -83.55 35.23 50.89
CA GLN L 138 -82.26 35.58 51.51
C GLN L 138 -81.17 34.64 51.06
N THR L 139 -81.27 34.29 49.78
CA THR L 139 -80.16 33.88 48.93
C THR L 139 -80.57 34.37 47.56
N PRO L 140 -79.61 34.84 46.73
CA PRO L 140 -79.95 35.41 45.42
C PRO L 140 -80.39 34.36 44.38
N MET L 141 -81.48 34.64 43.65
CA MET L 141 -82.19 33.61 42.88
C MET L 141 -82.36 33.81 41.40
N TRP L 142 -82.04 35.00 40.89
CA TRP L 142 -82.43 35.36 39.55
C TRP L 142 -81.92 34.38 38.50
N GLU L 143 -80.60 34.37 38.27
CA GLU L 143 -80.04 33.51 37.20
C GLU L 143 -80.43 32.02 37.36
N LYS L 144 -80.59 31.56 38.60
CA LYS L 144 -81.09 30.23 38.89
C LYS L 144 -82.47 29.99 38.26
N TYR L 145 -83.43 30.84 38.64
CA TYR L 145 -84.75 30.86 38.04
C TYR L 145 -84.69 30.85 36.54
N GLN L 146 -83.73 31.58 35.99
CA GLN L 146 -83.57 31.64 34.53
C GLN L 146 -83.26 30.26 33.91
N ARG L 147 -82.44 29.52 34.64
CA ARG L 147 -82.05 28.19 34.28
C ARG L 147 -83.24 27.26 34.39
N MET L 148 -84.01 27.39 35.45
CA MET L 148 -85.24 26.60 35.61
C MET L 148 -86.22 26.85 34.46
N LEU L 149 -86.41 28.13 34.17
CA LEU L 149 -87.34 28.53 33.11
C LEU L 149 -86.95 27.97 31.76
N ASN L 150 -85.67 27.96 31.45
CA ASN L 150 -85.22 27.44 30.20
C ASN L 150 -85.62 25.99 30.04
N VAL L 151 -85.51 25.25 31.13
CA VAL L 151 -85.86 23.81 31.11
C VAL L 151 -87.38 23.59 31.06
N TRP L 152 -88.13 24.35 31.85
CA TRP L 152 -89.59 24.24 31.88
C TRP L 152 -90.20 24.51 30.52
N HIS L 153 -89.78 25.62 29.90
CA HIS L 153 -90.38 25.96 28.62
C HIS L 153 -89.97 25.02 27.51
N ALA L 154 -88.94 24.24 27.74
CA ALA L 154 -88.54 23.19 26.78
C ALA L 154 -89.31 21.89 26.96
N CYS L 155 -90.08 21.79 28.04
CA CYS L 155 -90.92 20.60 28.20
C CYS L 155 -92.06 20.77 27.21
N PRO L 156 -92.44 19.68 26.53
CA PRO L 156 -93.44 19.84 25.52
C PRO L 156 -94.86 19.89 26.11
N ARG L 157 -95.01 19.79 27.42
CA ARG L 157 -96.17 20.38 28.06
C ARG L 157 -95.66 20.85 29.39
N GLN L 158 -96.24 21.94 29.88
CA GLN L 158 -95.72 22.65 31.04
C GLN L 158 -96.46 22.34 32.36
N TYR L 159 -97.60 21.68 32.23
CA TYR L 159 -98.43 21.39 33.36
C TYR L 159 -98.60 19.88 33.42
N HIS L 160 -99.00 19.39 34.59
CA HIS L 160 -99.08 17.91 34.82
C HIS L 160 -97.79 17.28 34.44
N LEU L 161 -96.71 17.81 34.98
CA LEU L 161 -95.40 17.29 34.69
C LEU L 161 -95.17 15.96 35.41
N SER L 162 -94.39 15.13 34.76
CA SER L 162 -93.88 13.88 35.30
C SER L 162 -92.83 14.19 36.34
N ALA L 163 -92.59 13.22 37.20
CA ALA L 163 -91.57 13.29 38.20
C ALA L 163 -90.19 13.55 37.63
N ASN L 164 -89.90 13.00 36.45
CA ASN L 164 -88.61 13.16 35.83
C ASN L 164 -88.48 14.58 35.34
N GLU L 165 -89.58 15.09 34.81
CA GLU L 165 -89.61 16.52 34.38
C GLU L 165 -89.42 17.45 35.52
N ILE L 166 -90.18 17.21 36.60
CA ILE L 166 -90.09 18.02 37.79
C ILE L 166 -88.66 18.05 38.21
N ASN L 167 -88.03 16.88 38.22
CA ASN L 167 -86.66 16.74 38.71
C ASN L 167 -85.69 17.50 37.83
N GLN L 168 -85.84 17.40 36.52
CA GLN L 168 -84.97 18.10 35.55
C GLN L 168 -85.03 19.65 35.73
N ILE L 169 -86.20 20.17 36.09
CA ILE L 169 -86.39 21.64 36.21
C ILE L 169 -85.75 22.10 37.52
N ILE L 170 -86.17 21.46 38.62
CA ILE L 170 -85.69 21.84 39.96
C ILE L 170 -84.20 21.60 40.07
N ASN L 171 -83.71 20.54 39.43
CA ASN L 171 -82.26 20.33 39.37
C ASN L 171 -81.48 21.29 38.48
N ALA L 172 -82.14 22.04 37.59
CA ALA L 172 -81.45 23.03 36.73
C ALA L 172 -80.69 24.07 37.52
N GLU M 6 -103.23 59.14 -4.67
CA GLU M 6 -103.05 60.59 -4.57
C GLU M 6 -104.47 61.21 -4.64
N SER M 7 -104.85 61.98 -3.63
CA SER M 7 -106.19 62.58 -3.53
C SER M 7 -106.47 63.61 -4.66
N THR M 8 -107.75 63.72 -5.00
CA THR M 8 -108.18 64.70 -5.98
C THR M 8 -107.77 66.11 -5.49
N MET M 9 -107.71 66.32 -4.18
CA MET M 9 -107.41 67.67 -3.66
C MET M 9 -105.97 68.12 -4.03
N GLU M 10 -105.10 67.14 -4.30
CA GLU M 10 -103.72 67.40 -4.69
C GLU M 10 -103.48 67.54 -6.18
N MET M 11 -104.53 67.48 -6.98
CA MET M 11 -104.34 67.47 -8.40
C MET M 11 -103.75 68.78 -8.88
N THR M 12 -103.04 68.76 -10.01
CA THR M 12 -102.44 70.00 -10.46
C THR M 12 -103.48 70.85 -11.15
N ASN M 13 -103.18 72.12 -11.43
CA ASN M 13 -104.09 73.00 -12.17
C ASN M 13 -104.34 72.49 -13.57
N ALA M 14 -103.32 71.93 -14.21
CA ALA M 14 -103.52 71.25 -15.52
C ALA M 14 -104.64 70.19 -15.43
N GLN M 15 -104.61 69.35 -14.39
CA GLN M 15 -105.60 68.31 -14.18
C GLN M 15 -106.97 68.88 -13.84
N ARG M 16 -107.02 69.96 -13.09
CA ARG M 16 -108.30 70.68 -12.84
C ARG M 16 -108.90 71.14 -14.15
N LEU M 17 -108.05 71.65 -15.05
CA LEU M 17 -108.53 72.20 -16.30
C LEU M 17 -109.00 71.09 -17.18
N ILE M 18 -108.27 69.97 -17.19
CA ILE M 18 -108.66 68.81 -18.01
C ILE M 18 -110.02 68.29 -17.54
N LEU M 19 -110.22 68.22 -16.22
CA LEU M 19 -111.51 67.76 -15.66
C LEU M 19 -112.67 68.73 -15.94
N SER M 20 -112.42 70.02 -15.74
CA SER M 20 -113.40 71.03 -16.03
C SER M 20 -113.84 70.97 -17.48
N ASN M 21 -112.87 70.86 -18.38
CA ASN M 21 -113.14 70.70 -19.77
C ASN M 21 -113.95 69.44 -20.07
N GLN M 22 -113.68 68.32 -19.39
CA GLN M 22 -114.46 67.10 -19.57
C GLN M 22 -115.93 67.31 -19.16
N TYR M 23 -116.17 68.00 -18.04
CA TYR M 23 -117.58 68.27 -17.62
C TYR M 23 -118.28 69.16 -18.62
N LYS M 24 -117.55 70.09 -19.21
CA LYS M 24 -118.12 70.89 -20.27
C LYS M 24 -118.44 70.04 -21.49
N MET M 25 -117.53 69.17 -21.92
CA MET M 25 -117.78 68.27 -23.02
C MET M 25 -118.93 67.30 -22.71
N MET M 26 -119.02 66.80 -21.49
CA MET M 26 -120.06 65.85 -21.12
C MET M 26 -121.44 66.52 -21.22
N THR M 27 -121.52 67.81 -20.84
CA THR M 27 -122.75 68.60 -21.05
C THR M 27 -123.11 68.80 -22.50
N MET M 28 -122.12 69.11 -23.32
CA MET M 28 -122.30 69.17 -24.76
C MET M 28 -122.81 67.85 -25.34
N LEU M 29 -122.26 66.74 -24.88
CA LEU M 29 -122.67 65.42 -25.39
C LEU M 29 -123.99 64.89 -24.85
N ASP M 30 -124.29 65.21 -23.61
CA ASP M 30 -125.36 64.56 -22.83
C ASP M 30 -126.10 65.64 -22.03
N PRO M 31 -126.81 66.52 -22.74
CA PRO M 31 -127.51 67.61 -22.07
C PRO M 31 -128.54 67.18 -21.00
N ALA M 32 -129.12 65.99 -21.12
CA ALA M 32 -130.01 65.45 -20.09
C ALA M 32 -129.41 65.43 -18.69
N ASN M 33 -128.07 65.32 -18.60
CA ASN M 33 -127.41 65.27 -17.31
C ASN M 33 -126.60 66.52 -17.02
N ALA M 34 -126.91 67.62 -17.70
CA ALA M 34 -126.18 68.88 -17.51
C ALA M 34 -126.07 69.28 -16.02
N GLU M 35 -127.13 69.05 -15.23
CA GLU M 35 -127.13 69.37 -13.79
C GLU M 35 -126.01 68.68 -13.02
N ARG M 36 -125.87 67.38 -13.25
CA ARG M 36 -124.83 66.60 -12.66
C ARG M 36 -123.46 67.14 -13.06
N TYR M 37 -123.28 67.39 -14.36
CA TYR M 37 -121.95 67.74 -14.86
C TYR M 37 -121.56 69.14 -14.40
N ARG M 38 -122.52 70.03 -14.36
CA ARG M 38 -122.30 71.41 -13.96
C ARG M 38 -121.91 71.47 -12.48
N ARG M 39 -122.55 70.65 -11.66
CA ARG M 39 -122.22 70.54 -10.26
C ARG M 39 -120.78 70.11 -10.08
N LEU M 40 -120.35 69.09 -10.82
CA LEU M 40 -119.02 68.58 -10.68
C LEU M 40 -118.01 69.62 -11.21
N GLN M 41 -118.36 70.32 -12.28
CA GLN M 41 -117.49 71.38 -12.81
C GLN M 41 -117.24 72.44 -11.76
N THR M 42 -118.27 72.81 -11.02
CA THR M 42 -118.15 73.81 -9.97
C THR M 42 -117.24 73.36 -8.84
N ILE M 43 -117.41 72.11 -8.43
CA ILE M 43 -116.61 71.48 -7.41
C ILE M 43 -115.13 71.51 -7.77
N ILE M 44 -114.84 71.11 -9.00
CA ILE M 44 -113.45 71.16 -9.52
C ILE M 44 -112.94 72.61 -9.64
N GLU M 45 -113.70 73.49 -10.26
CA GLU M 45 -113.21 74.85 -10.49
C GLU M 45 -112.92 75.57 -9.18
N ARG M 46 -113.87 75.49 -8.25
CA ARG M 46 -113.77 76.15 -6.95
C ARG M 46 -112.93 75.42 -5.91
N GLY M 47 -112.49 74.20 -6.23
CA GLY M 47 -111.72 73.36 -5.33
C GLY M 47 -112.38 73.13 -3.97
N TYR M 48 -113.66 72.75 -4.01
CA TYR M 48 -114.42 72.49 -2.78
C TYR M 48 -113.94 71.20 -2.15
N GLY M 49 -113.16 71.32 -1.09
CA GLY M 49 -112.39 70.20 -0.56
C GLY M 49 -113.23 69.08 -0.01
N LEU M 50 -114.39 69.38 0.57
CA LEU M 50 -115.23 68.33 1.15
C LEU M 50 -115.80 67.45 0.03
N GLN M 51 -116.34 68.08 -0.98
CA GLN M 51 -116.83 67.39 -2.16
C GLN M 51 -115.72 66.67 -2.93
N MET M 52 -114.54 67.24 -2.97
CA MET M 52 -113.39 66.54 -3.52
C MET M 52 -113.00 65.29 -2.76
N ARG M 53 -113.12 65.30 -1.44
CA ARG M 53 -112.89 64.12 -0.68
C ARG M 53 -113.97 63.07 -0.98
N GLU M 54 -115.23 63.49 -1.15
CA GLU M 54 -116.29 62.58 -1.48
C GLU M 54 -116.01 61.91 -2.84
N LEU M 55 -115.43 62.67 -3.77
CA LEU M 55 -114.96 62.04 -5.04
C LEU M 55 -113.95 60.95 -4.81
N ASP M 56 -112.98 61.22 -3.95
CA ASP M 56 -111.92 60.24 -3.67
C ASP M 56 -112.56 58.92 -3.26
N ARG M 57 -113.62 59.01 -2.47
CA ARG M 57 -114.28 57.87 -1.93
C ARG M 57 -114.96 57.00 -2.99
N GLU M 58 -115.23 57.53 -4.19
CA GLU M 58 -115.73 56.76 -5.32
C GLU M 58 -114.72 55.76 -5.95
N PHE M 59 -113.45 55.91 -5.60
CA PHE M 59 -112.40 55.07 -6.16
C PHE M 59 -111.81 54.12 -5.12
N GLY M 60 -111.82 52.84 -5.47
CA GLY M 60 -111.39 51.79 -4.56
C GLY M 60 -110.10 51.17 -5.03
N GLU M 61 -109.66 50.14 -4.31
CA GLU M 61 -108.44 49.43 -4.71
C GLU M 61 -108.61 47.96 -4.29
N LEU M 62 -108.22 47.06 -5.18
CA LEU M 62 -108.12 45.64 -4.87
C LEU M 62 -106.79 45.24 -5.50
N LYS M 63 -105.80 45.05 -4.65
CA LYS M 63 -104.45 44.73 -5.07
C LYS M 63 -104.42 43.53 -5.96
N GLU M 64 -103.49 43.54 -6.89
CA GLU M 64 -103.27 42.48 -7.81
C GLU M 64 -103.15 41.12 -7.09
N GLU M 65 -102.38 41.05 -6.00
CA GLU M 65 -102.26 39.73 -5.35
C GLU M 65 -103.54 39.21 -4.79
N THR M 66 -104.37 40.10 -4.25
CA THR M 66 -105.67 39.73 -3.72
C THR M 66 -106.61 39.25 -4.84
N CYS M 67 -106.65 39.97 -5.96
CA CYS M 67 -107.33 39.48 -7.19
C CYS M 67 -106.85 38.07 -7.54
N ARG M 68 -105.54 37.90 -7.57
CA ARG M 68 -105.01 36.57 -8.00
C ARG M 68 -105.41 35.49 -6.98
N THR M 69 -105.40 35.83 -5.71
CA THR M 69 -105.82 34.93 -4.69
C THR M 69 -107.29 34.50 -4.85
N ILE M 70 -108.19 35.43 -5.14
CA ILE M 70 -109.60 35.06 -5.36
C ILE M 70 -109.74 34.06 -6.55
N ILE M 71 -109.03 34.34 -7.63
CA ILE M 71 -109.08 33.48 -8.81
C ILE M 71 -108.49 32.10 -8.46
N ASP M 72 -107.41 32.10 -7.69
CA ASP M 72 -106.79 30.85 -7.22
C ASP M 72 -107.76 30.01 -6.40
N ILE M 73 -108.56 30.66 -5.57
CA ILE M 73 -109.47 29.96 -4.74
C ILE M 73 -110.50 29.30 -5.65
N MET M 74 -110.92 30.00 -6.68
CA MET M 74 -111.89 29.46 -7.62
C MET M 74 -111.32 28.27 -8.38
N GLU M 75 -110.08 28.42 -8.82
CA GLU M 75 -109.36 27.34 -9.49
C GLU M 75 -109.18 26.12 -8.59
N MET M 76 -108.88 26.37 -7.31
CA MET M 76 -108.78 25.31 -6.33
C MET M 76 -110.08 24.51 -6.28
N TYR M 77 -111.20 25.22 -6.19
CA TYR M 77 -112.49 24.55 -6.19
C TYR M 77 -112.76 23.79 -7.50
N HIS M 78 -112.34 24.30 -8.64
CA HIS M 78 -112.40 23.56 -9.89
C HIS M 78 -111.57 22.24 -9.81
N ALA M 79 -110.33 22.33 -9.32
CA ALA M 79 -109.48 21.17 -9.15
C ALA M 79 -110.15 20.13 -8.22
N LEU M 80 -110.77 20.63 -7.15
CA LEU M 80 -111.43 19.80 -6.17
C LEU M 80 -112.61 19.08 -6.78
N HIS M 81 -113.56 19.84 -7.31
CA HIS M 81 -114.76 19.27 -7.95
C HIS M 81 -114.41 18.31 -9.10
N VAL M 82 -113.47 18.67 -9.97
CA VAL M 82 -113.05 17.72 -11.03
C VAL M 82 -112.46 16.41 -10.47
N SER M 83 -111.61 16.54 -9.45
CA SER M 83 -110.99 15.42 -8.77
C SER M 83 -112.07 14.51 -8.19
N TRP M 84 -113.05 15.14 -7.57
CA TRP M 84 -114.11 14.46 -6.83
C TRP M 84 -115.02 13.70 -7.81
N SER M 85 -115.51 14.41 -8.82
CA SER M 85 -116.29 13.81 -9.88
C SER M 85 -115.61 12.55 -10.46
N ASN M 86 -114.29 12.53 -10.49
CA ASN M 86 -113.53 11.37 -10.98
C ASN M 86 -113.35 10.22 -9.98
N LEU M 87 -113.90 10.37 -8.79
CA LEU M 87 -113.86 9.28 -7.79
C LEU M 87 -115.00 8.28 -8.02
N GLN M 88 -114.69 7.12 -8.59
CA GLN M 88 -115.55 5.91 -8.47
C GLN M 88 -115.96 5.80 -7.00
N ASP M 89 -114.91 5.84 -6.19
CA ASP M 89 -114.94 5.79 -4.74
C ASP M 89 -115.28 7.16 -4.08
N GLN M 90 -116.43 7.75 -4.38
CA GLN M 90 -116.73 9.13 -3.90
C GLN M 90 -116.75 9.31 -2.36
N GLN M 91 -116.53 8.23 -1.62
CA GLN M 91 -116.21 8.27 -0.18
C GLN M 91 -117.32 8.94 0.64
N SER M 92 -116.98 9.32 1.87
CA SER M 92 -117.92 10.05 2.71
C SER M 92 -117.76 11.55 2.42
N ILE M 93 -117.71 11.92 1.13
CA ILE M 93 -117.46 13.33 0.70
C ILE M 93 -118.68 14.01 0.06
N ASP M 94 -119.31 14.88 0.85
CA ASP M 94 -120.44 15.67 0.39
C ASP M 94 -119.99 16.74 -0.64
N GLU M 95 -120.74 16.83 -1.76
CA GLU M 95 -120.44 17.75 -2.86
C GLU M 95 -120.39 19.23 -2.45
N ARG M 96 -121.23 19.61 -1.51
CA ARG M 96 -121.32 21.00 -1.10
C ARG M 96 -120.00 21.55 -0.54
N ARG M 97 -119.16 20.66 -0.03
CA ARG M 97 -117.87 21.04 0.58
C ARG M 97 -116.73 21.21 -0.44
N VAL M 98 -116.98 20.63 -1.62
CA VAL M 98 -116.16 20.71 -2.80
C VAL M 98 -116.82 21.71 -3.82
N THR M 99 -117.65 22.62 -3.30
CA THR M 99 -118.35 23.62 -4.09
C THR M 99 -118.00 25.01 -3.52
N PHE M 100 -117.58 25.91 -4.42
CA PHE M 100 -117.18 27.24 -4.04
C PHE M 100 -118.41 28.01 -3.62
N LEU M 101 -118.39 28.55 -2.41
CA LEU M 101 -119.55 29.21 -1.85
C LEU M 101 -119.43 30.73 -1.79
N GLY M 102 -118.23 31.28 -1.99
CA GLY M 102 -118.10 32.69 -2.22
C GLY M 102 -117.62 33.43 -1.00
N PHE M 103 -118.05 34.69 -0.90
CA PHE M 103 -117.57 35.57 0.14
C PHE M 103 -118.70 36.21 0.94
N ASP M 104 -118.35 36.80 2.10
CA ASP M 104 -119.33 37.49 2.95
C ASP M 104 -119.59 38.87 2.36
N ALA M 105 -120.83 39.08 1.97
CA ALA M 105 -121.31 40.41 1.55
C ALA M 105 -120.99 41.56 2.53
N ALA M 106 -121.18 41.30 3.84
CA ALA M 106 -121.08 42.33 4.86
C ALA M 106 -119.65 42.80 5.19
N THR M 107 -118.69 41.87 5.26
CA THR M 107 -117.30 42.24 5.64
C THR M 107 -116.28 41.93 4.56
N GLU M 108 -116.74 41.25 3.50
CA GLU M 108 -115.87 40.84 2.39
C GLU M 108 -116.37 41.34 1.02
N ALA M 109 -116.93 42.55 1.03
CA ALA M 109 -117.61 43.06 -0.15
C ALA M 109 -116.69 43.26 -1.36
N ARG M 110 -115.45 43.72 -1.21
CA ARG M 110 -114.57 43.80 -2.36
C ARG M 110 -114.37 42.42 -3.03
N TYR M 111 -114.23 41.37 -2.20
CA TYR M 111 -113.93 40.00 -2.69
C TYR M 111 -115.11 39.46 -3.46
N LEU M 112 -116.27 39.67 -2.89
CA LEU M 112 -117.49 39.15 -3.47
C LEU M 112 -117.79 39.88 -4.81
N GLY M 113 -117.58 41.19 -4.79
CA GLY M 113 -117.62 42.01 -6.03
C GLY M 113 -116.72 41.46 -7.14
N TYR M 114 -115.53 40.99 -6.75
CA TYR M 114 -114.58 40.53 -7.75
C TYR M 114 -114.97 39.20 -8.33
N VAL M 115 -115.49 38.32 -7.49
CA VAL M 115 -116.02 37.04 -7.99
C VAL M 115 -117.10 37.26 -9.07
N ARG M 116 -118.07 38.07 -8.73
CA ARG M 116 -119.14 38.44 -9.65
C ARG M 116 -118.61 39.05 -10.96
N PHE M 117 -117.62 39.93 -10.88
CA PHE M 117 -116.97 40.51 -12.06
C PHE M 117 -116.33 39.42 -12.91
N MET M 118 -115.58 38.53 -12.27
CA MET M 118 -114.89 37.49 -13.01
C MET M 118 -115.86 36.55 -13.72
N VAL M 119 -116.96 36.22 -13.06
CA VAL M 119 -117.94 35.31 -13.65
C VAL M 119 -118.84 36.08 -14.65
N ASN M 120 -119.43 37.20 -14.22
CA ASN M 120 -120.48 37.85 -15.01
C ASN M 120 -119.97 38.77 -16.10
N VAL M 121 -118.76 39.29 -15.95
CA VAL M 121 -118.14 40.14 -16.98
C VAL M 121 -117.10 39.38 -17.79
N GLU M 122 -116.12 38.80 -17.12
CA GLU M 122 -115.05 38.15 -17.84
C GLU M 122 -115.49 36.79 -18.41
N GLY M 123 -116.52 36.21 -17.81
CA GLY M 123 -117.06 34.93 -18.23
C GLY M 123 -116.27 33.72 -17.80
N ARG M 124 -115.53 33.81 -16.69
CA ARG M 124 -114.76 32.69 -16.19
C ARG M 124 -115.61 31.93 -15.20
N TYR M 125 -115.36 30.63 -15.09
CA TYR M 125 -116.01 29.79 -14.10
C TYR M 125 -117.55 29.86 -14.17
N THR M 126 -118.05 29.98 -15.40
CA THR M 126 -119.50 30.11 -15.62
C THR M 126 -120.30 28.82 -15.29
N HIS M 127 -119.62 27.67 -15.15
CA HIS M 127 -120.28 26.42 -14.75
C HIS M 127 -120.34 26.21 -13.22
N PHE M 128 -119.62 27.04 -12.47
CA PHE M 128 -119.79 27.08 -11.03
C PHE M 128 -121.22 27.41 -10.65
N ASP M 129 -121.69 26.72 -9.62
CA ASP M 129 -122.97 26.95 -9.04
C ASP M 129 -122.95 28.14 -8.08
N ALA M 130 -123.76 29.16 -8.41
CA ALA M 130 -123.77 30.44 -7.68
C ALA M 130 -124.59 30.40 -6.40
N GLY M 131 -125.35 29.33 -6.21
CA GLY M 131 -126.07 29.05 -4.93
C GLY M 131 -127.18 29.95 -4.37
N THR M 132 -128.01 30.56 -5.20
CA THR M 132 -129.23 31.32 -4.73
C THR M 132 -129.02 32.69 -4.10
N HIS M 133 -127.77 33.05 -3.81
CA HIS M 133 -127.47 34.46 -3.52
C HIS M 133 -126.20 34.91 -4.27
N GLY M 134 -125.96 34.32 -5.44
CA GLY M 134 -124.88 34.80 -6.35
C GLY M 134 -123.53 34.92 -5.66
N PHE M 135 -123.12 33.83 -4.98
CA PHE M 135 -121.81 33.72 -4.29
C PHE M 135 -121.64 34.58 -3.02
N ASN M 136 -122.71 35.13 -2.44
CA ASN M 136 -122.62 35.69 -1.08
C ASN M 136 -122.64 34.53 -0.09
N ALA M 137 -121.49 34.16 0.47
CA ALA M 137 -121.44 33.15 1.58
C ALA M 137 -122.07 33.56 2.93
N GLN M 138 -122.35 34.85 3.10
CA GLN M 138 -123.00 35.39 4.31
C GLN M 138 -122.21 35.16 5.61
N THR M 139 -120.96 34.70 5.47
CA THR M 139 -120.04 34.46 6.61
C THR M 139 -118.63 34.57 6.09
N PRO M 140 -117.71 35.09 6.91
CA PRO M 140 -116.41 35.45 6.36
C PRO M 140 -115.53 34.27 5.97
N MET M 141 -115.07 34.24 4.70
CA MET M 141 -114.37 33.04 4.18
C MET M 141 -112.88 33.20 3.86
N TRP M 142 -112.40 34.43 3.80
CA TRP M 142 -111.04 34.67 3.45
C TRP M 142 -110.03 33.79 4.21
N GLU M 143 -110.00 33.91 5.54
CA GLU M 143 -108.96 33.20 6.30
C GLU M 143 -109.09 31.66 6.06
N LYS M 144 -110.33 31.18 5.93
CA LYS M 144 -110.58 29.76 5.66
C LYS M 144 -109.96 29.29 4.34
N TYR M 145 -110.30 30.05 3.29
CA TYR M 145 -109.79 29.74 1.98
C TYR M 145 -108.29 29.74 2.01
N GLN M 146 -107.70 30.64 2.79
CA GLN M 146 -106.25 30.70 2.93
C GLN M 146 -105.69 29.40 3.48
N ARG M 147 -106.39 28.82 4.47
CA ARG M 147 -105.99 27.57 5.10
C ARG M 147 -106.13 26.46 4.06
N MET M 148 -107.20 26.48 3.28
CA MET M 148 -107.34 25.51 2.18
C MET M 148 -106.27 25.65 1.09
N LEU M 149 -105.99 26.86 0.66
CA LEU M 149 -104.95 27.04 -0.32
C LEU M 149 -103.57 26.49 0.14
N ASN M 150 -103.23 26.64 1.41
CA ASN M 150 -101.96 26.23 1.92
C ASN M 150 -101.79 24.70 1.77
N VAL M 151 -102.84 23.98 2.06
CA VAL M 151 -102.86 22.54 1.90
C VAL M 151 -102.82 22.15 0.42
N TRP M 152 -103.70 22.72 -0.41
CA TRP M 152 -103.76 22.37 -1.81
C TRP M 152 -102.37 22.56 -2.47
N HIS M 153 -101.76 23.72 -2.25
CA HIS M 153 -100.46 23.97 -2.90
C HIS M 153 -99.30 23.12 -2.30
N ALA M 154 -99.53 22.47 -1.16
CA ALA M 154 -98.53 21.49 -0.62
C ALA M 154 -98.67 20.06 -1.23
N CYS M 155 -99.77 19.80 -1.92
CA CYS M 155 -99.93 18.55 -2.68
C CYS M 155 -99.01 18.60 -3.89
N PRO M 156 -98.10 17.59 -4.02
CA PRO M 156 -97.13 17.60 -5.12
C PRO M 156 -97.79 17.62 -6.50
N ARG M 157 -98.97 17.07 -6.58
CA ARG M 157 -99.80 17.26 -7.77
C ARG M 157 -101.07 17.97 -7.30
N GLN M 158 -101.52 19.00 -8.03
CA GLN M 158 -102.72 19.77 -7.60
C GLN M 158 -104.06 19.33 -8.25
N TYR M 159 -103.98 18.59 -9.34
CA TYR M 159 -105.20 18.17 -10.03
C TYR M 159 -105.28 16.64 -9.97
N HIS M 160 -106.48 16.11 -10.22
CA HIS M 160 -106.74 14.67 -10.06
C HIS M 160 -106.25 14.25 -8.70
N LEU M 161 -106.83 14.88 -7.70
CA LEU M 161 -106.51 14.65 -6.32
C LEU M 161 -107.14 13.33 -5.86
N SER M 162 -106.55 12.73 -4.83
CA SER M 162 -107.12 11.56 -4.14
C SER M 162 -108.21 12.04 -3.19
N ALA M 163 -109.06 11.14 -2.72
CA ALA M 163 -110.08 11.51 -1.76
C ALA M 163 -109.44 11.96 -0.44
N ASN M 164 -108.31 11.35 -0.10
CA ASN M 164 -107.55 11.77 1.09
C ASN M 164 -107.08 13.22 0.95
N GLU M 165 -106.52 13.52 -0.22
CA GLU M 165 -106.02 14.86 -0.48
C GLU M 165 -107.18 15.85 -0.42
N ILE M 166 -108.31 15.48 -1.06
CA ILE M 166 -109.54 16.30 -1.03
C ILE M 166 -109.99 16.58 0.39
N ASN M 167 -110.01 15.53 1.21
CA ASN M 167 -110.41 15.67 2.61
C ASN M 167 -109.48 16.55 3.41
N GLN M 168 -108.18 16.41 3.17
CA GLN M 168 -107.21 17.25 3.85
C GLN M 168 -107.44 18.76 3.54
N ILE M 169 -107.73 19.02 2.28
CA ILE M 169 -107.91 20.42 1.82
C ILE M 169 -109.20 20.97 2.39
N ILE M 170 -110.32 20.27 2.25
CA ILE M 170 -111.58 20.79 2.82
C ILE M 170 -111.61 20.92 4.37
N ASN M 171 -110.81 20.09 5.04
CA ASN M 171 -110.73 20.13 6.51
C ASN M 171 -109.77 21.20 7.07
N ALA M 172 -109.04 21.93 6.23
CA ALA M 172 -108.00 22.86 6.73
C ALA M 172 -108.46 23.92 7.77
N GLN N 5 -53.15 69.53 -9.86
CA GLN N 5 -53.44 68.73 -11.09
C GLN N 5 -52.88 67.34 -10.92
N GLU N 6 -53.63 66.35 -11.37
CA GLU N 6 -53.46 65.00 -10.86
C GLU N 6 -52.08 64.43 -11.26
N SER N 7 -51.42 63.82 -10.28
CA SER N 7 -50.08 63.23 -10.46
C SER N 7 -50.07 62.09 -11.46
N THR N 8 -48.90 61.87 -12.07
CA THR N 8 -48.71 60.74 -12.97
C THR N 8 -48.97 59.42 -12.19
N MET N 9 -48.73 59.42 -10.88
CA MET N 9 -48.92 58.22 -10.05
C MET N 9 -50.41 57.75 -10.01
N GLU N 10 -51.31 58.69 -10.23
CA GLU N 10 -52.76 58.43 -10.24
C GLU N 10 -53.32 58.05 -11.61
N MET N 11 -52.44 57.96 -12.63
CA MET N 11 -52.95 57.71 -13.96
C MET N 11 -53.55 56.33 -14.04
N THR N 12 -54.48 56.15 -14.96
CA THR N 12 -55.13 54.88 -15.11
C THR N 12 -54.24 53.98 -15.96
N ASN N 13 -54.54 52.70 -15.90
CA ASN N 13 -53.85 51.74 -16.72
C ASN N 13 -53.98 51.98 -18.24
N ALA N 14 -55.12 52.50 -18.71
CA ALA N 14 -55.26 52.94 -20.10
C ALA N 14 -54.19 54.01 -20.41
N GLN N 15 -54.04 55.00 -19.52
CA GLN N 15 -53.03 56.03 -19.69
C GLN N 15 -51.61 55.46 -19.62
N ARG N 16 -51.38 54.47 -18.76
CA ARG N 16 -50.09 53.81 -18.73
C ARG N 16 -49.82 53.16 -20.07
N LEU N 17 -50.83 52.57 -20.63
CA LEU N 17 -50.66 51.82 -21.88
C LEU N 17 -50.42 52.79 -23.03
N ILE N 18 -51.14 53.89 -23.01
CA ILE N 18 -50.98 54.95 -24.04
C ILE N 18 -49.55 55.49 -24.03
N LEU N 19 -49.03 55.75 -22.84
CA LEU N 19 -47.68 56.26 -22.69
C LEU N 19 -46.66 55.26 -23.13
N SER N 20 -46.80 54.01 -22.68
CA SER N 20 -45.89 52.95 -23.09
C SER N 20 -45.84 52.79 -24.62
N ASN N 21 -47.00 52.76 -25.27
CA ASN N 21 -47.08 52.80 -26.73
C ASN N 21 -46.32 53.99 -27.32
N GLN N 22 -46.46 55.17 -26.74
CA GLN N 22 -45.76 56.34 -27.30
C GLN N 22 -44.27 56.14 -27.23
N TYR N 23 -43.78 55.62 -26.11
CA TYR N 23 -42.33 55.39 -25.97
C TYR N 23 -41.83 54.35 -26.93
N LYS N 24 -42.68 53.39 -27.26
CA LYS N 24 -42.32 52.44 -28.30
C LYS N 24 -42.26 53.11 -29.69
N MET N 25 -43.25 53.95 -30.01
CA MET N 25 -43.23 54.65 -31.30
C MET N 25 -42.09 55.63 -31.42
N MET N 26 -41.79 56.34 -30.34
CA MET N 26 -40.69 57.29 -30.34
C MET N 26 -39.31 56.62 -30.59
N THR N 27 -39.12 55.42 -30.06
CA THR N 27 -37.93 54.57 -30.38
C THR N 27 -37.90 54.20 -31.86
N MET N 28 -39.05 53.87 -32.44
CA MET N 28 -39.14 53.58 -33.87
C MET N 28 -38.74 54.80 -34.70
N LEU N 29 -39.26 55.97 -34.30
CA LEU N 29 -39.00 57.20 -35.05
C LEU N 29 -37.63 57.84 -34.77
N ASP N 30 -37.08 57.62 -33.58
CA ASP N 30 -35.92 58.33 -33.10
C ASP N 30 -35.00 57.32 -32.35
N PRO N 31 -34.51 56.31 -33.06
CA PRO N 31 -33.66 55.25 -32.45
C PRO N 31 -32.41 55.73 -31.70
N ALA N 32 -31.89 56.88 -32.05
CA ALA N 32 -30.78 57.48 -31.32
C ALA N 32 -31.08 57.69 -29.85
N ASN N 33 -32.35 57.94 -29.49
CA ASN N 33 -32.70 58.12 -28.09
C ASN N 33 -33.41 56.94 -27.44
N ALA N 34 -33.25 55.77 -28.00
CA ALA N 34 -33.84 54.54 -27.50
C ALA N 34 -33.69 54.31 -25.97
N GLU N 35 -32.50 54.61 -25.44
CA GLU N 35 -32.19 54.47 -24.02
C GLU N 35 -33.12 55.32 -23.16
N ARG N 36 -33.30 56.58 -23.57
CA ARG N 36 -34.14 57.51 -22.89
C ARG N 36 -35.60 57.04 -22.89
N TYR N 37 -36.07 56.62 -24.06
CA TYR N 37 -37.43 56.13 -24.19
C TYR N 37 -37.66 54.83 -23.45
N ARG N 38 -36.70 53.91 -23.51
CA ARG N 38 -36.83 52.61 -22.86
C ARG N 38 -36.89 52.81 -21.35
N ARG N 39 -36.12 53.77 -20.88
CA ARG N 39 -36.08 54.06 -19.43
C ARG N 39 -37.44 54.55 -18.94
N LEU N 40 -38.00 55.46 -19.69
CA LEU N 40 -39.31 56.01 -19.36
C LEU N 40 -40.39 54.98 -19.47
N GLN N 41 -40.29 54.10 -20.46
CA GLN N 41 -41.25 52.99 -20.64
C GLN N 41 -41.19 52.06 -19.42
N THR N 42 -39.99 51.78 -18.94
CA THR N 42 -39.84 51.03 -17.68
C THR N 42 -40.51 51.67 -16.44
N ILE N 43 -40.25 52.94 -16.21
CA ILE N 43 -40.84 53.70 -15.13
C ILE N 43 -42.37 53.60 -15.17
N ILE N 44 -42.95 53.79 -16.35
CA ILE N 44 -44.40 53.80 -16.50
C ILE N 44 -44.97 52.40 -16.30
N GLU N 45 -44.35 51.40 -16.94
CA GLU N 45 -44.81 50.01 -16.87
C GLU N 45 -44.76 49.41 -15.44
N ARG N 46 -43.63 49.65 -14.75
CA ARG N 46 -43.43 49.20 -13.39
C ARG N 46 -44.00 50.08 -12.32
N GLY N 47 -44.46 51.26 -12.70
CA GLY N 47 -45.00 52.18 -11.80
C GLY N 47 -44.05 52.59 -10.69
N TYR N 48 -42.82 52.89 -11.07
CA TYR N 48 -41.79 53.39 -10.12
C TYR N 48 -42.14 54.75 -9.59
N GLY N 49 -42.66 54.77 -8.38
CA GLY N 49 -43.25 55.93 -7.81
C GLY N 49 -42.36 57.12 -7.65
N LEU N 50 -41.11 56.89 -7.25
CA LEU N 50 -40.19 58.05 -7.11
C LEU N 50 -39.97 58.72 -8.49
N GLN N 51 -39.69 57.90 -9.49
CA GLN N 51 -39.43 58.44 -10.81
C GLN N 51 -40.71 59.06 -11.39
N MET N 52 -41.88 58.52 -11.06
CA MET N 52 -43.15 59.18 -11.46
C MET N 52 -43.37 60.56 -10.87
N ARG N 53 -43.03 60.77 -9.58
CA ARG N 53 -43.04 62.09 -8.98
C ARG N 53 -42.11 62.99 -9.70
N GLU N 54 -40.92 62.52 -10.08
CA GLU N 54 -40.00 63.34 -10.84
C GLU N 54 -40.60 63.82 -12.16
N LEU N 55 -41.34 62.95 -12.85
CA LEU N 55 -42.04 63.35 -14.05
C LEU N 55 -43.01 64.51 -13.75
N ASP N 56 -43.72 64.42 -12.62
CA ASP N 56 -44.72 65.45 -12.22
C ASP N 56 -44.02 66.78 -12.19
N ARG N 57 -42.76 66.79 -11.77
CA ARG N 57 -42.03 68.02 -11.59
C ARG N 57 -41.60 68.63 -12.91
N GLU N 58 -41.73 67.91 -14.02
CA GLU N 58 -41.51 68.54 -15.34
C GLU N 58 -42.68 69.48 -15.80
N PHE N 59 -43.82 69.40 -15.14
CA PHE N 59 -45.02 70.11 -15.56
C PHE N 59 -45.32 71.25 -14.60
N GLY N 60 -45.48 72.45 -15.14
CA GLY N 60 -45.66 73.64 -14.33
C GLY N 60 -47.06 74.15 -14.57
N GLU N 61 -47.33 75.31 -14.00
CA GLU N 61 -48.65 75.94 -14.15
C GLU N 61 -48.39 77.43 -14.03
N LEU N 62 -48.95 78.21 -14.97
CA LEU N 62 -49.10 79.64 -14.85
C LEU N 62 -50.55 79.99 -15.16
N LYS N 63 -51.30 80.42 -14.16
CA LYS N 63 -52.73 80.61 -14.27
C LYS N 63 -53.02 81.61 -15.32
N GLU N 64 -54.16 81.48 -15.98
CA GLU N 64 -54.61 82.43 -16.96
C GLU N 64 -54.55 83.86 -16.49
N GLU N 65 -54.93 84.10 -15.24
CA GLU N 65 -55.01 85.49 -14.79
C GLU N 65 -53.63 86.07 -14.65
N THR N 66 -52.69 85.25 -14.21
CA THR N 66 -51.33 85.71 -14.03
C THR N 66 -50.67 86.01 -15.41
N CYS N 67 -50.82 85.10 -16.36
CA CYS N 67 -50.47 85.37 -17.76
C CYS N 67 -51.01 86.75 -18.22
N ARG N 68 -52.32 86.98 -18.03
CA ARG N 68 -52.95 88.27 -18.43
C ARG N 68 -52.35 89.49 -17.74
N THR N 69 -52.05 89.37 -16.45
CA THR N 69 -51.43 90.43 -15.70
C THR N 69 -50.08 90.77 -16.26
N ILE N 70 -49.31 89.77 -16.63
CA ILE N 70 -47.97 90.04 -17.17
C ILE N 70 -48.07 90.86 -18.46
N ILE N 71 -48.99 90.46 -19.31
CA ILE N 71 -49.23 91.15 -20.55
C ILE N 71 -49.76 92.55 -20.25
N ASP N 72 -50.64 92.70 -19.25
CA ASP N 72 -51.18 94.01 -18.84
C ASP N 72 -50.06 94.96 -18.40
N ILE N 73 -49.10 94.41 -17.66
CA ILE N 73 -47.94 95.16 -17.25
C ILE N 73 -47.13 95.68 -18.46
N MET N 74 -46.90 94.84 -19.43
CA MET N 74 -46.20 95.30 -20.64
C MET N 74 -47.03 96.34 -21.39
N GLU N 75 -48.34 96.12 -21.48
CA GLU N 75 -49.23 97.11 -22.09
C GLU N 75 -49.21 98.45 -21.35
N MET N 76 -49.16 98.44 -20.02
CA MET N 76 -49.00 99.65 -19.22
C MET N 76 -47.74 100.39 -19.61
N TYR N 77 -46.64 99.66 -19.74
CA TYR N 77 -45.38 100.31 -20.11
C TYR N 77 -45.38 100.86 -21.51
N HIS N 78 -46.05 100.16 -22.42
CA HIS N 78 -46.33 100.71 -23.75
C HIS N 78 -47.05 102.04 -23.58
N ALA N 79 -48.17 102.04 -22.83
CA ALA N 79 -48.93 103.27 -22.62
C ALA N 79 -48.11 104.38 -21.98
N LEU N 80 -47.28 104.03 -21.00
CA LEU N 80 -46.47 104.99 -20.28
C LEU N 80 -45.43 105.58 -21.20
N HIS N 81 -44.85 104.73 -22.03
CA HIS N 81 -43.78 105.17 -22.91
C HIS N 81 -44.29 106.00 -24.07
N VAL N 82 -45.40 105.61 -24.68
CA VAL N 82 -45.98 106.39 -25.76
C VAL N 82 -46.45 107.77 -25.26
N SER N 83 -46.98 107.81 -24.05
CA SER N 83 -47.40 109.01 -23.38
C SER N 83 -46.21 109.92 -23.06
N TRP N 84 -45.16 109.34 -22.50
CA TRP N 84 -43.93 110.06 -22.17
C TRP N 84 -43.19 110.61 -23.36
N SER N 85 -43.15 109.84 -24.43
CA SER N 85 -42.38 110.22 -25.59
C SER N 85 -43.05 111.45 -26.20
N ASN N 86 -44.38 111.54 -26.06
CA ASN N 86 -45.18 112.65 -26.60
C ASN N 86 -45.42 113.81 -25.62
N LEU N 87 -44.68 113.80 -24.52
CA LEU N 87 -44.59 114.94 -23.64
C LEU N 87 -43.64 116.02 -24.19
N GLN N 88 -44.13 117.25 -24.26
CA GLN N 88 -43.27 118.38 -24.60
C GLN N 88 -42.35 118.63 -23.41
N ASP N 89 -42.91 119.14 -22.32
CA ASP N 89 -42.16 119.24 -21.09
C ASP N 89 -42.23 117.89 -20.44
N GLN N 90 -41.20 117.08 -20.70
CA GLN N 90 -40.97 115.85 -19.95
C GLN N 90 -40.45 116.36 -18.61
N GLN N 91 -41.40 116.74 -17.73
CA GLN N 91 -41.10 117.30 -16.39
C GLN N 91 -39.97 116.52 -15.75
N SER N 92 -38.83 116.50 -16.43
CA SER N 92 -37.63 115.84 -15.97
C SER N 92 -37.83 114.35 -15.64
N ILE N 93 -38.65 113.62 -16.42
CA ILE N 93 -38.86 112.16 -16.21
C ILE N 93 -37.83 111.28 -16.97
N ASP N 94 -36.99 110.56 -16.22
CA ASP N 94 -36.01 109.64 -16.82
C ASP N 94 -36.76 108.51 -17.57
N GLU N 95 -36.32 108.22 -18.80
CA GLU N 95 -36.89 107.19 -19.66
C GLU N 95 -36.80 105.80 -19.06
N ARG N 96 -35.72 105.57 -18.31
CA ARG N 96 -35.52 104.36 -17.52
C ARG N 96 -36.78 103.99 -16.69
N ARG N 97 -37.52 105.00 -16.23
CA ARG N 97 -38.65 104.84 -15.32
C ARG N 97 -39.96 104.47 -16.03
N VAL N 98 -39.95 104.72 -17.32
CA VAL N 98 -41.05 104.48 -18.21
C VAL N 98 -40.64 103.37 -19.23
N THR N 99 -39.73 102.50 -18.78
CA THR N 99 -39.24 101.35 -19.52
C THR N 99 -39.46 100.06 -18.71
N PHE N 100 -40.10 99.07 -19.36
CA PHE N 100 -40.30 97.76 -18.74
C PHE N 100 -38.97 97.03 -18.47
N LEU N 101 -38.70 96.78 -17.20
CA LEU N 101 -37.43 96.17 -16.76
C LEU N 101 -37.50 94.65 -16.55
N GLY N 102 -38.72 94.10 -16.46
CA GLY N 102 -38.87 92.67 -16.40
C GLY N 102 -39.12 92.15 -15.02
N PHE N 103 -38.67 90.92 -14.80
CA PHE N 103 -38.90 90.21 -13.58
C PHE N 103 -37.57 89.64 -13.03
N ASP N 104 -37.63 89.19 -11.79
CA ASP N 104 -36.44 88.64 -11.10
C ASP N 104 -36.22 87.18 -11.56
N ALA N 105 -35.06 86.89 -12.10
CA ALA N 105 -34.75 85.49 -12.45
C ALA N 105 -34.78 84.54 -11.26
N ALA N 106 -34.33 85.01 -10.09
CA ALA N 106 -34.15 84.16 -8.91
C ALA N 106 -35.46 83.78 -8.26
N THR N 107 -36.42 84.71 -8.18
CA THR N 107 -37.65 84.52 -7.39
C THR N 107 -38.94 84.69 -8.22
N GLU N 108 -38.80 85.09 -9.49
CA GLU N 108 -39.94 85.32 -10.38
C GLU N 108 -39.76 84.62 -11.73
N ALA N 109 -39.11 83.46 -11.69
CA ALA N 109 -38.70 82.78 -12.92
C ALA N 109 -39.87 82.43 -13.84
N ARG N 110 -41.04 82.07 -13.31
CA ARG N 110 -42.13 81.73 -14.17
C ARG N 110 -42.59 83.00 -14.95
N TYR N 111 -42.57 84.16 -14.30
CA TYR N 111 -43.05 85.43 -14.90
C TYR N 111 -42.07 85.89 -15.98
N LEU N 112 -40.79 85.82 -15.67
CA LEU N 112 -39.74 86.13 -16.64
C LEU N 112 -39.79 85.26 -17.87
N GLY N 113 -39.98 83.96 -17.62
CA GLY N 113 -40.20 82.97 -18.68
C GLY N 113 -41.33 83.33 -19.63
N TYR N 114 -42.41 83.83 -19.06
CA TYR N 114 -43.56 84.18 -19.84
C TYR N 114 -43.34 85.45 -20.65
N VAL N 115 -42.64 86.42 -20.09
CA VAL N 115 -42.29 87.60 -20.88
C VAL N 115 -41.48 87.19 -22.13
N ARG N 116 -40.43 86.41 -21.89
CA ARG N 116 -39.57 85.91 -22.98
C ARG N 116 -40.36 85.10 -24.02
N PHE N 117 -41.28 84.27 -23.56
CA PHE N 117 -42.21 83.60 -24.45
C PHE N 117 -43.05 84.58 -25.30
N MET N 118 -43.68 85.53 -24.65
CA MET N 118 -44.49 86.50 -25.36
C MET N 118 -43.69 87.28 -26.40
N VAL N 119 -42.44 87.60 -26.09
CA VAL N 119 -41.61 88.42 -26.96
C VAL N 119 -40.92 87.53 -28.01
N ASN N 120 -40.19 86.50 -27.59
CA ASN N 120 -39.40 85.68 -28.52
C ASN N 120 -40.24 84.66 -29.28
N VAL N 121 -41.34 84.16 -28.73
CA VAL N 121 -42.14 83.19 -29.47
C VAL N 121 -43.38 83.85 -30.13
N GLU N 122 -44.19 84.56 -29.36
CA GLU N 122 -45.40 85.15 -29.93
C GLU N 122 -45.12 86.38 -30.77
N GLY N 123 -43.97 87.00 -30.52
CA GLY N 123 -43.55 88.18 -31.26
C GLY N 123 -44.25 89.46 -30.80
N ARG N 124 -44.70 89.51 -29.56
CA ARG N 124 -45.36 90.71 -29.07
C ARG N 124 -44.32 91.65 -28.44
N TYR N 125 -44.56 92.97 -28.51
CA TYR N 125 -43.73 93.92 -27.79
C TYR N 125 -42.27 93.80 -28.19
N THR N 126 -42.03 93.49 -29.46
CA THR N 126 -40.63 93.35 -29.94
C THR N 126 -39.85 94.66 -29.98
N HIS N 127 -40.54 95.79 -29.93
CA HIS N 127 -39.84 97.09 -29.87
C HIS N 127 -39.44 97.52 -28.44
N PHE N 128 -39.84 96.75 -27.43
CA PHE N 128 -39.34 96.95 -26.05
C PHE N 128 -37.85 96.71 -25.88
N ASP N 129 -37.23 97.58 -25.08
CA ASP N 129 -35.85 97.45 -24.72
C ASP N 129 -35.65 96.39 -23.69
N ALA N 130 -34.88 95.35 -24.01
CA ALA N 130 -34.78 94.17 -23.16
C ALA N 130 -33.65 94.26 -22.13
N GLY N 131 -32.95 95.37 -22.15
CA GLY N 131 -31.77 95.52 -21.31
C GLY N 131 -30.64 94.56 -21.64
N THR N 132 -29.77 94.35 -20.65
CA THR N 132 -28.58 93.55 -20.78
C THR N 132 -28.80 92.09 -20.42
N HIS N 133 -29.87 91.79 -19.67
CA HIS N 133 -30.13 90.41 -19.20
C HIS N 133 -31.51 89.90 -19.62
N GLY N 134 -31.98 90.36 -20.79
CA GLY N 134 -33.17 89.78 -21.44
C GLY N 134 -34.37 89.83 -20.50
N PHE N 135 -34.68 91.03 -20.02
CA PHE N 135 -35.79 91.32 -19.09
C PHE N 135 -35.65 90.72 -17.69
N ASN N 136 -34.47 90.22 -17.35
CA ASN N 136 -34.20 89.81 -15.97
C ASN N 136 -33.91 91.11 -15.21
N ALA N 137 -34.90 91.58 -14.45
CA ALA N 137 -34.72 92.76 -13.58
C ALA N 137 -33.79 92.57 -12.32
N GLN N 138 -33.55 91.31 -11.94
CA GLN N 138 -32.62 90.98 -10.83
C GLN N 138 -33.04 91.52 -9.46
N THR N 139 -34.31 91.90 -9.38
CA THR N 139 -34.94 92.29 -8.13
C THR N 139 -36.44 92.06 -8.35
N PRO N 140 -37.16 91.66 -7.29
CA PRO N 140 -38.56 91.31 -7.39
C PRO N 140 -39.46 92.51 -7.82
N MET N 141 -40.28 92.31 -8.86
CA MET N 141 -41.11 93.43 -9.39
C MET N 141 -42.60 93.23 -9.31
N TRP N 142 -43.05 92.01 -8.97
CA TRP N 142 -44.45 91.68 -9.07
C TRP N 142 -45.30 92.62 -8.23
N GLU N 143 -44.95 92.78 -6.93
CA GLU N 143 -45.79 93.65 -6.11
C GLU N 143 -45.65 95.14 -6.52
N LYS N 144 -44.47 95.59 -6.94
CA LYS N 144 -44.37 96.93 -7.54
C LYS N 144 -45.30 97.14 -8.71
N TYR N 145 -45.34 96.18 -9.62
CA TYR N 145 -46.18 96.31 -10.80
C TYR N 145 -47.63 96.36 -10.45
N GLN N 146 -48.02 95.61 -9.43
CA GLN N 146 -49.42 95.63 -8.98
C GLN N 146 -49.83 97.03 -8.56
N ARG N 147 -48.91 97.74 -7.87
CA ARG N 147 -49.23 99.05 -7.36
C ARG N 147 -49.35 100.05 -8.52
N MET N 148 -48.47 99.92 -9.52
CA MET N 148 -48.52 100.74 -10.72
C MET N 148 -49.81 100.53 -11.53
N LEU N 149 -50.17 99.26 -11.74
CA LEU N 149 -51.41 98.93 -12.43
C LEU N 149 -52.64 99.53 -11.73
N ASN N 150 -52.68 99.47 -10.40
CA ASN N 150 -53.81 100.02 -9.70
C ASN N 150 -54.02 101.52 -10.00
N VAL N 151 -52.95 102.29 -10.06
CA VAL N 151 -53.03 103.73 -10.44
C VAL N 151 -53.41 103.92 -11.90
N TRP N 152 -52.75 103.19 -12.80
CA TRP N 152 -52.98 103.30 -14.24
C TRP N 152 -54.46 102.99 -14.58
N HIS N 153 -54.97 101.89 -14.07
CA HIS N 153 -56.37 101.55 -14.36
C HIS N 153 -57.39 102.50 -13.67
N ALA N 154 -56.93 103.35 -12.76
CA ALA N 154 -57.78 104.37 -12.11
C ALA N 154 -57.80 105.69 -12.89
N CYS N 155 -56.90 105.81 -13.88
CA CYS N 155 -56.91 106.92 -14.80
C CYS N 155 -58.09 106.78 -15.75
N PRO N 156 -58.92 107.82 -15.78
CA PRO N 156 -60.14 107.79 -16.58
C PRO N 156 -59.87 107.88 -18.08
N ARG N 157 -58.59 107.96 -18.45
CA ARG N 157 -58.11 107.51 -19.77
C ARG N 157 -56.74 106.87 -19.52
N GLN N 158 -56.53 105.67 -20.06
CA GLN N 158 -55.29 104.93 -19.83
C GLN N 158 -54.18 105.26 -20.86
N TYR N 159 -54.56 105.91 -21.95
CA TYR N 159 -53.58 106.22 -23.00
C TYR N 159 -53.50 107.76 -23.16
N HIS N 160 -52.35 108.23 -23.63
CA HIS N 160 -52.06 109.66 -23.74
C HIS N 160 -52.19 110.31 -22.38
N LEU N 161 -51.39 109.79 -21.45
CA LEU N 161 -51.43 110.23 -20.09
C LEU N 161 -50.69 111.56 -19.99
N SER N 162 -51.07 112.33 -18.97
CA SER N 162 -50.38 113.54 -18.58
C SER N 162 -49.12 113.20 -17.78
N ALA N 163 -48.29 114.21 -17.50
CA ALA N 163 -47.07 114.01 -16.74
C ALA N 163 -47.38 113.70 -15.28
N ASN N 164 -48.45 114.29 -14.75
CA ASN N 164 -48.84 114.01 -13.37
C ASN N 164 -49.30 112.56 -13.24
N GLU N 165 -50.05 112.14 -14.24
CA GLU N 165 -50.55 110.75 -14.32
C GLU N 165 -49.38 109.78 -14.44
N ILE N 166 -48.47 110.04 -15.38
CA ILE N 166 -47.23 109.25 -15.47
C ILE N 166 -46.49 109.18 -14.14
N ASN N 167 -46.36 110.31 -13.46
CA ASN N 167 -45.61 110.38 -12.22
C ASN N 167 -46.27 109.62 -11.10
N GLN N 168 -47.58 109.76 -10.99
CA GLN N 168 -48.34 108.96 -10.02
C GLN N 168 -48.16 107.46 -10.25
N ILE N 169 -48.19 107.04 -11.51
CA ILE N 169 -48.10 105.59 -11.84
C ILE N 169 -46.73 105.03 -11.43
N ILE N 170 -45.67 105.59 -11.98
CA ILE N 170 -44.27 105.17 -11.65
C ILE N 170 -43.88 105.33 -10.16
N ASN N 171 -44.39 106.37 -9.51
CA ASN N 171 -44.20 106.60 -8.08
C ASN N 171 -44.94 105.65 -7.12
N ALA N 172 -45.91 104.89 -7.62
CA ALA N 172 -46.75 104.04 -6.78
C ALA N 172 -45.93 102.92 -6.13
N GLN O 5 -53.99 60.43 15.47
CA GLN O 5 -53.07 60.92 14.39
C GLN O 5 -51.76 60.15 14.43
N GLU O 6 -51.78 58.88 14.05
CA GLU O 6 -50.63 58.00 14.31
C GLU O 6 -49.31 58.77 14.09
N SER O 7 -49.06 59.33 12.88
CA SER O 7 -47.73 59.91 12.61
C SER O 7 -47.29 61.03 13.57
N THR O 8 -46.00 61.03 13.91
CA THR O 8 -45.43 62.14 14.65
C THR O 8 -45.64 63.44 13.87
N MET O 9 -45.67 63.41 12.55
CA MET O 9 -45.78 64.70 11.81
C MET O 9 -47.11 65.43 12.10
N GLU O 10 -48.08 64.69 12.59
CA GLU O 10 -49.42 65.22 12.86
C GLU O 10 -49.64 65.60 14.34
N MET O 11 -48.59 65.47 15.18
CA MET O 11 -48.72 65.75 16.59
C MET O 11 -49.07 67.23 16.81
N THR O 12 -49.75 67.52 17.89
CA THR O 12 -50.15 68.86 18.14
C THR O 12 -48.96 69.66 18.70
N ASN O 13 -49.10 70.97 18.72
CA ASN O 13 -48.06 71.81 19.30
C ASN O 13 -47.83 71.53 20.80
N ALA O 14 -48.89 71.24 21.54
CA ALA O 14 -48.75 70.86 22.93
C ALA O 14 -47.87 69.60 23.05
N GLN O 15 -48.07 68.62 22.17
CA GLN O 15 -47.22 67.43 22.12
C GLN O 15 -45.79 67.72 21.72
N ARG O 16 -45.58 68.63 20.77
CA ARG O 16 -44.24 69.08 20.45
C ARG O 16 -43.56 69.72 21.67
N LEU O 17 -44.30 70.54 22.39
CA LEU O 17 -43.75 71.19 23.60
C LEU O 17 -43.44 70.16 24.72
N ILE O 18 -44.36 69.23 24.95
CA ILE O 18 -44.07 68.14 25.87
C ILE O 18 -42.79 67.41 25.52
N LEU O 19 -42.67 67.03 24.26
CA LEU O 19 -41.47 66.33 23.81
C LEU O 19 -40.18 67.17 23.96
N SER O 20 -40.25 68.43 23.52
CA SER O 20 -39.12 69.36 23.67
C SER O 20 -38.69 69.46 25.11
N ASN O 21 -39.64 69.58 26.00
CA ASN O 21 -39.33 69.59 27.44
C ASN O 21 -38.64 68.30 27.91
N GLN O 22 -39.11 67.16 27.43
CA GLN O 22 -38.46 65.91 27.74
C GLN O 22 -37.01 65.84 27.29
N TYR O 23 -36.73 66.20 26.04
CA TYR O 23 -35.34 66.30 25.59
C TYR O 23 -34.43 67.20 26.46
N LYS O 24 -34.98 68.34 26.93
CA LYS O 24 -34.28 69.22 27.85
C LYS O 24 -34.06 68.51 29.18
N MET O 25 -35.08 67.80 29.68
CA MET O 25 -34.91 67.10 30.95
C MET O 25 -33.91 65.96 30.90
N MET O 26 -33.93 65.25 29.79
CA MET O 26 -33.07 64.14 29.61
C MET O 26 -31.60 64.60 29.52
N THR O 27 -31.36 65.76 28.92
CA THR O 27 -29.99 66.39 28.88
C THR O 27 -29.53 66.75 30.27
N MET O 28 -30.45 67.23 31.09
CA MET O 28 -30.15 67.54 32.49
C MET O 28 -29.70 66.32 33.22
N LEU O 29 -30.42 65.21 33.01
CA LEU O 29 -30.15 63.96 33.73
C LEU O 29 -29.05 63.10 33.17
N ASP O 30 -28.78 63.24 31.87
CA ASP O 30 -27.84 62.35 31.14
C ASP O 30 -27.03 63.20 30.15
N PRO O 31 -26.21 64.13 30.69
CA PRO O 31 -25.51 65.07 29.81
C PRO O 31 -24.53 64.41 28.83
N ALA O 32 -24.09 63.19 29.13
CA ALA O 32 -23.25 62.44 28.21
C ALA O 32 -23.92 62.25 26.86
N ASN O 33 -25.27 62.16 26.84
CA ASN O 33 -25.98 61.95 25.57
C ASN O 33 -26.67 63.20 25.05
N ALA O 34 -26.27 64.36 25.56
CA ALA O 34 -26.73 65.66 25.11
C ALA O 34 -26.82 65.79 23.60
N GLU O 35 -25.84 65.26 22.88
CA GLU O 35 -25.85 65.34 21.43
C GLU O 35 -27.14 64.70 20.85
N ARG O 36 -27.44 63.49 21.28
CA ARG O 36 -28.60 62.75 20.86
C ARG O 36 -29.86 63.53 21.16
N TYR O 37 -29.97 64.02 22.38
CA TYR O 37 -31.22 64.71 22.80
C TYR O 37 -31.41 66.03 22.11
N ARG O 38 -30.31 66.77 21.92
CA ARG O 38 -30.39 68.08 21.24
C ARG O 38 -30.82 67.98 19.79
N ARG O 39 -30.32 66.94 19.13
CA ARG O 39 -30.71 66.60 17.78
C ARG O 39 -32.21 66.38 17.63
N LEU O 40 -32.75 65.51 18.48
CA LEU O 40 -34.16 65.23 18.55
C LEU O 40 -34.98 66.46 18.89
N GLN O 41 -34.49 67.25 19.81
CA GLN O 41 -35.16 68.47 20.19
C GLN O 41 -35.31 69.42 18.99
N THR O 42 -34.26 69.52 18.19
CA THR O 42 -34.27 70.28 16.96
C THR O 42 -35.26 69.74 15.95
N ILE O 43 -35.28 68.43 15.77
CA ILE O 43 -36.21 67.78 14.85
C ILE O 43 -37.65 68.11 15.22
N ILE O 44 -37.94 67.98 16.50
CA ILE O 44 -39.27 68.33 17.01
C ILE O 44 -39.60 69.83 16.89
N GLU O 45 -38.72 70.71 17.31
CA GLU O 45 -39.00 72.13 17.36
C GLU O 45 -39.19 72.69 15.95
N ARG O 46 -38.31 72.28 15.03
CA ARG O 46 -38.34 72.76 13.66
C ARG O 46 -39.29 71.98 12.77
N GLY O 47 -39.80 70.87 13.27
CA GLY O 47 -40.71 69.99 12.56
C GLY O 47 -40.17 69.44 11.22
N TYR O 48 -38.98 68.88 11.29
CA TYR O 48 -38.30 68.39 10.14
C TYR O 48 -38.96 67.10 9.73
N GLY O 49 -39.77 67.16 8.67
CA GLY O 49 -40.66 66.08 8.25
C GLY O 49 -39.97 64.75 7.93
N LEU O 50 -38.80 64.82 7.31
CA LEU O 50 -38.17 63.55 6.95
C LEU O 50 -37.73 62.84 8.25
N GLN O 51 -37.07 63.55 9.14
CA GLN O 51 -36.60 62.91 10.37
C GLN O 51 -37.76 62.50 11.27
N MET O 52 -38.89 63.22 11.25
CA MET O 52 -40.11 62.77 11.96
C MET O 52 -40.70 61.48 11.41
N ARG O 53 -40.62 61.29 10.10
CA ARG O 53 -40.99 60.03 9.51
C ARG O 53 -40.07 58.91 10.00
N GLU O 54 -38.78 59.17 10.08
CA GLU O 54 -37.84 58.24 10.65
C GLU O 54 -38.18 57.86 12.07
N LEU O 55 -38.65 58.81 12.85
CA LEU O 55 -39.13 58.50 14.20
C LEU O 55 -40.31 57.55 14.16
N ASP O 56 -41.28 57.76 13.25
CA ASP O 56 -42.44 56.86 13.10
C ASP O 56 -41.98 55.44 12.94
N ARG O 57 -40.93 55.25 12.19
CA ARG O 57 -40.46 53.92 11.89
C ARG O 57 -39.83 53.20 13.10
N GLU O 58 -39.57 53.91 14.21
CA GLU O 58 -39.13 53.29 15.46
C GLU O 58 -40.24 52.53 16.25
N PHE O 59 -41.49 52.76 15.90
CA PHE O 59 -42.66 52.23 16.63
C PHE O 59 -43.36 51.18 15.79
N GLY O 60 -43.47 49.97 16.35
CA GLY O 60 -44.17 48.87 15.67
C GLY O 60 -45.55 48.61 16.21
N GLU O 61 -46.15 47.52 15.74
CA GLU O 61 -47.45 47.06 16.19
C GLU O 61 -47.44 45.56 16.04
N LEU O 62 -47.92 44.88 17.06
CA LEU O 62 -48.21 43.44 16.96
C LEU O 62 -49.58 43.33 17.60
N LYS O 63 -50.60 43.14 16.78
CA LYS O 63 -51.99 43.17 17.19
C LYS O 63 -52.20 42.18 18.32
N GLU O 64 -53.08 42.50 19.24
CA GLU O 64 -53.42 41.63 20.32
C GLU O 64 -53.69 40.21 19.86
N GLU O 65 -54.51 40.02 18.82
CA GLU O 65 -54.85 38.61 18.40
C GLU O 65 -53.63 37.81 17.93
N THR O 66 -52.66 38.48 17.32
CA THR O 66 -51.42 37.86 16.87
C THR O 66 -50.59 37.45 18.07
N CYS O 67 -50.41 38.35 19.05
CA CYS O 67 -49.84 37.99 20.36
C CYS O 67 -50.45 36.70 20.93
N ARG O 68 -51.76 36.68 21.03
CA ARG O 68 -52.48 35.53 21.59
C ARG O 68 -52.28 34.26 20.80
N THR O 69 -52.24 34.38 19.48
CA THR O 69 -52.00 33.22 18.63
C THR O 69 -50.63 32.71 18.85
N ILE O 70 -49.62 33.57 18.98
CA ILE O 70 -48.26 33.04 19.22
C ILE O 70 -48.22 32.25 20.54
N ILE O 71 -48.81 32.81 21.58
CA ILE O 71 -48.88 32.14 22.87
C ILE O 71 -49.67 30.80 22.78
N ASP O 72 -50.77 30.81 22.02
CA ASP O 72 -51.55 29.58 21.80
C ASP O 72 -50.77 28.48 21.11
N ILE O 73 -49.88 28.85 20.17
CA ILE O 73 -49.05 27.89 19.50
C ILE O 73 -48.12 27.24 20.50
N MET O 74 -47.48 28.07 21.34
CA MET O 74 -46.61 27.54 22.41
C MET O 74 -47.39 26.61 23.35
N GLU O 75 -48.59 27.03 23.75
CA GLU O 75 -49.45 26.22 24.58
C GLU O 75 -49.84 24.90 23.89
N MET O 76 -50.10 24.93 22.59
CA MET O 76 -50.40 23.70 21.84
C MET O 76 -49.20 22.76 21.92
N TYR O 77 -48.01 23.33 21.79
CA TYR O 77 -46.80 22.50 21.88
C TYR O 77 -46.61 21.93 23.30
N HIS O 78 -47.01 22.69 24.32
CA HIS O 78 -47.02 22.17 25.70
C HIS O 78 -47.99 20.97 25.82
N ALA O 79 -49.21 21.13 25.29
CA ALA O 79 -50.17 20.03 25.24
C ALA O 79 -49.62 18.81 24.48
N LEU O 80 -49.08 19.02 23.28
CA LEU O 80 -48.58 17.92 22.46
C LEU O 80 -47.44 17.19 23.17
N HIS O 81 -46.50 17.94 23.73
CA HIS O 81 -45.35 17.34 24.38
C HIS O 81 -45.73 16.61 25.66
N VAL O 82 -46.60 17.19 26.47
CA VAL O 82 -47.06 16.51 27.69
C VAL O 82 -47.84 15.23 27.35
N SER O 83 -48.79 15.34 26.43
CA SER O 83 -49.48 14.20 25.89
C SER O 83 -48.50 13.13 25.43
N TRP O 84 -47.56 13.52 24.57
CA TRP O 84 -46.54 12.62 24.01
C TRP O 84 -45.68 11.94 25.07
N SER O 85 -45.47 12.62 26.20
CA SER O 85 -44.64 12.07 27.27
C SER O 85 -45.42 11.13 28.21
N ASN O 86 -46.71 10.98 28.01
CA ASN O 86 -47.46 9.96 28.75
C ASN O 86 -47.96 8.82 27.86
N LEU O 87 -47.40 8.71 26.66
CA LEU O 87 -47.99 7.85 25.65
C LEU O 87 -47.61 6.41 25.84
N GLN O 88 -48.64 5.56 25.83
CA GLN O 88 -48.54 4.15 25.43
C GLN O 88 -47.19 3.60 25.83
N ASP O 89 -46.44 3.12 24.86
CA ASP O 89 -44.99 3.20 24.90
C ASP O 89 -44.60 3.97 23.62
N GLN O 90 -45.24 5.15 23.49
CA GLN O 90 -45.21 6.00 22.28
C GLN O 90 -45.91 5.31 21.10
N GLN O 91 -45.53 5.71 19.89
CA GLN O 91 -45.94 5.05 18.64
C GLN O 91 -45.08 5.58 17.48
N SER O 92 -43.76 5.56 17.69
CA SER O 92 -42.82 6.00 16.67
C SER O 92 -43.08 7.47 16.24
N ILE O 93 -43.34 8.34 17.21
CA ILE O 93 -43.39 9.80 16.97
C ILE O 93 -42.11 10.42 17.51
N ASP O 94 -41.35 11.08 16.63
CA ASP O 94 -40.10 11.73 17.03
C ASP O 94 -40.34 12.95 17.93
N GLU O 95 -39.68 13.00 19.10
CA GLU O 95 -39.84 14.13 20.05
C GLU O 95 -39.67 15.51 19.39
N ARG O 96 -38.79 15.60 18.41
CA ARG O 96 -38.60 16.83 17.64
C ARG O 96 -39.91 17.39 17.05
N ARG O 97 -40.79 16.47 16.65
CA ARG O 97 -42.06 16.81 16.00
C ARG O 97 -43.11 17.43 16.94
N VAL O 98 -42.94 17.17 18.24
CA VAL O 98 -43.78 17.74 19.28
C VAL O 98 -42.97 18.76 20.10
N THR O 99 -42.01 19.40 19.44
CA THR O 99 -41.16 20.44 20.01
C THR O 99 -41.34 21.75 19.23
N PHE O 100 -41.70 22.80 19.95
CA PHE O 100 -41.88 24.10 19.35
C PHE O 100 -40.54 24.56 18.77
N LEU O 101 -40.50 24.79 17.46
CA LEU O 101 -39.27 25.22 16.78
C LEU O 101 -39.11 26.74 16.65
N GLY O 102 -40.19 27.50 16.82
CA GLY O 102 -40.11 28.92 16.72
C GLY O 102 -40.49 29.46 15.37
N PHE O 103 -39.87 30.57 15.01
CA PHE O 103 -40.27 31.36 13.85
C PHE O 103 -39.09 31.77 12.99
N ASP O 104 -39.39 32.20 11.75
CA ASP O 104 -38.36 32.62 10.78
C ASP O 104 -37.82 34.01 11.12
N ALA O 105 -36.54 34.08 11.44
CA ALA O 105 -35.89 35.39 11.61
C ALA O 105 -36.05 36.35 10.43
N ALA O 106 -36.04 35.87 9.20
CA ALA O 106 -36.02 36.72 8.02
C ALA O 106 -37.40 37.28 7.59
N THR O 107 -38.46 36.48 7.71
CA THR O 107 -39.76 36.94 7.28
C THR O 107 -40.78 36.95 8.38
N GLU O 108 -40.40 36.53 9.59
CA GLU O 108 -41.33 36.46 10.74
C GLU O 108 -40.76 37.12 12.01
N ALA O 109 -40.03 38.19 11.81
CA ALA O 109 -39.19 38.70 12.86
C ALA O 109 -40.01 39.22 14.00
N ARG O 110 -41.17 39.84 13.73
CA ARG O 110 -42.04 40.33 14.82
C ARG O 110 -42.46 39.15 15.74
N TYR O 111 -42.68 37.98 15.13
CA TYR O 111 -43.21 36.78 15.82
C TYR O 111 -42.15 36.13 16.68
N LEU O 112 -40.97 35.94 16.09
CA LEU O 112 -39.77 35.51 16.80
C LEU O 112 -39.40 36.44 17.98
N GLY O 113 -39.49 37.75 17.74
CA GLY O 113 -39.27 38.70 18.81
C GLY O 113 -40.22 38.48 20.00
N TYR O 114 -41.47 38.15 19.70
CA TYR O 114 -42.48 38.03 20.75
C TYR O 114 -42.27 36.76 21.57
N VAL O 115 -41.88 35.69 20.91
CA VAL O 115 -41.54 34.42 21.61
C VAL O 115 -40.42 34.68 22.63
N ARG O 116 -39.38 35.35 22.18
CA ARG O 116 -38.25 35.67 23.05
C ARG O 116 -38.64 36.59 24.21
N PHE O 117 -39.53 37.54 23.95
CA PHE O 117 -40.08 38.41 25.01
C PHE O 117 -40.84 37.56 26.03
N MET O 118 -41.69 36.68 25.53
CA MET O 118 -42.54 35.89 26.43
C MET O 118 -41.73 34.95 27.30
N VAL O 119 -40.68 34.38 26.70
CA VAL O 119 -39.78 33.46 27.42
C VAL O 119 -38.78 34.23 28.26
N ASN O 120 -38.05 35.16 27.65
CA ASN O 120 -36.90 35.79 28.35
C ASN O 120 -37.28 36.92 29.31
N VAL O 121 -38.34 37.63 28.99
CA VAL O 121 -38.80 38.71 29.83
C VAL O 121 -39.96 38.27 30.74
N GLU O 122 -41.04 37.72 30.19
CA GLU O 122 -42.19 37.38 31.04
C GLU O 122 -41.94 36.07 31.83
N GLY O 123 -41.04 35.25 31.35
CA GLY O 123 -40.64 34.05 32.12
C GLY O 123 -41.58 32.92 31.83
N ARG O 124 -42.35 33.01 30.73
CA ARG O 124 -43.23 31.89 30.32
C ARG O 124 -42.53 30.84 29.44
N TYR O 125 -42.96 29.59 29.59
CA TYR O 125 -42.43 28.44 28.83
C TYR O 125 -40.91 28.28 28.89
N THR O 126 -40.33 28.57 30.05
CA THR O 126 -38.87 28.52 30.22
C THR O 126 -38.30 27.10 30.10
N HIS O 127 -39.15 26.09 30.31
CA HIS O 127 -38.77 24.68 30.07
C HIS O 127 -38.68 24.25 28.60
N PHE O 128 -39.23 25.05 27.68
CA PHE O 128 -39.12 24.76 26.24
C PHE O 128 -37.68 24.79 25.77
N ASP O 129 -37.32 23.81 24.94
CA ASP O 129 -36.05 23.75 24.24
C ASP O 129 -35.99 24.79 23.11
N ALA O 130 -35.12 25.77 23.30
CA ALA O 130 -34.97 26.87 22.36
C ALA O 130 -34.17 26.54 21.09
N GLY O 131 -33.68 25.32 20.99
CA GLY O 131 -32.84 24.95 19.84
C GLY O 131 -31.47 25.59 19.91
N THR O 132 -30.83 25.71 18.75
CA THR O 132 -29.47 26.21 18.64
C THR O 132 -29.44 27.66 18.16
N HIS O 133 -30.62 28.24 17.95
CA HIS O 133 -30.72 29.63 17.53
C HIS O 133 -31.81 30.39 18.30
N GLY O 134 -32.09 29.95 19.52
CA GLY O 134 -33.14 30.56 20.37
C GLY O 134 -34.46 30.75 19.63
N PHE O 135 -35.07 29.64 19.21
CA PHE O 135 -36.35 29.62 18.50
C PHE O 135 -36.36 30.28 17.12
N ASN O 136 -35.20 30.53 16.49
CA ASN O 136 -35.23 30.96 15.08
C ASN O 136 -35.30 29.70 14.22
N ALA O 137 -36.49 29.39 13.70
CA ALA O 137 -36.68 28.16 12.92
C ALA O 137 -36.07 28.18 11.50
N GLN O 138 -35.66 29.37 11.03
CA GLN O 138 -34.93 29.53 9.76
C GLN O 138 -35.75 29.20 8.49
N THR O 139 -37.06 28.97 8.66
CA THR O 139 -38.04 28.87 7.56
C THR O 139 -39.43 29.26 8.09
N PRO O 140 -40.30 29.81 7.22
CA PRO O 140 -41.59 30.31 7.71
C PRO O 140 -42.53 29.27 8.31
N MET O 141 -43.04 29.56 9.52
CA MET O 141 -43.83 28.60 10.27
C MET O 141 -45.26 29.06 10.50
N TRP O 142 -45.56 30.33 10.29
CA TRP O 142 -46.88 30.84 10.65
C TRP O 142 -48.04 30.06 10.07
N GLU O 143 -48.05 29.85 8.75
CA GLU O 143 -49.13 29.12 8.10
C GLU O 143 -49.28 27.67 8.64
N LYS O 144 -48.17 26.98 8.77
CA LYS O 144 -48.13 25.67 9.36
C LYS O 144 -48.79 25.59 10.72
N TYR O 145 -48.32 26.43 11.64
CA TYR O 145 -48.90 26.52 12.97
C TYR O 145 -50.38 26.76 12.89
N GLN O 146 -50.83 27.57 11.94
CA GLN O 146 -52.25 27.82 11.75
C GLN O 146 -53.00 26.52 11.48
N ARG O 147 -52.45 25.69 10.62
CA ARG O 147 -53.07 24.41 10.30
C ARG O 147 -53.10 23.48 11.52
N MET O 148 -52.02 23.48 12.29
CA MET O 148 -51.92 22.66 13.49
C MET O 148 -52.92 23.13 14.52
N LEU O 149 -53.04 24.45 14.72
CA LEU O 149 -54.05 24.97 15.67
C LEU O 149 -55.46 24.56 15.28
N ASN O 150 -55.77 24.53 13.99
CA ASN O 150 -57.09 24.21 13.55
C ASN O 150 -57.46 22.77 13.93
N VAL O 151 -56.53 21.85 13.82
CA VAL O 151 -56.79 20.46 14.23
C VAL O 151 -56.86 20.30 15.75
N TRP O 152 -55.91 20.91 16.47
CA TRP O 152 -55.87 20.84 17.91
C TRP O 152 -57.19 21.31 18.54
N HIS O 153 -57.67 22.49 18.12
CA HIS O 153 -58.86 23.05 18.77
C HIS O 153 -60.13 22.28 18.36
N ALA O 154 -60.02 21.38 17.36
CA ALA O 154 -61.14 20.53 16.92
C ALA O 154 -61.17 19.20 17.72
N CYS O 155 -60.11 18.89 18.46
CA CYS O 155 -60.15 17.71 19.37
C CYS O 155 -61.10 17.99 20.52
N PRO O 156 -61.98 17.02 20.85
CA PRO O 156 -62.98 17.40 21.83
C PRO O 156 -62.43 17.51 23.24
N ARG O 157 -61.15 17.14 23.42
CA ARG O 157 -60.38 17.44 24.60
C ARG O 157 -59.04 17.90 24.02
N GLN O 158 -58.38 18.92 24.60
CA GLN O 158 -57.06 19.41 24.05
C GLN O 158 -55.79 18.90 24.75
N TYR O 159 -55.94 18.34 25.92
CA TYR O 159 -54.81 17.90 26.72
C TYR O 159 -54.95 16.40 26.92
N HIS O 160 -53.87 15.74 27.35
CA HIS O 160 -53.87 14.27 27.47
C HIS O 160 -54.37 13.68 26.17
N LEU O 161 -53.73 14.09 25.08
CA LEU O 161 -54.05 13.69 23.72
C LEU O 161 -53.60 12.26 23.42
N SER O 162 -54.28 11.64 22.45
CA SER O 162 -53.98 10.28 22.00
C SER O 162 -52.87 10.34 20.95
N ALA O 163 -52.28 9.19 20.65
CA ALA O 163 -51.28 9.09 19.62
C ALA O 163 -51.86 9.54 18.31
N ASN O 164 -53.11 9.15 18.09
CA ASN O 164 -53.78 9.46 16.83
C ASN O 164 -54.04 10.97 16.68
N GLU O 165 -54.56 11.55 17.74
CA GLU O 165 -54.70 13.00 17.84
C GLU O 165 -53.37 13.72 17.61
N ILE O 166 -52.34 13.30 18.33
CA ILE O 166 -51.03 13.90 18.21
C ILE O 166 -50.62 13.85 16.75
N ASN O 167 -50.81 12.69 16.14
CA ASN O 167 -50.38 12.50 14.77
C ASN O 167 -51.14 13.37 13.78
N GLN O 168 -52.43 13.49 14.01
CA GLN O 168 -53.25 14.37 13.20
C GLN O 168 -52.83 15.85 13.29
N ILE O 169 -52.47 16.30 14.48
CA ILE O 169 -52.12 17.71 14.66
C ILE O 169 -50.82 17.99 13.91
N ILE O 170 -49.77 17.27 14.23
CA ILE O 170 -48.44 17.50 13.64
C ILE O 170 -48.35 17.36 12.10
N ASN O 171 -49.21 16.51 11.55
CA ASN O 171 -49.26 16.29 10.14
C ASN O 171 -50.16 17.29 9.41
N ALA O 172 -50.75 18.25 10.12
CA ALA O 172 -51.76 19.13 9.51
C ALA O 172 -51.15 20.06 8.46
N GLN P 5 -98.44 74.90 19.46
CA GLN P 5 -99.85 74.37 19.46
C GLN P 5 -99.99 73.07 18.65
N GLU P 6 -99.37 72.00 19.15
CA GLU P 6 -99.64 70.65 18.72
C GLU P 6 -101.11 70.34 19.11
N SER P 7 -101.82 69.62 18.22
CA SER P 7 -103.22 69.30 18.42
C SER P 7 -103.37 68.38 19.64
N THR P 8 -104.52 68.46 20.30
CA THR P 8 -104.84 67.51 21.38
C THR P 8 -104.85 66.07 20.88
N MET P 9 -105.19 65.85 19.59
CA MET P 9 -105.12 64.50 18.99
C MET P 9 -103.73 63.82 19.05
N GLU P 10 -102.66 64.61 19.09
CA GLU P 10 -101.30 64.05 19.20
C GLU P 10 -100.76 63.98 20.64
N MET P 11 -101.62 64.25 21.63
CA MET P 11 -101.16 64.19 23.02
C MET P 11 -100.73 62.77 23.35
N THR P 12 -99.83 62.66 24.30
CA THR P 12 -99.37 61.37 24.74
C THR P 12 -100.34 60.72 25.72
N ASN P 13 -100.11 59.41 25.95
CA ASN P 13 -100.99 58.67 26.85
C ASN P 13 -100.86 59.16 28.29
N ALA P 14 -99.65 59.55 28.71
CA ALA P 14 -99.47 60.21 30.01
C ALA P 14 -100.35 61.48 30.12
N GLN P 15 -100.40 62.29 29.07
CA GLN P 15 -101.22 63.50 29.01
C GLN P 15 -102.71 63.18 29.03
N ARG P 16 -103.11 62.13 28.33
CA ARG P 16 -104.49 61.68 28.40
C ARG P 16 -104.87 61.26 29.82
N LEU P 17 -103.97 60.55 30.50
CA LEU P 17 -104.26 60.13 31.88
C LEU P 17 -104.33 61.30 32.83
N ILE P 18 -103.38 62.23 32.66
CA ILE P 18 -103.38 63.46 33.45
C ILE P 18 -104.74 64.17 33.30
N LEU P 19 -105.17 64.34 32.06
CA LEU P 19 -106.44 65.00 31.77
C LEU P 19 -107.64 64.24 32.33
N SER P 20 -107.62 62.94 32.15
CA SER P 20 -108.69 62.06 32.63
C SER P 20 -108.81 62.18 34.16
N ASN P 21 -107.68 62.14 34.84
CA ASN P 21 -107.64 62.40 36.29
C ASN P 21 -108.22 63.77 36.73
N GLN P 22 -107.89 64.82 36.01
CA GLN P 22 -108.47 66.12 36.24
C GLN P 22 -109.98 66.09 36.13
N TYR P 23 -110.52 65.43 35.12
CA TYR P 23 -111.97 65.37 34.97
C TYR P 23 -112.62 64.61 36.13
N LYS P 24 -111.96 63.59 36.63
CA LYS P 24 -112.38 62.89 37.87
C LYS P 24 -112.38 63.83 39.07
N MET P 25 -111.34 64.62 39.22
CA MET P 25 -111.21 65.52 40.36
C MET P 25 -112.16 66.67 40.30
N MET P 26 -112.38 67.18 39.08
CA MET P 26 -113.39 68.19 38.83
C MET P 26 -114.80 67.74 39.19
N THR P 27 -115.12 66.47 38.90
CA THR P 27 -116.37 65.88 39.31
C THR P 27 -116.51 65.78 40.87
N MET P 28 -115.45 65.37 41.56
CA MET P 28 -115.41 65.38 42.98
C MET P 28 -115.68 66.78 43.55
N LEU P 29 -114.98 67.79 43.01
CA LEU P 29 -115.08 69.17 43.46
C LEU P 29 -116.37 69.90 43.08
N ASP P 30 -116.97 69.53 41.94
CA ASP P 30 -118.10 70.24 41.37
C ASP P 30 -119.10 69.23 40.84
N PRO P 31 -119.67 68.41 41.76
CA PRO P 31 -120.52 67.31 41.35
C PRO P 31 -121.79 67.68 40.57
N ALA P 32 -122.25 68.93 40.69
CA ALA P 32 -123.32 69.44 39.88
C ALA P 32 -123.03 69.35 38.39
N ASN P 33 -121.76 69.47 38.00
CA ASN P 33 -121.42 69.51 36.60
C ASN P 33 -120.81 68.21 36.15
N ALA P 34 -121.13 67.14 36.86
CA ALA P 34 -120.52 65.84 36.58
C ALA P 34 -120.73 65.42 35.13
N GLU P 35 -121.88 65.78 34.55
CA GLU P 35 -122.22 65.43 33.15
C GLU P 35 -121.17 66.02 32.16
N ARG P 36 -120.84 67.26 32.39
CA ARG P 36 -119.87 67.94 31.57
C ARG P 36 -118.49 67.28 31.67
N TYR P 37 -118.08 66.95 32.88
CA TYR P 37 -116.74 66.41 33.10
C TYR P 37 -116.66 64.98 32.56
N ARG P 38 -117.73 64.20 32.72
CA ARG P 38 -117.77 62.82 32.28
C ARG P 38 -117.71 62.74 30.76
N ARG P 39 -118.37 63.68 30.11
CA ARG P 39 -118.37 63.78 28.71
C ARG P 39 -116.94 64.04 28.19
N LEU P 40 -116.25 65.01 28.79
CA LEU P 40 -114.91 65.28 28.38
C LEU P 40 -113.96 64.11 28.71
N GLN P 41 -114.13 63.46 29.85
CA GLN P 41 -113.36 62.26 30.20
C GLN P 41 -113.51 61.22 29.11
N THR P 42 -114.74 60.99 28.64
CA THR P 42 -115.00 60.03 27.56
C THR P 42 -114.31 60.40 26.27
N ILE P 43 -114.37 61.66 25.91
CA ILE P 43 -113.71 62.12 24.70
C ILE P 43 -112.21 61.83 24.76
N ILE P 44 -111.61 62.15 25.90
CA ILE P 44 -110.17 61.92 26.12
C ILE P 44 -109.82 60.44 26.18
N GLU P 45 -110.53 59.66 26.98
CA GLU P 45 -110.28 58.20 27.09
C GLU P 45 -110.46 57.42 25.76
N ARG P 46 -111.52 57.74 25.02
CA ARG P 46 -111.79 57.05 23.74
C ARG P 46 -111.09 57.64 22.56
N GLY P 47 -110.49 58.80 22.77
CA GLY P 47 -109.79 59.56 21.77
C GLY P 47 -110.66 59.91 20.54
N TYR P 48 -111.82 60.49 20.83
CA TYR P 48 -112.77 60.88 19.78
C TYR P 48 -112.19 62.06 19.01
N GLY P 49 -111.73 61.81 17.79
CA GLY P 49 -110.98 62.83 17.10
C GLY P 49 -111.74 64.10 16.76
N LEU P 50 -112.99 63.93 16.37
CA LEU P 50 -113.80 65.12 16.07
C LEU P 50 -113.91 66.05 17.28
N GLN P 51 -114.31 65.52 18.43
CA GLN P 51 -114.43 66.36 19.62
C GLN P 51 -113.08 66.87 20.14
N MET P 52 -112.00 66.11 19.90
CA MET P 52 -110.66 66.60 20.24
C MET P 52 -110.26 67.78 19.42
N ARG P 53 -110.61 67.79 18.13
CA ARG P 53 -110.45 68.99 17.30
C ARG P 53 -111.24 70.18 17.82
N GLU P 54 -112.46 69.95 18.28
CA GLU P 54 -113.25 71.04 18.83
C GLU P 54 -112.56 71.62 20.05
N LEU P 55 -111.94 70.76 20.85
CA LEU P 55 -111.15 71.20 21.96
C LEU P 55 -110.04 72.13 21.51
N ASP P 56 -109.33 71.75 20.44
CA ASP P 56 -108.22 72.55 19.89
C ASP P 56 -108.69 73.97 19.66
N ARG P 57 -109.90 74.09 19.14
CA ARG P 57 -110.41 75.36 18.74
C ARG P 57 -110.78 76.23 19.92
N GLU P 58 -110.72 75.72 21.15
CA GLU P 58 -110.83 76.55 22.32
C GLU P 58 -109.58 77.34 22.67
N PHE P 59 -108.46 77.06 22.04
CA PHE P 59 -107.21 77.70 22.39
C PHE P 59 -106.78 78.62 21.29
N GLY P 60 -106.54 79.87 21.61
CA GLY P 60 -106.13 80.90 20.64
C GLY P 60 -104.68 81.25 20.80
N GLU P 61 -104.21 82.24 20.01
CA GLU P 61 -102.87 82.75 20.09
C GLU P 61 -102.92 84.23 19.71
N LEU P 62 -102.22 85.06 20.49
CA LEU P 62 -101.95 86.47 20.14
C LEU P 62 -100.46 86.61 20.42
N LYS P 63 -99.63 86.62 19.36
CA LYS P 63 -98.20 86.67 19.50
C LYS P 63 -97.78 87.80 20.40
N GLU P 64 -96.64 87.62 21.04
CA GLU P 64 -96.07 88.62 21.90
C GLU P 64 -95.95 89.95 21.21
N GLU P 65 -95.46 89.95 19.98
CA GLU P 65 -95.25 91.23 19.27
C GLU P 65 -96.54 91.94 18.99
N THR P 66 -97.59 91.19 18.65
CA THR P 66 -98.91 91.78 18.47
C THR P 66 -99.48 92.36 19.77
N CYS P 67 -99.39 91.62 20.88
CA CYS P 67 -99.69 92.24 22.17
C CYS P 67 -98.98 93.58 22.39
N ARG P 68 -97.66 93.57 22.16
CA ARG P 68 -96.83 94.77 22.40
C ARG P 68 -97.23 95.93 21.48
N THR P 69 -97.58 95.62 20.22
CA THR P 69 -98.06 96.66 19.26
C THR P 69 -99.35 97.30 19.74
N ILE P 70 -100.25 96.47 20.28
CA ILE P 70 -101.50 96.99 20.75
C ILE P 70 -101.27 97.96 21.90
N ILE P 71 -100.46 97.55 22.84
CA ILE P 71 -100.08 98.46 23.95
C ILE P 71 -99.41 99.73 23.45
N ASP P 72 -98.53 99.60 22.47
CA ASP P 72 -97.80 100.74 21.91
C ASP P 72 -98.76 101.72 21.22
N ILE P 73 -99.77 101.20 20.55
CA ILE P 73 -100.83 102.05 19.98
C ILE P 73 -101.53 102.85 21.09
N MET P 74 -101.87 102.20 22.19
CA MET P 74 -102.44 102.94 23.33
C MET P 74 -101.50 104.00 23.89
N GLU P 75 -100.24 103.63 24.06
CA GLU P 75 -99.22 104.57 24.46
C GLU P 75 -99.08 105.78 23.48
N MET P 76 -99.10 105.50 22.19
CA MET P 76 -99.10 106.53 21.16
C MET P 76 -100.21 107.55 21.41
N TYR P 77 -101.41 107.04 21.69
CA TYR P 77 -102.52 107.94 21.90
C TYR P 77 -102.42 108.69 23.20
N HIS P 78 -101.83 108.07 24.23
CA HIS P 78 -101.43 108.81 25.44
C HIS P 78 -100.48 109.97 25.13
N ALA P 79 -99.43 109.69 24.38
CA ALA P 79 -98.45 110.71 24.02
C ALA P 79 -99.18 111.81 23.26
N LEU P 80 -99.98 111.39 22.30
CA LEU P 80 -100.74 112.30 21.46
C LEU P 80 -101.67 113.18 22.28
N HIS P 81 -102.43 112.55 23.18
CA HIS P 81 -103.42 113.30 23.94
C HIS P 81 -102.77 114.26 24.91
N VAL P 82 -101.78 113.80 25.65
CA VAL P 82 -101.01 114.68 26.53
C VAL P 82 -100.41 115.88 25.78
N SER P 83 -99.88 115.61 24.58
CA SER P 83 -99.31 116.68 23.75
C SER P 83 -100.36 117.72 23.29
N TRP P 84 -101.56 117.24 22.99
CA TRP P 84 -102.64 118.07 22.48
C TRP P 84 -103.20 118.98 23.57
N SER P 85 -103.47 118.39 24.74
CA SER P 85 -103.82 119.12 25.93
C SER P 85 -102.82 120.24 26.23
N ASN P 86 -101.54 120.04 25.94
CA ASN P 86 -100.52 121.01 26.32
C ASN P 86 -100.27 122.13 25.32
N LEU P 87 -100.95 122.12 24.19
CA LEU P 87 -100.89 123.23 23.25
C LEU P 87 -101.74 124.39 23.81
N GLN P 88 -101.83 125.48 23.07
CA GLN P 88 -103.08 126.26 23.16
C GLN P 88 -103.48 126.71 21.78
N ASP P 89 -102.47 126.99 20.97
CA ASP P 89 -102.69 126.96 19.56
C ASP P 89 -102.66 125.49 19.19
N GLN P 90 -103.83 124.89 19.34
CA GLN P 90 -104.19 123.67 18.67
C GLN P 90 -104.65 124.19 17.31
N GLN P 91 -104.31 123.52 16.20
CA GLN P 91 -104.96 123.83 14.90
C GLN P 91 -106.44 123.60 15.16
N SER P 92 -106.90 124.24 16.23
CA SER P 92 -107.90 123.72 17.17
C SER P 92 -108.24 122.23 16.97
N ILE P 93 -107.19 121.42 16.78
CA ILE P 93 -107.27 119.97 16.43
C ILE P 93 -108.35 119.30 17.25
N ASP P 94 -109.18 118.50 16.59
CA ASP P 94 -110.33 117.87 17.20
C ASP P 94 -109.89 116.72 18.15
N GLU P 95 -110.34 116.76 19.39
CA GLU P 95 -109.85 115.85 20.41
C GLU P 95 -110.13 114.38 20.07
N ARG P 96 -111.25 114.15 19.40
CA ARG P 96 -111.58 112.82 18.88
C ARG P 96 -110.46 112.18 18.04
N ARG P 97 -109.71 113.01 17.32
CA ARG P 97 -108.63 112.54 16.45
C ARG P 97 -107.39 112.11 17.25
N VAL P 98 -107.33 112.57 18.48
CA VAL P 98 -106.28 112.32 19.43
C VAL P 98 -106.85 111.44 20.58
N THR P 99 -107.92 110.71 20.26
CA THR P 99 -108.53 109.72 21.13
C THR P 99 -108.48 108.30 20.56
N PHE P 100 -107.93 107.38 21.35
CA PHE P 100 -107.86 106.00 20.91
C PHE P 100 -109.27 105.47 20.80
N LEU P 101 -109.67 104.99 19.62
CA LEU P 101 -111.02 104.53 19.36
C LEU P 101 -111.20 103.01 19.39
N GLY P 102 -110.11 102.25 19.48
CA GLY P 102 -110.21 100.81 19.59
C GLY P 102 -110.05 100.07 18.28
N PHE P 103 -110.69 98.91 18.24
CA PHE P 103 -110.55 97.96 17.13
C PHE P 103 -111.91 97.45 16.70
N ASP P 104 -111.94 96.78 15.54
CA ASP P 104 -113.20 96.26 14.93
C ASP P 104 -113.58 94.93 15.54
N ALA P 105 -114.67 94.93 16.29
CA ALA P 105 -115.29 93.68 16.81
C ALA P 105 -115.43 92.53 15.82
N ALA P 106 -115.84 92.84 14.59
CA ALA P 106 -116.16 91.84 13.58
C ALA P 106 -114.95 91.19 12.87
N THR P 107 -113.90 91.99 12.61
CA THR P 107 -112.72 91.46 11.90
C THR P 107 -111.47 91.60 12.70
N GLU P 108 -111.53 92.30 13.84
CA GLU P 108 -110.36 92.47 14.76
C GLU P 108 -110.60 92.04 16.23
N ALA P 109 -111.28 90.92 16.42
CA ALA P 109 -111.78 90.57 17.73
C ALA P 109 -110.72 90.21 18.73
N ARG P 110 -109.61 89.60 18.29
CA ARG P 110 -108.55 89.31 19.21
C ARG P 110 -107.93 90.59 19.76
N TYR P 111 -107.87 91.62 18.93
CA TYR P 111 -107.23 92.91 19.30
C TYR P 111 -108.12 93.70 20.28
N LEU P 112 -109.42 93.75 20.01
CA LEU P 112 -110.38 94.36 20.89
C LEU P 112 -110.40 93.67 22.27
N GLY P 113 -110.37 92.35 22.25
CA GLY P 113 -110.31 91.55 23.45
C GLY P 113 -109.09 91.85 24.31
N TYR P 114 -107.93 92.04 23.67
CA TYR P 114 -106.71 92.37 24.40
C TYR P 114 -106.74 93.76 25.03
N VAL P 115 -107.28 94.74 24.29
CA VAL P 115 -107.47 96.08 24.82
C VAL P 115 -108.34 96.01 26.06
N ARG P 116 -109.49 95.34 25.96
CA ARG P 116 -110.35 95.19 27.11
C ARG P 116 -109.68 94.44 28.26
N PHE P 117 -108.85 93.45 27.95
CA PHE P 117 -108.08 92.77 29.00
C PHE P 117 -107.08 93.72 29.69
N MET P 118 -106.35 94.50 28.88
CA MET P 118 -105.33 95.38 29.42
C MET P 118 -105.96 96.46 30.32
N VAL P 119 -107.13 96.93 29.93
CA VAL P 119 -107.79 97.98 30.66
C VAL P 119 -108.57 97.41 31.86
N ASN P 120 -109.45 96.44 31.62
CA ASN P 120 -110.35 95.92 32.64
C ASN P 120 -109.71 94.92 33.62
N VAL P 121 -108.71 94.16 33.18
CA VAL P 121 -108.09 93.20 34.06
C VAL P 121 -106.78 93.80 34.56
N GLU P 122 -105.88 94.21 33.65
CA GLU P 122 -104.58 94.70 34.12
C GLU P 122 -104.69 96.12 34.71
N GLY P 123 -105.70 96.87 34.31
CA GLY P 123 -105.95 98.20 34.88
C GLY P 123 -105.04 99.27 34.31
N ARG P 124 -104.59 99.07 33.08
CA ARG P 124 -103.78 100.04 32.38
C ARG P 124 -104.69 100.95 31.57
N TYR P 125 -104.30 102.22 31.41
CA TYR P 125 -105.02 103.19 30.55
C TYR P 125 -106.49 103.35 31.01
N THR P 126 -106.72 103.28 32.30
CA THR P 126 -108.08 103.39 32.80
C THR P 126 -108.68 104.82 32.61
N HIS P 127 -107.86 105.83 32.36
CA HIS P 127 -108.42 107.16 32.09
C HIS P 127 -108.75 107.39 30.64
N PHE P 128 -108.41 106.43 29.76
CA PHE P 128 -108.83 106.50 28.37
C PHE P 128 -110.37 106.46 28.25
N ASP P 129 -110.92 107.32 27.42
CA ASP P 129 -112.35 107.28 27.10
C ASP P 129 -112.71 106.09 26.22
N ALA P 130 -113.46 105.17 26.80
CA ALA P 130 -113.90 103.94 26.14
C ALA P 130 -114.98 104.10 25.04
N GLY P 131 -115.63 105.26 25.03
CA GLY P 131 -116.57 105.64 23.94
C GLY P 131 -117.89 104.90 23.59
N THR P 132 -118.60 104.35 24.55
CA THR P 132 -120.00 103.84 24.33
C THR P 132 -120.12 102.45 23.76
N HIS P 133 -119.04 101.92 23.18
CA HIS P 133 -118.99 100.52 22.73
C HIS P 133 -117.72 99.81 23.20
N GLY P 134 -117.17 100.30 24.33
CA GLY P 134 -116.09 99.59 25.04
C GLY P 134 -114.90 99.37 24.14
N PHE P 135 -114.50 100.41 23.42
CA PHE P 135 -113.38 100.37 22.50
C PHE P 135 -113.65 99.58 21.21
N ASN P 136 -114.91 99.27 20.91
CA ASN P 136 -115.24 98.69 19.59
C ASN P 136 -115.36 99.85 18.60
N ALA P 137 -114.38 99.99 17.70
CA ALA P 137 -114.41 101.05 16.69
C ALA P 137 -115.39 100.78 15.54
N GLN P 138 -115.84 99.52 15.40
CA GLN P 138 -116.74 99.07 14.31
C GLN P 138 -116.26 99.41 12.86
N THR P 139 -114.96 99.72 12.75
CA THR P 139 -114.22 99.84 11.48
C THR P 139 -112.84 99.28 11.76
N PRO P 140 -112.21 98.60 10.78
CA PRO P 140 -110.85 98.10 10.98
C PRO P 140 -109.77 99.17 11.07
N MET P 141 -108.98 99.12 12.16
CA MET P 141 -108.02 100.17 12.48
C MET P 141 -106.62 99.70 12.51
N TRP P 142 -106.39 98.42 12.38
CA TRP P 142 -105.07 97.91 12.54
C TRP P 142 -104.10 98.55 11.54
N GLU P 143 -104.45 98.52 10.25
CA GLU P 143 -103.58 99.10 9.21
C GLU P 143 -103.34 100.59 9.45
N LYS P 144 -104.39 101.29 9.80
CA LYS P 144 -104.25 102.70 10.14
C LYS P 144 -103.27 102.96 11.26
N TYR P 145 -103.35 102.19 12.33
CA TYR P 145 -102.52 102.40 13.50
C TYR P 145 -101.08 102.16 13.12
N GLN P 146 -100.85 101.21 12.21
CA GLN P 146 -99.48 100.90 11.86
C GLN P 146 -98.84 102.10 11.21
N ARG P 147 -99.66 102.82 10.46
CA ARG P 147 -99.22 103.98 9.72
C ARG P 147 -98.89 105.10 10.65
N MET P 148 -99.75 105.28 11.63
CA MET P 148 -99.52 106.26 12.67
C MET P 148 -98.29 105.94 13.55
N LEU P 149 -98.14 104.68 13.96
CA LEU P 149 -96.94 104.31 14.69
C LEU P 149 -95.63 104.62 13.95
N ASN P 150 -95.64 104.43 12.64
CA ASN P 150 -94.48 104.64 11.84
C ASN P 150 -94.06 106.10 11.83
N VAL P 151 -95.04 106.99 11.85
CA VAL P 151 -94.76 108.46 11.94
C VAL P 151 -94.33 108.82 13.34
N TRP P 152 -95.08 108.38 14.34
CA TRP P 152 -94.80 108.68 15.72
C TRP P 152 -93.36 108.30 16.07
N HIS P 153 -92.96 107.09 15.70
CA HIS P 153 -91.65 106.59 16.13
C HIS P 153 -90.47 107.23 15.38
N ALA P 154 -90.80 107.98 14.32
CA ALA P 154 -89.85 108.81 13.55
C ALA P 154 -89.67 110.22 14.14
N CYS P 155 -90.55 110.61 15.04
CA CYS P 155 -90.38 111.83 15.81
C CYS P 155 -89.21 111.66 16.76
N PRO P 156 -88.18 112.54 16.66
CA PRO P 156 -87.04 112.39 17.54
C PRO P 156 -87.39 112.38 19.01
N ARG P 157 -88.31 113.24 19.43
CA ARG P 157 -88.80 113.16 20.76
C ARG P 157 -90.27 112.81 20.60
N GLN P 158 -90.72 111.79 21.32
CA GLN P 158 -92.06 111.23 21.07
C GLN P 158 -93.16 111.68 22.01
N TYR P 159 -92.81 112.43 23.04
CA TYR P 159 -93.79 113.00 23.94
C TYR P 159 -93.60 114.53 23.87
N HIS P 160 -94.60 115.27 24.33
CA HIS P 160 -94.55 116.74 24.20
C HIS P 160 -94.33 117.11 22.76
N LEU P 161 -95.21 116.61 21.93
CA LEU P 161 -95.18 116.83 20.50
C LEU P 161 -95.80 118.19 20.17
N SER P 162 -95.44 118.70 18.99
CA SER P 162 -95.98 119.94 18.45
C SER P 162 -97.22 119.64 17.68
N ALA P 163 -98.08 120.63 17.47
CA ALA P 163 -99.23 120.50 16.57
C ALA P 163 -98.81 119.93 15.21
N ASN P 164 -97.66 120.39 14.73
CA ASN P 164 -97.16 119.92 13.44
C ASN P 164 -97.05 118.39 13.46
N GLU P 165 -96.35 117.91 14.47
CA GLU P 165 -96.08 116.48 14.63
C GLU P 165 -97.37 115.67 14.86
N ILE P 166 -98.22 116.17 15.75
CA ILE P 166 -99.54 115.57 15.99
C ILE P 166 -100.26 115.33 14.68
N ASN P 167 -100.26 116.37 13.84
CA ASN P 167 -100.98 116.34 12.56
C ASN P 167 -100.42 115.31 11.60
N GLN P 168 -99.10 115.21 11.51
CA GLN P 168 -98.47 114.21 10.68
C GLN P 168 -98.90 112.85 11.15
N ILE P 169 -98.94 112.67 12.46
CA ILE P 169 -99.27 111.36 13.04
C ILE P 169 -100.72 110.96 12.71
N ILE P 170 -101.68 111.77 13.12
CA ILE P 170 -103.10 111.41 12.93
C ILE P 170 -103.49 111.32 11.44
N ASN P 171 -102.75 112.01 10.58
CA ASN P 171 -103.02 112.01 9.16
C ASN P 171 -102.41 110.83 8.41
N ALA P 172 -101.55 110.07 9.09
CA ALA P 172 -100.74 109.11 8.40
C ALA P 172 -101.66 108.12 7.68
CL CL Q . 53.58 -16.25 -37.29
C1 GOL R . 51.50 -20.27 -28.27
O1 GOL R . 51.62 -18.89 -28.06
C2 GOL R . 51.51 -20.93 -26.89
O2 GOL R . 52.41 -20.28 -26.07
C3 GOL R . 51.64 -22.47 -26.76
O3 GOL R . 52.76 -23.17 -27.22
C1 GOL S . 50.07 -26.96 -33.01
O1 GOL S . 50.89 -26.81 -31.80
C2 GOL S . 49.78 -25.71 -33.89
O2 GOL S . 48.92 -25.98 -34.96
C3 GOL S . 49.08 -24.54 -33.21
O3 GOL S . 47.68 -24.68 -33.44
CL CL T . 95.75 -108.28 -38.56
C1 GOL U . 84.51 -65.68 -49.31
O1 GOL U . 84.05 -66.80 -50.03
C2 GOL U . 83.46 -64.65 -49.22
O2 GOL U . 83.77 -63.46 -49.77
C3 GOL U . 82.22 -65.07 -49.82
O3 GOL U . 81.53 -65.17 -48.61
C1 GOL V . 90.74 -102.67 -23.02
O1 GOL V . 91.98 -102.32 -23.61
C2 GOL V . 90.76 -103.97 -22.23
O2 GOL V . 91.79 -104.04 -21.31
C3 GOL V . 89.61 -104.08 -21.27
O3 GOL V . 88.52 -104.70 -21.86
C1 GOL W . 100.26 -91.83 -24.54
O1 GOL W . 100.89 -90.88 -23.67
C2 GOL W . 98.73 -91.69 -24.44
O2 GOL W . 98.31 -90.59 -25.18
C3 GOL W . 97.96 -92.94 -24.87
O3 GOL W . 97.81 -93.20 -26.27
C1 GOL X . 101.12 -102.22 -38.54
O1 GOL X . 101.56 -100.94 -39.11
C2 GOL X . 100.84 -102.32 -36.99
O2 GOL X . 99.72 -101.57 -36.54
C3 GOL X . 100.72 -103.78 -36.55
O3 GOL X . 99.48 -104.16 -35.95
C1 GOL Y . 85.41 -97.47 -25.75
O1 GOL Y . 84.88 -96.59 -26.72
C2 GOL Y . 86.85 -97.76 -26.12
O2 GOL Y . 86.85 -98.14 -27.46
C3 GOL Y . 87.78 -96.54 -25.96
O3 GOL Y . 89.14 -96.97 -25.95
CL CL Z . 109.52 -65.56 24.23
CL CL AA . 101.50 -65.24 17.23
CL CL BA . 107.08 -23.32 26.79
CL CL CA . 107.75 -19.32 26.65
CL CL DA . 93.98 -10.49 14.77
C1 GOL EA . 106.97 -41.53 10.60
O1 GOL EA . 107.82 -42.68 10.64
C2 GOL EA . 106.72 -40.89 11.97
O2 GOL EA . 106.95 -39.49 11.95
C3 GOL EA . 105.28 -41.12 12.50
O3 GOL EA . 104.68 -39.88 12.78
C1 GOL FA . 99.91 -28.53 13.07
O1 GOL FA . 99.60 -28.48 14.50
C2 GOL FA . 98.89 -27.71 12.24
O2 GOL FA . 98.54 -28.62 11.27
C3 GOL FA . 99.23 -26.55 11.32
O3 GOL FA . 98.04 -26.06 10.68
CL CL GA . 55.11 -61.74 20.29
CL CL HA . 51.85 -103.63 31.39
CL CL IA . 50.80 -107.40 31.59
C1 GOL JA . 69.80 -61.75 40.44
O1 GOL JA . 68.69 -62.61 40.51
C2 GOL JA . 70.98 -62.38 41.11
O2 GOL JA . 70.93 -61.67 42.32
C3 GOL JA . 72.27 -62.17 40.34
O3 GOL JA . 73.38 -62.57 41.13
C1 GOL KA . 47.85 -97.58 29.65
O1 GOL KA . 48.75 -96.52 29.29
C2 GOL KA . 48.49 -98.95 30.04
O2 GOL KA . 49.48 -99.48 29.14
C3 GOL KA . 49.00 -99.15 31.50
O3 GOL KA . 48.41 -98.27 32.46
C1 GOL LA . 49.30 -86.72 16.70
O1 GOL LA . 48.95 -85.83 15.66
C2 GOL LA . 50.81 -86.69 16.95
O2 GOL LA . 51.07 -86.01 18.15
C3 GOL LA . 51.42 -88.10 16.94
O3 GOL LA . 51.81 -88.61 18.23
C1 GOL MA . 48.70 -104.14 23.50
O1 GOL MA . 48.42 -105.11 22.51
C2 GOL MA . 48.33 -102.79 22.87
O2 GOL MA . 48.86 -102.74 21.53
C3 GOL MA . 46.80 -102.54 22.95
O3 GOL MA . 46.42 -101.44 23.79
CL CL NA . 38.18 -103.37 -25.65
CL CL OA . 37.74 -107.17 -26.24
C1 GOL PA . 56.33 -101.48 -19.48
O1 GOL PA . 55.60 -101.91 -18.38
C2 GOL PA . 55.46 -101.54 -20.70
O2 GOL PA . 56.28 -101.07 -21.71
C3 GOL PA . 54.26 -100.64 -20.57
O3 GOL PA . 54.53 -99.34 -20.99
C1 GOL QA . 32.13 -59.69 -11.32
O1 GOL QA . 31.81 -60.75 -12.21
C2 GOL QA . 31.51 -59.88 -9.97
O2 GOL QA . 30.34 -60.62 -10.13
C3 GOL QA . 32.41 -60.54 -8.93
O3 GOL QA . 31.81 -60.57 -7.62
C1 GOL RA . 41.26 -96.52 -30.07
O1 GOL RA . 41.67 -96.57 -28.76
C2 GOL RA . 40.18 -97.56 -30.15
O2 GOL RA . 40.92 -98.75 -30.32
C3 GOL RA . 39.16 -97.19 -31.25
O3 GOL RA . 38.55 -95.88 -31.15
C1 GOL SA . 53.44 -88.99 -27.30
O1 GOL SA . 52.30 -89.68 -26.82
C2 GOL SA . 53.16 -87.55 -27.77
O2 GOL SA . 51.81 -87.30 -28.25
C3 GOL SA . 54.21 -87.23 -28.85
O3 GOL SA . 54.56 -88.37 -29.61
CL CL TA . 111.95 -20.68 -32.58
CL CL UA . 111.64 -24.40 -31.50
CL CL VA . 104.61 -45.66 -17.56
C1 GOL WA . 108.75 -29.87 -35.74
O1 GOL WA . 107.83 -29.51 -36.73
C2 GOL WA . 108.11 -30.83 -34.73
O2 GOL WA . 108.70 -32.03 -34.99
C3 GOL WA . 106.59 -31.03 -34.78
O3 GOL WA . 105.96 -31.24 -33.51
CL CL XA . 108.65 -111.97 19.70
C1 GOL YA . 92.22 -103.16 12.95
O1 GOL YA . 91.18 -103.22 13.87
C2 GOL YA . 93.37 -102.74 13.80
O2 GOL YA . 93.53 -101.35 13.70
C3 GOL YA . 94.64 -103.41 13.37
O3 GOL YA . 94.75 -104.78 13.72
C1 GOL ZA . 105.69 -103.80 22.68
O1 GOL ZA . 105.80 -104.38 21.38
C2 GOL ZA . 106.99 -103.09 23.12
O2 GOL ZA . 106.79 -102.50 24.36
C3 GOL ZA . 107.51 -102.02 22.14
O3 GOL ZA . 106.81 -100.80 22.11
CL CL AB . 48.13 -61.01 28.24
CL CL BB . 48.06 -18.87 21.54
CL CL CB . 48.63 -14.97 22.52
C1 GOL DB . 32.70 -59.90 6.89
O1 GOL DB . 32.81 -60.50 5.62
C2 GOL DB . 32.89 -60.97 7.91
O2 GOL DB . 31.76 -61.76 7.90
C3 GOL DB . 33.05 -60.59 9.34
O3 GOL DB . 33.59 -59.32 9.52
C1 GOL EB . 59.63 -28.35 8.89
O1 GOL EB . 59.20 -27.80 7.62
C2 GOL EB . 58.63 -29.17 9.76
O2 GOL EB . 58.02 -30.21 9.06
C3 GOL EB . 59.39 -29.81 10.93
O3 GOL EB . 58.76 -30.94 11.52
C1 GOL FB . 61.58 -36.69 21.52
O1 GOL FB . 60.45 -35.84 21.40
C2 GOL FB . 61.96 -37.03 22.98
O2 GOL FB . 62.05 -35.84 23.69
C3 GOL FB . 60.92 -37.93 23.65
O3 GOL FB . 61.41 -38.74 24.70
CL CL GB . -110.86 63.93 -22.63
CL CL HB . -102.56 63.82 -16.07
CL CL IB . -102.24 105.01 -29.81
CL CL JB . -102.80 109.06 -30.08
C1 GOL KB . -106.32 98.90 -26.05
O1 GOL KB . -104.98 98.67 -26.13
C2 GOL KB . -106.62 100.34 -26.43
O2 GOL KB . -108.01 100.43 -26.19
C3 GOL KB . -105.94 101.40 -25.54
O3 GOL KB . -104.75 101.98 -26.09
C1 GOL LB . -90.85 95.56 -18.85
O1 GOL LB . -89.76 94.65 -18.74
C2 GOL LB . -91.80 95.49 -17.64
O2 GOL LB . -92.20 94.17 -17.31
C3 GOL LB . -91.27 96.25 -16.42
O3 GOL LB . -92.13 97.33 -16.06
CL CL MB . -50.24 59.02 -29.70
CL CL NB . -59.83 17.35 -28.08
CL CL OB . -59.49 13.23 -27.84
C1 GOL PB . -54.68 23.54 -26.87
O1 GOL PB . -55.73 24.25 -26.27
C2 GOL PB . -55.26 22.17 -27.13
O2 GOL PB . -54.63 21.36 -26.15
C3 GOL PB . -55.07 21.74 -28.61
O3 GOL PB . -56.28 21.26 -29.22
C1 GOL QB . -55.51 17.89 -18.29
O1 GOL QB . -56.64 18.70 -18.13
C2 GOL QB . -55.25 17.40 -19.70
O2 GOL QB . -56.45 17.53 -20.45
C3 GOL QB . -53.94 18.03 -20.27
O3 GOL QB . -54.01 19.35 -20.78
CL CL RB . -51.02 63.92 24.71
CL CL SB . -44.77 110.40 31.06
C1 GOL TB . -54.75 102.23 15.74
O1 GOL TB . -53.51 102.19 15.08
C2 GOL TB . -54.27 101.55 16.97
O2 GOL TB . -53.16 102.34 17.26
C3 GOL TB . -53.83 100.14 16.71
O3 GOL TB . -53.20 99.65 17.89
C1 GOL UB . -46.21 88.06 17.37
O1 GOL UB . -44.92 88.25 17.89
C2 GOL UB . -47.08 88.73 18.42
O2 GOL UB . -48.28 89.16 17.80
C3 GOL UB . -47.28 87.84 19.66
O3 GOL UB . -46.84 88.43 20.91
C1 GOL VB . -61.36 65.58 46.91
O1 GOL VB . -60.49 66.68 47.01
C2 GOL VB . -62.51 65.65 47.87
O2 GOL VB . -62.03 65.55 49.16
C3 GOL VB . -63.22 66.97 47.77
O3 GOL VB . -64.57 66.74 47.45
C1 GOL WB . -41.99 100.81 30.79
O1 GOL WB . -42.69 101.65 31.73
C2 GOL WB . -42.74 100.59 29.43
O2 GOL WB . -43.03 99.22 29.04
C3 GOL WB . -41.94 101.27 28.34
O3 GOL WB . -40.66 100.66 28.36
CL CL XB . -100.27 26.29 43.89
CL CL YB . -101.11 22.64 44.34
C1 GOL ZB . -104.17 32.94 41.93
O1 GOL ZB . -103.05 33.34 41.18
C2 GOL ZB . -104.62 31.50 41.81
O2 GOL ZB . -106.04 31.50 41.93
C3 GOL ZB . -104.16 30.72 40.57
O3 GOL ZB . -103.02 29.86 40.79
C1 GOL AC . -103.23 43.35 27.38
O1 GOL AC . -104.07 44.22 28.14
C2 GOL AC . -102.69 42.33 28.37
O2 GOL AC . -103.55 41.22 28.28
C3 GOL AC . -101.25 41.87 28.17
O3 GOL AC . -100.76 41.10 29.25
CL CL BC . -116.15 22.73 -12.62
CL CL CC . -116.52 19.02 -12.97
C1 GOL DC . -122.49 67.65 -0.25
O1 GOL DC . -122.19 66.67 -1.25
C2 GOL DC . -122.47 67.02 1.13
O2 GOL DC . -121.54 66.04 1.15
C3 GOL DC . -121.98 67.78 2.35
O3 GOL DC . -121.83 66.82 3.40
C1 GOL EC . -107.68 21.58 -15.79
O1 GOL EC . -107.03 20.51 -16.47
C2 GOL EC . -106.60 22.56 -15.30
O2 GOL EC . -105.48 22.22 -16.04
C3 GOL EC . -107.01 24.02 -15.59
O3 GOL EC . -106.24 25.05 -14.99
C1 GOL FC . -113.59 29.06 -16.69
O1 GOL FC . -112.20 29.03 -16.61
C2 GOL FC . -114.11 28.36 -17.93
O2 GOL FC . -113.74 27.00 -17.85
C3 GOL FC . -115.62 28.59 -18.07
O3 GOL FC . -115.98 29.94 -18.39
CL CL GC . -43.12 105.27 -28.33
C1 GOL HC . -33.17 59.64 -9.30
O1 GOL HC . -34.25 59.52 -8.44
C2 GOL HC . -33.35 58.64 -10.40
O2 GOL HC . -33.58 57.38 -9.88
C3 GOL HC . -34.52 58.99 -11.25
O3 GOL HC . -34.21 60.12 -12.02
C1 GOL IC . -59.26 99.27 -19.28
O1 GOL IC . -59.32 99.87 -18.01
C2 GOL IC . -58.82 97.85 -19.01
O2 GOL IC . -57.84 98.09 -18.12
C3 GOL IC . -58.11 97.06 -20.14
O3 GOL IC . -57.02 96.30 -19.62
C1 GOL JC . -54.61 93.47 -12.72
O1 GOL JC . -55.08 94.82 -12.79
C2 GOL JC . -54.57 92.77 -14.08
O2 GOL JC . -53.78 93.51 -14.94
C3 GOL JC . -55.94 92.60 -14.77
O3 GOL JC . -55.80 92.12 -16.09
C1 GOL KC . -58.88 85.21 -24.90
O1 GOL KC . -58.61 86.61 -24.78
C2 GOL KC . -59.35 84.81 -26.31
O2 GOL KC . -58.84 83.56 -26.73
C3 GOL KC . -60.85 84.64 -26.32
O3 GOL KC . -61.33 84.99 -27.57
CL CL LC . -43.72 21.09 28.49
CL CL MC . -35.29 39.74 19.00
C1 GOL NC . -57.49 28.01 24.07
O1 GOL NC . -56.15 27.61 23.83
C2 GOL NC . -58.29 26.71 24.09
O2 GOL NC . -58.20 26.21 25.40
C3 GOL NC . -59.76 26.79 23.74
O3 GOL NC . -60.16 25.55 23.22
C1 GOL OC . -56.00 32.27 20.23
O1 GOL OC . -55.90 31.84 21.59
C2 GOL OC . -56.90 31.37 19.37
O2 GOL OC . -57.56 30.30 20.16
C3 GOL OC . -55.98 30.90 18.22
O3 GOL OC . -56.59 29.98 17.35
CL CL PC . -104.29 110.03 28.87
C1 GOL QC . -88.54 105.12 21.05
O1 GOL QC . -88.58 105.14 19.63
C2 GOL QC . -89.82 104.71 21.73
O2 GOL QC . -90.73 105.81 21.81
C3 GOL QC . -90.38 103.46 21.13
O3 GOL QC . -91.42 102.91 21.94
C1 GOL RC . -100.09 103.15 32.16
O1 GOL RC . -99.41 103.03 30.95
C2 GOL RC . -101.40 103.94 32.12
O2 GOL RC . -102.30 103.16 32.77
C3 GOL RC . -101.37 105.33 32.83
O3 GOL RC . -101.40 105.23 34.25
#